data_7YG7
#
_entry.id   7YG7
#
_cell.length_a   1.00
_cell.length_b   1.00
_cell.length_c   1.00
_cell.angle_alpha   90.00
_cell.angle_beta   90.00
_cell.angle_gamma   90.00
#
_symmetry.space_group_name_H-M   'P 1'
#
loop_
_entity.id
_entity.type
_entity.pdbx_description
1 polymer Nucleoprotein
2 polymer 'RNA (99-mer)'
#
loop_
_entity_poly.entity_id
_entity_poly.type
_entity_poly.pdbx_seq_one_letter_code
_entity_poly.pdbx_strand_id
1 'polypeptide(L)'
;RIKTNAAVAAVLPANEDQADYPSTFFEGGNEIRLYVNRGEKLDVLRQYVYMGLVEKNCRIQHVNAYLYAVLKGERELLEA
DWDSFGHKIGIQGDKIGPFNLVRVEDIPDGLPDGKLNAEVSAEDDAWLPLFLLGLYRVGRASETAYRTLLMESLIKQCKA
IKSDWVSPVTATHKYFDVWGNDGNYLKIVACVDMFYNHFKKSIKATFRWGTIVSRFKDCAALATLGHVVKITGLTIEEVF
TWVLQTEVADELVKMMKPGQEIDKSTSYMPYLIDMGISAKSPYSTIKNPSFHFWGQLVAALCRSKRALNARQPDEIDSMS
ISNASLLMAYALGSSPDIEQQFSTGNTYRKPPKEASYLVSEEPKNRSVVEWIAWYSDVDNKPTDDMLMMAKRVAGTISGP
RDNSVGKWIKQTYG
;
A,B,C,D,E,F,G,H,I,J,K
2 'polyribonucleotide'
;UUUUUUUUUUUUUUUUUUUUUUUUUUUUUUUUUUUUUUUUUUUUUUUUUUUUUUUUUUUUUUUUUUUUUUUUUUUUUUUU
UUUUUUUUUUUUUUUUUUU
;
U
#
# COMPACT_ATOMS: atom_id res chain seq x y z
N ARG A 1 -43.05 20.97 -48.38
CA ARG A 1 -44.13 21.62 -49.11
C ARG A 1 -43.75 23.03 -49.55
N ILE A 2 -44.36 24.03 -48.90
CA ILE A 2 -44.22 25.41 -49.34
C ILE A 2 -43.04 26.04 -48.61
N LYS A 3 -42.10 26.61 -49.37
CA LYS A 3 -40.93 27.28 -48.83
C LYS A 3 -41.27 28.74 -48.54
N THR A 4 -40.26 29.59 -48.36
CA THR A 4 -40.50 30.97 -47.94
C THR A 4 -41.29 31.78 -48.97
N ASN A 5 -40.94 31.66 -50.26
CA ASN A 5 -41.56 32.54 -51.25
C ASN A 5 -42.87 31.97 -51.77
N ALA A 6 -42.80 30.96 -52.64
CA ALA A 6 -44.01 30.29 -53.10
C ALA A 6 -43.79 28.83 -53.48
N ALA A 7 -42.59 28.28 -53.35
CA ALA A 7 -42.24 27.06 -54.07
C ALA A 7 -42.77 25.84 -53.34
N VAL A 8 -43.46 24.97 -54.07
CA VAL A 8 -43.93 23.69 -53.55
C VAL A 8 -42.88 22.63 -53.86
N ALA A 9 -42.71 21.68 -52.94
CA ALA A 9 -41.73 20.62 -53.08
C ALA A 9 -42.45 19.27 -53.20
N ALA A 10 -41.96 18.44 -54.11
CA ALA A 10 -42.44 17.07 -54.27
C ALA A 10 -41.65 16.19 -53.31
N VAL A 11 -42.25 15.85 -52.18
CA VAL A 11 -41.57 15.14 -51.11
C VAL A 11 -41.90 13.66 -51.20
N LEU A 12 -40.89 12.85 -51.52
CA LEU A 12 -41.13 11.43 -51.81
C LEU A 12 -39.89 10.56 -51.71
N PRO A 13 -39.91 9.51 -50.89
CA PRO A 13 -38.92 8.44 -51.00
C PRO A 13 -39.34 7.31 -51.93
N ALA A 14 -38.51 6.27 -52.01
CA ALA A 14 -38.80 5.10 -52.86
C ALA A 14 -39.82 4.18 -52.18
N ASN A 15 -40.32 3.23 -52.97
CA ASN A 15 -41.41 2.36 -52.55
C ASN A 15 -40.88 1.04 -51.97
N GLU A 16 -41.77 0.07 -51.78
CA GLU A 16 -41.44 -1.21 -51.16
C GLU A 16 -42.21 -2.32 -51.86
N ASP A 17 -42.05 -3.55 -51.38
CA ASP A 17 -42.70 -4.74 -51.91
C ASP A 17 -43.78 -5.24 -50.95
N GLN A 18 -44.37 -6.39 -51.30
CA GLN A 18 -45.47 -6.94 -50.50
C GLN A 18 -45.28 -8.44 -50.23
N ALA A 19 -46.30 -9.07 -49.65
CA ALA A 19 -46.26 -10.49 -49.32
C ALA A 19 -47.57 -11.15 -49.74
N ASP A 20 -47.51 -12.47 -49.91
CA ASP A 20 -48.63 -13.24 -50.44
C ASP A 20 -49.15 -14.22 -49.38
N TYR A 21 -50.45 -14.16 -49.13
CA TYR A 21 -51.12 -15.03 -48.17
C TYR A 21 -51.35 -16.42 -48.77
N PRO A 22 -51.51 -17.44 -47.92
CA PRO A 22 -51.82 -18.78 -48.44
C PRO A 22 -53.17 -18.88 -49.14
N SER A 23 -54.11 -17.98 -48.88
CA SER A 23 -55.44 -18.08 -49.47
C SER A 23 -55.45 -17.74 -50.95
N THR A 24 -54.46 -16.97 -51.43
CA THR A 24 -54.33 -16.76 -52.88
C THR A 24 -54.03 -18.06 -53.59
N PHE A 25 -53.16 -18.88 -53.01
CA PHE A 25 -53.00 -20.26 -53.42
C PHE A 25 -54.28 -21.03 -53.09
N PHE A 26 -54.53 -22.09 -53.86
CA PHE A 26 -55.73 -22.94 -53.80
C PHE A 26 -57.01 -22.17 -54.12
N GLU A 27 -56.92 -20.98 -54.71
CA GLU A 27 -58.12 -20.29 -55.17
C GLU A 27 -58.62 -20.91 -56.46
N GLY A 28 -57.71 -21.34 -57.33
CA GLY A 28 -58.06 -22.04 -58.55
C GLY A 28 -57.90 -23.54 -58.42
N GLY A 29 -57.80 -24.03 -57.19
CA GLY A 29 -57.61 -25.46 -56.96
C GLY A 29 -56.26 -25.99 -57.41
N ASN A 30 -55.18 -25.27 -57.10
CA ASN A 30 -53.84 -25.71 -57.47
C ASN A 30 -53.39 -26.87 -56.59
N GLU A 31 -52.33 -27.53 -57.02
CA GLU A 31 -51.73 -28.65 -56.31
C GLU A 31 -50.30 -28.27 -55.89
N ILE A 32 -49.57 -29.24 -55.35
CA ILE A 32 -48.25 -28.99 -54.77
C ILE A 32 -47.14 -29.28 -55.76
N ARG A 33 -47.27 -30.36 -56.55
CA ARG A 33 -46.36 -30.70 -57.65
C ARG A 33 -44.91 -30.89 -57.15
N LEU A 34 -44.73 -31.99 -56.41
CA LEU A 34 -43.42 -32.26 -55.80
C LEU A 34 -42.33 -32.46 -56.86
N TYR A 35 -42.68 -33.04 -58.01
CA TYR A 35 -41.73 -33.41 -59.08
C TYR A 35 -40.68 -34.41 -58.57
N VAL A 36 -41.19 -35.60 -58.25
CA VAL A 36 -40.40 -36.67 -57.67
C VAL A 36 -39.54 -37.34 -58.74
N ASN A 37 -38.26 -37.51 -58.44
CA ASN A 37 -37.40 -38.40 -59.22
C ASN A 37 -37.58 -39.82 -58.67
N ARG A 38 -37.97 -40.75 -59.54
CA ARG A 38 -38.23 -42.12 -59.13
C ARG A 38 -37.97 -43.05 -60.32
N GLY A 39 -38.37 -44.31 -60.16
CA GLY A 39 -38.24 -45.29 -61.23
C GLY A 39 -36.97 -46.13 -61.13
N GLU A 40 -36.69 -46.67 -59.95
CA GLU A 40 -35.47 -47.44 -59.73
C GLU A 40 -35.66 -48.35 -58.53
N LYS A 41 -34.76 -49.34 -58.43
CA LYS A 41 -34.76 -50.24 -57.30
C LYS A 41 -34.30 -49.51 -56.03
N LEU A 42 -34.97 -49.82 -54.91
CA LEU A 42 -34.66 -49.16 -53.65
C LEU A 42 -33.28 -49.53 -53.14
N ASP A 43 -32.85 -50.77 -53.35
CA ASP A 43 -31.60 -51.26 -52.77
C ASP A 43 -30.39 -50.56 -53.40
N VAL A 44 -30.34 -50.51 -54.74
CA VAL A 44 -29.23 -49.84 -55.39
C VAL A 44 -29.24 -48.36 -55.08
N LEU A 45 -30.45 -47.75 -54.97
CA LEU A 45 -30.55 -46.34 -54.61
C LEU A 45 -29.98 -46.07 -53.23
N ARG A 46 -30.23 -46.97 -52.28
CA ARG A 46 -29.61 -46.82 -50.97
C ARG A 46 -28.11 -47.06 -51.03
N GLN A 47 -27.62 -47.76 -52.04
CA GLN A 47 -26.18 -47.89 -52.17
C GLN A 47 -25.60 -46.60 -52.71
N TYR A 48 -26.30 -45.95 -53.65
CA TYR A 48 -25.81 -44.65 -54.13
C TYR A 48 -25.85 -43.61 -53.03
N VAL A 49 -26.83 -43.70 -52.13
CA VAL A 49 -26.89 -42.77 -51.00
C VAL A 49 -25.76 -43.07 -50.01
N TYR A 50 -25.48 -44.35 -49.75
CA TYR A 50 -24.43 -44.73 -48.80
C TYR A 50 -23.06 -44.32 -49.31
N MET A 51 -22.63 -44.87 -50.45
CA MET A 51 -21.31 -44.54 -50.95
C MET A 51 -21.32 -43.14 -51.53
N GLY A 52 -20.26 -42.39 -51.25
CA GLY A 52 -20.26 -40.97 -51.52
C GLY A 52 -20.51 -40.18 -50.26
N LEU A 53 -21.44 -40.66 -49.42
CA LEU A 53 -21.61 -40.08 -48.10
C LEU A 53 -20.45 -40.40 -47.18
N VAL A 54 -19.71 -41.49 -47.46
CA VAL A 54 -18.49 -41.77 -46.72
C VAL A 54 -17.41 -40.75 -47.07
N GLU A 55 -17.34 -40.32 -48.33
CA GLU A 55 -16.45 -39.23 -48.73
C GLU A 55 -17.22 -37.91 -48.63
N LYS A 56 -16.67 -36.85 -49.22
CA LYS A 56 -17.13 -35.49 -48.97
C LYS A 56 -18.04 -34.97 -50.08
N ASN A 57 -18.89 -35.81 -50.68
CA ASN A 57 -19.77 -35.34 -51.75
C ASN A 57 -21.00 -36.24 -51.83
N CYS A 58 -22.19 -35.65 -51.73
CA CYS A 58 -23.43 -36.37 -51.89
C CYS A 58 -24.34 -35.62 -52.86
N ARG A 59 -25.30 -36.34 -53.43
CA ARG A 59 -26.18 -35.82 -54.47
C ARG A 59 -27.58 -35.60 -53.90
N ILE A 60 -28.16 -34.45 -54.23
CA ILE A 60 -29.52 -34.12 -53.79
C ILE A 60 -30.54 -35.05 -54.48
N GLN A 61 -30.28 -35.39 -55.74
CA GLN A 61 -31.19 -36.29 -56.47
C GLN A 61 -31.19 -37.69 -55.85
N HIS A 62 -30.03 -38.17 -55.39
CA HIS A 62 -29.95 -39.48 -54.78
C HIS A 62 -30.77 -39.57 -53.51
N VAL A 63 -30.61 -38.59 -52.60
CA VAL A 63 -31.35 -38.62 -51.35
C VAL A 63 -32.83 -38.32 -51.59
N ASN A 64 -33.15 -37.54 -52.63
CA ASN A 64 -34.55 -37.31 -52.99
C ASN A 64 -35.24 -38.61 -53.43
N ALA A 65 -34.62 -39.33 -54.38
CA ALA A 65 -35.18 -40.57 -54.87
C ALA A 65 -35.25 -41.61 -53.75
N TYR A 66 -34.23 -41.64 -52.88
CA TYR A 66 -34.26 -42.49 -51.71
C TYR A 66 -35.46 -42.17 -50.82
N LEU A 67 -35.63 -40.89 -50.46
CA LEU A 67 -36.64 -40.55 -49.47
C LEU A 67 -38.03 -40.88 -49.97
N TYR A 68 -38.27 -40.71 -51.28
CA TYR A 68 -39.54 -41.18 -51.81
C TYR A 68 -39.61 -42.71 -51.82
N ALA A 69 -38.49 -43.39 -52.10
CA ALA A 69 -38.52 -44.84 -52.17
C ALA A 69 -38.76 -45.50 -50.82
N VAL A 70 -38.25 -44.90 -49.74
CA VAL A 70 -38.34 -45.51 -48.41
C VAL A 70 -39.55 -45.00 -47.63
N LEU A 71 -39.93 -43.73 -47.78
CA LEU A 71 -41.05 -43.22 -47.01
C LEU A 71 -42.40 -43.66 -47.55
N LYS A 72 -42.45 -44.14 -48.78
CA LYS A 72 -43.72 -44.60 -49.36
C LYS A 72 -44.14 -45.92 -48.72
N GLY A 73 -45.45 -46.08 -48.56
CA GLY A 73 -46.02 -47.29 -48.01
C GLY A 73 -46.19 -47.30 -46.51
N GLU A 74 -45.72 -46.28 -45.80
CA GLU A 74 -45.84 -46.21 -44.35
C GLU A 74 -47.19 -45.62 -43.97
N ARG A 75 -48.24 -46.40 -44.24
CA ARG A 75 -49.60 -45.99 -43.93
C ARG A 75 -49.87 -46.09 -42.44
N GLU A 76 -50.88 -45.35 -42.00
CA GLU A 76 -51.30 -45.34 -40.60
C GLU A 76 -52.81 -45.28 -40.54
N LEU A 77 -53.34 -45.21 -39.33
CA LEU A 77 -54.78 -45.11 -39.13
C LEU A 77 -55.29 -43.72 -39.52
N LEU A 78 -56.61 -43.59 -39.61
CA LEU A 78 -57.26 -42.30 -39.90
C LEU A 78 -58.59 -42.31 -39.17
N GLU A 79 -58.60 -41.74 -37.96
CA GLU A 79 -59.80 -41.75 -37.13
C GLU A 79 -60.75 -40.59 -37.43
N ALA A 80 -60.35 -39.63 -38.26
CA ALA A 80 -61.18 -38.47 -38.54
C ALA A 80 -60.84 -37.92 -39.91
N ASP A 81 -61.74 -37.08 -40.41
CA ASP A 81 -61.52 -36.42 -41.69
C ASP A 81 -60.43 -35.36 -41.57
N TRP A 82 -59.62 -35.23 -42.62
CA TRP A 82 -58.55 -34.24 -42.68
C TRP A 82 -58.83 -33.31 -43.85
N ASP A 83 -58.97 -32.02 -43.55
CA ASP A 83 -59.29 -31.01 -44.56
C ASP A 83 -58.50 -29.74 -44.30
N SER A 84 -58.10 -29.07 -45.37
CA SER A 84 -57.39 -27.80 -45.29
C SER A 84 -57.54 -27.07 -46.62
N PHE A 85 -58.11 -25.86 -46.58
CA PHE A 85 -58.36 -25.02 -47.76
C PHE A 85 -59.24 -25.72 -48.79
N GLY A 86 -60.12 -26.63 -48.33
CA GLY A 86 -60.98 -27.38 -49.21
C GLY A 86 -60.35 -28.59 -49.86
N HIS A 87 -59.04 -28.75 -49.76
CA HIS A 87 -58.34 -29.88 -50.36
C HIS A 87 -58.53 -31.09 -49.46
N LYS A 88 -59.23 -32.10 -49.96
CA LYS A 88 -59.51 -33.30 -49.19
C LYS A 88 -58.25 -34.18 -49.14
N ILE A 89 -57.84 -34.57 -47.94
CA ILE A 89 -56.65 -35.38 -47.74
C ILE A 89 -56.99 -36.84 -47.59
N GLY A 90 -57.92 -37.17 -46.69
CA GLY A 90 -58.25 -38.56 -46.44
C GLY A 90 -59.66 -38.73 -45.95
N ILE A 91 -60.17 -39.95 -46.15
CA ILE A 91 -61.50 -40.36 -45.69
C ILE A 91 -61.33 -41.07 -44.35
N GLN A 92 -62.29 -40.84 -43.44
CA GLN A 92 -62.26 -41.45 -42.12
C GLN A 92 -62.25 -42.97 -42.20
N GLY A 93 -61.38 -43.60 -41.42
CA GLY A 93 -61.30 -45.04 -41.40
C GLY A 93 -60.50 -45.66 -42.53
N ASP A 94 -59.57 -44.92 -43.13
CA ASP A 94 -58.79 -45.40 -44.26
C ASP A 94 -57.30 -45.40 -43.90
N LYS A 95 -56.47 -45.78 -44.87
CA LYS A 95 -55.03 -45.68 -44.78
C LYS A 95 -54.55 -44.49 -45.60
N ILE A 96 -53.64 -43.71 -45.03
CA ILE A 96 -53.32 -42.38 -45.54
C ILE A 96 -51.94 -42.33 -46.23
N GLY A 97 -50.87 -42.63 -45.48
CA GLY A 97 -49.53 -42.53 -46.02
C GLY A 97 -49.02 -41.10 -46.06
N PRO A 98 -47.68 -40.94 -45.99
CA PRO A 98 -47.11 -39.59 -45.94
C PRO A 98 -47.07 -38.85 -47.27
N PHE A 99 -47.35 -39.52 -48.39
CA PHE A 99 -47.27 -38.89 -49.70
C PHE A 99 -48.62 -38.89 -50.41
N ASN A 100 -49.71 -38.74 -49.65
CA ASN A 100 -51.02 -38.62 -50.25
C ASN A 100 -51.51 -37.19 -50.35
N LEU A 101 -50.94 -36.27 -49.57
CA LEU A 101 -51.29 -34.86 -49.71
C LEU A 101 -50.73 -34.28 -51.00
N VAL A 102 -49.64 -34.84 -51.51
CA VAL A 102 -48.98 -34.38 -52.72
C VAL A 102 -48.91 -35.55 -53.70
N ARG A 103 -49.33 -35.31 -54.94
CA ARG A 103 -49.17 -36.32 -55.98
C ARG A 103 -47.71 -36.42 -56.40
N VAL A 104 -47.35 -37.57 -56.98
CA VAL A 104 -45.94 -37.89 -57.19
C VAL A 104 -45.33 -37.01 -58.27
N GLU A 105 -46.02 -36.84 -59.41
CA GLU A 105 -45.60 -35.98 -60.53
C GLU A 105 -44.21 -36.38 -61.04
N ASP A 106 -44.18 -37.55 -61.69
CA ASP A 106 -42.94 -38.15 -62.19
C ASP A 106 -42.12 -37.17 -63.04
N ILE A 107 -40.86 -37.04 -62.69
CA ILE A 107 -39.97 -35.99 -63.18
C ILE A 107 -39.64 -36.22 -64.65
N PRO A 108 -39.36 -35.16 -65.44
CA PRO A 108 -38.77 -35.36 -66.77
C PRO A 108 -37.33 -35.86 -66.71
N ASP A 109 -36.69 -36.02 -67.87
CA ASP A 109 -35.40 -36.67 -67.92
C ASP A 109 -34.30 -35.79 -67.34
N GLY A 110 -34.05 -35.94 -66.04
CA GLY A 110 -32.98 -35.24 -65.35
C GLY A 110 -32.26 -36.20 -64.42
N LEU A 111 -32.14 -37.45 -64.87
CA LEU A 111 -31.70 -38.54 -64.00
C LEU A 111 -30.25 -38.34 -63.58
N PRO A 112 -29.92 -38.59 -62.31
CA PRO A 112 -28.57 -38.28 -61.82
C PRO A 112 -27.54 -39.29 -62.32
N ASP A 113 -26.29 -38.85 -62.27
CA ASP A 113 -25.15 -39.69 -62.67
C ASP A 113 -24.74 -40.51 -61.45
N GLY A 114 -25.14 -41.78 -61.41
CA GLY A 114 -24.77 -42.65 -60.32
C GLY A 114 -23.34 -43.13 -60.39
N LYS A 115 -22.90 -43.74 -59.30
CA LYS A 115 -21.56 -44.30 -59.17
C LYS A 115 -21.66 -45.80 -58.92
N LEU A 116 -20.54 -46.41 -58.57
CA LEU A 116 -20.50 -47.85 -58.35
C LEU A 116 -21.30 -48.23 -57.09
N ASN A 117 -21.54 -49.53 -56.95
CA ASN A 117 -22.32 -50.05 -55.83
C ASN A 117 -21.37 -50.63 -54.78
N ALA A 118 -21.60 -50.23 -53.53
CA ALA A 118 -20.82 -50.73 -52.41
C ALA A 118 -21.38 -52.08 -51.95
N GLU A 119 -20.96 -52.54 -50.78
CA GLU A 119 -21.50 -53.77 -50.21
C GLU A 119 -22.98 -53.58 -49.88
N VAL A 120 -23.78 -54.59 -50.22
CA VAL A 120 -25.23 -54.47 -50.11
C VAL A 120 -25.63 -54.54 -48.64
N SER A 121 -26.28 -53.49 -48.15
CA SER A 121 -26.70 -53.40 -46.75
C SER A 121 -28.14 -53.85 -46.55
N ALA A 122 -29.09 -53.16 -47.19
CA ALA A 122 -30.53 -53.41 -47.11
C ALA A 122 -31.06 -53.36 -45.68
N GLU A 123 -30.33 -52.72 -44.77
CA GLU A 123 -30.68 -52.71 -43.35
C GLU A 123 -30.52 -51.34 -42.71
N ASP A 124 -29.80 -50.41 -43.33
CA ASP A 124 -29.44 -49.08 -42.83
C ASP A 124 -30.61 -48.10 -42.78
N ASP A 125 -31.85 -48.53 -43.03
CA ASP A 125 -33.00 -47.63 -42.98
C ASP A 125 -33.31 -47.17 -41.56
N ALA A 126 -32.73 -47.81 -40.55
CA ALA A 126 -32.95 -47.38 -39.17
C ALA A 126 -32.22 -46.10 -38.83
N TRP A 127 -31.24 -45.68 -39.63
CA TRP A 127 -30.51 -44.46 -39.31
C TRP A 127 -30.35 -43.52 -40.51
N LEU A 128 -30.32 -44.07 -41.73
CA LEU A 128 -29.94 -43.27 -42.89
C LEU A 128 -30.94 -42.16 -43.25
N PRO A 129 -32.26 -42.39 -43.33
CA PRO A 129 -33.17 -41.24 -43.51
C PRO A 129 -33.16 -40.27 -42.33
N LEU A 130 -33.06 -40.79 -41.10
CA LEU A 130 -32.94 -39.92 -39.93
C LEU A 130 -31.65 -39.10 -39.99
N PHE A 131 -30.56 -39.71 -40.45
CA PHE A 131 -29.30 -38.99 -40.58
C PHE A 131 -29.41 -37.87 -41.60
N LEU A 132 -30.05 -38.13 -42.75
CA LEU A 132 -30.19 -37.08 -43.76
C LEU A 132 -31.09 -35.95 -43.27
N LEU A 133 -32.22 -36.29 -42.65
CA LEU A 133 -33.14 -35.25 -42.19
C LEU A 133 -32.55 -34.44 -41.05
N GLY A 134 -31.74 -35.05 -40.18
CA GLY A 134 -31.05 -34.29 -39.15
C GLY A 134 -29.89 -33.48 -39.70
N LEU A 135 -29.25 -33.98 -40.76
CA LEU A 135 -28.19 -33.23 -41.41
C LEU A 135 -28.73 -31.97 -42.08
N TYR A 136 -30.01 -32.00 -42.49
CA TYR A 136 -30.67 -30.78 -42.95
C TYR A 136 -30.70 -29.71 -41.87
N ARG A 137 -31.09 -30.08 -40.65
CA ARG A 137 -31.12 -29.14 -39.53
C ARG A 137 -29.72 -28.66 -39.17
N VAL A 138 -28.74 -29.56 -39.22
CA VAL A 138 -27.35 -29.18 -38.94
C VAL A 138 -26.86 -28.17 -39.97
N GLY A 139 -27.22 -28.38 -41.24
CA GLY A 139 -26.91 -27.40 -42.27
C GLY A 139 -27.66 -26.09 -42.12
N ARG A 140 -28.80 -26.10 -41.45
CA ARG A 140 -29.51 -24.85 -41.18
C ARG A 140 -28.84 -23.99 -40.11
N ALA A 141 -27.89 -24.54 -39.35
CA ALA A 141 -27.21 -23.77 -38.32
C ALA A 141 -26.17 -22.84 -38.92
N SER A 142 -25.78 -21.84 -38.14
CA SER A 142 -24.90 -20.78 -38.63
C SER A 142 -23.75 -20.44 -37.68
N GLU A 143 -23.64 -21.10 -36.53
CA GLU A 143 -22.58 -20.84 -35.57
C GLU A 143 -21.80 -22.12 -35.32
N THR A 144 -20.47 -21.99 -35.30
CA THR A 144 -19.62 -23.15 -35.03
C THR A 144 -19.77 -23.64 -33.61
N ALA A 145 -20.03 -22.75 -32.66
CA ALA A 145 -20.34 -23.18 -31.30
C ALA A 145 -21.70 -23.87 -31.24
N TYR A 146 -22.62 -23.52 -32.13
CA TYR A 146 -23.92 -24.16 -32.24
C TYR A 146 -23.88 -25.43 -33.10
N ARG A 147 -22.70 -25.99 -33.34
CA ARG A 147 -22.58 -27.28 -34.00
C ARG A 147 -22.67 -28.45 -33.02
N THR A 148 -23.19 -28.21 -31.82
CA THR A 148 -23.54 -29.29 -30.91
C THR A 148 -24.80 -30.02 -31.35
N LEU A 149 -25.53 -29.49 -32.34
CA LEU A 149 -26.62 -30.24 -32.95
C LEU A 149 -26.09 -31.50 -33.64
N LEU A 150 -24.90 -31.40 -34.26
CA LEU A 150 -24.26 -32.58 -34.82
C LEU A 150 -23.92 -33.60 -33.74
N MET A 151 -23.40 -33.15 -32.59
CA MET A 151 -23.08 -34.06 -31.50
C MET A 151 -24.34 -34.71 -30.94
N GLU A 152 -25.43 -33.96 -30.85
CA GLU A 152 -26.72 -34.52 -30.46
C GLU A 152 -27.18 -35.56 -31.48
N SER A 153 -26.95 -35.30 -32.77
CA SER A 153 -27.30 -36.28 -33.80
C SER A 153 -26.51 -37.56 -33.65
N LEU A 154 -25.20 -37.47 -33.43
CA LEU A 154 -24.38 -38.66 -33.24
C LEU A 154 -24.77 -39.41 -31.98
N ILE A 155 -25.08 -38.70 -30.90
CA ILE A 155 -25.58 -39.33 -29.69
C ILE A 155 -26.87 -40.08 -29.96
N LYS A 156 -27.74 -39.49 -30.79
CA LYS A 156 -29.01 -40.12 -31.12
C LYS A 156 -28.83 -41.37 -31.97
N GLN A 157 -27.96 -41.32 -32.97
CA GLN A 157 -27.88 -42.40 -33.95
C GLN A 157 -26.77 -43.41 -33.67
N CYS A 158 -25.95 -43.20 -32.63
CA CYS A 158 -24.95 -44.20 -32.29
C CYS A 158 -25.58 -45.46 -31.70
N LYS A 159 -26.80 -45.37 -31.18
CA LYS A 159 -27.52 -46.52 -30.65
C LYS A 159 -28.64 -46.95 -31.60
N ALA A 160 -28.36 -46.87 -32.90
CA ALA A 160 -29.39 -47.15 -33.90
C ALA A 160 -29.74 -48.63 -33.93
N ILE A 161 -28.73 -49.51 -33.88
CA ILE A 161 -29.03 -50.94 -33.95
C ILE A 161 -28.81 -51.60 -32.60
N LYS A 162 -27.55 -51.70 -32.16
CA LYS A 162 -27.28 -52.08 -30.78
C LYS A 162 -26.39 -51.07 -30.05
N SER A 163 -25.14 -50.91 -30.46
CA SER A 163 -24.24 -49.94 -29.83
C SER A 163 -23.28 -49.24 -30.79
N ASP A 164 -22.97 -49.82 -31.95
CA ASP A 164 -21.78 -49.44 -32.71
C ASP A 164 -22.15 -48.55 -33.89
N TRP A 165 -21.40 -47.46 -34.05
CA TRP A 165 -21.61 -46.52 -35.14
C TRP A 165 -20.38 -45.63 -35.29
N VAL A 166 -20.10 -45.28 -36.55
CA VAL A 166 -18.98 -44.40 -36.88
C VAL A 166 -19.52 -43.22 -37.71
N SER A 167 -19.11 -42.01 -37.35
CA SER A 167 -19.66 -40.81 -37.97
C SER A 167 -19.00 -40.57 -39.33
N PRO A 168 -19.77 -40.48 -40.42
CA PRO A 168 -19.19 -40.19 -41.73
C PRO A 168 -19.17 -38.71 -42.09
N VAL A 169 -19.79 -37.86 -41.29
CA VAL A 169 -19.92 -36.44 -41.61
C VAL A 169 -18.81 -35.67 -40.91
N THR A 170 -18.08 -34.86 -41.68
CA THR A 170 -17.09 -33.98 -41.11
C THR A 170 -17.77 -32.87 -40.30
N ALA A 171 -17.20 -32.56 -39.13
CA ALA A 171 -17.80 -31.58 -38.24
C ALA A 171 -17.70 -30.16 -38.77
N THR A 172 -16.79 -29.89 -39.71
CA THR A 172 -16.59 -28.55 -40.25
C THR A 172 -16.99 -28.40 -41.70
N HIS A 173 -17.24 -29.50 -42.42
CA HIS A 173 -17.61 -29.39 -43.83
C HIS A 173 -19.02 -28.85 -43.99
N LYS A 174 -19.24 -28.12 -45.07
CA LYS A 174 -20.51 -27.47 -45.36
C LYS A 174 -21.01 -27.83 -46.75
N TYR A 175 -21.01 -29.12 -47.08
CA TYR A 175 -21.44 -29.56 -48.39
C TYR A 175 -22.91 -29.98 -48.44
N PHE A 176 -23.65 -29.86 -47.33
CA PHE A 176 -25.03 -30.31 -47.29
C PHE A 176 -26.05 -29.19 -47.14
N ASP A 177 -25.63 -28.00 -46.72
CA ASP A 177 -26.58 -26.89 -46.56
C ASP A 177 -27.03 -26.31 -47.90
N VAL A 178 -26.40 -26.73 -49.01
CA VAL A 178 -26.88 -26.36 -50.33
C VAL A 178 -28.23 -27.01 -50.61
N TRP A 179 -28.50 -28.16 -49.98
CA TRP A 179 -29.75 -28.89 -50.21
C TRP A 179 -30.98 -28.12 -49.74
N GLY A 180 -30.81 -27.13 -48.87
CA GLY A 180 -31.93 -26.31 -48.45
C GLY A 180 -32.51 -25.45 -49.55
N ASN A 181 -31.74 -25.18 -50.60
CA ASN A 181 -32.25 -24.45 -51.75
C ASN A 181 -33.12 -25.31 -52.66
N ASP A 182 -33.00 -26.63 -52.56
CA ASP A 182 -33.79 -27.52 -53.40
C ASP A 182 -35.24 -27.52 -52.93
N GLY A 183 -36.16 -27.23 -53.85
CA GLY A 183 -37.57 -27.16 -53.48
C GLY A 183 -38.15 -28.51 -53.12
N ASN A 184 -37.75 -29.57 -53.84
CA ASN A 184 -38.31 -30.89 -53.60
C ASN A 184 -37.89 -31.45 -52.24
N TYR A 185 -36.65 -31.17 -51.83
CA TYR A 185 -36.19 -31.60 -50.51
C TYR A 185 -37.01 -30.96 -49.40
N LEU A 186 -37.26 -29.66 -49.52
CA LEU A 186 -38.11 -28.95 -48.57
C LEU A 186 -39.53 -29.50 -48.59
N LYS A 187 -40.03 -29.85 -49.78
CA LYS A 187 -41.38 -30.39 -49.88
C LYS A 187 -41.51 -31.74 -49.18
N ILE A 188 -40.53 -32.62 -49.35
CA ILE A 188 -40.62 -33.93 -48.69
C ILE A 188 -40.41 -33.78 -47.19
N VAL A 189 -39.50 -32.91 -46.75
CA VAL A 189 -39.28 -32.77 -45.31
C VAL A 189 -40.50 -32.13 -44.64
N ALA A 190 -41.18 -31.23 -45.34
CA ALA A 190 -42.42 -30.71 -44.81
C ALA A 190 -43.52 -31.78 -44.83
N CYS A 191 -43.53 -32.66 -45.84
CA CYS A 191 -44.52 -33.73 -45.90
C CYS A 191 -44.37 -34.69 -44.72
N VAL A 192 -43.13 -35.12 -44.45
CA VAL A 192 -42.93 -36.08 -43.35
C VAL A 192 -43.18 -35.41 -42.01
N ASP A 193 -42.77 -34.15 -41.84
CA ASP A 193 -43.03 -33.47 -40.58
C ASP A 193 -44.53 -33.25 -40.35
N MET A 194 -45.26 -32.84 -41.39
CA MET A 194 -46.70 -32.64 -41.25
C MET A 194 -47.42 -33.96 -40.97
N PHE A 195 -47.01 -35.04 -41.65
CA PHE A 195 -47.70 -36.31 -41.48
C PHE A 195 -47.41 -36.93 -40.11
N TYR A 196 -46.16 -36.83 -39.65
CA TYR A 196 -45.77 -37.42 -38.37
C TYR A 196 -46.03 -36.52 -37.19
N ASN A 197 -46.43 -35.26 -37.43
CA ASN A 197 -46.99 -34.45 -36.34
C ASN A 197 -48.41 -34.87 -36.01
N HIS A 198 -49.15 -35.35 -37.01
CA HIS A 198 -50.52 -35.79 -36.77
C HIS A 198 -50.56 -37.10 -35.99
N PHE A 199 -49.61 -37.99 -36.24
CA PHE A 199 -49.56 -39.31 -35.60
C PHE A 199 -48.27 -39.39 -34.79
N LYS A 200 -48.33 -38.92 -33.54
CA LYS A 200 -47.19 -38.98 -32.65
C LYS A 200 -47.04 -40.34 -31.97
N LYS A 201 -48.04 -41.21 -32.10
CA LYS A 201 -47.99 -42.53 -31.48
C LYS A 201 -47.29 -43.56 -32.35
N SER A 202 -46.84 -43.19 -33.55
CA SER A 202 -46.13 -44.11 -34.40
C SER A 202 -44.73 -44.39 -33.86
N ILE A 203 -44.22 -45.58 -34.16
CA ILE A 203 -42.87 -45.95 -33.75
C ILE A 203 -41.83 -45.13 -34.51
N LYS A 204 -42.10 -44.86 -35.78
CA LYS A 204 -41.14 -44.17 -36.65
C LYS A 204 -41.17 -42.66 -36.49
N ALA A 205 -41.96 -42.12 -35.57
CA ALA A 205 -42.07 -40.68 -35.35
C ALA A 205 -40.80 -40.05 -34.81
N THR A 206 -39.77 -40.85 -34.51
CA THR A 206 -38.45 -40.37 -34.14
C THR A 206 -37.79 -39.56 -35.25
N PHE A 207 -38.23 -39.72 -36.50
CA PHE A 207 -37.67 -38.98 -37.63
C PHE A 207 -37.95 -37.48 -37.57
N ARG A 208 -38.84 -37.03 -36.68
CA ARG A 208 -39.16 -35.62 -36.56
C ARG A 208 -38.01 -34.78 -36.03
N TRP A 209 -36.96 -35.40 -35.49
CA TRP A 209 -35.71 -34.69 -35.25
C TRP A 209 -35.17 -34.17 -36.56
N GLY A 210 -34.86 -32.88 -36.60
CA GLY A 210 -34.38 -32.23 -37.80
C GLY A 210 -35.45 -31.57 -38.63
N THR A 211 -36.64 -32.17 -38.67
CA THR A 211 -37.75 -31.64 -39.45
C THR A 211 -38.59 -30.63 -38.69
N ILE A 212 -38.31 -30.42 -37.40
CA ILE A 212 -39.11 -29.48 -36.60
C ILE A 212 -38.89 -28.05 -37.05
N VAL A 213 -37.70 -27.73 -37.59
CA VAL A 213 -37.41 -26.39 -38.06
C VAL A 213 -38.17 -26.03 -39.32
N SER A 214 -38.81 -27.01 -39.97
CA SER A 214 -39.69 -26.72 -41.10
C SER A 214 -41.01 -26.13 -40.66
N ARG A 215 -41.47 -26.48 -39.45
CA ARG A 215 -42.76 -26.00 -38.97
C ARG A 215 -42.66 -24.55 -38.52
N PHE A 216 -43.60 -23.73 -38.99
CA PHE A 216 -43.69 -22.30 -38.65
C PHE A 216 -42.40 -21.56 -39.01
N LYS A 217 -41.78 -21.95 -40.11
CA LYS A 217 -40.59 -21.25 -40.58
C LYS A 217 -40.96 -19.89 -41.14
N ASP A 218 -40.17 -18.87 -40.77
CA ASP A 218 -40.40 -17.47 -41.15
C ASP A 218 -41.78 -16.99 -40.73
N CYS A 219 -42.21 -17.40 -39.54
CA CYS A 219 -43.50 -16.99 -38.98
C CYS A 219 -43.34 -16.67 -37.50
N ALA A 220 -42.29 -15.92 -37.16
CA ALA A 220 -41.94 -15.68 -35.77
C ALA A 220 -42.86 -14.68 -35.08
N ALA A 221 -43.60 -13.85 -35.82
CA ALA A 221 -44.45 -12.85 -35.19
C ALA A 221 -45.65 -13.48 -34.50
N LEU A 222 -46.17 -14.59 -35.04
CA LEU A 222 -47.25 -15.30 -34.37
C LEU A 222 -46.79 -15.88 -33.03
N ALA A 223 -45.57 -16.41 -33.01
CA ALA A 223 -45.00 -16.91 -31.76
C ALA A 223 -44.74 -15.78 -30.78
N THR A 224 -44.35 -14.60 -31.30
CA THR A 224 -44.18 -13.42 -30.44
C THR A 224 -45.50 -13.02 -29.79
N LEU A 225 -46.59 -13.04 -30.57
CA LEU A 225 -47.90 -12.71 -30.01
C LEU A 225 -48.35 -13.74 -28.98
N GLY A 226 -48.12 -15.02 -29.26
CA GLY A 226 -48.48 -16.05 -28.28
C GLY A 226 -47.69 -15.94 -27.00
N HIS A 227 -46.38 -15.67 -27.10
CA HIS A 227 -45.55 -15.50 -25.91
C HIS A 227 -45.98 -14.28 -25.09
N VAL A 228 -46.29 -13.16 -25.75
CA VAL A 228 -46.71 -11.99 -25.00
C VAL A 228 -48.11 -12.16 -24.42
N VAL A 229 -48.94 -13.01 -25.02
CA VAL A 229 -50.24 -13.30 -24.39
C VAL A 229 -50.03 -14.15 -23.14
N LYS A 230 -49.19 -15.19 -23.23
CA LYS A 230 -49.06 -16.12 -22.11
C LYS A 230 -48.24 -15.54 -20.96
N ILE A 231 -47.24 -14.70 -21.26
CA ILE A 231 -46.32 -14.24 -20.22
C ILE A 231 -46.88 -13.13 -19.36
N THR A 232 -47.99 -12.50 -19.75
CA THR A 232 -48.54 -11.40 -18.99
C THR A 232 -49.78 -11.76 -18.19
N GLY A 233 -50.47 -12.84 -18.56
CA GLY A 233 -51.72 -13.18 -17.92
C GLY A 233 -52.93 -12.47 -18.46
N LEU A 234 -52.79 -11.69 -19.52
CA LEU A 234 -53.90 -10.99 -20.14
C LEU A 234 -54.55 -11.87 -21.20
N THR A 235 -55.82 -11.58 -21.49
CA THR A 235 -56.48 -12.22 -22.61
C THR A 235 -55.98 -11.60 -23.92
N ILE A 236 -56.30 -12.26 -25.03
CA ILE A 236 -55.83 -11.82 -26.34
C ILE A 236 -56.45 -10.47 -26.71
N GLU A 237 -57.71 -10.24 -26.32
CA GLU A 237 -58.36 -8.96 -26.59
C GLU A 237 -57.68 -7.83 -25.83
N GLU A 238 -57.26 -8.09 -24.59
CA GLU A 238 -56.56 -7.07 -23.82
C GLU A 238 -55.16 -6.80 -24.38
N VAL A 239 -54.50 -7.84 -24.89
CA VAL A 239 -53.20 -7.67 -25.53
C VAL A 239 -53.34 -6.80 -26.78
N PHE A 240 -54.37 -7.04 -27.58
CA PHE A 240 -54.63 -6.17 -28.73
C PHE A 240 -55.04 -4.77 -28.29
N THR A 241 -55.73 -4.67 -27.16
CA THR A 241 -56.17 -3.37 -26.65
C THR A 241 -54.99 -2.51 -26.21
N TRP A 242 -53.98 -3.10 -25.60
CA TRP A 242 -52.88 -2.33 -25.05
C TRP A 242 -51.82 -1.89 -26.07
N VAL A 243 -52.14 -1.88 -27.36
CA VAL A 243 -51.20 -1.44 -28.39
C VAL A 243 -51.44 0.04 -28.68
N LEU A 244 -50.37 0.84 -28.60
CA LEU A 244 -50.49 2.30 -28.65
C LEU A 244 -49.68 2.93 -29.79
N GLN A 245 -49.44 2.20 -30.87
CA GLN A 245 -48.74 2.75 -32.03
C GLN A 245 -49.47 2.35 -33.30
N THR A 246 -49.48 3.26 -34.27
CA THR A 246 -50.22 3.01 -35.50
C THR A 246 -49.53 2.01 -36.42
N GLU A 247 -48.19 1.99 -36.42
CA GLU A 247 -47.47 1.02 -37.23
C GLU A 247 -47.69 -0.41 -36.72
N VAL A 248 -47.59 -0.60 -35.40
CA VAL A 248 -47.82 -1.90 -34.80
C VAL A 248 -49.26 -2.36 -35.03
N ALA A 249 -50.22 -1.44 -34.89
CA ALA A 249 -51.62 -1.77 -35.13
C ALA A 249 -51.87 -2.15 -36.58
N ASP A 250 -51.23 -1.45 -37.52
CA ASP A 250 -51.39 -1.78 -38.93
C ASP A 250 -50.82 -3.15 -39.25
N GLU A 251 -49.66 -3.49 -38.67
CA GLU A 251 -49.10 -4.82 -38.88
C GLU A 251 -49.96 -5.91 -38.25
N LEU A 252 -50.57 -5.62 -37.09
CA LEU A 252 -51.49 -6.59 -36.49
C LEU A 252 -52.72 -6.81 -37.36
N VAL A 253 -53.26 -5.73 -37.94
CA VAL A 253 -54.41 -5.84 -38.82
C VAL A 253 -54.06 -6.65 -40.06
N LYS A 254 -52.88 -6.38 -40.65
CA LYS A 254 -52.44 -7.16 -41.81
C LYS A 254 -52.14 -8.61 -41.44
N MET A 255 -51.77 -8.87 -40.18
CA MET A 255 -51.49 -10.22 -39.72
C MET A 255 -52.75 -10.99 -39.35
N MET A 256 -53.88 -10.31 -39.17
CA MET A 256 -55.14 -10.94 -38.80
C MET A 256 -56.10 -11.08 -39.96
N LYS A 257 -55.60 -11.44 -41.15
CA LYS A 257 -56.47 -11.76 -42.27
C LYS A 257 -57.31 -12.98 -41.92
N PRO A 258 -58.64 -12.91 -42.12
CA PRO A 258 -59.54 -13.95 -41.57
C PRO A 258 -59.40 -15.33 -42.22
N GLY A 259 -59.45 -15.41 -43.54
CA GLY A 259 -59.51 -16.70 -44.20
C GLY A 259 -58.17 -17.37 -44.43
N GLN A 260 -57.38 -17.52 -43.37
CA GLN A 260 -56.07 -18.15 -43.47
C GLN A 260 -55.93 -19.35 -42.54
N GLU A 261 -57.02 -19.79 -41.91
CA GLU A 261 -57.09 -20.85 -40.89
C GLU A 261 -55.91 -20.79 -39.92
N ILE A 262 -55.87 -19.69 -39.16
CA ILE A 262 -54.78 -19.45 -38.22
C ILE A 262 -54.83 -20.44 -37.07
N ASP A 263 -56.03 -20.73 -36.58
CA ASP A 263 -56.22 -21.46 -35.33
C ASP A 263 -56.12 -22.98 -35.47
N LYS A 264 -56.09 -23.51 -36.69
CA LYS A 264 -56.16 -24.95 -36.91
C LYS A 264 -54.75 -25.53 -36.90
N SER A 265 -54.48 -26.43 -35.96
CA SER A 265 -53.16 -27.03 -35.84
C SER A 265 -52.89 -28.03 -36.96
N THR A 266 -53.93 -28.72 -37.44
CA THR A 266 -53.78 -29.69 -38.52
C THR A 266 -54.19 -29.02 -39.83
N SER A 267 -53.29 -28.18 -40.34
CA SER A 267 -53.55 -27.42 -41.56
C SER A 267 -52.24 -27.13 -42.26
N TYR A 268 -52.35 -26.49 -43.43
CA TYR A 268 -51.21 -26.23 -44.29
C TYR A 268 -50.43 -24.97 -43.93
N MET A 269 -50.96 -24.11 -43.05
CA MET A 269 -50.33 -22.81 -42.81
C MET A 269 -48.93 -22.88 -42.20
N PRO A 270 -48.65 -23.66 -41.13
CA PRO A 270 -47.28 -23.63 -40.58
C PRO A 270 -46.22 -24.13 -41.54
N TYR A 271 -46.59 -24.94 -42.52
CA TYR A 271 -45.69 -25.29 -43.61
C TYR A 271 -45.98 -24.42 -44.83
N LEU A 272 -45.86 -23.11 -44.61
CA LEU A 272 -46.14 -22.16 -45.68
C LEU A 272 -45.02 -22.12 -46.71
N ILE A 273 -43.78 -22.16 -46.26
CA ILE A 273 -42.64 -21.92 -47.15
C ILE A 273 -42.16 -23.21 -47.80
N ASP A 274 -42.01 -24.28 -47.02
CA ASP A 274 -41.42 -25.50 -47.55
C ASP A 274 -42.38 -26.25 -48.47
N MET A 275 -43.69 -26.03 -48.33
CA MET A 275 -44.63 -26.56 -49.29
C MET A 275 -44.65 -25.78 -50.59
N GLY A 276 -44.00 -24.63 -50.65
CA GLY A 276 -44.04 -23.82 -51.84
C GLY A 276 -45.33 -23.07 -52.04
N ILE A 277 -46.13 -22.93 -51.00
CA ILE A 277 -47.39 -22.20 -51.11
C ILE A 277 -47.14 -20.70 -51.30
N SER A 278 -46.18 -20.15 -50.57
CA SER A 278 -45.83 -18.74 -50.69
C SER A 278 -44.32 -18.59 -50.61
N ALA A 279 -43.82 -17.51 -51.20
CA ALA A 279 -42.39 -17.19 -51.16
C ALA A 279 -42.05 -16.11 -50.16
N LYS A 280 -42.95 -15.15 -49.96
CA LYS A 280 -42.78 -14.08 -48.97
C LYS A 280 -43.89 -14.24 -47.93
N SER A 281 -43.55 -14.78 -46.78
CA SER A 281 -44.54 -15.00 -45.74
C SER A 281 -44.92 -13.68 -45.09
N PRO A 282 -46.21 -13.42 -44.87
CA PRO A 282 -46.62 -12.18 -44.20
C PRO A 282 -46.56 -12.24 -42.68
N TYR A 283 -45.88 -13.23 -42.09
CA TYR A 283 -45.87 -13.40 -40.64
C TYR A 283 -44.46 -13.35 -40.05
N SER A 284 -43.47 -12.86 -40.79
CA SER A 284 -42.09 -12.92 -40.35
C SER A 284 -41.70 -11.64 -39.61
N THR A 285 -40.46 -11.62 -39.11
CA THR A 285 -39.94 -10.43 -38.45
C THR A 285 -39.56 -9.36 -39.47
N ILE A 286 -39.06 -9.78 -40.64
CA ILE A 286 -38.71 -8.82 -41.68
C ILE A 286 -39.97 -8.16 -42.24
N LYS A 287 -41.02 -8.94 -42.46
CA LYS A 287 -42.27 -8.37 -42.94
C LYS A 287 -42.96 -7.54 -41.87
N ASN A 288 -42.79 -7.91 -40.59
CA ASN A 288 -43.41 -7.18 -39.48
C ASN A 288 -42.37 -6.82 -38.43
N PRO A 289 -41.50 -5.85 -38.71
CA PRO A 289 -40.65 -5.30 -37.64
C PRO A 289 -41.43 -4.29 -36.83
N SER A 290 -40.94 -4.02 -35.62
CA SER A 290 -41.51 -3.14 -34.60
C SER A 290 -42.80 -3.67 -33.99
N PHE A 291 -43.35 -4.78 -34.47
CA PHE A 291 -44.20 -5.64 -33.67
C PHE A 291 -43.41 -6.78 -33.05
N HIS A 292 -42.24 -7.08 -33.59
CA HIS A 292 -41.30 -7.97 -32.92
C HIS A 292 -40.46 -7.25 -31.87
N PHE A 293 -40.46 -5.92 -31.87
CA PHE A 293 -39.82 -5.17 -30.79
C PHE A 293 -40.78 -4.95 -29.64
N TRP A 294 -42.00 -4.52 -29.95
CA TRP A 294 -43.11 -4.65 -29.02
C TRP A 294 -43.36 -6.12 -28.73
N GLY A 295 -43.92 -6.41 -27.57
CA GLY A 295 -44.17 -7.80 -27.25
C GLY A 295 -42.94 -8.47 -26.68
N GLN A 296 -41.85 -8.52 -27.44
CA GLN A 296 -40.60 -9.04 -26.89
C GLN A 296 -40.03 -8.11 -25.84
N LEU A 297 -40.08 -6.79 -26.06
CA LEU A 297 -39.65 -5.86 -25.03
C LEU A 297 -40.56 -5.91 -23.80
N VAL A 298 -41.85 -6.10 -24.03
CA VAL A 298 -42.80 -6.22 -22.92
C VAL A 298 -42.52 -7.46 -22.11
N ALA A 299 -42.28 -8.59 -22.79
CA ALA A 299 -42.01 -9.84 -22.10
C ALA A 299 -40.66 -9.80 -21.37
N ALA A 300 -39.68 -9.11 -21.94
CA ALA A 300 -38.40 -8.95 -21.25
C ALA A 300 -38.55 -8.06 -20.03
N LEU A 301 -39.40 -7.05 -20.10
CA LEU A 301 -39.65 -6.22 -18.93
C LEU A 301 -40.63 -6.89 -17.95
N CYS A 302 -41.28 -7.97 -18.35
CA CYS A 302 -42.05 -8.81 -17.45
C CYS A 302 -41.25 -10.01 -16.95
N ARG A 303 -39.92 -9.93 -17.05
CA ARG A 303 -38.98 -10.91 -16.50
C ARG A 303 -39.18 -12.30 -17.11
N SER A 304 -38.99 -12.36 -18.43
CA SER A 304 -38.95 -13.62 -19.17
C SER A 304 -37.59 -13.75 -19.83
N LYS A 305 -36.96 -14.92 -19.70
CA LYS A 305 -35.60 -15.10 -20.18
C LYS A 305 -35.53 -15.41 -21.67
N ARG A 306 -36.64 -15.79 -22.30
CA ARG A 306 -36.62 -16.02 -23.74
C ARG A 306 -36.49 -14.70 -24.50
N ALA A 307 -37.21 -13.67 -24.06
CA ALA A 307 -37.26 -12.40 -24.78
C ALA A 307 -36.00 -11.56 -24.59
N LEU A 308 -35.09 -11.95 -23.71
CA LEU A 308 -33.84 -11.22 -23.55
C LEU A 308 -32.87 -11.49 -24.69
N ASN A 309 -33.12 -12.50 -25.52
CA ASN A 309 -32.25 -12.84 -26.64
C ASN A 309 -32.84 -12.47 -27.98
N ALA A 310 -34.05 -11.92 -28.02
CA ALA A 310 -34.65 -11.53 -29.29
C ALA A 310 -33.89 -10.35 -29.90
N ARG A 311 -33.68 -10.41 -31.21
CA ARG A 311 -32.92 -9.38 -31.90
C ARG A 311 -33.75 -8.11 -32.05
N GLN A 312 -33.13 -6.97 -31.77
CA GLN A 312 -33.77 -5.69 -31.98
C GLN A 312 -33.67 -5.31 -33.46
N PRO A 313 -34.78 -5.17 -34.16
CA PRO A 313 -34.70 -4.77 -35.57
C PRO A 313 -34.23 -3.34 -35.72
N ASP A 314 -33.53 -3.09 -36.81
CA ASP A 314 -33.05 -1.75 -37.13
C ASP A 314 -34.06 -1.02 -37.99
N GLU A 315 -33.91 0.31 -38.03
CA GLU A 315 -34.74 1.21 -38.84
C GLU A 315 -36.21 1.11 -38.40
N ILE A 316 -36.43 1.28 -37.09
CA ILE A 316 -37.76 1.40 -36.49
C ILE A 316 -37.72 2.50 -35.46
N ASP A 317 -38.91 2.99 -35.11
CA ASP A 317 -39.05 4.06 -34.11
C ASP A 317 -38.96 3.45 -32.72
N SER A 318 -37.74 3.36 -32.19
CA SER A 318 -37.50 2.57 -30.98
C SER A 318 -37.94 3.29 -29.70
N MET A 319 -37.85 4.62 -29.66
CA MET A 319 -38.03 5.32 -28.39
C MET A 319 -39.49 5.34 -27.94
N SER A 320 -40.42 5.61 -28.86
CA SER A 320 -41.83 5.60 -28.50
C SER A 320 -42.31 4.20 -28.15
N ILE A 321 -41.80 3.20 -28.86
CA ILE A 321 -42.15 1.81 -28.57
C ILE A 321 -41.62 1.42 -27.20
N SER A 322 -40.42 1.86 -26.85
CA SER A 322 -39.88 1.59 -25.52
C SER A 322 -40.68 2.28 -24.44
N ASN A 323 -41.16 3.50 -24.71
CA ASN A 323 -42.02 4.21 -23.76
C ASN A 323 -43.32 3.45 -23.52
N ALA A 324 -43.95 2.97 -24.61
CA ALA A 324 -45.19 2.21 -24.49
C ALA A 324 -44.97 0.89 -23.77
N SER A 325 -43.84 0.22 -24.05
CA SER A 325 -43.54 -1.05 -23.40
C SER A 325 -43.30 -0.87 -21.91
N LEU A 326 -42.58 0.20 -21.52
CA LEU A 326 -42.36 0.48 -20.11
C LEU A 326 -43.67 0.83 -19.41
N LEU A 327 -44.54 1.58 -20.07
CA LEU A 327 -45.83 1.92 -19.48
C LEU A 327 -46.67 0.67 -19.25
N MET A 328 -46.76 -0.21 -20.26
CA MET A 328 -47.56 -1.41 -20.12
C MET A 328 -46.98 -2.37 -19.08
N ALA A 329 -45.65 -2.51 -19.04
CA ALA A 329 -45.03 -3.39 -18.05
C ALA A 329 -45.23 -2.86 -16.63
N TYR A 330 -45.09 -1.55 -16.43
CA TYR A 330 -45.32 -0.98 -15.11
C TYR A 330 -46.78 -1.09 -14.69
N ALA A 331 -47.71 -0.90 -15.64
CA ALA A 331 -49.12 -1.05 -15.34
C ALA A 331 -49.47 -2.48 -14.97
N LEU A 332 -48.87 -3.45 -15.66
CA LEU A 332 -49.09 -4.85 -15.31
C LEU A 332 -48.51 -5.19 -13.95
N GLY A 333 -47.32 -4.67 -13.64
CA GLY A 333 -46.69 -4.97 -12.36
C GLY A 333 -47.25 -4.26 -11.17
N SER A 334 -47.87 -3.11 -11.37
CA SER A 334 -48.40 -2.36 -10.24
C SER A 334 -49.69 -2.98 -9.71
N SER A 335 -50.52 -3.53 -10.59
CA SER A 335 -51.83 -4.07 -10.23
C SER A 335 -51.89 -5.54 -10.63
N PRO A 336 -51.55 -6.46 -9.72
CA PRO A 336 -51.59 -7.88 -10.07
C PRO A 336 -52.98 -8.50 -9.95
N ASP A 337 -53.07 -9.82 -10.14
CA ASP A 337 -54.33 -10.55 -10.12
C ASP A 337 -54.41 -11.35 -8.83
N ILE A 338 -54.98 -10.73 -7.79
CA ILE A 338 -55.08 -11.37 -6.49
C ILE A 338 -56.53 -11.63 -6.16
N GLU A 339 -57.32 -11.95 -7.16
CA GLU A 339 -58.73 -12.21 -6.94
C GLU A 339 -58.90 -13.55 -6.23
N GLN A 340 -59.68 -13.57 -5.16
CA GLN A 340 -59.90 -14.80 -4.42
C GLN A 340 -60.68 -15.79 -5.27
N GLN A 341 -60.23 -17.05 -5.30
CA GLN A 341 -60.81 -18.07 -6.17
C GLN A 341 -61.60 -19.13 -5.42
N PHE A 342 -61.01 -19.76 -4.41
CA PHE A 342 -61.68 -20.80 -3.64
C PHE A 342 -62.18 -20.23 -2.32
N SER A 343 -63.28 -20.78 -1.82
CA SER A 343 -63.86 -20.31 -0.57
C SER A 343 -64.46 -21.49 0.18
N THR A 344 -64.54 -21.34 1.50
CA THR A 344 -65.18 -22.31 2.38
C THR A 344 -66.42 -21.75 3.03
N GLY A 345 -66.30 -20.62 3.72
CA GLY A 345 -67.45 -19.98 4.33
C GLY A 345 -67.37 -18.47 4.34
N ASN A 346 -66.53 -17.90 3.48
CA ASN A 346 -66.31 -16.46 3.46
C ASN A 346 -66.20 -15.97 2.04
N THR A 347 -66.41 -14.67 1.87
CA THR A 347 -66.45 -14.01 0.57
C THR A 347 -65.14 -13.28 0.30
N TYR A 348 -65.14 -12.47 -0.75
CA TYR A 348 -63.93 -11.83 -1.26
C TYR A 348 -63.58 -10.61 -0.41
N ARG A 349 -62.66 -9.78 -0.92
CA ARG A 349 -62.15 -8.62 -0.19
C ARG A 349 -63.16 -7.49 -0.03
N LYS A 350 -64.32 -7.57 -0.72
CA LYS A 350 -65.46 -6.64 -0.77
C LYS A 350 -65.03 -5.17 -0.83
N PRO A 351 -64.52 -4.70 -1.97
CA PRO A 351 -64.09 -3.30 -2.07
C PRO A 351 -65.26 -2.35 -2.09
N PRO A 352 -65.34 -1.40 -1.12
CA PRO A 352 -66.48 -0.51 -1.02
C PRO A 352 -66.37 0.76 -1.86
N LYS A 353 -65.97 0.61 -3.13
CA LYS A 353 -65.98 1.67 -4.15
C LYS A 353 -65.14 2.87 -3.73
N GLU A 354 -63.83 2.61 -3.62
CA GLU A 354 -62.87 3.66 -3.26
C GLU A 354 -62.83 4.75 -4.34
N ALA A 355 -62.36 4.38 -5.54
CA ALA A 355 -62.31 5.20 -6.75
C ALA A 355 -61.50 6.49 -6.60
N SER A 356 -60.68 6.61 -5.54
CA SER A 356 -59.90 7.82 -5.32
C SER A 356 -58.76 7.50 -4.37
N TYR A 357 -57.52 7.63 -4.85
CA TYR A 357 -56.34 7.38 -4.03
C TYR A 357 -55.20 8.22 -4.58
N LEU A 358 -54.84 9.29 -3.87
CA LEU A 358 -53.91 10.29 -4.36
C LEU A 358 -52.47 10.04 -3.92
N VAL A 359 -52.13 8.79 -3.57
CA VAL A 359 -50.74 8.48 -3.24
C VAL A 359 -49.87 8.57 -4.49
N SER A 360 -50.33 7.97 -5.60
CA SER A 360 -49.71 8.17 -6.90
C SER A 360 -50.75 8.24 -8.02
N GLU A 361 -52.04 8.36 -7.68
CA GLU A 361 -53.17 8.41 -8.61
C GLU A 361 -53.26 7.16 -9.49
N GLU A 362 -52.67 6.04 -9.06
CA GLU A 362 -52.64 4.82 -9.84
C GLU A 362 -53.97 4.09 -9.76
N PRO A 363 -54.49 3.60 -10.89
CA PRO A 363 -55.70 2.79 -10.85
C PRO A 363 -55.43 1.41 -10.25
N LYS A 364 -56.50 0.67 -9.97
CA LYS A 364 -56.34 -0.64 -9.33
C LYS A 364 -56.65 -1.82 -10.25
N ASN A 365 -56.61 -1.59 -11.55
CA ASN A 365 -56.87 -2.65 -12.52
C ASN A 365 -55.86 -2.52 -13.65
N ARG A 366 -56.10 -3.26 -14.73
CA ARG A 366 -55.22 -3.24 -15.90
C ARG A 366 -55.92 -2.67 -17.13
N SER A 367 -56.88 -1.77 -16.92
CA SER A 367 -57.57 -1.12 -18.04
C SER A 367 -56.68 -0.03 -18.62
N VAL A 368 -56.68 0.08 -19.94
CA VAL A 368 -55.70 0.94 -20.60
C VAL A 368 -56.12 2.41 -20.53
N VAL A 369 -57.43 2.69 -20.42
CA VAL A 369 -57.89 4.07 -20.48
C VAL A 369 -57.52 4.83 -19.20
N GLU A 370 -57.68 4.20 -18.04
CA GLU A 370 -57.28 4.83 -16.79
C GLU A 370 -55.78 5.01 -16.71
N TRP A 371 -55.01 4.04 -17.22
CA TRP A 371 -53.56 4.14 -17.19
C TRP A 371 -53.05 5.19 -18.16
N ILE A 372 -53.67 5.33 -19.33
CA ILE A 372 -53.22 6.36 -20.26
C ILE A 372 -53.62 7.74 -19.77
N ALA A 373 -54.74 7.86 -19.04
CA ALA A 373 -55.08 9.11 -18.38
C ALA A 373 -54.04 9.47 -17.32
N TRP A 374 -53.66 8.48 -16.51
CA TRP A 374 -52.65 8.70 -15.48
C TRP A 374 -51.28 9.04 -16.07
N TYR A 375 -50.95 8.45 -17.23
CA TYR A 375 -49.66 8.73 -17.86
C TYR A 375 -49.66 10.12 -18.50
N SER A 376 -50.75 10.51 -19.15
CA SER A 376 -50.85 11.85 -19.71
C SER A 376 -50.93 12.92 -18.63
N ASP A 377 -51.36 12.56 -17.41
CA ASP A 377 -51.33 13.51 -16.32
C ASP A 377 -49.90 13.90 -15.93
N VAL A 378 -48.92 13.03 -16.20
CA VAL A 378 -47.54 13.28 -15.78
C VAL A 378 -46.73 13.55 -17.07
N ASP A 379 -47.41 14.16 -18.05
CA ASP A 379 -46.76 14.73 -19.24
C ASP A 379 -46.05 13.68 -20.10
N ASN A 380 -46.53 12.44 -20.05
CA ASN A 380 -46.04 11.32 -20.87
C ASN A 380 -44.53 11.09 -20.68
N LYS A 381 -44.08 11.18 -19.44
CA LYS A 381 -42.68 10.92 -19.13
C LYS A 381 -42.58 9.79 -18.10
N PRO A 382 -41.51 9.00 -18.14
CA PRO A 382 -41.36 7.92 -17.16
C PRO A 382 -41.13 8.47 -15.76
N THR A 383 -42.02 8.10 -14.84
CA THR A 383 -41.96 8.52 -13.45
C THR A 383 -40.75 7.84 -12.79
N ASP A 384 -40.30 8.42 -11.67
CA ASP A 384 -39.12 7.91 -10.97
C ASP A 384 -39.31 6.47 -10.50
N ASP A 385 -40.54 6.10 -10.14
CA ASP A 385 -40.82 4.70 -9.81
C ASP A 385 -40.69 3.80 -11.03
N MET A 386 -41.11 4.29 -12.20
CA MET A 386 -40.96 3.52 -13.44
C MET A 386 -39.50 3.29 -13.77
N LEU A 387 -38.67 4.34 -13.63
CA LEU A 387 -37.25 4.20 -13.90
C LEU A 387 -36.56 3.31 -12.87
N MET A 388 -37.02 3.36 -11.62
CA MET A 388 -36.48 2.46 -10.59
C MET A 388 -36.81 1.01 -10.91
N MET A 389 -38.05 0.74 -11.33
CA MET A 389 -38.45 -0.62 -11.71
C MET A 389 -37.67 -1.09 -12.93
N ALA A 390 -37.46 -0.22 -13.91
CA ALA A 390 -36.70 -0.57 -15.10
C ALA A 390 -35.25 -0.86 -14.76
N LYS A 391 -34.66 -0.08 -13.85
CA LYS A 391 -33.28 -0.32 -13.41
C LYS A 391 -33.17 -1.63 -12.64
N ARG A 392 -34.17 -1.93 -11.82
CA ARG A 392 -34.19 -3.20 -11.09
C ARG A 392 -34.29 -4.39 -12.03
N VAL A 393 -35.11 -4.27 -13.08
CA VAL A 393 -35.21 -5.34 -14.07
C VAL A 393 -33.90 -5.46 -14.86
N ALA A 394 -33.30 -4.33 -15.24
CA ALA A 394 -32.08 -4.35 -16.03
C ALA A 394 -30.87 -4.82 -15.24
N GLY A 395 -30.94 -4.79 -13.90
CA GLY A 395 -29.84 -5.32 -13.11
C GLY A 395 -29.74 -6.83 -13.09
N THR A 396 -30.75 -7.54 -13.58
CA THR A 396 -30.77 -8.99 -13.58
C THR A 396 -30.30 -9.59 -14.90
N ILE A 397 -29.74 -8.79 -15.80
CA ILE A 397 -29.20 -9.28 -17.06
C ILE A 397 -27.69 -9.41 -16.90
N SER A 398 -27.19 -10.64 -17.03
CA SER A 398 -25.78 -10.89 -16.77
C SER A 398 -24.92 -10.51 -17.97
N GLY A 399 -25.10 -11.21 -19.09
CA GLY A 399 -24.39 -10.88 -20.30
C GLY A 399 -25.31 -10.83 -21.49
N PRO A 400 -25.45 -9.65 -22.09
CA PRO A 400 -26.29 -9.52 -23.28
C PRO A 400 -25.50 -9.70 -24.57
N ARG A 401 -26.24 -9.97 -25.64
CA ARG A 401 -25.65 -10.13 -26.96
C ARG A 401 -25.49 -8.75 -27.61
N ASP A 402 -25.17 -8.74 -28.91
CA ASP A 402 -24.80 -7.48 -29.54
C ASP A 402 -26.03 -6.64 -29.90
N ASN A 403 -27.01 -7.23 -30.57
CA ASN A 403 -28.20 -6.52 -31.02
C ASN A 403 -29.45 -7.13 -30.43
N SER A 404 -29.42 -7.46 -29.14
CA SER A 404 -30.52 -8.12 -28.48
C SER A 404 -31.40 -7.11 -27.74
N VAL A 405 -32.55 -7.61 -27.27
CA VAL A 405 -33.44 -6.80 -26.45
C VAL A 405 -32.81 -6.52 -25.08
N GLY A 406 -32.10 -7.51 -24.54
CA GLY A 406 -31.46 -7.33 -23.24
C GLY A 406 -30.36 -6.27 -23.26
N LYS A 407 -29.63 -6.18 -24.38
CA LYS A 407 -28.64 -5.11 -24.53
C LYS A 407 -29.31 -3.75 -24.57
N TRP A 408 -30.45 -3.64 -25.25
CA TRP A 408 -31.21 -2.40 -25.28
C TRP A 408 -31.70 -2.02 -23.89
N ILE A 409 -32.18 -3.00 -23.13
CA ILE A 409 -32.67 -2.73 -21.78
C ILE A 409 -31.55 -2.29 -20.86
N LYS A 410 -30.40 -2.97 -20.94
CA LYS A 410 -29.27 -2.62 -20.07
C LYS A 410 -28.69 -1.25 -20.43
N GLN A 411 -28.63 -0.93 -21.72
CA GLN A 411 -28.09 0.37 -22.13
C GLN A 411 -29.04 1.51 -21.80
N THR A 412 -30.32 1.34 -22.12
CA THR A 412 -31.26 2.46 -22.05
C THR A 412 -31.64 2.79 -20.60
N TYR A 413 -31.95 1.77 -19.81
CA TYR A 413 -32.50 1.97 -18.47
C TYR A 413 -31.49 1.58 -17.38
N GLY A 414 -30.22 1.90 -17.60
CA GLY A 414 -29.19 1.65 -16.61
C GLY A 414 -28.76 0.21 -16.54
N ARG B 1 -60.07 -6.01 -31.44
CA ARG B 1 -61.46 -5.86 -31.86
C ARG B 1 -61.65 -4.70 -32.82
N ILE B 2 -62.28 -3.62 -32.34
CA ILE B 2 -62.66 -2.51 -33.19
C ILE B 2 -61.54 -1.49 -33.23
N LYS B 3 -61.08 -1.14 -34.43
CA LYS B 3 -60.03 -0.15 -34.62
C LYS B 3 -60.67 1.24 -34.70
N THR B 4 -59.92 2.23 -35.21
CA THR B 4 -60.39 3.61 -35.17
C THR B 4 -61.65 3.83 -36.01
N ASN B 5 -61.71 3.27 -37.22
CA ASN B 5 -62.83 3.60 -38.11
C ASN B 5 -64.02 2.69 -37.87
N ALA B 6 -63.95 1.45 -38.33
CA ALA B 6 -65.00 0.47 -38.04
C ALA B 6 -64.52 -0.97 -38.01
N ALA B 7 -63.24 -1.25 -38.20
CA ALA B 7 -62.81 -2.59 -38.59
C ALA B 7 -62.73 -3.49 -37.36
N VAL B 8 -63.34 -4.66 -37.46
CA VAL B 8 -63.24 -5.69 -36.42
C VAL B 8 -62.09 -6.62 -36.77
N ALA B 9 -61.39 -7.10 -35.74
CA ALA B 9 -60.25 -7.99 -35.92
C ALA B 9 -60.57 -9.35 -35.33
N ALA B 10 -60.17 -10.40 -36.04
CA ALA B 10 -60.28 -11.78 -35.57
C ALA B 10 -59.03 -12.10 -34.78
N VAL B 11 -59.12 -12.04 -33.45
CA VAL B 11 -57.97 -12.17 -32.57
C VAL B 11 -57.88 -13.60 -32.05
N LEU B 12 -56.84 -14.32 -32.49
CA LEU B 12 -56.77 -15.76 -32.20
C LEU B 12 -55.36 -16.33 -32.33
N PRO B 13 -54.83 -16.96 -31.28
CA PRO B 13 -53.67 -17.84 -31.44
C PRO B 13 -54.03 -19.30 -31.73
N ALA B 14 -53.01 -20.16 -31.80
CA ALA B 14 -53.22 -21.58 -32.06
C ALA B 14 -53.67 -22.30 -30.79
N ASN B 15 -54.11 -23.55 -30.97
CA ASN B 15 -54.73 -24.33 -29.91
C ASN B 15 -53.70 -25.22 -29.21
N GLU B 16 -54.18 -26.16 -28.39
CA GLU B 16 -53.33 -27.03 -27.58
C GLU B 16 -53.95 -28.43 -27.54
N ASP B 17 -53.31 -29.33 -26.81
CA ASP B 17 -53.74 -30.72 -26.64
C ASP B 17 -54.28 -30.95 -25.23
N GLN B 18 -54.60 -32.21 -24.93
CA GLN B 18 -55.20 -32.56 -23.64
C GLN B 18 -54.52 -33.79 -23.02
N ALA B 19 -55.10 -34.29 -21.93
CA ALA B 19 -54.56 -35.44 -21.20
C ALA B 19 -55.70 -36.38 -20.85
N ASP B 20 -55.34 -37.65 -20.62
CA ASP B 20 -56.30 -38.71 -20.38
C ASP B 20 -56.17 -39.26 -18.97
N TYR B 21 -57.29 -39.30 -18.25
CA TYR B 21 -57.36 -39.81 -16.89
C TYR B 21 -57.37 -41.33 -16.89
N PRO B 22 -56.96 -41.95 -15.78
CA PRO B 22 -57.04 -43.42 -15.68
C PRO B 22 -58.46 -43.98 -15.72
N SER B 23 -59.47 -43.18 -15.41
CA SER B 23 -60.85 -43.70 -15.37
C SER B 23 -61.41 -43.97 -16.75
N THR B 24 -60.87 -43.33 -17.80
CA THR B 24 -61.27 -43.68 -19.16
C THR B 24 -60.85 -45.10 -19.49
N PHE B 25 -59.65 -45.48 -19.08
CA PHE B 25 -59.26 -46.89 -19.07
C PHE B 25 -60.10 -47.63 -18.04
N PHE B 26 -60.28 -48.94 -18.28
CA PHE B 26 -61.11 -49.85 -17.49
C PHE B 26 -62.59 -49.47 -17.49
N GLU B 27 -63.02 -48.60 -18.41
CA GLU B 27 -64.45 -48.32 -18.56
C GLU B 27 -65.14 -49.47 -19.29
N GLY B 28 -64.46 -50.07 -20.25
CA GLY B 28 -64.97 -51.23 -20.95
C GLY B 28 -64.36 -52.52 -20.45
N GLY B 29 -63.77 -52.48 -19.26
CA GLY B 29 -63.11 -53.65 -18.70
C GLY B 29 -61.87 -54.11 -19.45
N ASN B 30 -61.00 -53.18 -19.84
CA ASN B 30 -59.78 -53.53 -20.55
C ASN B 30 -58.78 -54.19 -19.59
N GLU B 31 -57.76 -54.81 -20.18
CA GLU B 31 -56.68 -55.46 -19.45
C GLU B 31 -55.36 -54.76 -19.78
N ILE B 32 -54.26 -55.31 -19.28
CA ILE B 32 -52.95 -54.67 -19.39
C ILE B 32 -52.16 -55.16 -20.59
N ARG B 33 -52.23 -56.47 -20.89
CA ARG B 33 -51.65 -57.08 -22.09
C ARG B 33 -50.14 -56.86 -22.17
N LEU B 34 -49.43 -57.54 -21.26
CA LEU B 34 -47.98 -57.36 -21.16
C LEU B 34 -47.26 -57.80 -22.45
N TYR B 35 -47.78 -58.83 -23.12
CA TYR B 35 -47.15 -59.45 -24.30
C TYR B 35 -45.76 -60.01 -23.97
N VAL B 36 -45.80 -61.04 -23.13
CA VAL B 36 -44.59 -61.67 -22.59
C VAL B 36 -43.96 -62.58 -23.64
N ASN B 37 -42.66 -62.43 -23.85
CA ASN B 37 -41.88 -63.43 -24.57
C ASN B 37 -41.48 -64.53 -23.60
N ARG B 38 -41.85 -65.77 -23.91
CA ARG B 38 -41.57 -66.89 -23.02
C ARG B 38 -41.46 -68.16 -23.85
N GLY B 39 -41.42 -69.30 -23.18
CA GLY B 39 -41.35 -70.59 -23.84
C GLY B 39 -39.95 -71.14 -24.00
N GLU B 40 -39.17 -71.12 -22.92
CA GLU B 40 -37.78 -71.56 -22.98
C GLU B 40 -37.33 -71.96 -21.58
N LYS B 41 -36.20 -72.68 -21.54
CA LYS B 41 -35.60 -73.07 -20.27
C LYS B 41 -34.98 -71.84 -19.58
N LEU B 42 -35.15 -71.76 -18.26
CA LEU B 42 -34.67 -70.63 -17.49
C LEU B 42 -33.14 -70.57 -17.48
N ASP B 43 -32.48 -71.72 -17.43
CA ASP B 43 -31.03 -71.76 -17.29
C ASP B 43 -30.33 -71.20 -18.52
N VAL B 44 -30.71 -71.67 -19.71
CA VAL B 44 -30.09 -71.16 -20.92
C VAL B 44 -30.41 -69.69 -21.11
N LEU B 45 -31.63 -69.26 -20.73
CA LEU B 45 -32.01 -67.86 -20.82
C LEU B 45 -31.13 -66.99 -19.93
N ARG B 46 -30.81 -67.48 -18.72
CA ARG B 46 -29.88 -66.74 -17.88
C ARG B 46 -28.47 -66.76 -18.46
N GLN B 47 -28.16 -67.73 -19.29
CA GLN B 47 -26.84 -67.69 -19.93
C GLN B 47 -26.85 -66.64 -21.04
N TYR B 48 -27.96 -66.52 -21.77
CA TYR B 48 -28.03 -65.47 -22.79
C TYR B 48 -27.99 -64.09 -22.14
N VAL B 49 -28.58 -63.95 -20.96
CA VAL B 49 -28.54 -62.68 -20.24
C VAL B 49 -27.13 -62.41 -19.73
N TYR B 50 -26.44 -63.43 -19.22
CA TYR B 50 -25.09 -63.26 -18.70
C TYR B 50 -24.11 -62.89 -19.79
N MET B 51 -23.93 -63.77 -20.79
CA MET B 51 -22.97 -63.48 -21.83
C MET B 51 -23.54 -62.43 -22.77
N GLY B 52 -22.71 -61.49 -23.19
CA GLY B 52 -23.19 -60.30 -23.87
C GLY B 52 -23.24 -59.13 -22.91
N LEU B 53 -23.68 -59.36 -21.68
CA LEU B 53 -23.59 -58.34 -20.66
C LEU B 53 -22.16 -58.12 -20.21
N VAL B 54 -21.27 -59.11 -20.40
CA VAL B 54 -19.86 -58.90 -20.16
C VAL B 54 -19.26 -57.95 -21.20
N GLU B 55 -19.72 -58.04 -22.45
CA GLU B 55 -19.34 -57.09 -23.48
C GLU B 55 -20.37 -55.95 -23.51
N LYS B 56 -20.35 -55.15 -24.57
CA LYS B 56 -21.07 -53.88 -24.59
C LYS B 56 -22.38 -53.97 -25.36
N ASN B 57 -23.11 -55.09 -25.28
CA ASN B 57 -24.37 -55.20 -26.00
C ASN B 57 -25.26 -56.23 -25.31
N CYS B 58 -26.47 -55.82 -24.93
CA CYS B 58 -27.46 -56.72 -24.35
C CYS B 58 -28.79 -56.54 -25.07
N ARG B 59 -29.64 -57.56 -24.96
CA ARG B 59 -30.91 -57.62 -25.68
C ARG B 59 -32.07 -57.40 -24.71
N ILE B 60 -33.02 -56.56 -25.12
CA ILE B 60 -34.20 -56.29 -24.31
C ILE B 60 -35.08 -57.54 -24.22
N GLN B 61 -35.15 -58.31 -25.30
CA GLN B 61 -35.95 -59.53 -25.30
C GLN B 61 -35.38 -60.57 -24.33
N HIS B 62 -34.05 -60.66 -24.24
CA HIS B 62 -33.41 -61.61 -23.33
C HIS B 62 -33.75 -61.30 -21.88
N VAL B 63 -33.59 -60.04 -21.47
CA VAL B 63 -33.86 -59.68 -20.09
C VAL B 63 -35.36 -59.72 -19.80
N ASN B 64 -36.19 -59.46 -20.80
CA ASN B 64 -37.64 -59.59 -20.65
C ASN B 64 -38.05 -61.04 -20.35
N ALA B 65 -37.58 -61.97 -21.20
CA ALA B 65 -37.90 -63.38 -21.01
C ALA B 65 -37.33 -63.89 -19.69
N TYR B 66 -36.11 -63.43 -19.34
CA TYR B 66 -35.54 -63.75 -18.04
C TYR B 66 -36.44 -63.29 -16.90
N LEU B 67 -36.84 -62.01 -16.92
CA LEU B 67 -37.54 -61.45 -15.78
C LEU B 67 -38.87 -62.15 -15.56
N TYR B 68 -39.54 -62.53 -16.65
CA TYR B 68 -40.73 -63.36 -16.46
C TYR B 68 -40.37 -64.76 -15.97
N ALA B 69 -39.25 -65.32 -16.44
CA ALA B 69 -38.90 -66.68 -16.04
C ALA B 69 -38.51 -66.77 -14.56
N VAL B 70 -37.88 -65.74 -14.03
CA VAL B 70 -37.38 -65.79 -12.65
C VAL B 70 -38.37 -65.19 -11.65
N LEU B 71 -39.11 -64.15 -12.03
CA LEU B 71 -40.02 -63.53 -11.08
C LEU B 71 -41.30 -64.35 -10.87
N LYS B 72 -41.61 -65.28 -11.78
CA LYS B 72 -42.81 -66.10 -11.63
C LYS B 72 -42.63 -67.11 -10.50
N GLY B 73 -43.72 -67.38 -9.80
CA GLY B 73 -43.73 -68.35 -8.73
C GLY B 73 -43.42 -67.80 -7.35
N GLU B 74 -43.04 -66.51 -7.25
CA GLU B 74 -42.71 -65.90 -5.96
C GLU B 74 -43.99 -65.41 -5.29
N ARG B 75 -44.81 -66.37 -4.86
CA ARG B 75 -46.06 -66.07 -4.20
C ARG B 75 -45.81 -65.61 -2.77
N GLU B 76 -46.79 -64.91 -2.21
CA GLU B 76 -46.74 -64.42 -0.84
C GLU B 76 -48.12 -64.56 -0.21
N LEU B 77 -48.24 -64.09 1.02
CA LEU B 77 -49.51 -64.13 1.73
C LEU B 77 -50.48 -63.10 1.15
N LEU B 78 -51.75 -63.20 1.56
CA LEU B 78 -52.77 -62.23 1.16
C LEU B 78 -53.77 -62.14 2.32
N GLU B 79 -53.56 -61.15 3.19
CA GLU B 79 -54.37 -61.00 4.38
C GLU B 79 -55.64 -60.20 4.15
N ALA B 80 -55.81 -59.60 2.96
CA ALA B 80 -56.98 -58.78 2.69
C ALA B 80 -57.25 -58.76 1.19
N ASP B 81 -58.46 -58.32 0.85
CA ASP B 81 -58.84 -58.19 -0.55
C ASP B 81 -58.10 -57.03 -1.19
N TRP B 82 -57.73 -57.21 -2.45
CA TRP B 82 -57.06 -56.18 -3.24
C TRP B 82 -57.93 -55.82 -4.43
N ASP B 83 -58.33 -54.55 -4.53
CA ASP B 83 -59.21 -54.08 -5.58
C ASP B 83 -58.77 -52.72 -6.06
N SER B 84 -58.93 -52.47 -7.36
CA SER B 84 -58.61 -51.17 -7.95
C SER B 84 -59.36 -51.06 -9.27
N PHE B 85 -60.21 -50.03 -9.39
CA PHE B 85 -61.03 -49.76 -10.58
C PHE B 85 -61.97 -50.92 -10.91
N GLY B 86 -62.37 -51.69 -9.89
CA GLY B 86 -63.22 -52.84 -10.08
C GLY B 86 -62.51 -54.10 -10.50
N HIS B 87 -61.25 -54.02 -10.89
CA HIS B 87 -60.48 -55.18 -11.32
C HIS B 87 -60.04 -55.96 -10.10
N LYS B 88 -60.56 -57.18 -9.94
CA LYS B 88 -60.22 -58.01 -8.78
C LYS B 88 -58.83 -58.61 -8.96
N ILE B 89 -57.97 -58.43 -7.96
CA ILE B 89 -56.60 -58.92 -8.02
C ILE B 89 -56.46 -60.24 -7.30
N GLY B 90 -56.93 -60.32 -6.05
CA GLY B 90 -56.77 -61.53 -5.27
C GLY B 90 -57.85 -61.70 -4.23
N ILE B 91 -58.04 -62.95 -3.83
CA ILE B 91 -58.99 -63.33 -2.79
C ILE B 91 -58.22 -63.43 -1.48
N GLN B 92 -58.86 -63.01 -0.38
CA GLN B 92 -58.25 -63.03 0.94
C GLN B 92 -57.86 -64.45 1.34
N GLY B 93 -56.64 -64.60 1.87
CA GLY B 93 -56.16 -65.89 2.30
C GLY B 93 -55.61 -66.78 1.21
N ASP B 94 -55.17 -66.21 0.09
CA ASP B 94 -54.68 -66.97 -1.05
C ASP B 94 -53.21 -66.62 -1.31
N LYS B 95 -52.67 -67.23 -2.37
CA LYS B 95 -51.35 -66.90 -2.88
C LYS B 95 -51.50 -66.07 -4.15
N ILE B 96 -50.71 -65.00 -4.26
CA ILE B 96 -50.94 -63.95 -5.24
C ILE B 96 -49.92 -63.98 -6.38
N GLY B 97 -48.63 -63.80 -6.08
CA GLY B 97 -47.62 -63.73 -7.10
C GLY B 97 -47.55 -62.37 -7.79
N PRO B 98 -46.37 -62.01 -8.29
CA PRO B 98 -46.21 -60.68 -8.90
C PRO B 98 -46.80 -60.53 -10.29
N PHE B 99 -47.21 -61.61 -10.94
CA PHE B 99 -47.73 -61.55 -12.30
C PHE B 99 -49.17 -62.02 -12.39
N ASN B 100 -49.96 -61.73 -11.36
CA ASN B 100 -51.38 -62.05 -11.39
C ASN B 100 -52.26 -60.86 -11.73
N LEU B 101 -51.75 -59.63 -11.57
CA LEU B 101 -52.50 -58.46 -11.99
C LEU B 101 -52.56 -58.36 -13.50
N VAL B 102 -51.56 -58.91 -14.20
CA VAL B 102 -51.47 -58.88 -15.65
C VAL B 102 -51.39 -60.31 -16.16
N ARG B 103 -52.23 -60.64 -17.14
CA ARG B 103 -52.13 -61.93 -17.79
C ARG B 103 -50.91 -61.98 -18.70
N VAL B 104 -50.45 -63.21 -18.99
CA VAL B 104 -49.15 -63.39 -19.62
C VAL B 104 -49.18 -62.92 -21.08
N GLU B 105 -50.20 -63.30 -21.84
CA GLU B 105 -50.40 -62.91 -23.23
C GLU B 105 -49.20 -63.27 -24.10
N ASP B 106 -49.04 -64.59 -24.30
CA ASP B 106 -47.91 -65.15 -25.04
C ASP B 106 -47.71 -64.48 -26.40
N ILE B 107 -46.49 -64.04 -26.65
CA ILE B 107 -46.13 -63.15 -27.75
C ILE B 107 -46.22 -63.89 -29.08
N PRO B 108 -46.51 -63.19 -30.20
CA PRO B 108 -46.34 -63.81 -31.52
C PRO B 108 -44.87 -64.04 -31.87
N ASP B 109 -44.61 -64.55 -33.08
CA ASP B 109 -43.26 -64.98 -33.43
C ASP B 109 -42.33 -63.79 -33.64
N GLY B 110 -41.65 -63.38 -32.57
CA GLY B 110 -40.66 -62.33 -32.61
C GLY B 110 -39.45 -62.73 -31.78
N LEU B 111 -39.13 -64.03 -31.83
CA LEU B 111 -38.17 -64.62 -30.91
C LEU B 111 -36.77 -64.06 -31.18
N PRO B 112 -36.00 -63.75 -30.14
CA PRO B 112 -34.71 -63.09 -30.33
C PRO B 112 -33.65 -64.04 -30.86
N ASP B 113 -32.62 -63.45 -31.45
CA ASP B 113 -31.48 -64.21 -31.97
C ASP B 113 -30.49 -64.41 -30.82
N GLY B 114 -30.49 -65.61 -30.25
CA GLY B 114 -29.58 -65.93 -29.17
C GLY B 114 -28.17 -66.18 -29.65
N LYS B 115 -27.26 -66.24 -28.69
CA LYS B 115 -25.84 -66.51 -28.94
C LYS B 115 -25.44 -67.79 -28.22
N LEU B 116 -24.14 -68.05 -28.15
CA LEU B 116 -23.64 -69.27 -27.53
C LEU B 116 -23.87 -69.24 -26.01
N ASN B 117 -23.67 -70.39 -25.39
CA ASN B 117 -23.89 -70.54 -23.95
C ASN B 117 -22.54 -70.52 -23.24
N ALA B 118 -22.47 -69.70 -22.18
CA ALA B 118 -21.27 -69.61 -21.37
C ALA B 118 -21.26 -70.73 -20.34
N GLU B 119 -20.38 -70.63 -19.35
CA GLU B 119 -20.35 -71.60 -18.26
C GLU B 119 -21.65 -71.52 -17.45
N VAL B 120 -22.20 -72.68 -17.11
CA VAL B 120 -23.52 -72.73 -16.48
C VAL B 120 -23.40 -72.28 -15.03
N SER B 121 -24.13 -71.22 -14.68
CA SER B 121 -24.09 -70.65 -13.34
C SER B 121 -25.21 -71.19 -12.46
N ALA B 122 -26.47 -70.95 -12.86
CA ALA B 122 -27.69 -71.35 -12.14
C ALA B 122 -27.73 -70.82 -10.70
N GLU B 123 -26.97 -69.78 -10.40
CA GLU B 123 -26.84 -69.27 -9.04
C GLU B 123 -26.87 -67.74 -8.97
N ASP B 124 -26.67 -67.04 -10.08
CA ASP B 124 -26.55 -65.58 -10.20
C ASP B 124 -27.87 -64.84 -10.00
N ASP B 125 -28.96 -65.50 -9.61
CA ASP B 125 -30.23 -64.83 -9.38
C ASP B 125 -30.21 -63.90 -8.18
N ALA B 126 -29.18 -64.00 -7.33
CA ALA B 126 -29.07 -63.11 -6.18
C ALA B 126 -28.66 -61.70 -6.58
N TRP B 127 -28.12 -61.49 -7.78
CA TRP B 127 -27.71 -60.15 -8.18
C TRP B 127 -28.19 -59.75 -9.57
N LEU B 128 -28.40 -60.73 -10.46
CA LEU B 128 -28.63 -60.39 -11.87
C LEU B 128 -29.96 -59.67 -12.13
N PRO B 129 -31.12 -60.10 -11.60
CA PRO B 129 -32.32 -59.24 -11.78
C PRO B 129 -32.23 -57.91 -11.05
N LEU B 130 -31.60 -57.88 -9.87
CA LEU B 130 -31.36 -56.62 -9.17
C LEU B 130 -30.45 -55.72 -9.98
N PHE B 131 -29.42 -56.29 -10.61
CA PHE B 131 -28.52 -55.51 -11.45
C PHE B 131 -29.24 -54.90 -12.64
N LEU B 132 -30.12 -55.68 -13.31
CA LEU B 132 -30.85 -55.14 -14.45
C LEU B 132 -31.83 -54.05 -14.03
N LEU B 133 -32.57 -54.27 -12.94
CA LEU B 133 -33.55 -53.28 -12.50
C LEU B 133 -32.87 -52.02 -11.99
N GLY B 134 -31.70 -52.11 -11.37
CA GLY B 134 -30.97 -50.92 -11.00
C GLY B 134 -30.31 -50.24 -12.18
N LEU B 135 -29.92 -51.01 -13.19
CA LEU B 135 -29.37 -50.43 -14.40
C LEU B 135 -30.41 -49.63 -15.16
N TYR B 136 -31.70 -50.00 -15.00
CA TYR B 136 -32.78 -49.17 -15.53
C TYR B 136 -32.76 -47.77 -14.90
N ARG B 137 -32.63 -47.69 -13.58
CA ARG B 137 -32.57 -46.40 -12.90
C ARG B 137 -31.32 -45.63 -13.28
N VAL B 138 -30.19 -46.32 -13.43
CA VAL B 138 -28.95 -45.67 -13.85
C VAL B 138 -29.12 -45.09 -15.25
N GLY B 139 -29.77 -45.82 -16.14
CA GLY B 139 -30.09 -45.29 -17.46
C GLY B 139 -31.09 -44.15 -17.45
N ARG B 140 -31.91 -44.06 -16.41
CA ARG B 140 -32.81 -42.91 -16.29
C ARG B 140 -32.11 -41.63 -15.89
N ALA B 141 -30.86 -41.69 -15.44
CA ALA B 141 -30.13 -40.49 -15.05
C ALA B 141 -29.64 -39.73 -16.28
N SER B 142 -29.30 -38.46 -16.07
CA SER B 142 -28.95 -37.56 -17.16
C SER B 142 -27.71 -36.72 -16.90
N GLU B 143 -27.07 -36.86 -15.75
CA GLU B 143 -25.88 -36.09 -15.40
C GLU B 143 -24.73 -37.04 -15.10
N THR B 144 -23.55 -36.73 -15.65
CA THR B 144 -22.38 -37.55 -15.40
C THR B 144 -21.94 -37.47 -13.95
N ALA B 145 -22.12 -36.32 -13.30
CA ALA B 145 -21.86 -36.22 -11.86
C ALA B 145 -22.87 -37.02 -11.06
N TYR B 146 -24.08 -37.18 -11.58
CA TYR B 146 -25.13 -37.99 -10.96
C TYR B 146 -25.01 -39.48 -11.33
N ARG B 147 -23.85 -39.91 -11.83
CA ARG B 147 -23.59 -41.33 -12.05
C ARG B 147 -23.05 -42.01 -10.81
N THR B 148 -23.21 -41.40 -9.64
CA THR B 148 -22.95 -42.08 -8.37
C THR B 148 -24.02 -43.10 -8.03
N LEU B 149 -25.15 -43.11 -8.77
CA LEU B 149 -26.12 -44.19 -8.63
C LEU B 149 -25.51 -45.52 -9.05
N LEU B 150 -24.65 -45.50 -10.08
CA LEU B 150 -23.91 -46.71 -10.45
C LEU B 150 -22.99 -47.16 -9.32
N MET B 151 -22.28 -46.23 -8.69
CA MET B 151 -21.39 -46.58 -7.58
C MET B 151 -22.18 -47.13 -6.39
N GLU B 152 -23.35 -46.57 -6.12
CA GLU B 152 -24.24 -47.12 -5.11
C GLU B 152 -24.69 -48.52 -5.48
N SER B 153 -24.96 -48.76 -6.77
CA SER B 153 -25.33 -50.10 -7.23
C SER B 153 -24.21 -51.10 -7.00
N LEU B 154 -22.97 -50.73 -7.35
CA LEU B 154 -21.84 -51.63 -7.14
C LEU B 154 -21.59 -51.88 -5.66
N ILE B 155 -21.73 -50.85 -4.83
CA ILE B 155 -21.63 -51.02 -3.38
C ILE B 155 -22.69 -51.99 -2.88
N LYS B 156 -23.89 -51.90 -3.45
CA LYS B 156 -24.98 -52.79 -3.04
C LYS B 156 -24.73 -54.23 -3.46
N GLN B 157 -24.27 -54.46 -4.67
CA GLN B 157 -24.21 -55.82 -5.22
C GLN B 157 -22.83 -56.46 -5.11
N CYS B 158 -21.82 -55.75 -4.59
CA CYS B 158 -20.52 -56.38 -4.36
C CYS B 158 -20.55 -57.38 -3.22
N LYS B 159 -21.53 -57.26 -2.32
CA LYS B 159 -21.70 -58.21 -1.22
C LYS B 159 -22.90 -59.13 -1.47
N ALA B 160 -23.08 -59.53 -2.73
CA ALA B 160 -24.24 -60.32 -3.10
C ALA B 160 -24.16 -61.73 -2.53
N ILE B 161 -22.99 -62.37 -2.60
CA ILE B 161 -22.88 -63.74 -2.11
C ILE B 161 -22.07 -63.77 -0.82
N LYS B 162 -20.77 -63.52 -0.90
CA LYS B 162 -19.98 -63.28 0.30
C LYS B 162 -19.24 -61.95 0.27
N SER B 163 -18.26 -61.78 -0.63
CA SER B 163 -17.52 -60.53 -0.74
C SER B 163 -17.14 -60.13 -2.17
N ASP B 164 -17.05 -61.06 -3.11
CA ASP B 164 -16.33 -60.86 -4.35
C ASP B 164 -17.28 -60.56 -5.51
N TRP B 165 -16.94 -59.52 -6.27
CA TRP B 165 -17.74 -59.13 -7.43
C TRP B 165 -16.93 -58.21 -8.33
N VAL B 166 -17.15 -58.33 -9.63
CA VAL B 166 -16.49 -57.50 -10.64
C VAL B 166 -17.56 -56.83 -11.50
N SER B 167 -17.41 -55.54 -11.72
CA SER B 167 -18.44 -54.77 -12.42
C SER B 167 -18.34 -54.99 -13.93
N PRO B 168 -19.40 -55.45 -14.59
CA PRO B 168 -19.36 -55.60 -16.05
C PRO B 168 -19.87 -54.41 -16.83
N VAL B 169 -20.42 -53.40 -16.16
CA VAL B 169 -21.03 -52.26 -16.83
C VAL B 169 -20.01 -51.12 -16.90
N THR B 170 -19.82 -50.58 -18.11
CA THR B 170 -18.98 -49.41 -18.28
C THR B 170 -19.65 -48.19 -17.65
N ALA B 171 -18.85 -47.37 -16.97
CA ALA B 171 -19.39 -46.22 -16.26
C ALA B 171 -19.86 -45.12 -17.20
N THR B 172 -19.40 -45.11 -18.45
CA THR B 172 -19.77 -44.08 -19.41
C THR B 172 -20.63 -44.57 -20.56
N HIS B 173 -20.78 -45.88 -20.75
CA HIS B 173 -21.58 -46.39 -21.85
C HIS B 173 -23.07 -46.17 -21.59
N LYS B 174 -23.80 -45.96 -22.67
CA LYS B 174 -25.23 -45.65 -22.63
C LYS B 174 -26.01 -46.59 -23.53
N TYR B 175 -25.76 -47.89 -23.41
CA TYR B 175 -26.44 -48.88 -24.23
C TYR B 175 -27.67 -49.49 -23.57
N PHE B 176 -28.03 -49.05 -22.36
CA PHE B 176 -29.15 -49.64 -21.64
C PHE B 176 -30.33 -48.70 -21.46
N ASP B 177 -30.16 -47.40 -21.63
CA ASP B 177 -31.28 -46.46 -21.47
C ASP B 177 -32.26 -46.53 -22.63
N VAL B 178 -31.92 -47.25 -23.70
CA VAL B 178 -32.87 -47.50 -24.77
C VAL B 178 -34.01 -48.39 -24.28
N TRP B 179 -33.75 -49.22 -23.28
CA TRP B 179 -34.74 -50.16 -22.75
C TRP B 179 -35.92 -49.45 -22.10
N GLY B 180 -35.78 -48.19 -21.72
CA GLY B 180 -36.89 -47.43 -21.17
C GLY B 180 -37.99 -47.16 -22.16
N ASN B 181 -37.70 -47.22 -23.46
CA ASN B 181 -38.73 -47.08 -24.48
C ASN B 181 -39.56 -48.34 -24.66
N ASP B 182 -39.06 -49.49 -24.21
CA ASP B 182 -39.80 -50.74 -24.34
C ASP B 182 -40.96 -50.76 -23.37
N GLY B 183 -42.17 -50.99 -23.89
CA GLY B 183 -43.35 -50.99 -23.05
C GLY B 183 -43.40 -52.15 -22.08
N ASN B 184 -42.96 -53.33 -22.53
CA ASN B 184 -43.03 -54.52 -21.70
C ASN B 184 -42.07 -54.44 -20.51
N TYR B 185 -40.89 -53.85 -20.72
CA TYR B 185 -39.94 -53.66 -19.63
C TYR B 185 -40.51 -52.76 -18.55
N LEU B 186 -41.14 -51.65 -18.97
CA LEU B 186 -41.81 -50.77 -18.02
C LEU B 186 -42.95 -51.47 -17.31
N LYS B 187 -43.68 -52.33 -18.03
CA LYS B 187 -44.79 -53.05 -17.43
C LYS B 187 -44.31 -54.02 -16.35
N ILE B 188 -43.23 -54.75 -16.61
CA ILE B 188 -42.74 -55.69 -15.59
C ILE B 188 -42.13 -54.94 -14.41
N VAL B 189 -41.40 -53.85 -14.68
CA VAL B 189 -40.79 -53.12 -13.56
C VAL B 189 -41.87 -52.46 -12.69
N ALA B 190 -42.95 -52.00 -13.31
CA ALA B 190 -44.06 -51.51 -12.53
C ALA B 190 -44.76 -52.64 -11.78
N CYS B 191 -44.85 -53.84 -12.38
CA CYS B 191 -45.47 -54.97 -11.70
C CYS B 191 -44.69 -55.36 -10.45
N VAL B 192 -43.36 -55.47 -10.56
CA VAL B 192 -42.58 -55.89 -9.40
C VAL B 192 -42.57 -54.80 -8.33
N ASP B 193 -42.49 -53.52 -8.76
CA ASP B 193 -42.52 -52.44 -7.77
C ASP B 193 -43.86 -52.37 -7.04
N MET B 194 -44.97 -52.51 -7.78
CA MET B 194 -46.29 -52.48 -7.16
C MET B 194 -46.49 -53.67 -6.23
N PHE B 195 -46.04 -54.86 -6.64
CA PHE B 195 -46.25 -56.05 -5.83
C PHE B 195 -45.39 -56.02 -4.57
N TYR B 196 -44.14 -55.58 -4.69
CA TYR B 196 -43.23 -55.57 -3.55
C TYR B 196 -43.34 -54.31 -2.71
N ASN B 197 -44.12 -53.32 -3.15
CA ASN B 197 -44.51 -52.24 -2.24
C ASN B 197 -45.58 -52.69 -1.27
N HIS B 198 -46.44 -53.62 -1.69
CA HIS B 198 -47.49 -54.13 -0.81
C HIS B 198 -46.92 -55.02 0.30
N PHE B 199 -45.89 -55.80 -0.02
CA PHE B 199 -45.28 -56.73 0.92
C PHE B 199 -43.83 -56.31 1.15
N LYS B 200 -43.62 -55.40 2.10
CA LYS B 200 -42.28 -54.94 2.44
C LYS B 200 -41.56 -55.89 3.39
N LYS B 201 -42.26 -56.87 3.95
CA LYS B 201 -41.66 -57.82 4.88
C LYS B 201 -41.01 -59.00 4.16
N SER B 202 -41.08 -59.06 2.84
CA SER B 202 -40.44 -60.14 2.10
C SER B 202 -38.93 -59.98 2.11
N ILE B 203 -38.23 -61.12 2.02
CA ILE B 203 -36.78 -61.09 1.97
C ILE B 203 -36.30 -60.50 0.64
N LYS B 204 -37.02 -60.79 -0.44
CA LYS B 204 -36.61 -60.36 -1.78
C LYS B 204 -37.00 -58.94 -2.11
N ALA B 205 -37.58 -58.20 -1.16
CA ALA B 205 -38.01 -56.81 -1.38
C ALA B 205 -36.86 -55.85 -1.61
N THR B 206 -35.61 -56.31 -1.51
CA THR B 206 -34.43 -55.54 -1.86
C THR B 206 -34.40 -55.14 -3.33
N PHE B 207 -35.15 -55.84 -4.19
CA PHE B 207 -35.21 -55.53 -5.62
C PHE B 207 -35.85 -54.18 -5.92
N ARG B 208 -36.51 -53.55 -4.94
CA ARG B 208 -37.15 -52.27 -5.15
C ARG B 208 -36.16 -51.13 -5.40
N TRP B 209 -34.87 -51.34 -5.16
CA TRP B 209 -33.86 -50.42 -5.65
C TRP B 209 -33.92 -50.38 -7.17
N GLY B 210 -34.02 -49.18 -7.72
CA GLY B 210 -34.13 -49.00 -9.15
C GLY B 210 -35.55 -48.87 -9.65
N THR B 211 -36.47 -49.60 -9.04
CA THR B 211 -37.88 -49.59 -9.44
C THR B 211 -38.68 -48.49 -8.76
N ILE B 212 -38.08 -47.75 -7.82
CA ILE B 212 -38.82 -46.70 -7.11
C ILE B 212 -39.15 -45.54 -8.04
N VAL B 213 -38.33 -45.30 -9.06
CA VAL B 213 -38.59 -44.22 -10.00
C VAL B 213 -39.78 -44.50 -10.91
N SER B 214 -40.29 -45.73 -10.92
CA SER B 214 -41.51 -46.03 -11.64
C SER B 214 -42.75 -45.52 -10.91
N ARG B 215 -42.69 -45.42 -9.59
CA ARG B 215 -43.84 -44.98 -8.81
C ARG B 215 -44.00 -43.48 -8.90
N PHE B 216 -45.24 -43.05 -9.19
CA PHE B 216 -45.61 -41.63 -9.32
C PHE B 216 -44.76 -40.91 -10.36
N LYS B 217 -44.42 -41.60 -11.45
CA LYS B 217 -43.69 -40.99 -12.53
C LYS B 217 -44.58 -40.02 -13.29
N ASP B 218 -44.03 -38.85 -13.60
CA ASP B 218 -44.75 -37.75 -14.28
C ASP B 218 -46.01 -37.34 -13.52
N CYS B 219 -45.90 -37.31 -12.19
CA CYS B 219 -47.01 -36.90 -11.32
C CYS B 219 -46.49 -36.01 -10.21
N ALA B 220 -45.64 -35.04 -10.56
CA ALA B 220 -44.95 -34.23 -9.56
C ALA B 220 -45.85 -33.18 -8.92
N ALA B 221 -46.99 -32.83 -9.53
CA ALA B 221 -47.84 -31.80 -8.96
C ALA B 221 -48.54 -32.27 -7.70
N LEU B 222 -48.87 -33.55 -7.61
CA LEU B 222 -49.44 -34.10 -6.39
C LEU B 222 -48.44 -34.03 -5.24
N ALA B 223 -47.18 -34.33 -5.52
CA ALA B 223 -46.13 -34.22 -4.51
C ALA B 223 -45.90 -32.77 -4.12
N THR B 224 -46.04 -31.84 -5.09
CA THR B 224 -45.95 -30.42 -4.78
C THR B 224 -47.05 -29.98 -3.82
N LEU B 225 -48.28 -30.46 -4.06
CA LEU B 225 -49.39 -30.12 -3.17
C LEU B 225 -49.18 -30.71 -1.78
N GLY B 226 -48.70 -31.96 -1.71
CA GLY B 226 -48.45 -32.57 -0.41
C GLY B 226 -47.36 -31.85 0.36
N HIS B 227 -46.28 -31.46 -0.33
CA HIS B 227 -45.20 -30.73 0.32
C HIS B 227 -45.67 -29.36 0.82
N VAL B 228 -46.46 -28.64 0.03
CA VAL B 228 -46.93 -27.34 0.47
C VAL B 228 -47.97 -27.47 1.57
N VAL B 229 -48.68 -28.59 1.66
CA VAL B 229 -49.58 -28.80 2.80
C VAL B 229 -48.77 -29.05 4.07
N LYS B 230 -47.74 -29.90 3.98
CA LYS B 230 -47.02 -30.30 5.19
C LYS B 230 -46.07 -29.21 5.68
N ILE B 231 -45.49 -28.42 4.77
CA ILE B 231 -44.46 -27.45 5.15
C ILE B 231 -45.00 -26.19 5.77
N THR B 232 -46.31 -25.94 5.68
CA THR B 232 -46.88 -24.71 6.21
C THR B 232 -47.66 -24.91 7.51
N GLY B 233 -48.10 -26.13 7.79
CA GLY B 233 -48.94 -26.36 8.95
C GLY B 233 -50.40 -26.10 8.74
N LEU B 234 -50.82 -25.79 7.51
CA LEU B 234 -52.22 -25.55 7.20
C LEU B 234 -52.90 -26.86 6.81
N THR B 235 -54.22 -26.89 6.97
CA THR B 235 -55.00 -28.00 6.46
C THR B 235 -55.13 -27.88 4.93
N ILE B 236 -55.58 -28.97 4.30
CA ILE B 236 -55.68 -29.00 2.85
C ILE B 236 -56.74 -28.02 2.35
N GLU B 237 -57.83 -27.83 3.11
CA GLU B 237 -58.85 -26.87 2.74
C GLU B 237 -58.32 -25.44 2.78
N GLU B 238 -57.47 -25.14 3.77
CA GLU B 238 -56.87 -23.80 3.84
C GLU B 238 -55.86 -23.58 2.72
N VAL B 239 -55.13 -24.63 2.34
CA VAL B 239 -54.19 -24.54 1.23
C VAL B 239 -54.94 -24.26 -0.07
N PHE B 240 -56.07 -24.94 -0.28
CA PHE B 240 -56.91 -24.64 -1.44
C PHE B 240 -57.53 -23.25 -1.34
N THR B 241 -57.84 -22.81 -0.13
CA THR B 241 -58.43 -21.50 0.09
C THR B 241 -57.47 -20.37 -0.27
N TRP B 242 -56.19 -20.53 0.04
CA TRP B 242 -55.23 -19.46 -0.15
C TRP B 242 -54.72 -19.30 -1.59
N VAL B 243 -55.41 -19.85 -2.58
CA VAL B 243 -55.00 -19.71 -3.97
C VAL B 243 -55.72 -18.52 -4.59
N LEU B 244 -54.95 -17.61 -5.19
CA LEU B 244 -55.48 -16.32 -5.65
C LEU B 244 -55.27 -16.08 -7.14
N GLN B 245 -55.19 -17.13 -7.94
CA GLN B 245 -55.06 -16.99 -9.39
C GLN B 245 -56.02 -17.94 -10.07
N THR B 246 -56.59 -17.50 -11.20
CA THR B 246 -57.57 -18.32 -11.90
C THR B 246 -56.95 -19.49 -12.65
N GLU B 247 -55.73 -19.31 -13.16
CA GLU B 247 -55.06 -20.41 -13.85
C GLU B 247 -54.71 -21.54 -12.88
N VAL B 248 -54.16 -21.19 -11.72
CA VAL B 248 -53.82 -22.17 -10.70
C VAL B 248 -55.06 -22.88 -10.19
N ALA B 249 -56.15 -22.12 -9.99
CA ALA B 249 -57.40 -22.71 -9.54
C ALA B 249 -57.98 -23.67 -10.58
N ASP B 250 -57.88 -23.30 -11.86
CA ASP B 250 -58.38 -24.18 -12.91
C ASP B 250 -57.59 -25.47 -12.99
N GLU B 251 -56.26 -25.39 -12.83
CA GLU B 251 -55.44 -26.60 -12.82
C GLU B 251 -55.73 -27.46 -11.61
N LEU B 252 -56.00 -26.83 -10.45
CA LEU B 252 -56.37 -27.61 -9.26
C LEU B 252 -57.70 -28.33 -9.47
N VAL B 253 -58.67 -27.65 -10.09
CA VAL B 253 -59.97 -28.26 -10.37
C VAL B 253 -59.81 -29.42 -11.33
N LYS B 254 -58.99 -29.24 -12.38
CA LYS B 254 -58.75 -30.35 -13.31
C LYS B 254 -57.95 -31.48 -12.66
N MET B 255 -57.15 -31.17 -11.65
CA MET B 255 -56.38 -32.18 -10.93
C MET B 255 -57.20 -32.92 -9.88
N MET B 256 -58.36 -32.38 -9.49
CA MET B 256 -59.20 -32.99 -8.47
C MET B 256 -60.41 -33.71 -9.06
N LYS B 257 -60.21 -34.42 -10.17
CA LYS B 257 -61.27 -35.28 -10.70
C LYS B 257 -61.60 -36.38 -9.69
N PRO B 258 -62.89 -36.58 -9.36
CA PRO B 258 -63.23 -37.44 -8.21
C PRO B 258 -62.93 -38.93 -8.39
N GLY B 259 -63.37 -39.52 -9.49
CA GLY B 259 -63.28 -40.97 -9.63
C GLY B 259 -61.94 -41.48 -10.15
N GLN B 260 -60.85 -41.08 -9.50
CA GLN B 260 -59.51 -41.51 -9.90
C GLN B 260 -58.76 -42.21 -8.79
N GLU B 261 -59.43 -42.52 -7.67
CA GLU B 261 -58.89 -43.10 -6.43
C GLU B 261 -57.53 -42.50 -6.07
N ILE B 262 -57.57 -41.19 -5.78
CA ILE B 262 -56.35 -40.45 -5.48
C ILE B 262 -55.75 -40.90 -4.14
N ASP B 263 -56.61 -41.15 -3.16
CA ASP B 263 -56.19 -41.35 -1.78
C ASP B 263 -55.72 -42.77 -1.46
N LYS B 264 -55.92 -43.72 -2.37
CA LYS B 264 -55.66 -45.13 -2.08
C LYS B 264 -54.22 -45.45 -2.45
N SER B 265 -53.43 -45.87 -1.45
CA SER B 265 -52.02 -46.18 -1.69
C SER B 265 -51.84 -47.49 -2.45
N THR B 266 -52.75 -48.44 -2.25
CA THR B 266 -52.69 -49.73 -2.93
C THR B 266 -53.65 -49.68 -4.12
N SER B 267 -53.23 -49.00 -5.17
CA SER B 267 -54.06 -48.82 -6.36
C SER B 267 -53.17 -48.65 -7.58
N TYR B 268 -53.81 -48.54 -8.74
CA TYR B 268 -53.11 -48.48 -10.02
C TYR B 268 -52.65 -47.08 -10.41
N MET B 269 -53.10 -46.03 -9.70
CA MET B 269 -52.80 -44.67 -10.14
C MET B 269 -51.32 -44.30 -10.14
N PRO B 270 -50.52 -44.53 -9.09
CA PRO B 270 -49.11 -44.10 -9.15
C PRO B 270 -48.30 -44.78 -10.25
N TYR B 271 -48.72 -45.95 -10.71
CA TYR B 271 -48.15 -46.58 -11.89
C TYR B 271 -49.03 -46.30 -13.11
N LEU B 272 -49.23 -45.01 -13.37
CA LEU B 272 -50.08 -44.60 -14.48
C LEU B 272 -49.40 -44.81 -15.82
N ILE B 273 -48.11 -44.49 -15.91
CA ILE B 273 -47.42 -44.46 -17.20
C ILE B 273 -46.84 -45.82 -17.56
N ASP B 274 -46.16 -46.47 -16.60
CA ASP B 274 -45.45 -47.70 -16.92
C ASP B 274 -46.40 -48.87 -17.10
N MET B 275 -47.60 -48.80 -16.53
CA MET B 275 -48.61 -49.80 -16.82
C MET B 275 -49.26 -49.61 -18.18
N GLY B 276 -49.01 -48.48 -18.85
CA GLY B 276 -49.64 -48.22 -20.12
C GLY B 276 -51.08 -47.80 -20.02
N ILE B 277 -51.52 -47.38 -18.83
CA ILE B 277 -52.90 -46.94 -18.67
C ILE B 277 -53.15 -45.62 -19.39
N SER B 278 -52.20 -44.70 -19.31
CA SER B 278 -52.32 -43.41 -20.00
C SER B 278 -50.96 -43.02 -20.57
N ALA B 279 -50.99 -42.20 -21.62
CA ALA B 279 -49.77 -41.70 -22.24
C ALA B 279 -49.45 -40.27 -21.84
N LYS B 280 -50.46 -39.45 -21.61
CA LYS B 280 -50.29 -38.06 -21.16
C LYS B 280 -50.94 -37.96 -19.78
N SER B 281 -50.11 -37.96 -18.74
CA SER B 281 -50.62 -37.89 -17.38
C SER B 281 -51.14 -36.49 -17.08
N PRO B 282 -52.31 -36.35 -16.48
CA PRO B 282 -52.82 -35.02 -16.10
C PRO B 282 -52.27 -34.47 -14.80
N TYR B 283 -51.20 -35.04 -14.25
CA TYR B 283 -50.67 -34.63 -12.95
C TYR B 283 -49.23 -34.15 -13.01
N SER B 284 -48.70 -33.86 -14.19
CA SER B 284 -47.29 -33.54 -14.33
C SER B 284 -47.06 -32.03 -14.25
N THR B 285 -45.78 -31.64 -14.31
CA THR B 285 -45.43 -30.22 -14.31
C THR B 285 -45.71 -29.60 -15.67
N ILE B 286 -45.50 -30.36 -16.74
CA ILE B 286 -45.77 -29.85 -18.08
C ILE B 286 -47.27 -29.65 -18.29
N LYS B 287 -48.08 -30.60 -17.82
CA LYS B 287 -49.52 -30.44 -17.92
C LYS B 287 -50.05 -29.36 -16.97
N ASN B 288 -49.39 -29.18 -15.83
CA ASN B 288 -49.81 -28.16 -14.85
C ASN B 288 -48.63 -27.28 -14.45
N PRO B 289 -48.20 -26.38 -15.35
CA PRO B 289 -47.25 -25.35 -14.92
C PRO B 289 -47.98 -24.22 -14.24
N SER B 290 -47.23 -23.43 -13.46
CA SER B 290 -47.68 -22.31 -12.63
C SER B 290 -48.50 -22.74 -11.42
N PHE B 291 -48.85 -24.02 -11.29
CA PHE B 291 -49.13 -24.60 -9.99
C PHE B 291 -47.91 -25.29 -9.41
N HIS B 292 -46.92 -25.60 -10.24
CA HIS B 292 -45.62 -26.02 -9.76
C HIS B 292 -44.72 -24.83 -9.41
N PHE B 293 -45.09 -23.62 -9.81
CA PHE B 293 -44.38 -22.43 -9.37
C PHE B 293 -44.95 -21.91 -8.06
N TRP B 294 -46.28 -21.82 -7.98
CA TRP B 294 -46.96 -21.73 -6.70
C TRP B 294 -46.69 -22.99 -5.90
N GLY B 295 -46.76 -22.88 -4.58
CA GLY B 295 -46.49 -24.05 -3.78
C GLY B 295 -45.02 -24.27 -3.56
N GLN B 296 -44.25 -24.45 -4.63
CA GLN B 296 -42.80 -24.53 -4.49
C GLN B 296 -42.20 -23.19 -4.08
N LEU B 297 -42.69 -22.09 -4.66
CA LEU B 297 -42.23 -20.77 -4.24
C LEU B 297 -42.65 -20.47 -2.80
N VAL B 298 -43.85 -20.91 -2.43
CA VAL B 298 -44.34 -20.72 -1.06
C VAL B 298 -43.48 -21.50 -0.08
N ALA B 299 -43.16 -22.76 -0.41
CA ALA B 299 -42.35 -23.58 0.48
C ALA B 299 -40.92 -23.07 0.55
N ALA B 300 -40.39 -22.53 -0.54
CA ALA B 300 -39.06 -21.93 -0.49
C ALA B 300 -39.04 -20.66 0.34
N LEU B 301 -40.12 -19.88 0.30
CA LEU B 301 -40.23 -18.72 1.16
C LEU B 301 -40.61 -19.07 2.59
N CYS B 302 -41.03 -20.31 2.85
CA CYS B 302 -41.22 -20.83 4.19
C CYS B 302 -40.00 -21.61 4.68
N ARG B 303 -38.85 -21.39 4.04
CA ARG B 303 -37.55 -21.93 4.45
C ARG B 303 -37.54 -23.46 4.43
N SER B 304 -37.76 -24.00 3.24
CA SER B 304 -37.60 -25.44 2.98
C SER B 304 -36.54 -25.61 1.91
N LYS B 305 -35.61 -26.54 2.14
CA LYS B 305 -34.47 -26.69 1.24
C LYS B 305 -34.78 -27.55 0.02
N ARG B 306 -35.89 -28.30 0.03
CA ARG B 306 -36.26 -29.07 -1.15
C ARG B 306 -36.74 -28.15 -2.27
N ALA B 307 -37.54 -27.15 -1.93
CA ALA B 307 -38.17 -26.28 -2.92
C ALA B 307 -37.20 -25.27 -3.52
N LEU B 308 -35.98 -25.14 -2.99
CA LEU B 308 -35.00 -24.25 -3.57
C LEU B 308 -34.40 -24.79 -4.85
N ASN B 309 -34.61 -26.08 -5.16
CA ASN B 309 -34.07 -26.70 -6.36
C ASN B 309 -35.13 -26.97 -7.41
N ALA B 310 -36.39 -26.66 -7.15
CA ALA B 310 -37.45 -26.88 -8.12
C ALA B 310 -37.28 -25.94 -9.31
N ARG B 311 -37.49 -26.48 -10.51
CA ARG B 311 -37.30 -25.70 -11.73
C ARG B 311 -38.45 -24.73 -11.93
N GLN B 312 -38.11 -23.49 -12.29
CA GLN B 312 -39.11 -22.50 -12.62
C GLN B 312 -39.59 -22.72 -14.04
N PRO B 313 -40.86 -23.02 -14.27
CA PRO B 313 -41.35 -23.21 -15.64
C PRO B 313 -41.36 -21.90 -16.40
N ASP B 314 -41.13 -21.99 -17.70
CA ASP B 314 -41.16 -20.83 -18.57
C ASP B 314 -42.56 -20.65 -19.15
N GLU B 315 -42.80 -19.44 -19.66
CA GLU B 315 -44.06 -19.05 -20.31
C GLU B 315 -45.23 -19.18 -19.33
N ILE B 316 -45.06 -18.55 -18.15
CA ILE B 316 -46.11 -18.40 -17.15
C ILE B 316 -46.06 -16.98 -16.62
N ASP B 317 -47.17 -16.57 -16.00
CA ASP B 317 -47.28 -15.22 -15.41
C ASP B 317 -46.60 -15.23 -14.05
N SER B 318 -45.30 -14.93 -14.05
CA SER B 318 -44.48 -15.13 -12.86
C SER B 318 -44.68 -14.04 -11.80
N MET B 319 -44.95 -12.81 -12.20
CA MET B 319 -44.91 -11.70 -11.25
C MET B 319 -46.09 -11.71 -10.30
N SER B 320 -47.31 -11.95 -10.81
CA SER B 320 -48.48 -12.02 -9.95
C SER B 320 -48.41 -13.23 -9.02
N ILE B 321 -47.90 -14.35 -9.52
CA ILE B 321 -47.74 -15.54 -8.70
C ILE B 321 -46.72 -15.29 -7.60
N SER B 322 -45.64 -14.57 -7.91
CA SER B 322 -44.65 -14.23 -6.89
C SER B 322 -45.24 -13.29 -5.85
N ASN B 323 -46.10 -12.35 -6.28
CA ASN B 323 -46.78 -11.47 -5.33
C ASN B 323 -47.68 -12.25 -4.38
N ALA B 324 -48.45 -13.20 -4.93
CA ALA B 324 -49.33 -14.02 -4.10
C ALA B 324 -48.54 -14.91 -3.16
N SER B 325 -47.41 -15.46 -3.63
CA SER B 325 -46.59 -16.32 -2.79
C SER B 325 -45.95 -15.53 -1.65
N LEU B 326 -45.47 -14.31 -1.93
CA LEU B 326 -44.91 -13.47 -0.88
C LEU B 326 -45.97 -13.07 0.14
N LEU B 327 -47.18 -12.76 -0.34
CA LEU B 327 -48.27 -12.42 0.58
C LEU B 327 -48.62 -13.58 1.50
N MET B 328 -48.76 -14.78 0.93
CA MET B 328 -49.11 -15.93 1.74
C MET B 328 -47.99 -16.31 2.71
N ALA B 329 -46.73 -16.24 2.27
CA ALA B 329 -45.62 -16.56 3.15
C ALA B 329 -45.49 -15.55 4.30
N TYR B 330 -45.67 -14.26 4.01
CA TYR B 330 -45.62 -13.26 5.06
C TYR B 330 -46.79 -13.40 6.02
N ALA B 331 -47.99 -13.74 5.52
CA ALA B 331 -49.13 -13.95 6.38
C ALA B 331 -48.94 -15.16 7.28
N LEU B 332 -48.33 -16.22 6.75
CA LEU B 332 -48.04 -17.39 7.57
C LEU B 332 -46.99 -17.08 8.62
N GLY B 333 -45.96 -16.32 8.26
CA GLY B 333 -44.90 -16.00 9.21
C GLY B 333 -45.24 -14.98 10.25
N SER B 334 -46.18 -14.10 9.97
CA SER B 334 -46.52 -13.05 10.91
C SER B 334 -47.34 -13.58 12.07
N SER B 335 -48.23 -14.55 11.80
CA SER B 335 -49.15 -15.09 12.80
C SER B 335 -48.93 -16.58 12.94
N PRO B 336 -48.08 -17.02 13.87
CA PRO B 336 -47.83 -18.46 14.04
C PRO B 336 -48.88 -19.16 14.88
N ASP B 337 -48.65 -20.44 15.16
CA ASP B 337 -49.59 -21.30 15.89
C ASP B 337 -49.04 -21.52 17.30
N ILE B 338 -49.40 -20.62 18.22
CA ILE B 338 -48.90 -20.71 19.58
C ILE B 338 -50.06 -21.02 20.53
N GLU B 339 -50.99 -21.83 20.06
CA GLU B 339 -52.12 -22.19 20.90
C GLU B 339 -51.67 -23.13 22.00
N GLN B 340 -52.07 -22.85 23.23
CA GLN B 340 -51.69 -23.72 24.34
C GLN B 340 -52.40 -25.07 24.22
N GLN B 341 -51.64 -26.15 24.42
CA GLN B 341 -52.16 -27.50 24.21
C GLN B 341 -52.35 -28.28 25.49
N PHE B 342 -51.32 -28.38 26.33
CA PHE B 342 -51.40 -29.12 27.58
C PHE B 342 -51.59 -28.15 28.75
N SER B 343 -52.28 -28.60 29.77
CA SER B 343 -52.55 -27.78 30.95
C SER B 343 -52.53 -28.63 32.19
N THR B 344 -52.23 -28.00 33.33
CA THR B 344 -52.27 -28.63 34.64
C THR B 344 -53.35 -28.05 35.52
N GLY B 345 -53.34 -26.73 35.72
CA GLY B 345 -54.37 -26.07 36.50
C GLY B 345 -54.72 -24.68 36.00
N ASN B 346 -54.38 -24.38 34.75
CA ASN B 346 -54.58 -23.05 34.21
C ASN B 346 -55.07 -23.15 32.77
N THR B 347 -55.67 -22.06 32.30
CA THR B 347 -56.30 -21.98 31.00
C THR B 347 -55.39 -21.23 30.02
N TYR B 348 -55.95 -20.91 28.85
CA TYR B 348 -55.18 -20.35 27.74
C TYR B 348 -54.94 -18.85 27.95
N ARG B 349 -54.50 -18.17 26.90
CA ARG B 349 -54.12 -16.76 26.96
C ARG B 349 -55.30 -15.81 27.15
N LYS B 350 -56.55 -16.32 27.04
CA LYS B 350 -57.85 -15.66 27.15
C LYS B 350 -57.89 -14.28 26.47
N PRO B 351 -57.92 -14.23 25.14
CA PRO B 351 -57.94 -12.93 24.44
C PRO B 351 -59.28 -12.25 24.60
N PRO B 352 -59.31 -11.02 25.16
CA PRO B 352 -60.57 -10.33 25.43
C PRO B 352 -61.07 -9.48 24.27
N LYS B 353 -61.07 -10.07 23.06
CA LYS B 353 -61.69 -9.51 21.85
C LYS B 353 -61.12 -8.13 21.51
N GLU B 354 -59.84 -8.13 21.17
CA GLU B 354 -59.15 -6.90 20.76
C GLU B 354 -59.74 -6.32 19.48
N ALA B 355 -59.59 -7.07 18.38
CA ALA B 355 -60.16 -6.79 17.06
C ALA B 355 -59.73 -5.44 16.47
N SER B 356 -58.69 -4.80 17.02
CA SER B 356 -58.25 -3.50 16.52
C SER B 356 -56.82 -3.26 17.00
N TYR B 357 -55.88 -3.15 16.06
CA TYR B 357 -54.48 -2.89 16.38
C TYR B 357 -53.86 -2.18 15.19
N LEU B 358 -53.60 -0.88 15.34
CA LEU B 358 -53.18 -0.03 14.24
C LEU B 358 -51.67 0.11 14.13
N VAL B 359 -50.90 -0.83 14.69
CA VAL B 359 -49.45 -0.79 14.51
C VAL B 359 -49.08 -1.07 13.06
N SER B 360 -49.68 -2.11 12.48
CA SER B 360 -49.58 -2.35 11.05
C SER B 360 -50.89 -2.87 10.47
N GLU B 361 -51.99 -2.81 11.23
CA GLU B 361 -53.32 -3.30 10.85
C GLU B 361 -53.33 -4.80 10.52
N GLU B 362 -52.34 -5.55 11.00
CA GLU B 362 -52.23 -6.96 10.68
C GLU B 362 -53.22 -7.79 11.51
N PRO B 363 -53.90 -8.75 10.89
CA PRO B 363 -54.76 -9.65 11.66
C PRO B 363 -53.96 -10.63 12.50
N LYS B 364 -54.62 -11.35 13.39
CA LYS B 364 -53.91 -12.26 14.29
C LYS B 364 -54.16 -13.73 13.98
N ASN B 365 -54.59 -14.03 12.77
CA ASN B 365 -54.84 -15.41 12.37
C ASN B 365 -54.31 -15.59 10.95
N ARG B 366 -54.66 -16.72 10.33
CA ARG B 366 -54.24 -17.04 8.97
C ARG B 366 -55.42 -17.10 8.01
N SER B 367 -56.47 -16.33 8.28
CA SER B 367 -57.62 -16.28 7.39
C SER B 367 -57.30 -15.39 6.20
N VAL B 368 -57.76 -15.81 5.01
CA VAL B 368 -57.31 -15.14 3.79
C VAL B 368 -58.08 -13.84 3.56
N VAL B 369 -59.31 -13.72 4.08
CA VAL B 369 -60.13 -12.56 3.79
C VAL B 369 -59.60 -11.31 4.52
N GLU B 370 -59.21 -11.47 5.78
CA GLU B 370 -58.63 -10.34 6.50
C GLU B 370 -57.29 -9.93 5.92
N TRP B 371 -56.48 -10.90 5.48
CA TRP B 371 -55.18 -10.59 4.91
C TRP B 371 -55.31 -9.94 3.53
N ILE B 372 -56.28 -10.37 2.73
CA ILE B 372 -56.45 -9.74 1.43
C ILE B 372 -57.04 -8.33 1.58
N ALA B 373 -57.87 -8.11 2.62
CA ALA B 373 -58.31 -6.75 2.93
C ALA B 373 -57.14 -5.87 3.33
N TRP B 374 -56.26 -6.40 4.19
CA TRP B 374 -55.08 -5.64 4.61
C TRP B 374 -54.13 -5.38 3.46
N TYR B 375 -54.01 -6.32 2.52
CA TYR B 375 -53.13 -6.13 1.37
C TYR B 375 -53.71 -5.12 0.39
N SER B 376 -55.01 -5.18 0.13
CA SER B 376 -55.65 -4.19 -0.73
C SER B 376 -55.68 -2.81 -0.11
N ASP B 377 -55.59 -2.71 1.23
CA ASP B 377 -55.48 -1.41 1.87
C ASP B 377 -54.17 -0.72 1.53
N VAL B 378 -53.12 -1.47 1.18
CA VAL B 378 -51.81 -0.88 0.92
C VAL B 378 -51.55 -1.02 -0.60
N ASP B 379 -52.64 -0.95 -1.37
CA ASP B 379 -52.58 -0.80 -2.83
C ASP B 379 -51.91 -1.99 -3.53
N ASN B 380 -51.99 -3.17 -2.91
CA ASN B 380 -51.49 -4.44 -3.47
C ASN B 380 -50.01 -4.35 -3.83
N LYS B 381 -49.22 -3.72 -2.96
CA LYS B 381 -47.78 -3.64 -3.16
C LYS B 381 -47.07 -4.25 -1.96
N PRO B 382 -45.89 -4.84 -2.16
CA PRO B 382 -45.14 -5.41 -1.03
C PRO B 382 -44.64 -4.33 -0.09
N THR B 383 -45.07 -4.43 1.17
CA THR B 383 -44.69 -3.50 2.22
C THR B 383 -43.20 -3.68 2.53
N ASP B 384 -42.59 -2.65 3.13
CA ASP B 384 -41.16 -2.67 3.44
C ASP B 384 -40.79 -3.83 4.36
N ASP B 385 -41.70 -4.20 5.27
CA ASP B 385 -41.45 -5.38 6.11
C ASP B 385 -41.46 -6.65 5.28
N MET B 386 -42.35 -6.73 4.28
CA MET B 386 -42.39 -7.89 3.39
C MET B 386 -41.11 -8.02 2.59
N LEU B 387 -40.60 -6.90 2.07
CA LEU B 387 -39.36 -6.93 1.32
C LEU B 387 -38.16 -7.24 2.21
N MET B 388 -38.19 -6.76 3.47
CA MET B 388 -37.14 -7.11 4.42
C MET B 388 -37.13 -8.60 4.73
N MET B 389 -38.31 -9.18 4.94
CA MET B 389 -38.42 -10.62 5.18
C MET B 389 -37.96 -11.42 3.97
N ALA B 390 -38.32 -10.98 2.77
CA ALA B 390 -37.90 -11.65 1.55
C ALA B 390 -36.40 -11.58 1.37
N LYS B 391 -35.80 -10.43 1.68
CA LYS B 391 -34.34 -10.28 1.59
C LYS B 391 -33.65 -11.16 2.61
N ARG B 392 -34.21 -11.26 3.82
CA ARG B 392 -33.64 -12.11 4.85
C ARG B 392 -33.70 -13.59 4.45
N VAL B 393 -34.80 -14.01 3.83
CA VAL B 393 -34.91 -15.38 3.33
C VAL B 393 -33.93 -15.61 2.18
N ALA B 394 -33.83 -14.65 1.26
CA ALA B 394 -32.95 -14.79 0.10
C ALA B 394 -31.47 -14.74 0.46
N GLY B 395 -31.13 -14.21 1.63
CA GLY B 395 -29.73 -14.22 2.05
C GLY B 395 -29.22 -15.57 2.51
N THR B 396 -30.10 -16.55 2.69
CA THR B 396 -29.71 -17.88 3.15
C THR B 396 -29.52 -18.87 2.02
N ILE B 397 -29.53 -18.41 0.77
CA ILE B 397 -29.29 -19.26 -0.39
C ILE B 397 -27.84 -19.12 -0.80
N SER B 398 -27.08 -20.21 -0.73
CA SER B 398 -25.65 -20.14 -0.98
C SER B 398 -25.35 -20.14 -2.47
N GLY B 399 -25.67 -21.24 -3.16
CA GLY B 399 -25.49 -21.30 -4.58
C GLY B 399 -26.71 -21.86 -5.27
N PRO B 400 -27.37 -21.05 -6.11
CA PRO B 400 -28.54 -21.52 -6.84
C PRO B 400 -28.17 -22.07 -8.21
N ARG B 401 -29.11 -22.84 -8.77
CA ARG B 401 -28.94 -23.42 -10.08
C ARG B 401 -29.38 -22.40 -11.14
N ASP B 402 -29.49 -22.85 -12.39
CA ASP B 402 -29.72 -21.90 -13.48
C ASP B 402 -31.17 -21.45 -13.56
N ASN B 403 -32.10 -22.39 -13.56
CA ASN B 403 -33.52 -22.09 -13.71
C ASN B 403 -34.31 -22.59 -12.51
N SER B 404 -33.78 -22.37 -11.32
CA SER B 404 -34.39 -22.88 -10.10
C SER B 404 -35.25 -21.80 -9.43
N VAL B 405 -36.00 -22.23 -8.42
CA VAL B 405 -36.77 -21.30 -7.61
C VAL B 405 -35.85 -20.43 -6.76
N GLY B 406 -34.76 -21.01 -6.27
CA GLY B 406 -33.83 -20.24 -5.46
C GLY B 406 -33.13 -19.13 -6.23
N LYS B 407 -32.83 -19.38 -7.52
CA LYS B 407 -32.28 -18.33 -8.36
C LYS B 407 -33.28 -17.20 -8.57
N TRP B 408 -34.56 -17.54 -8.74
CA TRP B 408 -35.61 -16.52 -8.85
C TRP B 408 -35.72 -15.71 -7.57
N ILE B 409 -35.64 -16.36 -6.42
CA ILE B 409 -35.75 -15.66 -5.14
C ILE B 409 -34.55 -14.74 -4.93
N LYS B 410 -33.34 -15.23 -5.23
CA LYS B 410 -32.15 -14.42 -5.04
C LYS B 410 -32.11 -13.23 -6.00
N GLN B 411 -32.55 -13.43 -7.24
CA GLN B 411 -32.54 -12.33 -8.20
C GLN B 411 -33.62 -11.30 -7.90
N THR B 412 -34.84 -11.76 -7.63
CA THR B 412 -35.98 -10.85 -7.54
C THR B 412 -35.97 -10.04 -6.25
N TYR B 413 -35.72 -10.70 -5.11
CA TYR B 413 -35.84 -10.07 -3.80
C TYR B 413 -34.49 -9.85 -3.15
N GLY B 414 -33.49 -9.46 -3.93
CA GLY B 414 -32.18 -9.16 -3.40
C GLY B 414 -31.36 -10.38 -3.06
N ARG C 1 -62.74 -26.33 -1.70
CA ARG C 1 -64.18 -26.56 -1.56
C ARG C 1 -64.97 -25.89 -2.69
N ILE C 2 -65.69 -24.82 -2.35
CA ILE C 2 -66.62 -24.21 -3.29
C ILE C 2 -65.89 -23.13 -4.07
N LYS C 3 -65.95 -23.22 -5.40
CA LYS C 3 -65.33 -22.24 -6.29
C LYS C 3 -66.32 -21.10 -6.55
N THR C 4 -66.08 -20.29 -7.59
CA THR C 4 -66.88 -19.09 -7.79
C THR C 4 -68.35 -19.40 -8.10
N ASN C 5 -68.62 -20.39 -8.95
CA ASN C 5 -70.01 -20.61 -9.38
C ASN C 5 -70.76 -21.51 -8.41
N ALA C 6 -70.49 -22.80 -8.45
CA ALA C 6 -71.10 -23.72 -7.50
C ALA C 6 -70.25 -24.96 -7.20
N ALA C 7 -69.07 -25.10 -7.79
CA ALA C 7 -68.41 -26.40 -7.87
C ALA C 7 -67.71 -26.73 -6.56
N VAL C 8 -67.97 -27.92 -6.04
CA VAL C 8 -67.28 -28.44 -4.86
C VAL C 8 -66.09 -29.26 -5.32
N ALA C 9 -64.99 -29.19 -4.57
CA ALA C 9 -63.76 -29.90 -4.89
C ALA C 9 -63.48 -30.96 -3.83
N ALA C 10 -63.06 -32.14 -4.27
CA ALA C 10 -62.64 -33.22 -3.39
C ALA C 10 -61.15 -33.02 -3.10
N VAL C 11 -60.85 -32.47 -1.94
CA VAL C 11 -59.48 -32.07 -1.59
C VAL C 11 -58.85 -33.16 -0.73
N LEU C 12 -57.84 -33.83 -1.29
CA LEU C 12 -57.28 -35.01 -0.63
C LEU C 12 -55.88 -35.38 -1.12
N PRO C 13 -54.90 -35.48 -0.22
CA PRO C 13 -53.65 -36.17 -0.54
C PRO C 13 -53.67 -37.66 -0.20
N ALA C 14 -52.53 -38.33 -0.39
CA ALA C 14 -52.39 -39.75 -0.09
C ALA C 14 -52.22 -39.97 1.41
N ASN C 15 -52.33 -41.24 1.81
CA ASN C 15 -52.34 -41.62 3.22
C ASN C 15 -50.94 -42.01 3.70
N GLU C 16 -50.85 -42.61 4.89
CA GLU C 16 -49.59 -42.97 5.53
C GLU C 16 -49.75 -44.32 6.24
N ASP C 17 -48.68 -44.76 6.91
CA ASP C 17 -48.64 -46.01 7.65
C ASP C 17 -48.63 -45.74 9.15
N GLN C 18 -48.48 -46.82 9.93
CA GLN C 18 -48.52 -46.72 11.39
C GLN C 18 -47.37 -47.49 12.04
N ALA C 19 -47.40 -47.60 13.37
CA ALA C 19 -46.38 -48.29 14.14
C ALA C 19 -47.03 -49.17 15.19
N ASP C 20 -46.29 -50.18 15.64
CA ASP C 20 -46.79 -51.19 16.56
C ASP C 20 -46.08 -51.11 17.90
N TYR C 21 -46.86 -51.03 18.97
CA TYR C 21 -46.36 -50.96 20.33
C TYR C 21 -45.94 -52.35 20.81
N PRO C 22 -45.05 -52.42 21.81
CA PRO C 22 -44.69 -53.74 22.38
C PRO C 22 -45.83 -54.46 23.07
N SER C 23 -46.87 -53.76 23.50
CA SER C 23 -47.97 -54.41 24.23
C SER C 23 -48.84 -55.28 23.33
N THR C 24 -48.86 -55.03 22.03
CA THR C 24 -49.55 -55.93 21.11
C THR C 24 -48.88 -57.30 21.10
N PHE C 25 -47.55 -57.31 21.11
CA PHE C 25 -46.80 -58.53 21.40
C PHE C 25 -47.04 -58.92 22.86
N PHE C 26 -46.91 -60.23 23.12
CA PHE C 26 -47.17 -60.87 24.42
C PHE C 26 -48.62 -60.73 24.87
N GLU C 27 -49.54 -60.36 23.98
CA GLU C 27 -50.95 -60.37 24.32
C GLU C 27 -51.50 -61.80 24.32
N GLY C 28 -51.02 -62.63 23.40
CA GLY C 28 -51.37 -64.03 23.36
C GLY C 28 -50.31 -64.91 23.96
N GLY C 29 -49.41 -64.33 24.74
CA GLY C 29 -48.31 -65.07 25.33
C GLY C 29 -47.29 -65.62 24.35
N ASN C 30 -46.87 -64.80 23.38
CA ASN C 30 -45.90 -65.22 22.39
C ASN C 30 -44.50 -65.30 23.02
N GLU C 31 -43.59 -65.95 22.31
CA GLU C 31 -42.20 -66.11 22.72
C GLU C 31 -41.30 -65.40 21.70
N ILE C 32 -39.99 -65.56 21.86
CA ILE C 32 -39.01 -64.83 21.06
C ILE C 32 -38.53 -65.64 19.87
N ARG C 33 -38.32 -66.95 20.05
CA ARG C 33 -38.02 -67.90 18.96
C ARG C 33 -36.72 -67.51 18.23
N LEU C 34 -35.60 -67.66 18.94
CA LEU C 34 -34.31 -67.27 18.41
C LEU C 34 -33.93 -68.06 17.15
N TYR C 35 -34.33 -69.33 17.08
CA TYR C 35 -33.96 -70.28 16.02
C TYR C 35 -32.43 -70.45 15.94
N VAL C 36 -31.92 -71.07 17.00
CA VAL C 36 -30.48 -71.26 17.18
C VAL C 36 -29.99 -72.40 16.30
N ASN C 37 -28.91 -72.16 15.57
CA ASN C 37 -28.15 -73.25 14.95
C ASN C 37 -27.18 -73.80 15.97
N ARG C 38 -27.26 -75.10 16.24
CA ARG C 38 -26.43 -75.75 17.25
C ARG C 38 -26.23 -77.21 16.87
N GLY C 39 -25.66 -77.97 17.80
CA GLY C 39 -25.46 -79.40 17.60
C GLY C 39 -24.08 -79.75 17.08
N GLU C 40 -23.04 -79.21 17.70
CA GLU C 40 -21.68 -79.44 17.25
C GLU C 40 -20.71 -79.17 18.40
N LYS C 41 -19.48 -79.66 18.22
CA LYS C 41 -18.43 -79.42 19.19
C LYS C 41 -18.00 -77.96 19.17
N LEU C 42 -17.75 -77.40 20.36
CA LEU C 42 -17.39 -76.00 20.47
C LEU C 42 -16.01 -75.71 19.86
N ASP C 43 -15.08 -76.66 20.00
CA ASP C 43 -13.70 -76.42 19.57
C ASP C 43 -13.60 -76.29 18.05
N VAL C 44 -14.20 -77.25 17.32
CA VAL C 44 -14.16 -77.17 15.87
C VAL C 44 -14.92 -75.95 15.38
N LEU C 45 -16.03 -75.59 16.06
CA LEU C 45 -16.78 -74.40 15.70
C LEU C 45 -15.95 -73.14 15.84
N ARG C 46 -15.14 -73.06 16.91
CA ARG C 46 -14.24 -71.92 17.05
C ARG C 46 -13.13 -71.97 16.00
N GLN C 47 -12.84 -73.14 15.44
CA GLN C 47 -11.85 -73.16 14.36
C GLN C 47 -12.51 -72.65 13.09
N TYR C 48 -13.77 -72.97 12.86
CA TYR C 48 -14.45 -72.42 11.68
C TYR C 48 -14.60 -70.91 11.79
N VAL C 49 -14.80 -70.42 13.01
CA VAL C 49 -14.89 -68.97 13.22
C VAL C 49 -13.52 -68.32 13.01
N TYR C 50 -12.45 -68.96 13.51
CA TYR C 50 -11.11 -68.40 13.37
C TYR C 50 -10.67 -68.35 11.92
N MET C 51 -10.56 -69.52 11.27
CA MET C 51 -10.11 -69.53 9.89
C MET C 51 -11.22 -69.02 8.98
N GLY C 52 -10.84 -68.20 7.99
CA GLY C 52 -11.82 -67.47 7.24
C GLY C 52 -11.89 -66.03 7.71
N LEU C 53 -11.85 -65.84 9.03
CA LEU C 53 -11.73 -64.49 9.56
C LEU C 53 -10.35 -63.90 9.31
N VAL C 54 -9.33 -64.75 9.11
CA VAL C 54 -8.02 -64.27 8.69
C VAL C 54 -8.08 -63.73 7.26
N GLU C 55 -8.85 -64.37 6.39
CA GLU C 55 -9.09 -63.85 5.06
C GLU C 55 -10.35 -62.97 5.08
N LYS C 56 -10.89 -62.65 3.90
CA LYS C 56 -11.90 -61.60 3.77
C LYS C 56 -13.31 -62.18 3.65
N ASN C 57 -13.64 -63.26 4.35
CA ASN C 57 -14.99 -63.84 4.27
C ASN C 57 -15.28 -64.62 5.54
N CYS C 58 -16.39 -64.28 6.20
CA CYS C 58 -16.85 -65.01 7.38
C CYS C 58 -18.33 -65.32 7.22
N ARG C 59 -18.79 -66.33 7.97
CA ARG C 59 -20.15 -66.83 7.86
C ARG C 59 -20.96 -66.42 9.08
N ILE C 60 -22.18 -65.95 8.85
CA ILE C 60 -23.07 -65.56 9.93
C ILE C 60 -23.50 -66.78 10.74
N GLN C 61 -23.69 -67.92 10.08
CA GLN C 61 -24.07 -69.15 10.78
C GLN C 61 -22.96 -69.63 11.72
N HIS C 62 -21.70 -69.48 11.29
CA HIS C 62 -20.58 -69.90 12.13
C HIS C 62 -20.51 -69.10 13.41
N VAL C 63 -20.58 -67.77 13.32
CA VAL C 63 -20.50 -66.94 14.51
C VAL C 63 -21.77 -67.08 15.36
N ASN C 64 -22.90 -67.35 14.74
CA ASN C 64 -24.14 -67.61 15.48
C ASN C 64 -24.01 -68.87 16.35
N ALA C 65 -23.60 -69.99 15.72
CA ALA C 65 -23.43 -71.23 16.45
C ALA C 65 -22.36 -71.11 17.51
N TYR C 66 -21.28 -70.38 17.20
CA TYR C 66 -20.25 -70.07 18.20
C TYR C 66 -20.85 -69.34 19.40
N LEU C 67 -21.56 -68.24 19.14
CA LEU C 67 -22.01 -67.38 20.23
C LEU C 67 -22.95 -68.12 21.16
N TYR C 68 -23.80 -69.00 20.60
CA TYR C 68 -24.58 -69.84 21.49
C TYR C 68 -23.71 -70.86 22.21
N ALA C 69 -22.69 -71.40 21.54
CA ALA C 69 -21.87 -72.43 22.17
C ALA C 69 -21.03 -71.89 23.32
N VAL C 70 -20.57 -70.64 23.21
CA VAL C 70 -19.68 -70.09 24.23
C VAL C 70 -20.42 -69.29 25.29
N LEU C 71 -21.51 -68.59 24.93
CA LEU C 71 -22.21 -67.80 25.92
C LEU C 71 -23.08 -68.64 26.85
N LYS C 72 -23.38 -69.87 26.48
CA LYS C 72 -24.20 -70.73 27.33
C LYS C 72 -23.41 -71.19 28.56
N GLY C 73 -24.11 -71.32 29.68
CA GLY C 73 -23.50 -71.77 30.92
C GLY C 73 -22.95 -70.69 31.80
N GLU C 74 -22.93 -69.43 31.35
CA GLU C 74 -22.39 -68.32 32.15
C GLU C 74 -23.48 -67.80 33.08
N ARG C 75 -23.83 -68.62 34.06
CA ARG C 75 -24.84 -68.26 35.04
C ARG C 75 -24.29 -67.26 36.05
N GLU C 76 -25.20 -66.54 36.69
CA GLU C 76 -24.86 -65.55 37.69
C GLU C 76 -25.88 -65.62 38.83
N LEU C 77 -25.73 -64.73 39.80
CA LEU C 77 -26.66 -64.67 40.92
C LEU C 77 -28.00 -64.09 40.48
N LEU C 78 -28.99 -64.21 41.36
CA LEU C 78 -30.32 -63.63 41.12
C LEU C 78 -30.88 -63.24 42.48
N GLU C 79 -30.69 -61.97 42.86
CA GLU C 79 -31.10 -61.48 44.16
C GLU C 79 -32.56 -61.03 44.20
N ALA C 80 -33.24 -60.97 43.06
CA ALA C 80 -34.61 -60.50 43.03
C ALA C 80 -35.34 -61.10 41.83
N ASP C 81 -36.66 -61.00 41.88
CA ASP C 81 -37.48 -61.49 40.77
C ASP C 81 -37.34 -60.58 39.57
N TRP C 82 -37.35 -61.19 38.37
CA TRP C 82 -37.27 -60.46 37.12
C TRP C 82 -38.54 -60.74 36.32
N ASP C 83 -39.28 -59.67 36.00
CA ASP C 83 -40.53 -59.78 35.29
C ASP C 83 -40.66 -58.66 34.27
N SER C 84 -41.29 -58.97 33.13
CA SER C 84 -41.54 -57.98 32.08
C SER C 84 -42.67 -58.50 31.21
N PHE C 85 -43.76 -57.72 31.12
CA PHE C 85 -44.96 -58.07 30.33
C PHE C 85 -45.58 -59.38 30.78
N GLY C 86 -45.41 -59.75 32.06
CA GLY C 86 -45.92 -60.98 32.59
C GLY C 86 -45.07 -62.20 32.33
N HIS C 87 -44.06 -62.09 31.47
CA HIS C 87 -43.19 -63.21 31.17
C HIS C 87 -42.18 -63.37 32.29
N LYS C 88 -42.27 -64.49 33.01
CA LYS C 88 -41.37 -64.75 34.13
C LYS C 88 -39.99 -65.17 33.62
N ILE C 89 -38.96 -64.49 34.08
CA ILE C 89 -37.59 -64.75 33.65
C ILE C 89 -36.86 -65.66 34.64
N GLY C 90 -36.88 -65.31 35.93
CA GLY C 90 -36.15 -66.08 36.91
C GLY C 90 -36.77 -65.99 38.29
N ILE C 91 -36.46 -66.99 39.10
CA ILE C 91 -36.89 -67.06 40.49
C ILE C 91 -35.76 -66.53 41.36
N GLN C 92 -36.12 -65.81 42.43
CA GLN C 92 -35.14 -65.22 43.34
C GLN C 92 -34.26 -66.31 43.97
N GLY C 93 -32.96 -66.06 43.99
CA GLY C 93 -32.02 -66.99 44.58
C GLY C 93 -31.62 -68.15 43.69
N ASP C 94 -31.73 -68.01 42.38
CA ASP C 94 -31.42 -69.07 41.44
C ASP C 94 -30.27 -68.65 40.51
N LYS C 95 -29.94 -69.54 39.58
CA LYS C 95 -28.99 -69.25 38.51
C LYS C 95 -29.76 -69.02 37.22
N ILE C 96 -29.37 -67.98 36.48
CA ILE C 96 -30.19 -67.44 35.39
C ILE C 96 -29.60 -67.77 34.02
N GLY C 97 -28.40 -67.31 33.71
CA GLY C 97 -27.81 -67.50 32.41
C GLY C 97 -28.34 -66.52 31.37
N PRO C 98 -27.53 -66.23 30.36
CA PRO C 98 -27.94 -65.23 29.35
C PRO C 98 -28.95 -65.72 28.34
N PHE C 99 -29.23 -67.02 28.28
CA PHE C 99 -30.14 -67.56 27.28
C PHE C 99 -31.35 -68.23 27.91
N ASN C 100 -31.82 -67.68 29.03
CA ASN C 100 -33.04 -68.19 29.66
C ASN C 100 -34.27 -67.36 29.34
N LEU C 101 -34.09 -66.11 28.90
CA LEU C 101 -35.24 -65.32 28.46
C LEU C 101 -35.79 -65.82 27.14
N VAL C 102 -34.95 -66.45 26.32
CA VAL C 102 -35.33 -66.98 25.02
C VAL C 102 -35.02 -68.47 24.99
N ARG C 103 -35.99 -69.27 24.58
CA ARG C 103 -35.75 -70.69 24.38
C ARG C 103 -34.91 -70.92 23.13
N VAL C 104 -34.25 -72.08 23.08
CA VAL C 104 -33.22 -72.31 22.07
C VAL C 104 -33.83 -72.45 20.68
N GLU C 105 -34.89 -73.25 20.55
CA GLU C 105 -35.63 -73.46 19.29
C GLU C 105 -34.69 -73.96 18.18
N ASP C 106 -34.26 -75.22 18.35
CA ASP C 106 -33.30 -75.85 17.44
C ASP C 106 -33.73 -75.75 15.98
N ILE C 107 -32.81 -75.26 15.15
CA ILE C 107 -33.08 -74.83 13.78
C ILE C 107 -33.38 -76.05 12.89
N PRO C 108 -34.18 -75.89 11.83
CA PRO C 108 -34.27 -76.95 10.81
C PRO C 108 -32.98 -77.08 10.00
N ASP C 109 -32.98 -77.98 9.01
CA ASP C 109 -31.75 -78.31 8.31
C ASP C 109 -31.31 -77.19 7.39
N GLY C 110 -30.47 -76.31 7.93
CA GLY C 110 -29.87 -75.22 7.18
C GLY C 110 -28.40 -75.09 7.54
N LEU C 111 -27.77 -76.24 7.77
CA LEU C 111 -26.43 -76.28 8.37
C LEU C 111 -25.40 -75.68 7.41
N PRO C 112 -24.47 -74.88 7.92
CA PRO C 112 -23.54 -74.17 7.03
C PRO C 112 -22.48 -75.09 6.46
N ASP C 113 -21.89 -74.63 5.36
CA ASP C 113 -20.80 -75.37 4.70
C ASP C 113 -19.50 -74.97 5.36
N GLY C 114 -18.98 -75.83 6.23
CA GLY C 114 -17.73 -75.56 6.90
C GLY C 114 -16.53 -75.78 6.01
N LYS C 115 -15.38 -75.33 6.51
CA LYS C 115 -14.10 -75.47 5.81
C LYS C 115 -13.15 -76.30 6.69
N LEU C 116 -11.88 -76.32 6.30
CA LEU C 116 -10.89 -77.12 7.02
C LEU C 116 -10.63 -76.52 8.42
N ASN C 117 -9.94 -77.31 9.24
CA ASN C 117 -9.65 -76.91 10.61
C ASN C 117 -8.21 -76.41 10.70
N ALA C 118 -8.03 -75.25 11.33
CA ALA C 118 -6.72 -74.67 11.52
C ALA C 118 -6.07 -75.29 12.77
N GLU C 119 -4.99 -74.68 13.25
CA GLU C 119 -4.36 -75.14 14.49
C GLU C 119 -5.30 -74.93 15.66
N VAL C 120 -5.37 -75.93 16.54
CA VAL C 120 -6.36 -75.91 17.61
C VAL C 120 -5.92 -74.92 18.68
N SER C 121 -6.77 -73.93 18.94
CA SER C 121 -6.48 -72.88 19.92
C SER C 121 -7.07 -73.19 21.29
N ALA C 122 -8.40 -73.30 21.36
CA ALA C 122 -9.17 -73.55 22.58
C ALA C 122 -8.91 -72.52 23.68
N GLU C 123 -8.41 -71.34 23.31
CA GLU C 123 -8.01 -70.33 24.29
C GLU C 123 -8.43 -68.92 23.89
N ASP C 124 -8.80 -68.69 22.62
CA ASP C 124 -9.13 -67.39 22.02
C ASP C 124 -10.48 -66.83 22.48
N ASP C 125 -11.15 -67.42 23.45
CA ASP C 125 -12.43 -66.91 23.94
C ASP C 125 -12.28 -65.58 24.68
N ALA C 126 -11.06 -65.21 25.04
CA ALA C 126 -10.84 -63.93 25.72
C ALA C 126 -10.98 -62.74 24.77
N TRP C 127 -10.94 -62.95 23.45
CA TRP C 127 -11.05 -61.83 22.53
C TRP C 127 -12.04 -62.07 21.39
N LEU C 128 -12.24 -63.34 21.00
CA LEU C 128 -12.99 -63.62 19.78
C LEU C 128 -14.47 -63.26 19.85
N PRO C 129 -15.25 -63.61 20.89
CA PRO C 129 -16.63 -63.07 20.96
C PRO C 129 -16.67 -61.56 21.13
N LEU C 130 -15.75 -60.99 21.90
CA LEU C 130 -15.66 -59.53 22.01
C LEU C 130 -15.34 -58.90 20.66
N PHE C 131 -14.44 -59.52 19.90
CA PHE C 131 -14.10 -59.00 18.58
C PHE C 131 -15.31 -59.03 17.64
N LEU C 132 -16.09 -60.12 17.66
CA LEU C 132 -17.26 -60.17 16.78
C LEU C 132 -18.33 -59.16 17.19
N LEU C 133 -18.59 -59.04 18.50
CA LEU C 133 -19.62 -58.11 18.96
C LEU C 133 -19.20 -56.66 18.74
N GLY C 134 -17.91 -56.34 18.84
CA GLY C 134 -17.45 -55.01 18.51
C GLY C 134 -17.42 -54.75 17.01
N LEU C 135 -17.17 -55.80 16.22
CA LEU C 135 -17.21 -55.67 14.78
C LEU C 135 -18.62 -55.39 14.29
N TYR C 136 -19.63 -55.84 15.04
CA TYR C 136 -21.01 -55.44 14.75
C TYR C 136 -21.18 -53.92 14.85
N ARG C 137 -20.67 -53.32 15.92
CA ARG C 137 -20.76 -51.87 16.09
C ARG C 137 -19.96 -51.14 15.02
N VAL C 138 -18.79 -51.66 14.67
CA VAL C 138 -17.98 -51.06 13.62
C VAL C 138 -18.72 -51.10 12.28
N GLY C 139 -19.40 -52.22 12.00
CA GLY C 139 -20.25 -52.30 10.82
C GLY C 139 -21.46 -51.39 10.86
N ARG C 140 -21.91 -51.02 12.07
CA ARG C 140 -23.01 -50.06 12.16
C ARG C 140 -22.60 -48.64 11.84
N ALA C 141 -21.31 -48.34 11.75
CA ALA C 141 -20.86 -46.99 11.43
C ALA C 141 -21.01 -46.72 9.94
N SER C 142 -20.99 -45.43 9.59
CA SER C 142 -21.26 -44.99 8.23
C SER C 142 -20.29 -43.94 7.70
N GLU C 143 -19.30 -43.52 8.49
CA GLU C 143 -18.33 -42.52 8.08
C GLU C 143 -16.93 -43.11 8.19
N THR C 144 -16.11 -42.87 7.15
CA THR C 144 -14.74 -43.35 7.16
C THR C 144 -13.90 -42.64 8.22
N ALA C 145 -14.19 -41.37 8.49
CA ALA C 145 -13.53 -40.68 9.60
C ALA C 145 -13.97 -41.24 10.94
N TYR C 146 -15.20 -41.77 11.01
CA TYR C 146 -15.72 -42.41 12.22
C TYR C 146 -15.32 -43.88 12.32
N ARG C 147 -14.31 -44.32 11.56
CA ARG C 147 -13.75 -45.65 11.71
C ARG C 147 -12.68 -45.71 12.78
N THR C 148 -12.62 -44.72 13.67
CA THR C 148 -11.80 -44.80 14.88
C THR C 148 -12.39 -45.75 15.91
N LEU C 149 -13.63 -46.20 15.72
CA LEU C 149 -14.18 -47.26 16.55
C LEU C 149 -13.38 -48.55 16.36
N LEU C 150 -12.92 -48.82 15.13
CA LEU C 150 -12.04 -49.96 14.90
C LEU C 150 -10.73 -49.80 15.64
N MET C 151 -10.14 -48.59 15.63
CA MET C 151 -8.89 -48.36 16.34
C MET C 151 -9.08 -48.51 17.85
N GLU C 152 -10.22 -48.05 18.37
CA GLU C 152 -10.55 -48.29 19.78
C GLU C 152 -10.69 -49.77 20.06
N SER C 153 -11.27 -50.53 19.13
CA SER C 153 -11.38 -51.98 19.30
C SER C 153 -10.02 -52.64 19.36
N LEU C 154 -9.10 -52.27 18.46
CA LEU C 154 -7.76 -52.85 18.47
C LEU C 154 -7.00 -52.45 19.73
N ILE C 155 -7.16 -51.21 20.19
CA ILE C 155 -6.56 -50.79 21.45
C ILE C 155 -7.10 -51.62 22.60
N LYS C 156 -8.39 -51.94 22.56
CA LYS C 156 -9.01 -52.74 23.62
C LYS C 156 -8.51 -54.18 23.62
N GLN C 157 -8.41 -54.79 22.44
CA GLN C 157 -8.15 -56.23 22.37
C GLN C 157 -6.68 -56.57 22.12
N CYS C 158 -5.80 -55.58 21.96
CA CYS C 158 -4.38 -55.89 21.83
C CYS C 158 -3.78 -56.36 23.15
N LYS C 159 -4.41 -56.03 24.27
CA LYS C 159 -3.96 -56.48 25.58
C LYS C 159 -4.86 -57.58 26.13
N ALA C 160 -5.32 -58.47 25.23
CA ALA C 160 -6.27 -59.50 25.61
C ALA C 160 -5.63 -60.55 26.52
N ILE C 161 -4.41 -60.99 26.19
CA ILE C 161 -3.77 -62.02 27.00
C ILE C 161 -2.62 -61.44 27.81
N LYS C 162 -1.54 -61.05 27.14
CA LYS C 162 -0.51 -60.25 27.80
C LYS C 162 -0.22 -58.95 27.06
N SER C 163 0.34 -59.01 25.86
CA SER C 163 0.63 -57.82 25.08
C SER C 163 0.43 -57.95 23.58
N ASP C 164 0.47 -59.15 23.01
CA ASP C 164 0.68 -59.36 21.58
C ASP C 164 -0.63 -59.67 20.87
N TRP C 165 -0.86 -58.98 19.75
CA TRP C 165 -2.05 -59.19 18.95
C TRP C 165 -1.85 -58.59 17.56
N VAL C 166 -2.42 -59.24 16.56
CA VAL C 166 -2.37 -58.79 15.17
C VAL C 166 -3.80 -58.68 14.64
N SER C 167 -4.09 -57.56 13.98
CA SER C 167 -5.46 -57.28 13.54
C SER C 167 -5.78 -58.05 12.27
N PRO C 168 -6.83 -58.88 12.25
CA PRO C 168 -7.20 -59.59 11.03
C PRO C 168 -8.24 -58.88 10.18
N VAL C 169 -8.80 -57.78 10.66
CA VAL C 169 -9.88 -57.09 9.96
C VAL C 169 -9.30 -55.94 9.14
N THR C 170 -9.66 -55.90 7.87
CA THR C 170 -9.26 -54.78 7.02
C THR C 170 -10.02 -53.52 7.45
N ALA C 171 -9.31 -52.39 7.47
CA ALA C 171 -9.90 -51.15 7.94
C ALA C 171 -10.93 -50.59 6.97
N THR C 172 -10.90 -51.00 5.71
CA THR C 172 -11.81 -50.49 4.70
C THR C 172 -12.82 -51.51 4.19
N HIS C 173 -12.65 -52.79 4.50
CA HIS C 173 -13.59 -53.80 4.01
C HIS C 173 -14.92 -53.71 4.75
N LYS C 174 -15.99 -54.04 4.04
CA LYS C 174 -17.35 -53.95 4.55
C LYS C 174 -18.08 -55.27 4.36
N TYR C 175 -17.45 -56.37 4.78
CA TYR C 175 -18.06 -57.69 4.65
C TYR C 175 -18.80 -58.15 5.89
N PHE C 176 -18.87 -57.33 6.94
CA PHE C 176 -19.50 -57.75 8.18
C PHE C 176 -20.78 -57.00 8.53
N ASP C 177 -21.03 -55.86 7.90
CA ASP C 177 -22.25 -55.09 8.18
C ASP C 177 -23.49 -55.75 7.59
N VAL C 178 -23.33 -56.78 6.74
CA VAL C 178 -24.45 -57.56 6.27
C VAL C 178 -25.09 -58.34 7.42
N TRP C 179 -24.30 -58.67 8.45
CA TRP C 179 -24.78 -59.45 9.58
C TRP C 179 -25.84 -58.73 10.39
N GLY C 180 -25.94 -57.40 10.27
CA GLY C 180 -26.99 -56.67 10.95
C GLY C 180 -28.38 -56.97 10.44
N ASN C 181 -28.50 -57.48 9.22
CA ASN C 181 -29.79 -57.90 8.70
C ASN C 181 -30.26 -59.24 9.27
N ASP C 182 -29.34 -60.03 9.82
CA ASP C 182 -29.70 -61.32 10.38
C ASP C 182 -30.45 -61.13 11.69
N GLY C 183 -31.65 -61.71 11.78
CA GLY C 183 -32.46 -61.54 12.97
C GLY C 183 -31.87 -62.24 14.19
N ASN C 184 -31.29 -63.42 14.00
CA ASN C 184 -30.76 -64.19 15.12
C ASN C 184 -29.54 -63.52 15.74
N TYR C 185 -28.70 -62.89 14.90
CA TYR C 185 -27.55 -62.16 15.42
C TYR C 185 -27.98 -60.99 16.30
N LEU C 186 -28.99 -60.24 15.84
CA LEU C 186 -29.54 -59.16 16.64
C LEU C 186 -30.17 -59.68 17.93
N LYS C 187 -30.81 -60.85 17.86
CA LYS C 187 -31.44 -61.43 19.05
C LYS C 187 -30.40 -61.82 20.09
N ILE C 188 -29.29 -62.44 19.68
CA ILE C 188 -28.26 -62.82 20.65
C ILE C 188 -27.55 -61.59 21.19
N VAL C 189 -27.27 -60.59 20.34
CA VAL C 189 -26.57 -59.41 20.84
C VAL C 189 -27.46 -58.62 21.81
N ALA C 190 -28.76 -58.61 21.56
CA ALA C 190 -29.66 -58.00 22.51
C ALA C 190 -29.76 -58.84 23.79
N CYS C 191 -29.69 -60.17 23.68
CA CYS C 191 -29.73 -61.03 24.85
C CYS C 191 -28.52 -60.78 25.76
N VAL C 192 -27.31 -60.73 25.17
CA VAL C 192 -26.13 -60.55 26.00
C VAL C 192 -26.09 -59.14 26.57
N ASP C 193 -26.50 -58.13 25.79
CA ASP C 193 -26.52 -56.77 26.32
C ASP C 193 -27.53 -56.61 27.44
N MET C 194 -28.73 -57.18 27.29
CA MET C 194 -29.74 -57.10 28.34
C MET C 194 -29.30 -57.85 29.59
N PHE C 195 -28.69 -59.03 29.43
CA PHE C 195 -28.30 -59.82 30.59
C PHE C 195 -27.13 -59.18 31.32
N TYR C 196 -26.15 -58.65 30.59
CA TYR C 196 -24.97 -58.06 31.22
C TYR C 196 -25.16 -56.61 31.60
N ASN C 197 -26.28 -55.98 31.22
CA ASN C 197 -26.65 -54.71 31.82
C ASN C 197 -27.19 -54.88 33.23
N HIS C 198 -27.85 -56.03 33.49
CA HIS C 198 -28.37 -56.29 34.82
C HIS C 198 -27.27 -56.58 35.82
N PHE C 199 -26.22 -57.26 35.39
CA PHE C 199 -25.11 -57.66 36.26
C PHE C 199 -23.84 -56.98 35.74
N LYS C 200 -23.61 -55.75 36.21
CA LYS C 200 -22.41 -55.01 35.83
C LYS C 200 -21.19 -55.39 36.66
N LYS C 201 -21.38 -56.17 37.73
CA LYS C 201 -20.29 -56.59 38.59
C LYS C 201 -19.58 -57.84 38.09
N SER C 202 -20.05 -58.44 36.99
CA SER C 202 -19.40 -59.61 36.44
C SER C 202 -18.07 -59.24 35.80
N ILE C 203 -17.15 -60.21 35.79
CA ILE C 203 -15.85 -60.00 35.17
C ILE C 203 -15.99 -59.91 33.65
N LYS C 204 -16.91 -60.70 33.08
CA LYS C 204 -17.07 -60.79 31.64
C LYS C 204 -17.93 -59.68 31.06
N ALA C 205 -18.36 -58.70 31.88
CA ALA C 205 -19.21 -57.60 31.43
C ALA C 205 -18.50 -56.65 30.48
N THR C 206 -17.21 -56.85 30.22
CA THR C 206 -16.46 -56.12 29.22
C THR C 206 -17.00 -56.33 27.80
N PHE C 207 -17.75 -57.41 27.57
CA PHE C 207 -18.34 -57.69 26.26
C PHE C 207 -19.39 -56.68 25.84
N ARG C 208 -19.86 -55.82 26.75
CA ARG C 208 -20.87 -54.82 26.42
C ARG C 208 -20.37 -53.75 25.46
N TRP C 209 -19.06 -53.66 25.22
CA TRP C 209 -18.55 -52.87 24.11
C TRP C 209 -19.09 -53.44 22.81
N GLY C 210 -19.68 -52.58 22.00
CA GLY C 210 -20.29 -52.99 20.75
C GLY C 210 -21.76 -53.27 20.83
N THR C 211 -22.21 -53.83 21.96
CA THR C 211 -23.61 -54.16 22.16
C THR C 211 -24.43 -53.01 22.71
N ILE C 212 -23.80 -51.89 23.07
CA ILE C 212 -24.53 -50.76 23.64
C ILE C 212 -25.45 -50.13 22.61
N VAL C 213 -25.10 -50.19 21.33
CA VAL C 213 -25.93 -49.61 20.28
C VAL C 213 -27.21 -50.39 20.06
N SER C 214 -27.33 -51.58 20.63
CA SER C 214 -28.59 -52.32 20.58
C SER C 214 -29.63 -51.74 21.53
N ARG C 215 -29.18 -51.12 22.63
CA ARG C 215 -30.11 -50.59 23.62
C ARG C 215 -30.71 -49.28 23.12
N PHE C 216 -32.04 -49.17 23.22
CA PHE C 216 -32.81 -47.99 22.83
C PHE C 216 -32.56 -47.62 21.36
N LYS C 217 -32.40 -48.63 20.52
CA LYS C 217 -32.24 -48.39 19.09
C LYS C 217 -33.57 -47.94 18.49
N ASP C 218 -33.49 -46.91 17.64
CA ASP C 218 -34.65 -46.28 16.99
C ASP C 218 -35.67 -45.79 18.02
N CYS C 219 -35.17 -45.22 19.12
CA CYS C 219 -36.01 -44.68 20.18
C CYS C 219 -35.44 -43.35 20.66
N ALA C 220 -35.05 -42.49 19.71
CA ALA C 220 -34.34 -41.26 20.05
C ALA C 220 -35.24 -40.19 20.64
N ALA C 221 -36.56 -40.27 20.45
CA ALA C 221 -37.44 -39.22 20.95
C ALA C 221 -37.55 -39.26 22.47
N LEU C 222 -37.47 -40.44 23.07
CA LEU C 222 -37.46 -40.54 24.53
C LEU C 222 -36.21 -39.89 25.11
N ALA C 223 -35.06 -40.09 24.46
CA ALA C 223 -33.83 -39.44 24.89
C ALA C 223 -33.90 -37.93 24.68
N THR C 224 -34.59 -37.50 23.62
CA THR C 224 -34.80 -36.06 23.40
C THR C 224 -35.63 -35.46 24.53
N LEU C 225 -36.68 -36.15 24.95
CA LEU C 225 -37.50 -35.66 26.06
C LEU C 225 -36.72 -35.63 27.36
N GLY C 226 -35.91 -36.66 27.62
CA GLY C 226 -35.10 -36.66 28.83
C GLY C 226 -34.07 -35.56 28.85
N HIS C 227 -33.42 -35.32 27.71
CA HIS C 227 -32.43 -34.24 27.62
C HIS C 227 -33.08 -32.87 27.81
N VAL C 228 -34.26 -32.64 27.21
CA VAL C 228 -34.90 -31.35 27.38
C VAL C 228 -35.46 -31.18 28.78
N VAL C 229 -35.77 -32.27 29.49
CA VAL C 229 -36.17 -32.14 30.88
C VAL C 229 -34.97 -31.76 31.74
N LYS C 230 -33.83 -32.42 31.53
CA LYS C 230 -32.68 -32.20 32.40
C LYS C 230 -31.97 -30.89 32.12
N ILE C 231 -31.95 -30.45 30.85
CA ILE C 231 -31.16 -29.27 30.48
C ILE C 231 -31.80 -27.95 30.84
N THR C 232 -33.09 -27.95 31.19
CA THR C 232 -33.78 -26.70 31.50
C THR C 232 -34.03 -26.49 32.99
N GLY C 233 -34.01 -27.55 33.78
CA GLY C 233 -34.34 -27.43 35.20
C GLY C 233 -35.81 -27.48 35.50
N LEU C 234 -36.66 -27.74 34.51
CA LEU C 234 -38.09 -27.85 34.72
C LEU C 234 -38.47 -29.28 35.06
N THR C 235 -39.61 -29.44 35.73
CA THR C 235 -40.17 -30.76 35.93
C THR C 235 -40.80 -31.26 34.63
N ILE C 236 -41.10 -32.56 34.60
CA ILE C 236 -41.64 -33.17 33.39
C ILE C 236 -43.03 -32.62 33.07
N GLU C 237 -43.83 -32.32 34.10
CA GLU C 237 -45.15 -31.73 33.87
C GLU C 237 -45.04 -30.34 33.26
N GLU C 238 -44.05 -29.56 33.68
CA GLU C 238 -43.86 -28.23 33.10
C GLU C 238 -43.35 -28.33 31.67
N VAL C 239 -42.51 -29.33 31.38
CA VAL C 239 -42.04 -29.54 30.01
C VAL C 239 -43.21 -29.90 29.10
N PHE C 240 -44.10 -30.77 29.57
CA PHE C 240 -45.30 -31.07 28.81
C PHE C 240 -46.23 -29.86 28.70
N THR C 241 -46.25 -29.02 29.74
CA THR C 241 -47.09 -27.83 29.75
C THR C 241 -46.64 -26.81 28.71
N TRP C 242 -45.33 -26.65 28.53
CA TRP C 242 -44.81 -25.61 27.65
C TRP C 242 -44.84 -25.96 26.16
N VAL C 243 -45.63 -26.94 25.74
CA VAL C 243 -45.74 -27.31 24.33
C VAL C 243 -46.91 -26.56 23.71
N LEU C 244 -46.66 -25.86 22.60
CA LEU C 244 -47.63 -24.94 22.02
C LEU C 244 -47.98 -25.29 20.57
N GLN C 245 -47.86 -26.54 20.16
CA GLN C 245 -48.24 -26.96 18.82
C GLN C 245 -49.06 -28.23 18.90
N THR C 246 -50.05 -28.35 18.01
CA THR C 246 -50.95 -29.51 18.04
C THR C 246 -50.29 -30.77 17.52
N GLU C 247 -49.39 -30.65 16.54
CA GLU C 247 -48.69 -31.81 16.02
C GLU C 247 -47.76 -32.42 17.08
N VAL C 248 -46.99 -31.56 17.75
CA VAL C 248 -46.08 -32.01 18.81
C VAL C 248 -46.86 -32.63 19.96
N ALA C 249 -48.00 -32.01 20.32
CA ALA C 249 -48.82 -32.55 21.40
C ALA C 249 -49.42 -33.91 21.02
N ASP C 250 -49.83 -34.07 19.76
CA ASP C 250 -50.37 -35.35 19.31
C ASP C 250 -49.31 -36.43 19.34
N GLU C 251 -48.08 -36.11 18.92
CA GLU C 251 -47.00 -37.10 18.99
C GLU C 251 -46.64 -37.45 20.43
N LEU C 252 -46.70 -36.46 21.34
CA LEU C 252 -46.45 -36.76 22.75
C LEU C 252 -47.52 -37.68 23.32
N VAL C 253 -48.78 -37.43 22.95
CA VAL C 253 -49.88 -38.29 23.41
C VAL C 253 -49.71 -39.70 22.87
N LYS C 254 -49.36 -39.84 21.59
CA LYS C 254 -49.11 -41.16 21.03
C LYS C 254 -47.88 -41.82 21.63
N MET C 255 -46.91 -41.03 22.11
CA MET C 255 -45.72 -41.56 22.73
C MET C 255 -45.93 -41.93 24.19
N MET C 256 -47.00 -41.46 24.81
CA MET C 256 -47.28 -41.74 26.22
C MET C 256 -48.36 -42.79 26.40
N LYS C 257 -48.33 -43.85 25.60
CA LYS C 257 -49.22 -44.98 25.81
C LYS C 257 -48.90 -45.63 27.17
N PRO C 258 -49.91 -45.87 28.02
CA PRO C 258 -49.62 -46.25 29.42
C PRO C 258 -48.99 -47.63 29.60
N GLY C 259 -49.58 -48.67 29.01
CA GLY C 259 -49.13 -50.02 29.29
C GLY C 259 -47.94 -50.50 28.49
N GLN C 260 -46.85 -49.73 28.50
CA GLN C 260 -45.65 -50.09 27.76
C GLN C 260 -44.43 -50.18 28.64
N GLU C 261 -44.60 -50.13 29.97
CA GLU C 261 -43.56 -50.08 31.00
C GLU C 261 -42.37 -49.20 30.60
N ILE C 262 -42.68 -47.90 30.45
CA ILE C 262 -41.68 -46.94 30.01
C ILE C 262 -40.60 -46.74 31.06
N ASP C 263 -41.00 -46.70 32.33
CA ASP C 263 -40.13 -46.29 33.43
C ASP C 263 -39.21 -47.39 33.96
N LYS C 264 -39.41 -48.64 33.55
CA LYS C 264 -38.69 -49.76 34.13
C LYS C 264 -37.41 -50.00 33.35
N SER C 265 -36.26 -49.87 34.02
CA SER C 265 -34.97 -50.05 33.36
C SER C 265 -34.69 -51.51 33.05
N THR C 266 -35.19 -52.43 33.87
CA THR C 266 -34.98 -53.86 33.66
C THR C 266 -36.25 -54.42 33.00
N SER C 267 -36.38 -54.15 31.70
CA SER C 267 -37.56 -54.57 30.95
C SER C 267 -37.18 -54.77 29.49
N TYR C 268 -38.16 -55.21 28.70
CA TYR C 268 -37.94 -55.55 27.31
C TYR C 268 -38.03 -54.37 26.35
N MET C 269 -38.50 -53.20 26.82
CA MET C 269 -38.76 -52.10 25.89
C MET C 269 -37.52 -51.55 25.19
N PRO C 270 -36.39 -51.24 25.86
CA PRO C 270 -35.24 -50.67 25.12
C PRO C 270 -34.67 -51.60 24.06
N TYR C 271 -34.87 -52.90 24.20
CA TYR C 271 -34.55 -53.86 23.14
C TYR C 271 -35.80 -54.20 22.35
N LEU C 272 -36.42 -53.16 21.80
CA LEU C 272 -37.66 -53.34 21.04
C LEU C 272 -37.41 -53.97 19.68
N ILE C 273 -36.36 -53.53 19.00
CA ILE C 273 -36.14 -53.91 17.61
C ILE C 273 -35.33 -55.20 17.49
N ASP C 274 -34.25 -55.31 18.25
CA ASP C 274 -33.36 -56.46 18.08
C ASP C 274 -33.96 -57.73 18.66
N MET C 275 -34.88 -57.61 19.61
CA MET C 275 -35.62 -58.78 20.06
C MET C 275 -36.69 -59.23 19.08
N GLY C 276 -36.98 -58.43 18.05
CA GLY C 276 -38.02 -58.78 17.12
C GLY C 276 -39.42 -58.57 17.64
N ILE C 277 -39.56 -57.78 18.71
CA ILE C 277 -40.89 -57.52 19.27
C ILE C 277 -41.71 -56.64 18.32
N SER C 278 -41.07 -55.63 17.73
CA SER C 278 -41.75 -54.75 16.78
C SER C 278 -40.80 -54.42 15.63
N ALA C 279 -41.39 -54.09 14.49
CA ALA C 279 -40.61 -53.71 13.31
C ALA C 279 -40.59 -52.20 13.07
N LYS C 280 -41.67 -51.51 13.42
CA LYS C 280 -41.76 -50.05 13.32
C LYS C 280 -41.94 -49.51 14.73
N SER C 281 -40.87 -48.98 15.30
CA SER C 281 -40.92 -48.46 16.66
C SER C 281 -41.68 -47.14 16.69
N PRO C 282 -42.59 -46.94 17.64
CA PRO C 282 -43.31 -45.66 17.74
C PRO C 282 -42.55 -44.57 18.48
N TYR C 283 -41.25 -44.73 18.71
CA TYR C 283 -40.49 -43.77 19.50
C TYR C 283 -39.32 -43.15 18.74
N SER C 284 -39.30 -43.27 17.41
CA SER C 284 -38.15 -42.84 16.64
C SER C 284 -38.33 -41.40 16.15
N THR C 285 -37.29 -40.89 15.48
CA THR C 285 -37.37 -39.55 14.89
C THR C 285 -38.22 -39.55 13.63
N ILE C 286 -38.16 -40.64 12.86
CA ILE C 286 -38.97 -40.74 11.65
C ILE C 286 -40.44 -40.84 11.99
N LYS C 287 -40.77 -41.64 13.02
CA LYS C 287 -42.16 -41.74 13.44
C LYS C 287 -42.64 -40.47 14.14
N ASN C 288 -41.73 -39.75 14.81
CA ASN C 288 -42.08 -38.51 15.51
C ASN C 288 -41.14 -37.38 15.10
N PRO C 289 -41.27 -36.85 13.89
CA PRO C 289 -40.57 -35.62 13.56
C PRO C 289 -41.33 -34.43 14.09
N SER C 290 -40.62 -33.30 14.23
CA SER C 290 -41.07 -32.02 14.76
C SER C 290 -41.34 -32.05 16.27
N PHE C 291 -41.25 -33.21 16.92
CA PHE C 291 -40.93 -33.27 18.34
C PHE C 291 -39.45 -33.49 18.57
N HIS C 292 -38.73 -33.97 17.56
CA HIS C 292 -37.29 -33.97 17.59
C HIS C 292 -36.69 -32.62 17.18
N PHE C 293 -37.48 -31.73 16.59
CA PHE C 293 -37.02 -30.37 16.33
C PHE C 293 -37.28 -29.48 17.53
N TRP C 294 -38.49 -29.55 18.08
CA TRP C 294 -38.73 -29.07 19.43
C TRP C 294 -37.88 -29.85 20.42
N GLY C 295 -37.56 -29.25 21.55
CA GLY C 295 -36.74 -29.97 22.51
C GLY C 295 -35.28 -29.86 22.18
N GLN C 296 -34.86 -30.34 21.00
CA GLN C 296 -33.48 -30.15 20.58
C GLN C 296 -33.18 -28.69 20.29
N LEU C 297 -34.11 -27.98 19.63
CA LEU C 297 -33.92 -26.55 19.41
C LEU C 297 -33.95 -25.78 20.73
N VAL C 298 -34.79 -26.21 21.66
CA VAL C 298 -34.86 -25.57 22.97
C VAL C 298 -33.55 -25.76 23.73
N ALA C 299 -33.02 -26.99 23.70
CA ALA C 299 -31.79 -27.28 24.40
C ALA C 299 -30.60 -26.58 23.75
N ALA C 300 -30.61 -26.44 22.42
CA ALA C 300 -29.55 -25.69 21.76
C ALA C 300 -29.63 -24.21 22.08
N LEU C 301 -30.84 -23.67 22.23
CA LEU C 301 -30.98 -22.29 22.65
C LEU C 301 -30.79 -22.10 24.15
N CYS C 302 -30.75 -23.19 24.92
CA CYS C 302 -30.35 -23.17 26.31
C CYS C 302 -28.88 -23.51 26.50
N ARG C 303 -28.09 -23.39 25.43
CA ARG C 303 -26.63 -23.54 25.43
C ARG C 303 -26.21 -24.93 25.89
N SER C 304 -26.62 -25.93 25.13
CA SER C 304 -26.17 -27.31 25.28
C SER C 304 -25.49 -27.74 24.00
N LYS C 305 -24.32 -28.36 24.11
CA LYS C 305 -23.52 -28.69 22.94
C LYS C 305 -23.95 -29.99 22.27
N ARG C 306 -24.74 -30.82 22.94
CA ARG C 306 -25.24 -32.04 22.31
C ARG C 306 -26.28 -31.71 21.25
N ALA C 307 -27.18 -30.78 21.54
CA ALA C 307 -28.29 -30.46 20.66
C ALA C 307 -27.89 -29.64 19.44
N LEU C 308 -26.65 -29.15 19.40
CA LEU C 308 -26.19 -28.42 18.22
C LEU C 308 -25.89 -29.33 17.04
N ASN C 309 -25.83 -30.66 17.26
CA ASN C 309 -25.54 -31.61 16.20
C ASN C 309 -26.75 -32.42 15.79
N ALA C 310 -27.91 -32.21 16.42
CA ALA C 310 -29.11 -32.95 16.06
C ALA C 310 -29.59 -32.54 14.68
N ARG C 311 -30.00 -33.52 13.88
CA ARG C 311 -30.43 -33.28 12.52
C ARG C 311 -31.81 -32.63 12.49
N GLN C 312 -31.95 -31.59 11.67
CA GLN C 312 -33.24 -30.97 11.47
C GLN C 312 -34.06 -31.79 10.49
N PRO C 313 -35.20 -32.34 10.89
CA PRO C 313 -36.01 -33.11 9.95
C PRO C 313 -36.63 -32.22 8.89
N ASP C 314 -36.81 -32.78 7.71
CA ASP C 314 -37.44 -32.08 6.60
C ASP C 314 -38.94 -32.34 6.59
N GLU C 315 -39.65 -31.47 5.87
CA GLU C 315 -41.10 -31.55 5.69
C GLU C 315 -41.82 -31.44 7.03
N ILE C 316 -41.48 -30.39 7.79
CA ILE C 316 -42.16 -30.01 9.03
C ILE C 316 -42.34 -28.50 9.02
N ASP C 317 -43.26 -28.04 9.87
CA ASP C 317 -43.55 -26.60 10.00
C ASP C 317 -42.50 -25.98 10.91
N SER C 318 -41.41 -25.53 10.31
CA SER C 318 -40.23 -25.12 11.08
C SER C 318 -40.38 -23.75 11.74
N MET C 319 -41.10 -22.82 11.10
CA MET C 319 -41.07 -21.43 11.57
C MET C 319 -41.85 -21.25 12.86
N SER C 320 -43.04 -21.84 12.98
CA SER C 320 -43.82 -21.73 14.20
C SER C 320 -43.13 -22.45 15.36
N ILE C 321 -42.51 -23.59 15.06
CA ILE C 321 -41.77 -24.33 16.08
C ILE C 321 -40.57 -23.53 16.57
N SER C 322 -39.90 -22.85 15.64
CA SER C 322 -38.78 -21.99 16.03
C SER C 322 -39.24 -20.81 16.86
N ASN C 323 -40.41 -20.25 16.55
CA ASN C 323 -40.98 -19.17 17.36
C ASN C 323 -41.29 -19.65 18.77
N ALA C 324 -41.89 -20.82 18.90
CA ALA C 324 -42.20 -21.37 20.21
C ALA C 324 -40.95 -21.70 21.00
N SER C 325 -39.91 -22.23 20.32
CA SER C 325 -38.66 -22.56 20.99
C SER C 325 -37.94 -21.31 21.48
N LEU C 326 -37.94 -20.24 20.66
CA LEU C 326 -37.33 -18.99 21.10
C LEU C 326 -38.09 -18.37 22.27
N LEU C 327 -39.43 -18.46 22.24
CA LEU C 327 -40.22 -17.93 23.34
C LEU C 327 -39.92 -18.68 24.64
N MET C 328 -39.90 -20.01 24.58
CA MET C 328 -39.64 -20.80 25.79
C MET C 328 -38.22 -20.60 26.29
N ALA C 329 -37.23 -20.53 25.40
CA ALA C 329 -35.85 -20.31 25.82
C ALA C 329 -35.66 -18.93 26.45
N TYR C 330 -36.28 -17.90 25.87
CA TYR C 330 -36.18 -16.57 26.44
C TYR C 330 -36.90 -16.49 27.79
N ALA C 331 -38.05 -17.16 27.92
CA ALA C 331 -38.76 -17.18 29.19
C ALA C 331 -37.97 -17.90 30.26
N LEU C 332 -37.28 -18.98 29.90
CA LEU C 332 -36.43 -19.68 30.86
C LEU C 332 -35.24 -18.84 31.26
N GLY C 333 -34.63 -18.14 30.31
CA GLY C 333 -33.47 -17.34 30.61
C GLY C 333 -33.73 -16.05 31.32
N SER C 334 -34.92 -15.49 31.17
CA SER C 334 -35.21 -14.21 31.80
C SER C 334 -35.46 -14.36 33.29
N SER C 335 -36.07 -15.47 33.71
CA SER C 335 -36.45 -15.70 35.10
C SER C 335 -35.78 -16.98 35.60
N PRO C 336 -34.61 -16.89 36.21
CA PRO C 336 -33.93 -18.09 36.70
C PRO C 336 -34.42 -18.55 38.06
N ASP C 337 -33.78 -19.58 38.61
CA ASP C 337 -34.16 -20.20 39.88
C ASP C 337 -33.16 -19.77 40.95
N ILE C 338 -33.44 -18.64 41.59
CA ILE C 338 -32.54 -18.10 42.60
C ILE C 338 -33.25 -18.14 43.93
N GLU C 339 -33.90 -19.26 44.21
CA GLU C 339 -34.62 -19.39 45.47
C GLU C 339 -33.64 -19.79 46.56
N GLN C 340 -33.68 -19.09 47.69
CA GLN C 340 -32.75 -19.39 48.77
C GLN C 340 -33.05 -20.76 49.36
N GLN C 341 -32.01 -21.56 49.58
CA GLN C 341 -32.17 -22.94 50.01
C GLN C 341 -31.72 -23.18 51.44
N PHE C 342 -30.50 -22.80 51.79
CA PHE C 342 -29.97 -22.99 53.14
C PHE C 342 -30.05 -21.68 53.92
N SER C 343 -30.23 -21.79 55.23
CA SER C 343 -30.34 -20.62 56.08
C SER C 343 -29.69 -20.90 57.42
N THR C 344 -29.24 -19.84 58.08
CA THR C 344 -28.69 -19.91 59.43
C THR C 344 -29.56 -19.18 60.44
N GLY C 345 -29.85 -17.91 60.20
CA GLY C 345 -30.72 -17.15 61.08
C GLY C 345 -31.57 -16.12 60.35
N ASN C 346 -31.74 -16.30 59.04
CA ASN C 346 -32.46 -15.33 58.23
C ASN C 346 -33.34 -16.05 57.21
N THR C 347 -34.32 -15.32 56.70
CA THR C 347 -35.33 -15.86 55.80
C THR C 347 -35.02 -15.44 54.36
N TYR C 348 -35.98 -15.68 53.48
CA TYR C 348 -35.79 -15.49 52.04
C TYR C 348 -35.91 -14.02 51.66
N ARG C 349 -36.04 -13.75 50.35
CA ARG C 349 -36.06 -12.38 49.83
C ARG C 349 -37.34 -11.62 50.16
N LYS C 350 -38.37 -12.30 50.71
CA LYS C 350 -39.70 -11.84 51.12
C LYS C 350 -40.33 -10.86 50.11
N PRO C 351 -40.79 -11.34 48.96
CA PRO C 351 -41.38 -10.43 47.96
C PRO C 351 -42.74 -9.94 48.41
N PRO C 352 -42.93 -8.61 48.53
CA PRO C 352 -44.18 -8.06 49.04
C PRO C 352 -45.24 -7.82 47.96
N LYS C 353 -45.46 -8.82 47.11
CA LYS C 353 -46.56 -8.88 46.13
C LYS C 353 -46.53 -7.67 45.18
N GLU C 354 -45.46 -7.62 44.38
CA GLU C 354 -45.31 -6.57 43.38
C GLU C 354 -46.41 -6.63 42.32
N ALA C 355 -46.40 -7.71 41.54
CA ALA C 355 -47.41 -8.05 40.53
C ALA C 355 -47.58 -7.00 39.44
N SER C 356 -46.64 -6.06 39.30
CA SER C 356 -46.75 -5.00 38.30
C SER C 356 -45.38 -4.40 38.07
N TYR C 357 -44.85 -4.53 36.85
CA TYR C 357 -43.56 -3.97 36.50
C TYR C 357 -43.55 -3.70 35.01
N LEU C 358 -43.63 -2.43 34.63
CA LEU C 358 -43.84 -2.03 33.25
C LEU C 358 -42.54 -1.72 32.51
N VAL C 359 -41.40 -2.25 32.98
CA VAL C 359 -40.15 -2.07 32.25
C VAL C 359 -40.19 -2.84 30.94
N SER C 360 -40.63 -4.11 30.99
CA SER C 360 -40.92 -4.87 29.79
C SER C 360 -42.15 -5.76 29.96
N GLU C 361 -42.93 -5.57 31.04
CA GLU C 361 -44.12 -6.34 31.39
C GLU C 361 -43.82 -7.83 31.57
N GLU C 362 -42.56 -8.19 31.83
CA GLU C 362 -42.16 -9.58 31.96
C GLU C 362 -42.57 -10.15 33.31
N PRO C 363 -43.11 -11.36 33.35
CA PRO C 363 -43.42 -12.00 34.63
C PRO C 363 -42.15 -12.45 35.34
N LYS C 364 -42.27 -12.85 36.60
CA LYS C 364 -41.09 -13.22 37.38
C LYS C 364 -41.01 -14.71 37.68
N ASN C 365 -41.70 -15.53 36.89
CA ASN C 365 -41.66 -16.97 37.07
C ASN C 365 -41.58 -17.62 35.69
N ARG C 366 -41.78 -18.94 35.64
CA ARG C 366 -41.73 -19.70 34.40
C ARG C 366 -43.09 -20.30 34.05
N SER C 367 -44.17 -19.65 34.46
CA SER C 367 -45.51 -20.11 34.13
C SER C 367 -45.84 -19.73 32.69
N VAL C 368 -46.51 -20.63 31.97
CA VAL C 368 -46.67 -20.45 30.54
C VAL C 368 -47.79 -19.46 30.24
N VAL C 369 -48.78 -19.32 31.13
CA VAL C 369 -49.94 -18.49 30.84
C VAL C 369 -49.58 -17.00 30.87
N GLU C 370 -48.78 -16.58 31.85
CA GLU C 370 -48.34 -15.19 31.90
C GLU C 370 -47.42 -14.86 30.74
N TRP C 371 -46.57 -15.81 30.35
CA TRP C 371 -45.64 -15.57 29.25
C TRP C 371 -46.37 -15.53 27.91
N ILE C 372 -47.39 -16.38 27.73
CA ILE C 372 -48.13 -16.33 26.47
C ILE C 372 -49.00 -15.08 26.41
N ALA C 373 -49.49 -14.59 27.55
CA ALA C 373 -50.18 -13.30 27.57
C ALA C 373 -49.22 -12.16 27.18
N TRP C 374 -48.02 -12.18 27.74
CA TRP C 374 -47.02 -11.17 27.42
C TRP C 374 -46.58 -11.24 25.95
N TYR C 375 -46.52 -12.45 25.39
CA TYR C 375 -46.13 -12.61 23.99
C TYR C 375 -47.24 -12.15 23.05
N SER C 376 -48.49 -12.49 23.36
CA SER C 376 -49.62 -12.02 22.56
C SER C 376 -49.83 -10.52 22.68
N ASP C 377 -49.36 -9.90 23.77
CA ASP C 377 -49.41 -8.45 23.88
C ASP C 377 -48.52 -7.76 22.85
N VAL C 378 -47.47 -8.44 22.38
CA VAL C 378 -46.53 -7.82 21.45
C VAL C 378 -46.74 -8.50 20.08
N ASP C 379 -47.98 -8.89 19.81
CA ASP C 379 -48.42 -9.32 18.48
C ASP C 379 -47.71 -10.58 17.98
N ASN C 380 -47.26 -11.43 18.92
CA ASN C 380 -46.62 -12.72 18.64
C ASN C 380 -45.41 -12.58 17.72
N LYS C 381 -44.60 -11.55 17.96
CA LYS C 381 -43.38 -11.36 17.20
C LYS C 381 -42.19 -11.34 18.14
N PRO C 382 -41.01 -11.78 17.68
CA PRO C 382 -39.83 -11.75 18.55
C PRO C 382 -39.37 -10.33 18.84
N THR C 383 -39.34 -9.99 20.12
CA THR C 383 -38.92 -8.68 20.60
C THR C 383 -37.42 -8.51 20.33
N ASP C 384 -36.97 -7.24 20.29
CA ASP C 384 -35.57 -6.95 20.00
C ASP C 384 -34.62 -7.59 21.01
N ASP C 385 -35.05 -7.69 22.28
CA ASP C 385 -34.24 -8.39 23.26
C ASP C 385 -34.16 -9.88 22.95
N MET C 386 -35.26 -10.47 22.46
CA MET C 386 -35.26 -11.88 22.06
C MET C 386 -34.30 -12.13 20.91
N LEU C 387 -34.31 -11.24 19.91
CA LEU C 387 -33.41 -11.39 18.78
C LEU C 387 -31.96 -11.15 19.18
N MET C 388 -31.73 -10.22 20.13
CA MET C 388 -30.38 -10.01 20.64
C MET C 388 -29.86 -11.25 21.38
N MET C 389 -30.71 -11.87 22.20
CA MET C 389 -30.33 -13.10 22.90
C MET C 389 -30.07 -14.24 21.93
N ALA C 390 -30.90 -14.36 20.89
CA ALA C 390 -30.71 -15.39 19.88
C ALA C 390 -29.42 -15.17 19.10
N LYS C 391 -29.09 -13.92 18.78
CA LYS C 391 -27.84 -13.61 18.08
C LYS C 391 -26.64 -13.91 18.97
N ARG C 392 -26.75 -13.61 20.27
CA ARG C 392 -25.67 -13.90 21.20
C ARG C 392 -25.45 -15.41 21.33
N VAL C 393 -26.53 -16.19 21.35
CA VAL C 393 -26.39 -17.64 21.40
C VAL C 393 -25.81 -18.17 20.10
N ALA C 394 -26.26 -17.64 18.95
CA ALA C 394 -25.79 -18.10 17.66
C ALA C 394 -24.36 -17.71 17.36
N GLY C 395 -23.82 -16.71 18.07
CA GLY C 395 -22.43 -16.36 17.89
C GLY C 395 -21.43 -17.33 18.51
N THR C 396 -21.91 -18.28 19.32
CA THR C 396 -21.04 -19.24 19.97
C THR C 396 -20.95 -20.56 19.22
N ILE C 397 -21.47 -20.64 18.01
CA ILE C 397 -21.39 -21.84 17.19
C ILE C 397 -20.24 -21.66 16.21
N SER C 398 -19.22 -22.52 16.31
CA SER C 398 -18.02 -22.34 15.51
C SER C 398 -18.22 -22.88 14.10
N GLY C 399 -18.41 -24.20 13.97
CA GLY C 399 -18.68 -24.79 12.69
C GLY C 399 -19.86 -25.74 12.75
N PRO C 400 -20.93 -25.42 12.03
CA PRO C 400 -22.10 -26.31 12.00
C PRO C 400 -22.04 -27.29 10.84
N ARG C 401 -22.84 -28.33 10.97
CA ARG C 401 -22.95 -29.36 9.94
C ARG C 401 -23.96 -28.91 8.88
N ASP C 402 -24.33 -29.82 7.99
CA ASP C 402 -25.14 -29.42 6.84
C ASP C 402 -26.61 -29.24 7.20
N ASN C 403 -27.21 -30.24 7.86
CA ASN C 403 -28.62 -30.22 8.19
C ASN C 403 -28.82 -30.32 9.69
N SER C 404 -28.02 -29.58 10.45
CA SER C 404 -28.06 -29.65 11.91
C SER C 404 -28.92 -28.53 12.49
N VAL C 405 -29.18 -28.64 13.79
CA VAL C 405 -29.89 -27.58 14.50
C VAL C 405 -29.03 -26.32 14.60
N GLY C 406 -27.71 -26.50 14.79
CA GLY C 406 -26.82 -25.35 14.88
C GLY C 406 -26.74 -24.55 13.59
N LYS C 407 -26.81 -25.24 12.44
CA LYS C 407 -26.87 -24.53 11.16
C LYS C 407 -28.15 -23.73 11.04
N TRP C 408 -29.26 -24.28 11.49
CA TRP C 408 -30.53 -23.56 11.49
C TRP C 408 -30.46 -22.33 12.39
N ILE C 409 -29.85 -22.46 13.56
CA ILE C 409 -29.73 -21.35 14.49
C ILE C 409 -28.84 -20.25 13.91
N LYS C 410 -27.70 -20.64 13.32
CA LYS C 410 -26.78 -19.65 12.77
C LYS C 410 -27.38 -18.94 11.56
N GLN C 411 -28.11 -19.68 10.71
CA GLN C 411 -28.71 -19.06 9.54
C GLN C 411 -29.88 -18.16 9.91
N THR C 412 -30.77 -18.64 10.77
CA THR C 412 -32.04 -17.94 11.00
C THR C 412 -31.84 -16.70 11.87
N TYR C 413 -31.08 -16.81 12.95
CA TYR C 413 -30.96 -15.75 13.94
C TYR C 413 -29.58 -15.10 13.91
N GLY C 414 -29.03 -14.92 12.72
CA GLY C 414 -27.76 -14.24 12.57
C GLY C 414 -26.57 -15.11 12.92
N ARG D 1 -50.22 -33.54 31.41
CA ARG D 1 -51.42 -33.89 32.15
C ARG D 1 -52.67 -33.84 31.29
N ILE D 2 -53.52 -32.84 31.53
CA ILE D 2 -54.82 -32.77 30.89
C ILE D 2 -54.71 -32.00 29.59
N LYS D 3 -55.16 -32.61 28.49
CA LYS D 3 -55.15 -31.99 27.17
C LYS D 3 -56.44 -31.19 26.99
N THR D 4 -56.77 -30.82 25.74
CA THR D 4 -57.89 -29.92 25.49
C THR D 4 -59.24 -30.54 25.92
N ASN D 5 -59.48 -31.81 25.59
CA ASN D 5 -60.81 -32.37 25.83
C ASN D 5 -60.94 -32.92 27.25
N ALA D 6 -60.36 -34.08 27.51
CA ALA D 6 -60.34 -34.62 28.86
C ALA D 6 -59.14 -35.51 29.17
N ALA D 7 -58.21 -35.70 28.24
CA ALA D 7 -57.28 -36.83 28.32
C ALA D 7 -56.14 -36.51 29.28
N VAL D 8 -55.89 -37.43 30.20
CA VAL D 8 -54.74 -37.33 31.10
C VAL D 8 -53.58 -38.10 30.49
N ALA D 9 -52.38 -37.58 30.69
CA ALA D 9 -51.16 -38.18 30.15
C ALA D 9 -50.28 -38.68 31.29
N ALA D 10 -49.70 -39.86 31.10
CA ALA D 10 -48.74 -40.45 32.04
C ALA D 10 -47.36 -39.94 31.64
N VAL D 11 -46.87 -38.94 32.35
CA VAL D 11 -45.64 -38.25 32.00
C VAL D 11 -44.48 -38.80 32.83
N LEU D 12 -43.56 -39.50 32.16
CA LEU D 12 -42.52 -40.23 32.87
C LEU D 12 -41.30 -40.56 32.02
N PRO D 13 -40.10 -40.15 32.44
CA PRO D 13 -38.87 -40.73 31.89
C PRO D 13 -38.37 -41.95 32.65
N ALA D 14 -37.21 -42.47 32.24
CA ALA D 14 -36.60 -43.63 32.90
C ALA D 14 -35.90 -43.22 34.20
N ASN D 15 -35.53 -44.23 34.98
CA ASN D 15 -34.98 -44.03 36.32
C ASN D 15 -33.46 -44.00 36.30
N GLU D 16 -32.85 -44.07 37.49
CA GLU D 16 -31.40 -43.96 37.66
C GLU D 16 -30.94 -44.93 38.75
N ASP D 17 -29.65 -44.92 39.05
CA ASP D 17 -29.03 -45.76 40.06
C ASP D 17 -28.62 -44.92 41.27
N GLN D 18 -27.94 -45.58 42.22
CA GLN D 18 -27.55 -44.92 43.47
C GLN D 18 -26.08 -45.20 43.83
N ALA D 19 -25.67 -44.79 45.02
CA ALA D 19 -24.31 -44.96 45.49
C ALA D 19 -24.33 -45.45 46.94
N ASP D 20 -23.23 -46.08 47.35
CA ASP D 20 -23.13 -46.72 48.65
C ASP D 20 -22.08 -46.02 49.51
N TYR D 21 -22.48 -45.63 50.71
CA TYR D 21 -21.61 -44.97 51.68
C TYR D 21 -20.69 -45.98 52.36
N PRO D 22 -19.55 -45.53 52.90
CA PRO D 22 -18.68 -46.45 53.66
C PRO D 22 -19.30 -47.00 54.93
N SER D 23 -20.31 -46.35 55.50
CA SER D 23 -20.89 -46.80 56.76
C SER D 23 -21.72 -48.06 56.60
N THR D 24 -22.22 -48.35 55.39
CA THR D 24 -22.88 -49.64 55.16
C THR D 24 -21.90 -50.78 55.31
N PHE D 25 -20.69 -50.61 54.79
CA PHE D 25 -19.58 -51.49 55.13
C PHE D 25 -19.23 -51.32 56.61
N PHE D 26 -18.67 -52.37 57.19
CA PHE D 26 -18.32 -52.49 58.61
C PHE D 26 -19.53 -52.39 59.53
N GLU D 27 -20.75 -52.54 59.00
CA GLU D 27 -21.92 -52.61 59.87
C GLU D 27 -22.02 -53.99 60.52
N GLY D 28 -21.65 -55.03 59.80
CA GLY D 28 -21.59 -56.37 60.35
C GLY D 28 -20.19 -56.79 60.71
N GLY D 29 -19.29 -55.82 60.85
CA GLY D 29 -17.90 -56.12 61.16
C GLY D 29 -17.13 -56.85 60.08
N ASN D 30 -17.29 -56.43 58.82
CA ASN D 30 -16.58 -57.05 57.71
C ASN D 30 -15.10 -56.68 57.74
N GLU D 31 -14.32 -57.42 56.97
CA GLU D 31 -12.89 -57.21 56.82
C GLU D 31 -12.58 -56.84 55.36
N ILE D 32 -11.30 -56.73 55.04
CA ILE D 32 -10.86 -56.24 53.74
C ILE D 32 -10.58 -57.37 52.77
N ARG D 33 -9.97 -58.47 53.24
CA ARG D 33 -9.76 -59.71 52.48
C ARG D 33 -8.93 -59.47 51.22
N LEU D 34 -7.65 -59.16 51.44
CA LEU D 34 -6.74 -58.83 50.35
C LEU D 34 -6.58 -59.98 49.36
N TYR D 35 -6.60 -61.22 49.85
CA TYR D 35 -6.35 -62.45 49.08
C TYR D 35 -4.93 -62.43 48.46
N VAL D 36 -3.97 -62.49 49.37
CA VAL D 36 -2.55 -62.39 49.02
C VAL D 36 -2.06 -63.71 48.42
N ASN D 37 -1.38 -63.62 47.28
CA ASN D 37 -0.59 -64.75 46.79
C ASN D 37 0.78 -64.71 47.47
N ARG D 38 1.14 -65.80 48.13
CA ARG D 38 2.40 -65.86 48.88
C ARG D 38 2.86 -67.31 48.93
N GLY D 39 3.88 -67.57 49.75
CA GLY D 39 4.40 -68.91 49.94
C GLY D 39 5.59 -69.24 49.06
N GLU D 40 6.58 -68.35 49.01
CA GLU D 40 7.74 -68.54 48.16
C GLU D 40 8.90 -67.73 48.70
N LYS D 41 10.10 -68.06 48.21
CA LYS D 41 11.30 -67.31 48.56
C LYS D 41 11.27 -65.93 47.91
N LEU D 42 11.71 -64.91 48.67
CA LEU D 42 11.69 -63.54 48.19
C LEU D 42 12.67 -63.33 47.04
N ASP D 43 13.82 -63.99 47.08
CA ASP D 43 14.87 -63.76 46.09
C ASP D 43 14.45 -64.22 44.71
N VAL D 44 13.95 -65.46 44.60
CA VAL D 44 13.51 -65.95 43.31
C VAL D 44 12.32 -65.15 42.80
N LEU D 45 11.43 -64.71 43.71
CA LEU D 45 10.29 -63.88 43.32
C LEU D 45 10.75 -62.55 42.73
N ARG D 46 11.79 -61.95 43.31
CA ARG D 46 12.34 -60.74 42.73
C ARG D 46 13.03 -61.04 41.40
N GLN D 47 13.46 -62.27 41.16
CA GLN D 47 14.01 -62.57 39.85
C GLN D 47 12.89 -62.69 38.84
N TYR D 48 11.75 -63.27 39.23
CA TYR D 48 10.61 -63.33 38.31
C TYR D 48 10.10 -61.93 38.01
N VAL D 49 10.15 -61.03 38.98
CA VAL D 49 9.74 -59.65 38.75
C VAL D 49 10.74 -58.94 37.83
N TYR D 50 12.04 -59.17 38.03
CA TYR D 50 13.06 -58.52 37.21
C TYR D 50 12.99 -58.99 35.76
N MET D 51 13.20 -60.29 35.53
CA MET D 51 13.19 -60.77 34.15
C MET D 51 11.76 -60.83 33.65
N GLY D 52 11.56 -60.42 32.40
CA GLY D 52 10.23 -60.19 31.90
C GLY D 52 9.92 -58.70 31.88
N LEU D 53 10.32 -58.00 32.95
CA LEU D 53 10.22 -56.54 32.94
C LEU D 53 11.24 -55.91 32.00
N VAL D 54 12.33 -56.63 31.69
CA VAL D 54 13.25 -56.16 30.66
C VAL D 54 12.61 -56.24 29.28
N GLU D 55 11.81 -57.27 29.03
CA GLU D 55 11.02 -57.36 27.81
C GLU D 55 9.65 -56.73 28.06
N LYS D 56 8.70 -56.98 27.15
CA LYS D 56 7.45 -56.22 27.11
C LYS D 56 6.29 -56.98 27.74
N ASN D 57 6.52 -57.75 28.81
CA ASN D 57 5.43 -58.49 29.45
C ASN D 57 5.76 -58.76 30.90
N CYS D 58 4.88 -58.34 31.81
CA CYS D 58 5.03 -58.60 33.23
C CYS D 58 3.73 -59.16 33.78
N ARG D 59 3.82 -59.85 34.92
CA ARG D 59 2.69 -60.54 35.52
C ARG D 59 2.23 -59.80 36.76
N ILE D 60 0.91 -59.65 36.89
CA ILE D 60 0.33 -58.99 38.06
C ILE D 60 0.54 -59.85 39.31
N GLN D 61 0.47 -61.17 39.17
CA GLN D 61 0.68 -62.06 40.30
C GLN D 61 2.11 -61.98 40.83
N HIS D 62 3.09 -61.83 39.93
CA HIS D 62 4.48 -61.73 40.33
C HIS D 62 4.73 -60.48 41.18
N VAL D 63 4.26 -59.33 40.70
CA VAL D 63 4.49 -58.09 41.44
C VAL D 63 3.64 -58.06 42.71
N ASN D 64 2.48 -58.72 42.71
CA ASN D 64 1.67 -58.84 43.92
C ASN D 64 2.40 -59.63 45.01
N ALA D 65 2.90 -60.83 44.65
CA ALA D 65 3.62 -61.65 45.61
C ALA D 65 4.89 -60.97 46.07
N TYR D 66 5.58 -60.27 45.14
CA TYR D 66 6.74 -59.46 45.51
C TYR D 66 6.37 -58.41 46.55
N LEU D 67 5.33 -57.61 46.28
CA LEU D 67 5.03 -56.46 47.12
C LEU D 67 4.67 -56.91 48.53
N TYR D 68 3.97 -58.04 48.64
CA TYR D 68 3.76 -58.57 49.99
C TYR D 68 5.07 -59.10 50.59
N ALA D 69 5.93 -59.71 49.77
CA ALA D 69 7.16 -60.28 50.31
C ALA D 69 8.13 -59.21 50.81
N VAL D 70 8.18 -58.06 50.15
CA VAL D 70 9.15 -57.02 50.50
C VAL D 70 8.58 -55.99 51.47
N LEU D 71 7.29 -55.65 51.37
CA LEU D 71 6.74 -54.65 52.26
C LEU D 71 6.47 -55.16 53.66
N LYS D 72 6.43 -56.48 53.84
CA LYS D 72 6.19 -57.04 55.17
C LYS D 72 7.42 -56.87 56.05
N GLY D 73 7.17 -56.64 57.34
CA GLY D 73 8.23 -56.49 58.32
C GLY D 73 8.72 -55.07 58.53
N GLU D 74 8.25 -54.11 57.74
CA GLU D 74 8.67 -52.71 57.87
C GLU D 74 7.83 -52.02 58.94
N ARG D 75 8.06 -52.43 60.19
CA ARG D 75 7.34 -51.87 61.32
C ARG D 75 7.88 -50.48 61.65
N GLU D 76 7.05 -49.71 62.36
CA GLU D 76 7.41 -48.36 62.78
C GLU D 76 6.85 -48.14 64.18
N LEU D 77 7.05 -46.93 64.69
CA LEU D 77 6.54 -46.56 66.00
C LEU D 77 5.02 -46.40 65.97
N LEU D 78 4.42 -46.30 67.15
CA LEU D 78 2.98 -46.06 67.30
C LEU D 78 2.79 -45.25 68.57
N GLU D 79 2.73 -43.92 68.42
CA GLU D 79 2.63 -43.03 69.57
C GLU D 79 1.19 -42.81 70.03
N ALA D 80 0.20 -43.30 69.29
CA ALA D 80 -1.19 -43.07 69.66
C ALA D 80 -2.05 -44.20 69.10
N ASP D 81 -3.27 -44.28 69.63
CA ASP D 81 -4.23 -45.27 69.15
C ASP D 81 -4.73 -44.90 67.76
N TRP D 82 -4.93 -45.91 66.93
CA TRP D 82 -5.46 -45.74 65.58
C TRP D 82 -6.78 -46.47 65.47
N ASP D 83 -7.85 -45.74 65.15
CA ASP D 83 -9.19 -46.30 65.07
C ASP D 83 -9.93 -45.69 63.89
N SER D 84 -10.77 -46.51 63.25
CA SER D 84 -11.60 -46.05 62.14
C SER D 84 -12.76 -47.03 61.98
N PHE D 85 -13.99 -46.52 62.09
CA PHE D 85 -15.23 -47.31 61.99
C PHE D 85 -15.29 -48.42 63.04
N GLY D 86 -14.64 -48.22 64.18
CA GLY D 86 -14.60 -49.22 65.22
C GLY D 86 -13.56 -50.29 65.05
N HIS D 87 -12.95 -50.39 63.88
CA HIS D 87 -11.94 -51.41 63.61
C HIS D 87 -10.63 -50.97 64.25
N LYS D 88 -10.16 -51.72 65.25
CA LYS D 88 -8.93 -51.38 65.95
C LYS D 88 -7.72 -51.77 65.09
N ILE D 89 -6.83 -50.83 64.87
CA ILE D 89 -5.64 -51.04 64.04
C ILE D 89 -4.43 -51.37 64.89
N GLY D 90 -4.14 -50.55 65.90
CA GLY D 90 -2.95 -50.77 66.71
C GLY D 90 -3.11 -50.23 68.11
N ILE D 91 -2.29 -50.78 69.01
CA ILE D 91 -2.23 -50.37 70.40
C ILE D 91 -1.08 -49.38 70.54
N GLN D 92 -1.27 -48.35 71.38
CA GLN D 92 -0.26 -47.33 71.61
C GLN D 92 1.03 -47.94 72.14
N GLY D 93 2.17 -47.51 71.57
CA GLY D 93 3.46 -48.00 72.00
C GLY D 93 3.86 -49.35 71.44
N ASP D 94 3.31 -49.75 70.30
CA ASP D 94 3.59 -51.04 69.70
C ASP D 94 4.23 -50.86 68.32
N LYS D 95 4.49 -51.98 67.65
CA LYS D 95 4.93 -52.00 66.27
C LYS D 95 3.77 -52.41 65.38
N ILE D 96 3.59 -51.70 64.27
CA ILE D 96 2.37 -51.75 63.48
C ILE D 96 2.55 -52.51 62.16
N GLY D 97 3.43 -52.03 61.28
CA GLY D 97 3.61 -52.62 59.97
C GLY D 97 2.53 -52.23 58.99
N PRO D 98 2.87 -52.24 57.69
CA PRO D 98 1.91 -51.78 56.67
C PRO D 98 0.80 -52.77 56.34
N PHE D 99 0.89 -54.01 56.80
CA PHE D 99 -0.10 -55.03 56.47
C PHE D 99 -0.82 -55.56 57.71
N ASN D 100 -1.05 -54.69 58.69
CA ASN D 100 -1.81 -55.07 59.87
C ASN D 100 -3.26 -54.62 59.82
N LEU D 101 -3.59 -53.64 58.98
CA LEU D 101 -4.98 -53.24 58.80
C LEU D 101 -5.76 -54.30 58.04
N VAL D 102 -5.08 -55.08 57.20
CA VAL D 102 -5.68 -56.12 56.38
C VAL D 102 -5.00 -57.45 56.70
N ARG D 103 -5.79 -58.48 56.97
CA ARG D 103 -5.24 -59.81 57.15
C ARG D 103 -4.80 -60.38 55.80
N VAL D 104 -3.89 -61.36 55.86
CA VAL D 104 -3.21 -61.81 54.65
C VAL D 104 -4.16 -62.58 53.74
N GLU D 105 -4.95 -63.51 54.29
CA GLU D 105 -5.95 -64.30 53.56
C GLU D 105 -5.31 -65.05 52.39
N ASP D 106 -4.51 -66.06 52.75
CA ASP D 106 -3.75 -66.86 51.78
C ASP D 106 -4.63 -67.41 50.66
N ILE D 107 -4.20 -67.16 49.42
CA ILE D 107 -4.99 -67.35 48.21
C ILE D 107 -5.19 -68.83 47.94
N PRO D 108 -6.30 -69.22 47.29
CA PRO D 108 -6.41 -70.59 46.76
C PRO D 108 -5.46 -70.85 45.60
N ASP D 109 -5.51 -72.06 45.03
CA ASP D 109 -4.53 -72.46 44.04
C ASP D 109 -4.72 -71.73 42.72
N GLY D 110 -4.03 -70.60 42.58
CA GLY D 110 -4.02 -69.82 41.35
C GLY D 110 -2.62 -69.36 41.05
N LEU D 111 -1.65 -70.22 41.37
CA LEU D 111 -0.24 -69.83 41.36
C LEU D 111 0.23 -69.51 39.94
N PRO D 112 1.01 -68.46 39.77
CA PRO D 112 1.38 -68.02 38.41
C PRO D 112 2.42 -68.94 37.79
N ASP D 113 2.49 -68.87 36.46
CA ASP D 113 3.47 -69.64 35.69
C ASP D 113 4.75 -68.82 35.62
N GLY D 114 5.73 -69.20 36.45
CA GLY D 114 7.00 -68.52 36.45
C GLY D 114 7.88 -68.89 35.28
N LYS D 115 8.95 -68.13 35.11
CA LYS D 115 9.94 -68.34 34.06
C LYS D 115 11.30 -68.62 34.69
N LEU D 116 12.34 -68.61 33.87
CA LEU D 116 13.68 -68.90 34.35
C LEU D 116 14.19 -67.78 35.27
N ASN D 117 15.29 -68.07 35.95
CA ASN D 117 15.88 -67.13 36.91
C ASN D 117 17.08 -66.45 36.26
N ALA D 118 17.11 -65.12 36.37
CA ALA D 118 18.22 -64.32 35.84
C ALA D 118 19.36 -64.31 36.86
N GLU D 119 20.32 -63.41 36.66
CA GLU D 119 21.41 -63.26 37.62
C GLU D 119 20.86 -62.73 38.94
N VAL D 120 21.34 -63.32 40.04
CA VAL D 120 20.79 -63.02 41.36
C VAL D 120 21.24 -61.64 41.80
N SER D 121 20.28 -60.75 42.05
CA SER D 121 20.56 -59.38 42.45
C SER D 121 20.53 -59.20 43.96
N ALA D 122 19.38 -59.46 44.58
CA ALA D 122 19.13 -59.32 46.02
C ALA D 122 19.43 -57.92 46.55
N GLU D 123 19.45 -56.92 45.67
CA GLU D 123 19.83 -55.57 46.04
C GLU D 123 18.93 -54.50 45.42
N ASP D 124 18.14 -54.83 44.40
CA ASP D 124 17.29 -53.94 43.61
C ASP D 124 16.05 -53.44 44.35
N ASP D 125 15.91 -53.70 45.66
CA ASP D 125 14.76 -53.22 46.41
C ASP D 125 14.76 -51.71 46.59
N ALA D 126 15.88 -51.05 46.30
CA ALA D 126 15.93 -49.59 46.40
C ALA D 126 15.17 -48.90 45.26
N TRP D 127 14.87 -49.60 44.18
CA TRP D 127 14.16 -48.96 43.08
C TRP D 127 12.98 -49.77 42.56
N LEU D 128 13.02 -51.10 42.69
CA LEU D 128 12.04 -51.94 42.01
C LEU D 128 10.61 -51.80 42.54
N PRO D 129 10.33 -51.81 43.86
CA PRO D 129 8.96 -51.49 44.29
C PRO D 129 8.54 -50.06 43.99
N LEU D 130 9.46 -49.11 44.11
CA LEU D 130 9.17 -47.73 43.72
C LEU D 130 8.87 -47.63 42.23
N PHE D 131 9.62 -48.37 41.41
CA PHE D 131 9.37 -48.37 39.97
C PHE D 131 7.99 -48.93 39.65
N LEU D 132 7.59 -50.03 40.30
CA LEU D 132 6.26 -50.59 40.03
C LEU D 132 5.14 -49.66 40.49
N LEU D 133 5.28 -49.07 41.69
CA LEU D 133 4.23 -48.19 42.19
C LEU D 133 4.14 -46.91 41.39
N GLY D 134 5.26 -46.39 40.87
CA GLY D 134 5.20 -45.24 39.99
C GLY D 134 4.69 -45.59 38.60
N LEU D 135 4.96 -46.81 38.15
CA LEU D 135 4.43 -47.27 36.87
C LEU D 135 2.92 -47.40 36.91
N TYR D 136 2.37 -47.67 38.10
CA TYR D 136 0.91 -47.61 38.27
C TYR D 136 0.36 -46.22 37.95
N ARG D 137 1.00 -45.18 38.49
CA ARG D 137 0.56 -43.81 38.22
C ARG D 137 0.76 -43.45 36.75
N VAL D 138 1.85 -43.90 36.15
CA VAL D 138 2.09 -43.64 34.73
C VAL D 138 1.01 -44.31 33.89
N GLY D 139 0.62 -45.53 34.26
CA GLY D 139 -0.50 -46.19 33.59
C GLY D 139 -1.85 -45.53 33.83
N ARG D 140 -1.97 -44.77 34.93
CA ARG D 140 -3.21 -44.03 35.15
C ARG D 140 -3.34 -42.80 34.26
N ALA D 141 -2.28 -42.38 33.59
CA ALA D 141 -2.34 -41.22 32.71
C ALA D 141 -3.02 -41.56 31.39
N SER D 142 -3.47 -40.53 30.69
CA SER D 142 -4.26 -40.70 29.48
C SER D 142 -3.83 -39.82 28.31
N GLU D 143 -2.80 -38.99 28.48
CA GLU D 143 -2.33 -38.10 27.43
C GLU D 143 -0.86 -38.39 27.15
N THR D 144 -0.51 -38.47 25.86
CA THR D 144 0.88 -38.71 25.48
C THR D 144 1.77 -37.52 25.84
N ALA D 145 1.24 -36.31 25.80
CA ALA D 145 2.00 -35.15 26.28
C ALA D 145 2.17 -35.20 27.80
N TYR D 146 1.22 -35.82 28.50
CA TYR D 146 1.30 -36.00 29.94
C TYR D 146 2.11 -37.25 30.33
N ARG D 147 2.91 -37.79 29.42
CA ARG D 147 3.84 -38.87 29.74
C ARG D 147 5.17 -38.34 30.26
N THR D 148 5.22 -37.09 30.71
CA THR D 148 6.36 -36.58 31.45
C THR D 148 6.41 -37.12 32.87
N LEU D 149 5.35 -37.79 33.33
CA LEU D 149 5.42 -38.50 34.60
C LEU D 149 6.43 -39.63 34.53
N LEU D 150 6.53 -40.30 33.37
CA LEU D 150 7.58 -41.29 33.16
C LEU D 150 8.96 -40.67 33.24
N MET D 151 9.16 -39.50 32.63
CA MET D 151 10.46 -38.82 32.68
C MET D 151 10.80 -38.40 34.11
N GLU D 152 9.80 -37.94 34.87
CA GLU D 152 10.00 -37.65 36.28
C GLU D 152 10.38 -38.91 37.05
N SER D 153 9.76 -40.05 36.70
CA SER D 153 10.12 -41.31 37.34
C SER D 153 11.56 -41.69 37.07
N LEU D 154 12.01 -41.59 35.81
CA LEU D 154 13.39 -41.91 35.47
C LEU D 154 14.37 -40.95 36.14
N ILE D 155 14.02 -39.67 36.21
CA ILE D 155 14.84 -38.70 36.93
C ILE D 155 14.94 -39.09 38.40
N LYS D 156 13.84 -39.57 38.97
CA LYS D 156 13.83 -39.97 40.38
C LYS D 156 14.69 -41.21 40.63
N GLN D 157 14.58 -42.22 39.77
CA GLN D 157 15.20 -43.52 40.04
C GLN D 157 16.55 -43.71 39.37
N CYS D 158 17.02 -42.75 38.57
CA CYS D 158 18.36 -42.87 37.99
C CYS D 158 19.45 -42.70 39.04
N LYS D 159 19.13 -42.06 40.16
CA LYS D 159 20.08 -41.89 41.27
C LYS D 159 19.73 -42.81 42.43
N ALA D 160 19.29 -44.03 42.11
CA ALA D 160 18.83 -44.95 43.13
C ALA D 160 19.99 -45.46 43.99
N ILE D 161 21.11 -45.82 43.36
CA ILE D 161 22.23 -46.35 44.13
C ILE D 161 23.36 -45.34 44.20
N LYS D 162 24.03 -45.09 43.08
CA LYS D 162 24.95 -43.95 43.00
C LYS D 162 24.63 -43.02 41.84
N SER D 163 24.77 -43.47 40.59
CA SER D 163 24.46 -42.65 39.43
C SER D 163 23.84 -43.39 38.26
N ASP D 164 24.03 -44.70 38.13
CA ASP D 164 23.84 -45.40 36.87
C ASP D 164 22.51 -46.16 36.87
N TRP D 165 21.76 -46.01 35.78
CA TRP D 165 20.48 -46.67 35.61
C TRP D 165 20.07 -46.64 34.14
N VAL D 166 19.41 -47.71 33.70
CA VAL D 166 18.90 -47.84 32.34
C VAL D 166 17.41 -48.14 32.42
N SER D 167 16.62 -47.44 31.61
CA SER D 167 15.17 -47.55 31.68
C SER D 167 14.69 -48.79 30.94
N PRO D 168 13.96 -49.70 31.60
CA PRO D 168 13.44 -50.88 30.92
C PRO D 168 12.03 -50.71 30.37
N VAL D 169 11.36 -49.61 30.66
CA VAL D 169 9.97 -49.41 30.27
C VAL D 169 9.92 -48.59 28.97
N THR D 170 9.19 -49.11 27.99
CA THR D 170 8.97 -48.37 26.76
C THR D 170 8.07 -47.16 27.04
N ALA D 171 8.42 -46.03 26.43
CA ALA D 171 7.67 -44.80 26.67
C ALA D 171 6.28 -44.81 26.06
N THR D 172 6.03 -45.68 25.09
CA THR D 172 4.74 -45.73 24.41
C THR D 172 3.95 -47.01 24.69
N HIS D 173 4.55 -48.03 25.29
CA HIS D 173 3.83 -49.27 25.55
C HIS D 173 2.83 -49.09 26.68
N LYS D 174 1.73 -49.82 26.59
CA LYS D 174 0.62 -49.74 27.54
C LYS D 174 0.27 -51.11 28.09
N TYR D 175 1.27 -51.86 28.54
CA TYR D 175 1.05 -53.19 29.06
C TYR D 175 0.89 -53.24 30.57
N PHE D 176 0.93 -52.09 31.26
CA PHE D 176 0.87 -52.07 32.72
C PHE D 176 -0.40 -51.43 33.27
N ASP D 177 -1.14 -50.68 32.47
CA ASP D 177 -2.37 -50.05 32.97
C ASP D 177 -3.51 -51.06 33.14
N VAL D 178 -3.33 -52.29 32.67
CA VAL D 178 -4.29 -53.35 32.95
C VAL D 178 -4.28 -53.69 34.43
N TRP D 179 -3.15 -53.48 35.12
CA TRP D 179 -3.02 -53.82 36.53
C TRP D 179 -3.94 -53.00 37.42
N GLY D 180 -4.43 -51.85 36.94
CA GLY D 180 -5.38 -51.07 37.72
C GLY D 180 -6.72 -51.74 37.92
N ASN D 181 -7.07 -52.70 37.07
CA ASN D 181 -8.29 -53.47 37.25
C ASN D 181 -8.16 -54.53 38.34
N ASP D 182 -6.94 -54.91 38.71
CA ASP D 182 -6.73 -55.91 39.74
C ASP D 182 -7.06 -55.33 41.10
N GLY D 183 -7.95 -56.00 41.84
CA GLY D 183 -8.36 -55.50 43.14
C GLY D 183 -7.25 -55.56 44.18
N ASN D 184 -6.46 -56.63 44.14
CA ASN D 184 -5.41 -56.81 45.14
C ASN D 184 -4.30 -55.78 44.99
N TYR D 185 -3.97 -55.42 43.75
CA TYR D 185 -2.96 -54.38 43.51
C TYR D 185 -3.40 -53.05 44.08
N LEU D 186 -4.67 -52.69 43.85
CA LEU D 186 -5.22 -51.47 44.42
C LEU D 186 -5.24 -51.53 45.94
N LYS D 187 -5.52 -52.71 46.50
CA LYS D 187 -5.56 -52.86 47.96
C LYS D 187 -4.17 -52.66 48.57
N ILE D 188 -3.14 -53.23 47.97
CA ILE D 188 -1.79 -53.05 48.52
C ILE D 188 -1.31 -51.61 48.32
N VAL D 189 -1.60 -51.00 47.17
CA VAL D 189 -1.13 -49.63 46.96
C VAL D 189 -1.86 -48.66 47.90
N ALA D 190 -3.13 -48.93 48.19
CA ALA D 190 -3.81 -48.13 49.18
C ALA D 190 -3.27 -48.41 50.59
N CYS D 191 -2.87 -49.66 50.88
CA CYS D 191 -2.29 -49.98 52.18
C CYS D 191 -0.99 -49.23 52.41
N VAL D 192 -0.08 -49.24 51.41
CA VAL D 192 1.20 -48.58 51.61
C VAL D 192 1.02 -47.07 51.64
N ASP D 193 0.12 -46.52 50.81
CA ASP D 193 -0.10 -45.07 50.86
C ASP D 193 -0.72 -44.64 52.18
N MET D 194 -1.69 -45.38 52.69
CA MET D 194 -2.30 -45.04 53.98
C MET D 194 -1.30 -45.17 55.13
N PHE D 195 -0.48 -46.22 55.11
CA PHE D 195 0.46 -46.43 56.20
C PHE D 195 1.58 -45.40 56.18
N TYR D 196 2.09 -45.06 54.99
CA TYR D 196 3.19 -44.11 54.88
C TYR D 196 2.74 -42.67 54.84
N ASN D 197 1.43 -42.41 54.76
CA ASN D 197 0.93 -41.06 55.03
C ASN D 197 0.92 -40.75 56.51
N HIS D 198 0.73 -41.78 57.35
CA HIS D 198 0.74 -41.58 58.79
C HIS D 198 2.14 -41.29 59.32
N PHE D 199 3.15 -41.93 58.74
CA PHE D 199 4.54 -41.79 59.18
C PHE D 199 5.34 -41.19 58.03
N LYS D 200 5.36 -39.86 57.96
CA LYS D 200 6.12 -39.17 56.93
C LYS D 200 7.59 -39.02 57.29
N LYS D 201 7.97 -39.33 58.52
CA LYS D 201 9.35 -39.22 58.97
C LYS D 201 10.17 -40.46 58.64
N SER D 202 9.58 -41.49 58.07
CA SER D 202 10.31 -42.68 57.70
C SER D 202 11.23 -42.41 56.51
N ILE D 203 12.33 -43.16 56.44
CA ILE D 203 13.26 -43.03 55.32
C ILE D 203 12.62 -43.57 54.04
N LYS D 204 11.83 -44.64 54.16
CA LYS D 204 11.26 -45.30 52.99
C LYS D 204 9.99 -44.64 52.49
N ALA D 205 9.59 -43.50 53.07
CA ALA D 205 8.37 -42.79 52.67
C ALA D 205 8.45 -42.20 51.26
N THR D 206 9.60 -42.30 50.60
CA THR D 206 9.77 -41.91 49.20
C THR D 206 8.88 -42.74 48.27
N PHE D 207 8.43 -43.92 48.69
CA PHE D 207 7.57 -44.77 47.88
C PHE D 207 6.20 -44.17 47.61
N ARG D 208 5.82 -43.10 48.32
CA ARG D 208 4.52 -42.46 48.12
C ARG D 208 4.37 -41.80 46.75
N TRP D 209 5.47 -41.62 46.02
CA TRP D 209 5.37 -41.26 44.61
C TRP D 209 4.62 -42.36 43.87
N GLY D 210 3.59 -41.98 43.13
CA GLY D 210 2.76 -42.93 42.41
C GLY D 210 1.53 -43.36 43.16
N THR D 211 1.63 -43.49 44.48
CA THR D 211 0.51 -43.92 45.30
C THR D 211 -0.38 -42.78 45.75
N ILE D 212 -0.01 -41.53 45.47
CA ILE D 212 -0.80 -40.38 45.90
C ILE D 212 -2.14 -40.34 45.17
N VAL D 213 -2.19 -40.84 43.94
CA VAL D 213 -3.44 -40.85 43.18
C VAL D 213 -4.46 -41.82 43.72
N SER D 214 -4.06 -42.70 44.64
CA SER D 214 -5.01 -43.57 45.33
C SER D 214 -5.82 -42.82 46.38
N ARG D 215 -5.24 -41.77 46.96
CA ARG D 215 -5.92 -41.01 48.02
C ARG D 215 -6.98 -40.11 47.42
N PHE D 216 -8.19 -40.16 47.99
CA PHE D 216 -9.34 -39.36 47.58
C PHE D 216 -9.68 -39.56 46.10
N LYS D 217 -9.52 -40.78 45.62
CA LYS D 217 -9.89 -41.10 44.25
C LYS D 217 -11.41 -41.12 44.11
N ASP D 218 -11.88 -40.51 43.02
CA ASP D 218 -13.32 -40.35 42.73
C ASP D 218 -14.06 -39.65 43.86
N CYS D 219 -13.42 -38.64 44.44
CA CYS D 219 -14.01 -37.84 45.52
C CYS D 219 -13.70 -36.36 45.30
N ALA D 220 -13.88 -35.90 44.07
CA ALA D 220 -13.47 -34.55 43.69
C ALA D 220 -14.40 -33.47 44.22
N ALA D 221 -15.64 -33.80 44.59
CA ALA D 221 -16.57 -32.79 45.05
C ALA D 221 -16.18 -32.23 46.42
N LEU D 222 -15.59 -33.07 47.29
CA LEU D 222 -15.10 -32.58 48.57
C LEU D 222 -13.96 -31.58 48.37
N ALA D 223 -13.07 -31.86 47.43
CA ALA D 223 -11.99 -30.93 47.12
C ALA D 223 -12.55 -29.65 46.49
N THR D 224 -13.63 -29.77 45.70
CA THR D 224 -14.28 -28.58 45.16
C THR D 224 -14.84 -27.70 46.27
N LEU D 225 -15.49 -28.32 47.26
CA LEU D 225 -16.01 -27.55 48.39
C LEU D 225 -14.90 -26.90 49.20
N GLY D 226 -13.80 -27.63 49.43
CA GLY D 226 -12.69 -27.04 50.15
C GLY D 226 -12.05 -25.87 49.41
N HIS D 227 -11.88 -26.01 48.10
CA HIS D 227 -11.31 -24.93 47.30
C HIS D 227 -12.23 -23.70 47.29
N VAL D 228 -13.54 -23.90 47.17
CA VAL D 228 -14.43 -22.74 47.16
C VAL D 228 -14.55 -22.12 48.55
N VAL D 229 -14.31 -22.89 49.62
CA VAL D 229 -14.26 -22.27 50.95
C VAL D 229 -13.02 -21.42 51.10
N LYS D 230 -11.86 -21.95 50.66
CA LYS D 230 -10.60 -21.24 50.91
C LYS D 230 -10.42 -20.05 49.97
N ILE D 231 -10.90 -20.14 48.74
CA ILE D 231 -10.63 -19.11 47.74
C ILE D 231 -11.47 -17.87 47.89
N THR D 232 -12.53 -17.90 48.70
CA THR D 232 -13.41 -16.75 48.84
C THR D 232 -13.23 -16.01 50.17
N GLY D 233 -12.67 -16.66 51.18
CA GLY D 233 -12.56 -16.04 52.49
C GLY D 233 -13.79 -16.18 53.35
N LEU D 234 -14.79 -16.92 52.91
CA LEU D 234 -16.00 -17.15 53.68
C LEU D 234 -15.84 -18.37 54.57
N THR D 235 -16.63 -18.41 55.65
CA THR D 235 -16.71 -19.61 56.45
C THR D 235 -17.54 -20.67 55.73
N ILE D 236 -17.47 -21.90 56.23
CA ILE D 236 -18.17 -23.02 55.59
C ILE D 236 -19.68 -22.84 55.68
N GLU D 237 -20.17 -22.26 56.80
CA GLU D 237 -21.60 -22.01 56.94
C GLU D 237 -22.08 -20.97 55.93
N GLU D 238 -21.26 -19.96 55.67
CA GLU D 238 -21.64 -18.95 54.67
C GLU D 238 -21.60 -19.52 53.25
N VAL D 239 -20.65 -20.43 52.99
CA VAL D 239 -20.59 -21.09 51.69
C VAL D 239 -21.83 -21.94 51.48
N PHE D 240 -22.26 -22.67 52.50
CA PHE D 240 -23.52 -23.42 52.40
C PHE D 240 -24.72 -22.48 52.30
N THR D 241 -24.64 -21.32 52.94
CA THR D 241 -25.73 -20.35 52.92
C THR D 241 -25.93 -19.77 51.52
N TRP D 242 -24.85 -19.51 50.80
CA TRP D 242 -24.94 -18.83 49.51
C TRP D 242 -25.34 -19.74 48.34
N VAL D 243 -25.92 -20.91 48.60
CA VAL D 243 -26.35 -21.81 47.53
C VAL D 243 -27.81 -21.54 47.23
N LEU D 244 -28.12 -21.30 45.95
CA LEU D 244 -29.45 -20.84 45.54
C LEU D 244 -30.13 -21.76 44.53
N GLN D 245 -29.80 -23.04 44.53
CA GLN D 245 -30.45 -24.01 43.65
C GLN D 245 -30.82 -25.25 44.43
N THR D 246 -31.96 -25.85 44.09
CA THR D 246 -32.44 -27.01 44.83
C THR D 246 -31.65 -28.27 44.51
N GLU D 247 -31.18 -28.41 43.27
CA GLU D 247 -30.38 -29.58 42.92
C GLU D 247 -29.05 -29.58 43.64
N VAL D 248 -28.37 -28.43 43.66
CA VAL D 248 -27.09 -28.29 44.35
C VAL D 248 -27.27 -28.52 45.85
N ALA D 249 -28.36 -27.98 46.42
CA ALA D 249 -28.62 -28.17 47.85
C ALA D 249 -28.90 -29.63 48.17
N ASP D 250 -29.63 -30.33 47.29
CA ASP D 250 -29.90 -31.74 47.52
C ASP D 250 -28.63 -32.57 47.46
N GLU D 251 -27.73 -32.27 46.52
CA GLU D 251 -26.45 -32.98 46.45
C GLU D 251 -25.58 -32.68 47.67
N LEU D 252 -25.62 -31.44 48.17
CA LEU D 252 -24.87 -31.12 49.38
C LEU D 252 -25.41 -31.89 50.58
N VAL D 253 -26.74 -31.99 50.70
CA VAL D 253 -27.36 -32.74 51.78
C VAL D 253 -26.98 -34.22 51.70
N LYS D 254 -27.02 -34.79 50.49
CA LYS D 254 -26.61 -36.18 50.32
C LYS D 254 -25.12 -36.37 50.56
N MET D 255 -24.31 -35.33 50.34
CA MET D 255 -22.88 -35.39 50.58
C MET D 255 -22.51 -35.19 52.04
N MET D 256 -23.42 -34.66 52.85
CA MET D 256 -23.16 -34.41 54.27
C MET D 256 -23.79 -35.45 55.18
N LYS D 257 -23.72 -36.72 54.80
CA LYS D 257 -24.15 -37.79 55.69
C LYS D 257 -23.26 -37.81 56.93
N PRO D 258 -23.83 -37.83 58.14
CA PRO D 258 -23.03 -37.59 59.36
C PRO D 258 -22.02 -38.69 59.70
N GLY D 259 -22.44 -39.94 59.74
CA GLY D 259 -21.58 -41.00 60.24
C GLY D 259 -20.62 -41.57 59.21
N GLN D 260 -19.84 -40.72 58.55
CA GLN D 260 -18.89 -41.16 57.55
C GLN D 260 -17.46 -40.73 57.87
N GLU D 261 -17.23 -40.18 59.06
CA GLU D 261 -15.96 -39.59 59.54
C GLU D 261 -15.26 -38.78 58.45
N ILE D 262 -15.94 -37.70 58.04
CA ILE D 262 -15.44 -36.86 56.96
C ILE D 262 -14.18 -36.11 57.39
N ASP D 263 -14.16 -35.64 58.63
CA ASP D 263 -13.14 -34.70 59.10
C ASP D 263 -11.84 -35.37 59.54
N LYS D 264 -11.80 -36.69 59.67
CA LYS D 264 -10.65 -37.38 60.23
C LYS D 264 -9.67 -37.72 59.12
N SER D 265 -8.45 -37.18 59.21
CA SER D 265 -7.44 -37.42 58.19
C SER D 265 -6.88 -38.83 58.26
N THR D 266 -6.81 -39.40 59.45
CA THR D 266 -6.31 -40.77 59.64
C THR D 266 -7.50 -41.71 59.74
N SER D 267 -8.10 -41.99 58.58
CA SER D 267 -9.28 -42.83 58.53
C SER D 267 -9.35 -43.53 57.18
N TYR D 268 -10.36 -44.38 57.02
CA TYR D 268 -10.51 -45.21 55.83
C TYR D 268 -11.21 -44.52 54.67
N MET D 269 -11.82 -43.34 54.89
CA MET D 269 -12.65 -42.74 53.85
C MET D 269 -11.89 -42.34 52.59
N PRO D 270 -10.74 -41.63 52.63
CA PRO D 270 -10.10 -41.25 51.35
C PRO D 270 -9.65 -42.43 50.51
N TYR D 271 -9.42 -43.58 51.11
CA TYR D 271 -9.20 -44.81 50.37
C TYR D 271 -10.49 -45.62 50.29
N LEU D 272 -11.52 -44.98 49.72
CA LEU D 272 -12.82 -45.62 49.62
C LEU D 272 -12.84 -46.68 48.53
N ILE D 273 -12.22 -46.39 47.39
CA ILE D 273 -12.36 -47.25 46.22
C ILE D 273 -11.31 -48.36 46.20
N ASP D 274 -10.05 -48.01 46.47
CA ASP D 274 -8.98 -49.00 46.33
C ASP D 274 -8.99 -50.01 47.47
N MET D 275 -9.57 -49.66 48.61
CA MET D 275 -9.78 -50.66 49.65
C MET D 275 -10.93 -51.60 49.36
N GLY D 276 -11.73 -51.32 48.34
CA GLY D 276 -12.88 -52.15 48.05
C GLY D 276 -14.04 -51.95 48.99
N ILE D 277 -14.06 -50.83 49.72
CA ILE D 277 -15.16 -50.56 50.64
C ILE D 277 -16.44 -50.25 49.87
N SER D 278 -16.33 -49.48 48.80
CA SER D 278 -17.48 -49.14 47.98
C SER D 278 -17.07 -49.16 46.51
N ALA D 279 -18.06 -49.39 45.64
CA ALA D 279 -17.82 -49.39 44.20
C ALA D 279 -18.30 -48.11 43.52
N LYS D 280 -19.36 -47.50 44.03
CA LYS D 280 -19.88 -46.23 43.52
C LYS D 280 -19.75 -45.20 44.64
N SER D 281 -18.74 -44.35 44.55
CA SER D 281 -18.51 -43.35 45.58
C SER D 281 -19.56 -42.25 45.50
N PRO D 282 -20.15 -41.83 46.61
CA PRO D 282 -21.13 -40.74 46.59
C PRO D 282 -20.51 -39.35 46.60
N TYR D 283 -19.20 -39.20 46.32
CA TYR D 283 -18.53 -37.91 46.42
C TYR D 283 -17.89 -37.49 45.09
N SER D 284 -18.24 -38.11 43.98
CA SER D 284 -17.56 -37.86 42.72
C SER D 284 -18.27 -36.77 41.93
N THR D 285 -17.69 -36.42 40.77
CA THR D 285 -18.31 -35.44 39.89
C THR D 285 -19.48 -36.06 39.13
N ILE D 286 -19.36 -37.34 38.78
CA ILE D 286 -20.45 -38.02 38.07
C ILE D 286 -21.66 -38.19 38.99
N LYS D 287 -21.41 -38.56 40.25
CA LYS D 287 -22.51 -38.68 41.20
C LYS D 287 -23.08 -37.32 41.58
N ASN D 288 -22.25 -36.29 41.60
CA ASN D 288 -22.69 -34.93 41.96
C ASN D 288 -22.27 -33.92 40.88
N PRO D 289 -22.92 -33.94 39.71
CA PRO D 289 -22.72 -32.84 38.76
C PRO D 289 -23.58 -31.66 39.16
N SER D 290 -23.21 -30.48 38.64
CA SER D 290 -23.81 -29.17 38.89
C SER D 290 -23.56 -28.65 40.30
N PHE D 291 -22.96 -29.44 41.19
CA PHE D 291 -22.22 -28.90 42.32
C PHE D 291 -20.73 -28.79 42.00
N HIS D 292 -20.26 -29.52 40.99
CA HIS D 292 -18.93 -29.30 40.46
C HIS D 292 -18.89 -28.15 39.44
N PHE D 293 -20.05 -27.69 38.98
CA PHE D 293 -20.09 -26.49 38.15
C PHE D 293 -20.20 -25.24 39.00
N TRP D 294 -21.10 -25.27 39.98
CA TRP D 294 -21.03 -24.33 41.09
C TRP D 294 -19.73 -24.54 41.85
N GLY D 295 -19.25 -23.50 42.52
CA GLY D 295 -18.02 -23.67 43.24
C GLY D 295 -16.81 -23.48 42.35
N GLN D 296 -16.67 -24.32 41.33
CA GLN D 296 -15.60 -24.12 40.36
C GLN D 296 -15.83 -22.87 39.53
N LEU D 297 -17.07 -22.61 39.11
CA LEU D 297 -17.38 -21.37 38.40
C LEU D 297 -17.20 -20.15 39.30
N VAL D 298 -17.55 -20.30 40.57
CA VAL D 298 -17.38 -19.21 41.53
C VAL D 298 -15.90 -18.91 41.74
N ALA D 299 -15.09 -19.96 41.89
CA ALA D 299 -13.66 -19.77 42.10
C ALA D 299 -12.98 -19.22 40.85
N ALA D 300 -13.45 -19.61 39.67
CA ALA D 300 -12.90 -19.04 38.44
C ALA D 300 -13.28 -17.57 38.29
N LEU D 301 -14.48 -17.20 38.73
CA LEU D 301 -14.86 -15.80 38.72
C LEU D 301 -14.27 -15.02 39.88
N CYS D 302 -13.69 -15.70 40.87
CA CYS D 302 -12.90 -15.08 41.91
C CYS D 302 -11.41 -15.11 41.60
N ARG D 303 -11.06 -15.31 40.32
CA ARG D 303 -9.69 -15.23 39.81
C ARG D 303 -8.78 -16.26 40.47
N SER D 304 -9.12 -17.53 40.28
CA SER D 304 -8.28 -18.66 40.66
C SER D 304 -7.94 -19.45 39.42
N LYS D 305 -6.67 -19.80 39.25
CA LYS D 305 -6.22 -20.45 38.02
C LYS D 305 -6.46 -21.95 38.02
N ARG D 306 -6.74 -22.56 39.17
CA ARG D 306 -7.05 -23.99 39.19
C ARG D 306 -8.42 -24.26 38.58
N ALA D 307 -9.40 -23.42 38.91
CA ALA D 307 -10.78 -23.63 38.48
C ALA D 307 -11.02 -23.31 37.02
N LEU D 308 -10.05 -22.70 36.33
CA LEU D 308 -10.20 -22.43 34.90
C LEU D 308 -10.05 -23.69 34.05
N ASN D 309 -9.55 -24.79 34.62
CA ASN D 309 -9.35 -26.03 33.90
C ASN D 309 -10.36 -27.09 34.27
N ALA D 310 -11.27 -26.82 35.21
CA ALA D 310 -12.27 -27.81 35.59
C ALA D 310 -13.25 -28.04 34.46
N ARG D 311 -13.60 -29.31 34.24
CA ARG D 311 -14.49 -29.68 33.15
C ARG D 311 -15.93 -29.29 33.47
N GLN D 312 -16.61 -28.70 32.49
CA GLN D 312 -18.02 -28.40 32.64
C GLN D 312 -18.84 -29.64 32.36
N PRO D 313 -19.60 -30.15 33.33
CA PRO D 313 -20.42 -31.33 33.07
C PRO D 313 -21.55 -31.03 32.13
N ASP D 314 -21.93 -32.03 31.35
CA ASP D 314 -23.04 -31.90 30.42
C ASP D 314 -24.33 -32.36 31.08
N GLU D 315 -25.45 -31.96 30.46
CA GLU D 315 -26.80 -32.31 30.90
C GLU D 315 -27.06 -31.78 32.32
N ILE D 316 -26.80 -30.48 32.51
CA ILE D 316 -27.14 -29.75 33.73
C ILE D 316 -27.72 -28.40 33.33
N ASP D 317 -28.43 -27.79 34.27
CA ASP D 317 -29.05 -26.47 34.06
C ASP D 317 -27.99 -25.40 34.24
N SER D 318 -27.31 -25.07 33.15
CA SER D 318 -26.11 -24.23 33.23
C SER D 318 -26.42 -22.75 33.43
N MET D 319 -27.53 -22.25 32.87
CA MET D 319 -27.74 -20.80 32.83
C MET D 319 -28.09 -20.23 34.20
N SER D 320 -28.98 -20.90 34.95
CA SER D 320 -29.32 -20.43 36.29
C SER D 320 -28.14 -20.54 37.23
N ILE D 321 -27.35 -21.60 37.10
CA ILE D 321 -26.16 -21.77 37.91
C ILE D 321 -25.14 -20.68 37.61
N SER D 322 -25.00 -20.32 36.33
CA SER D 322 -24.10 -19.24 35.97
C SER D 322 -24.58 -17.90 36.50
N ASN D 323 -25.91 -17.69 36.51
CA ASN D 323 -26.47 -16.47 37.10
C ASN D 323 -26.17 -16.38 38.59
N ALA D 324 -26.36 -17.50 39.31
CA ALA D 324 -26.07 -17.52 40.74
C ALA D 324 -24.59 -17.33 41.02
N SER D 325 -23.72 -17.94 40.20
CA SER D 325 -22.29 -17.79 40.38
C SER D 325 -21.83 -16.36 40.14
N LEU D 326 -22.38 -15.71 39.10
CA LEU D 326 -22.03 -14.32 38.85
C LEU D 326 -22.53 -13.41 39.96
N LEU D 327 -23.73 -13.68 40.48
CA LEU D 327 -24.24 -12.88 41.59
C LEU D 327 -23.37 -13.02 42.83
N MET D 328 -22.99 -14.25 43.19
CA MET D 328 -22.17 -14.45 44.37
C MET D 328 -20.76 -13.87 44.19
N ALA D 329 -20.17 -14.02 43.00
CA ALA D 329 -18.84 -13.46 42.77
C ALA D 329 -18.86 -11.93 42.80
N TYR D 330 -19.88 -11.31 42.22
CA TYR D 330 -19.98 -9.86 42.27
C TYR D 330 -20.24 -9.36 43.68
N ALA D 331 -21.05 -10.08 44.46
CA ALA D 331 -21.30 -9.71 45.85
C ALA D 331 -20.04 -9.83 46.69
N LEU D 332 -19.24 -10.86 46.44
CA LEU D 332 -17.97 -11.00 47.15
C LEU D 332 -16.99 -9.91 46.77
N GLY D 333 -16.93 -9.56 45.48
CA GLY D 333 -15.99 -8.54 45.05
C GLY D 333 -16.37 -7.12 45.36
N SER D 334 -17.66 -6.85 45.52
CA SER D 334 -18.09 -5.48 45.78
C SER D 334 -17.79 -5.07 47.22
N SER D 335 -17.91 -5.99 48.16
CA SER D 335 -17.75 -5.72 49.59
C SER D 335 -16.65 -6.59 50.16
N PRO D 336 -15.41 -6.10 50.20
CA PRO D 336 -14.30 -6.90 50.72
C PRO D 336 -14.20 -6.86 52.24
N ASP D 337 -13.15 -7.48 52.78
CA ASP D 337 -12.94 -7.61 54.23
C ASP D 337 -11.81 -6.66 54.61
N ILE D 338 -12.17 -5.43 54.98
CA ILE D 338 -11.17 -4.42 55.34
C ILE D 338 -11.29 -4.07 56.81
N GLU D 339 -11.71 -5.03 57.62
CA GLU D 339 -11.85 -4.77 59.04
C GLU D 339 -10.49 -4.54 59.67
N GLN D 340 -10.36 -3.47 60.45
CA GLN D 340 -9.09 -3.19 61.11
C GLN D 340 -8.80 -4.25 62.16
N GLN D 341 -7.56 -4.75 62.19
CA GLN D 341 -7.19 -5.85 63.06
C GLN D 341 -6.27 -5.45 64.20
N PHE D 342 -5.15 -4.78 63.90
CA PHE D 342 -4.20 -4.36 64.92
C PHE D 342 -4.39 -2.87 65.21
N SER D 343 -4.11 -2.48 66.45
CA SER D 343 -4.27 -1.10 66.87
C SER D 343 -3.17 -0.74 67.87
N THR D 344 -2.86 0.55 67.92
CA THR D 344 -1.92 1.09 68.89
C THR D 344 -2.59 2.02 69.89
N GLY D 345 -3.29 3.05 69.39
CA GLY D 345 -4.01 3.95 70.26
C GLY D 345 -5.30 4.47 69.65
N ASN D 346 -5.82 3.78 68.63
CA ASN D 346 -7.00 4.24 67.92
C ASN D 346 -7.90 3.07 67.60
N THR D 347 -9.16 3.38 67.33
CA THR D 347 -10.21 2.40 67.11
C THR D 347 -10.50 2.27 65.61
N TYR D 348 -11.58 1.56 65.29
CA TYR D 348 -11.91 1.19 63.92
C TYR D 348 -12.54 2.38 63.18
N ARG D 349 -13.14 2.09 62.02
CA ARG D 349 -13.71 3.12 61.14
C ARG D 349 -14.98 3.76 61.70
N LYS D 350 -15.55 3.21 62.79
CA LYS D 350 -16.76 3.60 63.52
C LYS D 350 -17.92 4.00 62.61
N PRO D 351 -18.57 3.06 61.93
CA PRO D 351 -19.66 3.41 61.02
C PRO D 351 -20.90 3.83 61.79
N PRO D 352 -21.40 5.06 61.56
CA PRO D 352 -22.53 5.59 62.31
C PRO D 352 -23.90 5.24 61.72
N LYS D 353 -24.08 3.96 61.38
CA LYS D 353 -25.37 3.37 60.98
C LYS D 353 -25.98 4.10 59.78
N GLU D 354 -25.28 3.98 58.65
CA GLU D 354 -25.74 4.57 57.39
C GLU D 354 -27.05 3.94 56.93
N ALA D 355 -27.00 2.65 56.59
CA ALA D 355 -28.13 1.80 56.22
C ALA D 355 -28.92 2.30 55.01
N SER D 356 -28.37 3.24 54.24
CA SER D 356 -29.08 3.79 53.08
C SER D 356 -28.07 4.45 52.16
N TYR D 357 -27.94 3.92 50.94
CA TYR D 357 -27.03 4.48 49.95
C TYR D 357 -27.56 4.14 48.57
N LEU D 358 -28.11 5.14 47.88
CA LEU D 358 -28.84 4.94 46.63
C LEU D 358 -27.97 5.11 45.40
N VAL D 359 -26.65 4.98 45.52
CA VAL D 359 -25.79 5.03 44.35
C VAL D 359 -26.01 3.81 43.47
N SER D 360 -26.05 2.62 44.08
CA SER D 360 -26.49 1.41 43.38
C SER D 360 -27.30 0.50 44.30
N GLU D 361 -27.72 0.98 45.47
CA GLU D 361 -28.48 0.24 46.49
C GLU D 361 -27.73 -1.00 46.99
N GLU D 362 -26.41 -1.04 46.83
CA GLU D 362 -25.62 -2.20 47.22
C GLU D 362 -25.41 -2.24 48.72
N PRO D 363 -25.56 -3.41 49.35
CA PRO D 363 -25.25 -3.53 50.77
C PRO D 363 -23.76 -3.48 51.02
N LYS D 364 -23.37 -3.37 52.29
CA LYS D 364 -21.94 -3.23 52.62
C LYS D 364 -21.36 -4.47 53.28
N ASN D 365 -22.02 -5.61 53.14
CA ASN D 365 -21.53 -6.85 53.73
C ASN D 365 -21.70 -7.96 52.71
N ARG D 366 -21.53 -9.21 53.16
CA ARG D 366 -21.67 -10.38 52.30
C ARG D 366 -22.84 -11.26 52.72
N SER D 367 -23.87 -10.66 53.31
CA SER D 367 -25.07 -11.40 53.69
C SER D 367 -25.92 -11.65 52.45
N VAL D 368 -26.50 -12.85 52.37
CA VAL D 368 -27.15 -13.27 51.13
C VAL D 368 -28.55 -12.65 51.01
N VAL D 369 -29.20 -12.32 52.13
CA VAL D 369 -30.57 -11.85 52.08
C VAL D 369 -30.65 -10.43 51.49
N GLU D 370 -29.74 -9.55 51.91
CA GLU D 370 -29.70 -8.20 51.35
C GLU D 370 -29.33 -8.23 49.88
N TRP D 371 -28.40 -9.12 49.50
CA TRP D 371 -27.97 -9.20 48.10
C TRP D 371 -29.07 -9.79 47.22
N ILE D 372 -29.82 -10.77 47.72
CA ILE D 372 -30.90 -11.34 46.92
C ILE D 372 -32.06 -10.35 46.81
N ALA D 373 -32.28 -9.52 47.84
CA ALA D 373 -33.25 -8.44 47.73
C ALA D 373 -32.82 -7.42 46.66
N TRP D 374 -31.54 -7.05 46.68
CA TRP D 374 -31.02 -6.11 45.69
C TRP D 374 -31.06 -6.69 44.27
N TYR D 375 -30.84 -8.00 44.14
CA TYR D 375 -30.88 -8.63 42.82
C TYR D 375 -32.32 -8.74 42.30
N SER D 376 -33.26 -9.11 43.17
CA SER D 376 -34.67 -9.16 42.78
C SER D 376 -35.23 -7.77 42.50
N ASP D 377 -34.63 -6.72 43.06
CA ASP D 377 -35.05 -5.37 42.73
C ASP D 377 -34.76 -5.02 41.28
N VAL D 378 -33.77 -5.67 40.66
CA VAL D 378 -33.37 -5.34 39.29
C VAL D 378 -33.80 -6.52 38.40
N ASP D 379 -34.90 -7.16 38.78
CA ASP D 379 -35.60 -8.13 37.94
C ASP D 379 -34.77 -9.37 37.61
N ASN D 380 -33.83 -9.71 38.52
CA ASN D 380 -32.98 -10.91 38.42
C ASN D 380 -32.21 -10.96 37.10
N LYS D 381 -31.69 -9.82 36.68
CA LYS D 381 -30.86 -9.76 35.48
C LYS D 381 -29.49 -9.21 35.82
N PRO D 382 -28.45 -9.63 35.10
CA PRO D 382 -27.10 -9.09 35.36
C PRO D 382 -27.00 -7.62 34.99
N THR D 383 -26.66 -6.80 35.99
CA THR D 383 -26.50 -5.37 35.83
C THR D 383 -25.27 -5.11 34.95
N ASP D 384 -25.22 -3.91 34.35
CA ASP D 384 -24.12 -3.55 33.46
C ASP D 384 -22.76 -3.59 34.15
N ASP D 385 -22.73 -3.26 35.45
CA ASP D 385 -21.49 -3.40 36.21
C ASP D 385 -21.10 -4.86 36.37
N MET D 386 -22.09 -5.75 36.56
CA MET D 386 -21.81 -7.18 36.66
C MET D 386 -21.24 -7.72 35.35
N LEU D 387 -21.81 -7.31 34.22
CA LEU D 387 -21.30 -7.75 32.93
C LEU D 387 -19.92 -7.17 32.64
N MET D 388 -19.68 -5.93 33.07
CA MET D 388 -18.35 -5.35 32.93
C MET D 388 -17.31 -6.11 33.73
N MET D 389 -17.65 -6.47 34.98
CA MET D 389 -16.74 -7.25 35.81
C MET D 389 -16.49 -8.63 35.22
N ALA D 390 -17.54 -9.27 34.69
CA ALA D 390 -17.40 -10.58 34.07
C ALA D 390 -16.53 -10.50 32.81
N LYS D 391 -16.69 -9.44 32.01
CA LYS D 391 -15.85 -9.26 30.84
C LYS D 391 -14.40 -9.01 31.22
N ARG D 392 -14.17 -8.24 32.29
CA ARG D 392 -12.82 -7.99 32.77
C ARG D 392 -12.16 -9.28 33.26
N VAL D 393 -12.92 -10.13 33.94
CA VAL D 393 -12.38 -11.42 34.39
C VAL D 393 -12.11 -12.32 33.19
N ALA D 394 -13.03 -12.35 32.22
CA ALA D 394 -12.88 -13.22 31.06
C ALA D 394 -11.77 -12.76 30.11
N GLY D 395 -11.34 -11.50 30.21
CA GLY D 395 -10.23 -11.06 29.39
C GLY D 395 -8.87 -11.56 29.84
N THR D 396 -8.78 -12.17 31.01
CA THR D 396 -7.51 -12.67 31.54
C THR D 396 -7.31 -14.15 31.27
N ILE D 397 -8.15 -14.77 30.44
CA ILE D 397 -7.99 -16.17 30.07
C ILE D 397 -7.30 -16.22 28.71
N SER D 398 -6.11 -16.82 28.68
CA SER D 398 -5.31 -16.80 27.46
C SER D 398 -5.78 -17.87 26.48
N GLY D 399 -5.64 -19.15 26.86
CA GLY D 399 -6.12 -20.23 26.04
C GLY D 399 -6.90 -21.24 26.85
N PRO D 400 -8.19 -21.38 26.55
CA PRO D 400 -9.02 -22.36 27.25
C PRO D 400 -9.06 -23.70 26.53
N ARG D 401 -9.45 -24.71 27.30
CA ARG D 401 -9.59 -26.06 26.76
C ARG D 401 -10.96 -26.21 26.11
N ASP D 402 -11.34 -27.45 25.76
CA ASP D 402 -12.54 -27.64 24.96
C ASP D 402 -13.81 -27.56 25.79
N ASN D 403 -13.87 -28.29 26.90
CA ASN D 403 -15.05 -28.34 27.75
C ASN D 403 -14.74 -27.87 29.15
N SER D 404 -13.98 -26.79 29.28
CA SER D 404 -13.53 -26.29 30.56
C SER D 404 -14.45 -25.16 31.06
N VAL D 405 -14.24 -24.79 32.31
CA VAL D 405 -14.96 -23.65 32.89
C VAL D 405 -14.49 -22.34 32.24
N GLY D 406 -13.19 -22.25 31.94
CA GLY D 406 -12.68 -21.04 31.30
C GLY D 406 -13.22 -20.80 29.91
N LYS D 407 -13.45 -21.89 29.16
CA LYS D 407 -14.10 -21.76 27.86
C LYS D 407 -15.53 -21.25 28.00
N TRP D 408 -16.25 -21.74 29.00
CA TRP D 408 -17.61 -21.27 29.28
C TRP D 408 -17.59 -19.78 29.64
N ILE D 409 -16.64 -19.36 30.46
CA ILE D 409 -16.55 -17.96 30.87
C ILE D 409 -16.22 -17.07 29.68
N LYS D 410 -15.27 -17.49 28.85
CA LYS D 410 -14.88 -16.68 27.69
C LYS D 410 -15.99 -16.60 26.67
N GLN D 411 -16.72 -17.70 26.45
CA GLN D 411 -17.80 -17.67 25.48
C GLN D 411 -19.01 -16.89 25.97
N THR D 412 -19.41 -17.11 27.23
CA THR D 412 -20.68 -16.56 27.70
C THR D 412 -20.57 -15.06 27.98
N TYR D 413 -19.51 -14.64 28.67
CA TYR D 413 -19.38 -13.27 29.15
C TYR D 413 -18.33 -12.49 28.37
N GLY D 414 -18.25 -12.71 27.06
CA GLY D 414 -17.33 -11.98 26.22
C GLY D 414 -15.89 -12.46 26.33
N ARG E 1 -26.48 -25.34 57.36
CA ARG E 1 -27.23 -25.53 58.59
C ARG E 1 -28.66 -26.01 58.32
N ILE E 2 -29.63 -25.12 58.55
CA ILE E 2 -31.04 -25.51 58.49
C ILE E 2 -31.56 -25.29 57.07
N LYS E 3 -32.13 -26.35 56.49
CA LYS E 3 -32.71 -26.29 55.15
C LYS E 3 -34.16 -25.82 55.25
N THR E 4 -34.95 -26.02 54.20
CA THR E 4 -36.30 -25.47 54.14
C THR E 4 -37.22 -26.04 55.22
N ASN E 5 -37.19 -27.36 55.44
CA ASN E 5 -38.17 -27.97 56.33
C ASN E 5 -37.69 -27.93 57.79
N ALA E 6 -36.76 -28.80 58.14
CA ALA E 6 -36.17 -28.77 59.48
C ALA E 6 -34.74 -29.28 59.55
N ALA E 7 -34.13 -29.68 58.43
CA ALA E 7 -32.95 -30.54 58.49
C ALA E 7 -31.70 -29.72 58.77
N VAL E 8 -30.93 -30.16 59.75
CA VAL E 8 -29.63 -29.56 60.06
C VAL E 8 -28.56 -30.32 59.31
N ALA E 9 -27.53 -29.60 58.85
CA ALA E 9 -26.44 -30.19 58.09
C ALA E 9 -25.14 -30.07 58.89
N ALA E 10 -24.35 -31.14 58.86
CA ALA E 10 -23.02 -31.16 59.48
C ALA E 10 -22.04 -30.67 58.43
N VAL E 11 -21.64 -29.40 58.54
CA VAL E 11 -20.82 -28.74 57.53
C VAL E 11 -19.36 -28.75 57.97
N LEU E 12 -18.54 -29.51 57.24
CA LEU E 12 -17.16 -29.75 57.68
C LEU E 12 -16.23 -30.22 56.57
N PRO E 13 -15.13 -29.51 56.33
CA PRO E 13 -14.03 -30.08 55.55
C PRO E 13 -12.99 -30.81 56.39
N ALA E 14 -11.92 -31.28 55.74
CA ALA E 14 -10.84 -31.99 56.42
C ALA E 14 -9.92 -31.01 57.15
N ASN E 15 -9.05 -31.57 58.00
CA ASN E 15 -8.19 -30.78 58.88
C ASN E 15 -6.82 -30.54 58.25
N GLU E 16 -5.88 -30.06 59.06
CA GLU E 16 -4.53 -29.69 58.60
C GLU E 16 -3.52 -30.08 59.67
N ASP E 17 -2.24 -29.76 59.41
CA ASP E 17 -1.13 -30.04 60.31
C ASP E 17 -0.61 -28.75 60.94
N GLN E 18 0.48 -28.88 61.70
CA GLN E 18 1.05 -27.74 62.42
C GLN E 18 2.57 -27.65 62.23
N ALA E 19 3.20 -26.74 62.98
CA ALA E 19 4.64 -26.52 62.91
C ALA E 19 5.21 -26.40 64.32
N ASP E 20 6.51 -26.65 64.43
CA ASP E 20 7.19 -26.71 65.72
C ASP E 20 8.22 -25.59 65.83
N TYR E 21 8.12 -24.82 66.91
CA TYR E 21 9.03 -23.72 67.20
C TYR E 21 10.36 -24.24 67.74
N PRO E 22 11.43 -23.46 67.62
CA PRO E 22 12.72 -23.88 68.22
C PRO E 22 12.70 -23.96 69.73
N SER E 23 11.78 -23.30 70.42
CA SER E 23 11.78 -23.29 71.88
C SER E 23 11.32 -24.63 72.46
N THR E 24 10.57 -25.43 71.70
CA THR E 24 10.25 -26.78 72.15
C THR E 24 11.52 -27.63 72.26
N PHE E 25 12.41 -27.49 71.29
CA PHE E 25 13.77 -28.01 71.41
C PHE E 25 14.50 -27.22 72.50
N PHE E 26 15.48 -27.88 73.12
CA PHE E 26 16.27 -27.38 74.24
C PHE E 26 15.44 -27.10 75.49
N GLU E 27 14.20 -27.61 75.55
CA GLU E 27 13.43 -27.50 76.78
C GLU E 27 13.92 -28.51 77.81
N GLY E 28 14.33 -29.69 77.36
CA GLY E 28 14.92 -30.70 78.23
C GLY E 28 16.43 -30.72 78.14
N GLY E 29 17.02 -29.66 77.59
CA GLY E 29 18.46 -29.61 77.41
C GLY E 29 19.02 -30.60 76.40
N ASN E 30 18.37 -30.72 75.25
CA ASN E 30 18.84 -31.63 74.20
C ASN E 30 20.09 -31.07 73.53
N GLU E 31 20.75 -31.93 72.78
CA GLU E 31 21.95 -31.60 72.02
C GLU E 31 21.67 -31.78 70.53
N ILE E 32 22.71 -31.63 69.71
CA ILE E 32 22.56 -31.63 68.26
C ILE E 32 22.82 -33.00 67.66
N ARG E 33 23.83 -33.73 68.17
CA ARG E 33 24.13 -35.12 67.81
C ARG E 33 24.43 -35.27 66.33
N LEU E 34 25.58 -34.72 65.92
CA LEU E 34 25.96 -34.72 64.51
C LEU E 34 26.12 -36.14 63.95
N TYR E 35 26.59 -37.08 64.78
CA TYR E 35 26.92 -38.46 64.38
C TYR E 35 28.01 -38.47 63.28
N VAL E 36 29.19 -38.04 63.71
CA VAL E 36 30.34 -37.88 62.82
C VAL E 36 30.96 -39.24 62.52
N ASN E 37 31.20 -39.52 61.25
CA ASN E 37 32.08 -40.62 60.85
C ASN E 37 33.52 -40.13 60.89
N ARG E 38 34.36 -40.80 61.67
CA ARG E 38 35.75 -40.39 61.83
C ARG E 38 36.59 -41.63 62.15
N GLY E 39 37.84 -41.39 62.54
CA GLY E 39 38.75 -42.46 62.91
C GLY E 39 39.64 -42.94 61.78
N GLU E 40 40.28 -42.00 61.08
CA GLU E 40 41.12 -42.35 59.94
C GLU E 40 42.12 -41.23 59.70
N LYS E 41 43.14 -41.55 58.90
CA LYS E 41 44.13 -40.56 58.50
C LYS E 41 43.52 -39.56 57.52
N LEU E 42 43.88 -38.29 57.70
CA LEU E 42 43.33 -37.23 56.86
C LEU E 42 43.80 -37.34 55.41
N ASP E 43 45.05 -37.77 55.21
CA ASP E 43 45.62 -37.79 53.86
C ASP E 43 44.93 -38.82 52.97
N VAL E 44 44.79 -40.05 53.47
CA VAL E 44 44.12 -41.07 52.66
C VAL E 44 42.67 -40.70 52.45
N LEU E 45 42.01 -40.08 53.45
CA LEU E 45 40.63 -39.64 53.30
C LEU E 45 40.50 -38.60 52.19
N ARG E 46 41.46 -37.68 52.10
CA ARG E 46 41.43 -36.73 51.00
C ARG E 46 41.73 -37.42 49.67
N GLN E 47 42.37 -38.57 49.69
CA GLN E 47 42.56 -39.28 48.43
C GLN E 47 41.25 -39.95 48.03
N TYR E 48 40.50 -40.48 49.01
CA TYR E 48 39.20 -41.05 48.67
C TYR E 48 38.24 -39.98 48.17
N VAL E 49 38.35 -38.77 48.71
CA VAL E 49 37.52 -37.66 48.25
C VAL E 49 37.94 -37.23 46.84
N TYR E 50 39.25 -37.19 46.58
CA TYR E 50 39.75 -36.77 45.26
C TYR E 50 39.36 -37.77 44.18
N MET E 51 39.84 -39.01 44.30
CA MET E 51 39.54 -39.99 43.27
C MET E 51 38.08 -40.44 43.40
N GLY E 52 37.40 -40.59 42.28
CA GLY E 52 35.97 -40.76 42.29
C GLY E 52 35.27 -39.46 41.94
N LEU E 53 35.77 -38.35 42.49
CA LEU E 53 35.29 -37.05 42.07
C LEU E 53 35.73 -36.70 40.66
N VAL E 54 36.83 -37.31 40.18
CA VAL E 54 37.21 -37.16 38.78
C VAL E 54 36.22 -37.86 37.86
N GLU E 55 35.69 -39.01 38.28
CA GLU E 55 34.62 -39.68 37.56
C GLU E 55 33.28 -39.21 38.12
N LYS E 56 32.21 -39.92 37.79
CA LYS E 56 30.84 -39.43 38.01
C LYS E 56 30.20 -40.04 39.25
N ASN E 57 30.95 -40.29 40.32
CA ASN E 57 30.36 -40.87 41.53
C ASN E 57 31.21 -40.49 42.75
N CYS E 58 30.57 -39.88 43.75
CA CYS E 58 31.23 -39.55 45.00
C CYS E 58 30.36 -40.03 46.16
N ARG E 59 31.00 -40.19 47.32
CA ARG E 59 30.36 -40.75 48.51
C ARG E 59 30.12 -39.66 49.53
N ILE E 60 28.92 -39.65 50.12
CA ILE E 60 28.57 -38.68 51.15
C ILE E 60 29.39 -38.94 52.42
N GLN E 61 29.65 -40.21 52.73
CA GLN E 61 30.45 -40.54 53.91
C GLN E 61 31.89 -40.05 53.77
N HIS E 62 32.46 -40.14 52.56
CA HIS E 62 33.82 -39.68 52.33
C HIS E 62 33.96 -38.19 52.58
N VAL E 63 33.06 -37.39 51.99
CA VAL E 63 33.16 -35.94 52.15
C VAL E 63 32.78 -35.54 53.58
N ASN E 64 31.91 -36.31 54.24
CA ASN E 64 31.59 -36.05 55.64
C ASN E 64 32.82 -36.23 56.54
N ALA E 65 33.48 -37.40 56.42
CA ALA E 65 34.67 -37.67 57.22
C ALA E 65 35.78 -36.69 56.90
N TYR E 66 35.92 -36.32 55.62
CA TYR E 66 36.86 -35.27 55.23
C TYR E 66 36.56 -33.96 55.94
N LEU E 67 35.31 -33.49 55.86
CA LEU E 67 34.99 -32.16 56.35
C LEU E 67 35.22 -32.07 57.85
N TYR E 68 34.94 -33.15 58.58
CA TYR E 68 35.32 -33.14 59.99
C TYR E 68 36.84 -33.19 60.16
N ALA E 69 37.53 -33.95 59.30
CA ALA E 69 38.98 -34.08 59.46
C ALA E 69 39.72 -32.77 59.18
N VAL E 70 39.23 -31.97 58.23
CA VAL E 70 39.94 -30.76 57.83
C VAL E 70 39.44 -29.53 58.57
N LEU E 71 38.14 -29.44 58.88
CA LEU E 71 37.64 -28.26 59.56
C LEU E 71 37.98 -28.21 61.04
N LYS E 72 38.36 -29.35 61.63
CA LYS E 72 38.72 -29.37 63.04
C LYS E 72 40.07 -28.69 63.27
N GLY E 73 40.18 -28.01 64.41
CA GLY E 73 41.41 -27.34 64.79
C GLY E 73 41.52 -25.90 64.34
N GLU E 74 40.58 -25.40 63.54
CA GLU E 74 40.62 -24.02 63.06
C GLU E 74 40.00 -23.10 64.10
N ARG E 75 40.71 -22.95 65.21
CA ARG E 75 40.26 -22.09 66.30
C ARG E 75 40.47 -20.62 65.95
N GLU E 76 39.72 -19.77 66.63
CA GLU E 76 39.80 -18.33 66.45
C GLU E 76 39.68 -17.65 67.80
N LEU E 77 39.67 -16.33 67.78
CA LEU E 77 39.53 -15.55 69.02
C LEU E 77 38.09 -15.63 69.53
N LEU E 78 37.90 -15.16 70.77
CA LEU E 78 36.56 -15.10 71.38
C LEU E 78 36.57 -13.88 72.30
N GLU E 79 36.09 -12.75 71.79
CA GLU E 79 36.11 -11.50 72.54
C GLU E 79 34.89 -11.32 73.43
N ALA E 80 33.90 -12.19 73.34
CA ALA E 80 32.69 -12.05 74.13
C ALA E 80 32.04 -13.41 74.33
N ASP E 81 31.12 -13.45 75.30
CA ASP E 81 30.38 -14.68 75.57
C ASP E 81 29.38 -14.95 74.45
N TRP E 82 29.21 -16.23 74.13
CA TRP E 82 28.27 -16.68 73.11
C TRP E 82 27.23 -17.58 73.77
N ASP E 83 25.96 -17.18 73.68
CA ASP E 83 24.88 -17.91 74.32
C ASP E 83 23.66 -17.93 73.39
N SER E 84 22.93 -19.05 73.43
CA SER E 84 21.70 -19.19 72.65
C SER E 84 20.87 -20.30 73.27
N PHE E 85 19.64 -19.97 73.70
CA PHE E 85 18.70 -20.90 74.34
C PHE E 85 19.28 -21.51 75.61
N GLY E 86 20.18 -20.79 76.29
CA GLY E 86 20.82 -21.28 77.48
C GLY E 86 22.01 -22.18 77.26
N HIS E 87 22.22 -22.64 76.03
CA HIS E 87 23.34 -23.52 75.72
C HIS E 87 24.61 -22.69 75.62
N LYS E 88 25.55 -22.91 76.54
CA LYS E 88 26.79 -22.16 76.55
C LYS E 88 27.73 -22.68 75.46
N ILE E 89 28.21 -21.77 74.61
CA ILE E 89 29.09 -22.12 73.51
C ILE E 89 30.55 -21.92 73.87
N GLY E 90 30.91 -20.74 74.37
CA GLY E 90 32.29 -20.45 74.66
C GLY E 90 32.44 -19.43 75.77
N ILE E 91 33.61 -19.47 76.40
CA ILE E 91 34.00 -18.53 77.46
C ILE E 91 34.81 -17.42 76.81
N GLN E 92 34.61 -16.18 77.29
CA GLN E 92 35.32 -15.02 76.77
C GLN E 92 36.84 -15.17 76.92
N GLY E 93 37.56 -14.86 75.84
CA GLY E 93 39.00 -14.95 75.87
C GLY E 93 39.57 -16.33 75.64
N ASP E 94 38.82 -17.22 74.99
CA ASP E 94 39.24 -18.60 74.76
C ASP E 94 39.34 -18.88 73.26
N LYS E 95 39.68 -20.12 72.93
CA LYS E 95 39.66 -20.62 71.57
C LYS E 95 38.43 -21.50 71.39
N ILE E 96 37.74 -21.32 70.27
CA ILE E 96 36.39 -21.84 70.08
C ILE E 96 36.35 -23.03 69.10
N GLY E 97 36.74 -22.82 67.85
CA GLY E 97 36.66 -23.84 66.84
C GLY E 97 35.25 -24.02 66.28
N PRO E 98 35.16 -24.48 65.03
CA PRO E 98 33.84 -24.60 64.39
C PRO E 98 33.02 -25.79 64.84
N PHE E 99 33.58 -26.74 65.60
CA PHE E 99 32.85 -27.93 66.01
C PHE E 99 32.74 -28.02 67.52
N ASN E 100 32.60 -26.88 68.20
CA ASN E 100 32.38 -26.88 69.64
C ASN E 100 30.92 -26.70 70.02
N LEU E 101 30.09 -26.17 69.12
CA LEU E 101 28.66 -26.08 69.39
C LEU E 101 28.01 -27.46 69.37
N VAL E 102 28.58 -28.40 68.61
CA VAL E 102 28.06 -29.75 68.47
C VAL E 102 29.16 -30.73 68.89
N ARG E 103 28.80 -31.68 69.76
CA ARG E 103 29.73 -32.74 70.11
C ARG E 103 29.86 -33.72 68.95
N VAL E 104 30.98 -34.46 68.95
CA VAL E 104 31.34 -35.25 67.78
C VAL E 104 30.41 -36.44 67.59
N GLU E 105 30.12 -37.18 68.67
CA GLU E 105 29.20 -38.32 68.67
C GLU E 105 29.63 -39.38 67.65
N ASP E 106 30.75 -40.04 67.96
CA ASP E 106 31.36 -41.03 67.07
C ASP E 106 30.35 -42.10 66.62
N ILE E 107 30.29 -42.29 65.30
CA ILE E 107 29.25 -43.05 64.62
C ILE E 107 29.38 -44.54 64.93
N PRO E 108 28.28 -45.31 64.92
CA PRO E 108 28.40 -46.77 64.94
C PRO E 108 28.97 -47.33 63.64
N ASP E 109 29.07 -48.66 63.54
CA ASP E 109 29.77 -49.28 62.43
C ASP E 109 28.98 -49.15 61.13
N GLY E 110 29.25 -48.08 60.39
CA GLY E 110 28.65 -47.85 59.08
C GLY E 110 29.71 -47.35 58.12
N LEU E 111 30.93 -47.87 58.28
CA LEU E 111 32.09 -47.32 57.60
C LEU E 111 31.99 -47.52 56.09
N PRO E 112 32.36 -46.51 55.30
CA PRO E 112 32.15 -46.59 53.85
C PRO E 112 33.15 -47.53 53.18
N ASP E 113 32.77 -47.97 51.98
CA ASP E 113 33.64 -48.84 51.18
C ASP E 113 34.56 -47.94 50.36
N GLY E 114 35.81 -47.82 50.81
CA GLY E 114 36.78 -47.01 50.09
C GLY E 114 37.31 -47.69 48.86
N LYS E 115 38.02 -46.90 48.05
CA LYS E 115 38.64 -47.37 46.82
C LYS E 115 40.16 -47.18 46.91
N LEU E 116 40.84 -47.35 45.79
CA LEU E 116 42.30 -47.23 45.77
C LEU E 116 42.73 -45.79 46.01
N ASN E 117 44.02 -45.63 46.26
CA ASN E 117 44.60 -44.32 46.56
C ASN E 117 45.29 -43.77 45.31
N ALA E 118 44.99 -42.52 44.99
CA ALA E 118 45.60 -41.85 43.85
C ALA E 118 46.95 -41.27 44.27
N GLU E 119 47.52 -40.40 43.45
CA GLU E 119 48.76 -39.73 43.80
C GLU E 119 48.54 -38.80 45.00
N VAL E 120 49.49 -38.84 45.94
CA VAL E 120 49.30 -38.14 47.20
C VAL E 120 49.48 -36.63 46.98
N SER E 121 48.44 -35.87 47.30
CA SER E 121 48.44 -34.43 47.11
C SER E 121 48.84 -33.68 48.37
N ALA E 122 48.05 -33.84 49.44
CA ALA E 122 48.24 -33.19 50.75
C ALA E 122 48.29 -31.65 50.65
N GLU E 123 47.76 -31.09 49.57
CA GLU E 123 47.83 -29.66 49.31
C GLU E 123 46.53 -29.07 48.80
N ASP E 124 45.59 -29.88 48.33
CA ASP E 124 44.32 -29.50 47.71
C ASP E 124 43.29 -28.93 48.68
N ASP E 125 43.64 -28.67 49.95
CA ASP E 125 42.70 -28.11 50.90
C ASP E 125 42.34 -26.66 50.58
N ALA E 126 43.08 -26.01 49.68
CA ALA E 126 42.75 -24.64 49.30
C ALA E 126 41.53 -24.57 48.41
N TRP E 127 41.09 -25.67 47.80
CA TRP E 127 39.93 -25.62 46.93
C TRP E 127 38.92 -26.73 47.20
N LEU E 128 39.37 -27.88 47.70
CA LEU E 128 38.50 -29.05 47.77
C LEU E 128 37.32 -28.92 48.74
N PRO E 129 37.49 -28.46 50.00
CA PRO E 129 36.29 -28.19 50.81
C PRO E 129 35.41 -27.07 50.27
N LEU E 130 36.03 -26.02 49.72
CA LEU E 130 35.26 -24.96 49.06
C LEU E 130 34.49 -25.50 47.87
N PHE E 131 35.12 -26.39 47.09
CA PHE E 131 34.43 -26.99 45.94
C PHE E 131 33.24 -27.82 46.38
N LEU E 132 33.38 -28.61 47.44
CA LEU E 132 32.25 -29.42 47.90
C LEU E 132 31.12 -28.55 48.45
N LEU E 133 31.46 -27.54 49.25
CA LEU E 133 30.42 -26.69 49.82
C LEU E 133 29.73 -25.85 48.77
N GLY E 134 30.44 -25.42 47.73
CA GLY E 134 29.79 -24.73 46.63
C GLY E 134 29.00 -25.66 45.74
N LEU E 135 29.44 -26.91 45.62
CA LEU E 135 28.68 -27.90 44.86
C LEU E 135 27.36 -28.22 45.53
N TYR E 136 27.30 -28.08 46.87
CA TYR E 136 26.02 -28.17 47.57
C TYR E 136 25.03 -27.11 47.07
N ARG E 137 25.48 -25.86 46.96
CA ARG E 137 24.63 -24.78 46.47
C ARG E 137 24.25 -25.00 45.02
N VAL E 138 25.18 -25.48 44.21
CA VAL E 138 24.88 -25.78 42.80
C VAL E 138 23.82 -26.87 42.70
N GLY E 139 23.91 -27.89 43.56
CA GLY E 139 22.87 -28.90 43.62
C GLY E 139 21.54 -28.40 44.16
N ARG E 140 21.56 -27.31 44.92
CA ARG E 140 20.30 -26.72 45.37
C ARG E 140 19.56 -25.97 44.26
N ALA E 141 20.20 -25.70 43.13
CA ALA E 141 19.55 -24.99 42.04
C ALA E 141 18.62 -25.92 41.27
N SER E 142 17.70 -25.32 40.53
CA SER E 142 16.65 -26.07 39.84
C SER E 142 16.43 -25.65 38.39
N GLU E 143 17.18 -24.69 37.87
CA GLU E 143 17.04 -24.23 36.50
C GLU E 143 18.37 -24.39 35.77
N THR E 144 18.30 -24.92 34.54
CA THR E 144 19.51 -25.08 33.74
C THR E 144 20.11 -23.74 33.34
N ALA E 145 19.28 -22.73 33.12
CA ALA E 145 19.80 -21.38 32.89
C ALA E 145 20.43 -20.80 34.14
N TYR E 146 19.97 -21.23 35.32
CA TYR E 146 20.54 -20.82 36.60
C TYR E 146 21.74 -21.69 37.00
N ARG E 147 22.34 -22.42 36.07
CA ARG E 147 23.58 -23.14 36.31
C ARG E 147 24.80 -22.27 36.07
N THR E 148 24.64 -20.95 36.05
CA THR E 148 25.77 -20.03 36.08
C THR E 148 26.41 -19.96 37.46
N LEU E 149 25.78 -20.53 38.49
CA LEU E 149 26.43 -20.68 39.78
C LEU E 149 27.65 -21.60 39.67
N LEU E 150 27.56 -22.64 38.83
CA LEU E 150 28.73 -23.47 38.55
C LEU E 150 29.83 -22.68 37.88
N MET E 151 29.49 -21.83 36.91
CA MET E 151 30.50 -21.01 36.23
C MET E 151 31.14 -20.01 37.20
N GLU E 152 30.34 -19.44 38.11
CA GLU E 152 30.89 -18.60 39.17
C GLU E 152 31.82 -19.39 40.07
N SER E 153 31.47 -20.64 40.37
CA SER E 153 32.34 -21.49 41.18
C SER E 153 33.67 -21.74 40.49
N LEU E 154 33.65 -22.08 39.19
CA LEU E 154 34.89 -22.30 38.46
C LEU E 154 35.72 -21.03 38.36
N ILE E 155 35.07 -19.89 38.15
CA ILE E 155 35.78 -18.60 38.15
C ILE E 155 36.45 -18.36 39.51
N LYS E 156 35.76 -18.74 40.59
CA LYS E 156 36.30 -18.55 41.92
C LYS E 156 37.49 -19.47 42.19
N GLN E 157 37.41 -20.73 41.80
CA GLN E 157 38.41 -21.72 42.21
C GLN E 157 39.48 -21.97 41.14
N CYS E 158 39.39 -21.34 39.97
CA CYS E 158 40.46 -21.49 38.99
C CYS E 158 41.74 -20.76 39.41
N LYS E 159 41.62 -19.78 40.31
CA LYS E 159 42.78 -19.06 40.83
C LYS E 159 43.08 -19.49 42.26
N ALA E 160 42.92 -20.79 42.54
CA ALA E 160 43.08 -21.29 43.90
C ALA E 160 44.53 -21.26 44.34
N ILE E 161 45.46 -21.66 43.46
CA ILE E 161 46.86 -21.68 43.86
C ILE E 161 47.63 -20.58 43.15
N LYS E 162 47.82 -20.69 41.84
CA LYS E 162 48.32 -19.57 41.06
C LYS E 162 47.41 -19.22 39.90
N SER E 163 47.27 -20.10 38.90
CA SER E 163 46.39 -19.85 37.76
C SER E 163 45.67 -21.07 37.22
N ASP E 164 46.16 -22.29 37.44
CA ASP E 164 45.79 -23.45 36.64
C ASP E 164 44.79 -24.31 37.40
N TRP E 165 43.73 -24.72 36.70
CA TRP E 165 42.70 -25.57 37.27
C TRP E 165 41.86 -26.17 36.16
N VAL E 166 41.42 -27.41 36.36
CA VAL E 166 40.56 -28.13 35.43
C VAL E 166 39.31 -28.59 36.17
N SER E 167 38.15 -28.38 35.56
CA SER E 167 36.88 -28.66 36.24
C SER E 167 36.56 -30.15 36.17
N PRO E 168 36.36 -30.82 37.31
CA PRO E 168 35.99 -32.23 37.28
C PRO E 168 34.50 -32.49 37.31
N VAL E 169 33.68 -31.47 37.49
CA VAL E 169 32.24 -31.64 37.63
C VAL E 169 31.57 -31.41 36.28
N THR E 170 30.73 -32.37 35.88
CA THR E 170 29.94 -32.22 34.67
C THR E 170 28.87 -31.14 34.89
N ALA E 171 28.68 -30.30 33.86
CA ALA E 171 27.75 -29.19 33.99
C ALA E 171 26.30 -29.63 34.01
N THR E 172 26.00 -30.85 33.55
CA THR E 172 24.63 -31.34 33.49
C THR E 172 24.35 -32.51 34.43
N HIS E 173 25.38 -33.11 35.03
CA HIS E 173 25.14 -34.24 35.92
C HIS E 173 24.54 -33.77 37.24
N LYS E 174 23.72 -34.63 37.83
CA LYS E 174 22.98 -34.34 39.05
C LYS E 174 23.21 -35.43 40.09
N TYR E 175 24.48 -35.78 40.32
CA TYR E 175 24.81 -36.82 41.28
C TYR E 175 25.15 -36.30 42.66
N PHE E 176 25.08 -34.98 42.88
CA PHE E 176 25.47 -34.40 44.16
C PHE E 176 24.32 -33.78 44.94
N ASP E 177 23.19 -33.52 44.31
CA ASP E 177 22.04 -32.93 45.03
C ASP E 177 21.35 -33.93 45.93
N VAL E 178 21.71 -35.22 45.84
CA VAL E 178 21.22 -36.21 46.79
C VAL E 178 21.78 -35.94 48.18
N TRP E 179 22.96 -35.31 48.26
CA TRP E 179 23.62 -35.05 49.53
C TRP E 179 22.85 -34.08 50.41
N GLY E 180 21.93 -33.30 49.83
CA GLY E 180 21.09 -32.42 50.63
C GLY E 180 20.13 -33.14 51.54
N ASN E 181 19.80 -34.40 51.24
CA ASN E 181 18.97 -35.21 52.13
C ASN E 181 19.72 -35.72 53.34
N ASP E 182 21.05 -35.74 53.30
CA ASP E 182 21.84 -36.22 54.42
C ASP E 182 21.81 -35.21 55.55
N GLY E 183 21.41 -35.65 56.74
CA GLY E 183 21.31 -34.74 57.87
C GLY E 183 22.66 -34.24 58.35
N ASN E 184 23.67 -35.11 58.34
CA ASN E 184 24.98 -34.74 58.85
C ASN E 184 25.66 -33.70 57.97
N TYR E 185 25.47 -33.81 56.65
CA TYR E 185 26.02 -32.82 55.73
C TYR E 185 25.43 -31.45 55.97
N LEU E 186 24.10 -31.39 56.16
CA LEU E 186 23.45 -30.13 56.50
C LEU E 186 23.92 -29.60 57.84
N LYS E 187 24.16 -30.49 58.80
CA LYS E 187 24.63 -30.06 60.11
C LYS E 187 26.03 -29.44 60.04
N ILE E 188 26.94 -30.05 59.29
CA ILE E 188 28.28 -29.48 59.18
C ILE E 188 28.26 -28.18 58.38
N VAL E 189 27.47 -28.12 57.31
CA VAL E 189 27.44 -26.89 56.51
C VAL E 189 26.81 -25.74 57.31
N ALA E 190 25.83 -26.05 58.14
CA ALA E 190 25.30 -25.04 59.03
C ALA E 190 26.30 -24.67 60.11
N CYS E 191 27.10 -25.62 60.59
CA CYS E 191 28.12 -25.33 61.60
C CYS E 191 29.17 -24.37 61.05
N VAL E 192 29.69 -24.64 59.83
CA VAL E 192 30.73 -23.78 59.28
C VAL E 192 30.16 -22.42 58.92
N ASP E 193 28.93 -22.37 58.39
CA ASP E 193 28.34 -21.07 58.06
C ASP E 193 28.07 -20.24 59.31
N MET E 194 27.55 -20.87 60.37
CA MET E 194 27.31 -20.14 61.61
C MET E 194 28.61 -19.66 62.25
N PHE E 195 29.65 -20.51 62.24
CA PHE E 195 30.90 -20.13 62.89
C PHE E 195 31.62 -19.04 62.10
N TYR E 196 31.62 -19.13 60.77
CA TYR E 196 32.33 -18.15 59.95
C TYR E 196 31.50 -16.92 59.64
N ASN E 197 30.21 -16.90 60.00
CA ASN E 197 29.47 -15.65 60.02
C ASN E 197 29.84 -14.79 61.21
N HIS E 198 30.22 -15.42 62.33
CA HIS E 198 30.62 -14.66 63.51
C HIS E 198 31.98 -14.00 63.32
N PHE E 199 32.89 -14.66 62.63
CA PHE E 199 34.25 -14.17 62.41
C PHE E 199 34.45 -13.96 60.92
N LYS E 200 34.08 -12.78 60.44
CA LYS E 200 34.26 -12.44 59.03
C LYS E 200 35.66 -11.96 58.71
N LYS E 201 36.48 -11.70 59.73
CA LYS E 201 37.84 -11.23 59.54
C LYS E 201 38.84 -12.36 59.32
N SER E 202 38.39 -13.62 59.37
CA SER E 202 39.27 -14.74 59.14
C SER E 202 39.66 -14.83 57.66
N ILE E 203 40.84 -15.38 57.40
CA ILE E 203 41.30 -15.57 56.04
C ILE E 203 40.47 -16.65 55.34
N LYS E 204 40.09 -17.68 56.08
CA LYS E 204 39.39 -18.82 55.51
C LYS E 204 37.89 -18.60 55.36
N ALA E 205 37.39 -17.40 55.67
CA ALA E 205 35.96 -17.09 55.59
C ALA E 205 35.44 -17.08 54.15
N THR E 206 36.30 -17.27 53.16
CA THR E 206 35.90 -17.45 51.77
C THR E 206 35.04 -18.69 51.56
N PHE E 207 35.09 -19.65 52.47
CA PHE E 207 34.28 -20.88 52.38
C PHE E 207 32.79 -20.63 52.49
N ARG E 208 32.37 -19.43 52.92
CA ARG E 208 30.95 -19.12 53.06
C ARG E 208 30.21 -19.06 51.73
N TRP E 209 30.92 -19.03 50.60
CA TRP E 209 30.29 -19.28 49.31
C TRP E 209 29.68 -20.68 49.32
N GLY E 210 28.41 -20.77 48.96
CA GLY E 210 27.70 -22.03 48.97
C GLY E 210 26.93 -22.30 50.23
N THR E 211 27.48 -21.89 51.37
CA THR E 211 26.84 -22.11 52.66
C THR E 211 25.85 -21.03 53.04
N ILE E 212 25.75 -19.95 52.25
CA ILE E 212 24.84 -18.85 52.58
C ILE E 212 23.39 -19.28 52.46
N VAL E 213 23.09 -20.24 51.58
CA VAL E 213 21.72 -20.72 51.41
C VAL E 213 21.24 -21.53 52.60
N SER E 214 22.13 -21.92 53.50
CA SER E 214 21.72 -22.57 54.74
C SER E 214 21.12 -21.59 55.73
N ARG E 215 21.53 -20.33 55.68
CA ARG E 215 21.03 -19.33 56.63
C ARG E 215 19.63 -18.89 56.25
N PHE E 216 18.73 -18.89 57.23
CA PHE E 216 17.34 -18.47 57.08
C PHE E 216 16.62 -19.28 55.99
N LYS E 217 16.96 -20.57 55.90
CA LYS E 217 16.28 -21.44 54.96
C LYS E 217 14.86 -21.73 55.44
N ASP E 218 13.91 -21.67 54.50
CA ASP E 218 12.48 -21.85 54.76
C ASP E 218 11.97 -20.87 55.81
N CYS E 219 12.45 -19.63 55.75
CA CYS E 219 12.04 -18.57 56.67
C CYS E 219 11.83 -17.27 55.89
N ALA E 220 11.15 -17.36 54.75
CA ALA E 220 11.04 -16.22 53.85
C ALA E 220 10.05 -15.16 54.32
N ALA E 221 9.14 -15.50 55.24
CA ALA E 221 8.16 -14.52 55.70
C ALA E 221 8.78 -13.43 56.56
N LEU E 222 9.82 -13.76 57.33
CA LEU E 222 10.53 -12.75 58.09
C LEU E 222 11.23 -11.75 57.17
N ALA E 223 11.82 -12.26 56.09
CA ALA E 223 12.44 -11.37 55.10
C ALA E 223 11.39 -10.54 54.38
N THR E 224 10.20 -11.10 54.16
CA THR E 224 9.10 -10.33 53.57
C THR E 224 8.69 -9.18 54.48
N LEU E 225 8.59 -9.44 55.78
CA LEU E 225 8.25 -8.38 56.73
C LEU E 225 9.34 -7.31 56.79
N GLY E 226 10.61 -7.72 56.79
CA GLY E 226 11.69 -6.75 56.79
C GLY E 226 11.71 -5.88 55.54
N HIS E 227 11.49 -6.51 54.38
CA HIS E 227 11.45 -5.75 53.13
C HIS E 227 10.29 -4.77 53.09
N VAL E 228 9.10 -5.18 53.57
CA VAL E 228 7.98 -4.26 53.55
C VAL E 228 8.13 -3.17 54.61
N VAL E 229 8.89 -3.42 55.68
CA VAL E 229 9.17 -2.33 56.62
C VAL E 229 10.13 -1.31 55.99
N LYS E 230 11.19 -1.80 55.32
CA LYS E 230 12.21 -0.88 54.82
C LYS E 230 11.76 -0.14 53.57
N ILE E 231 10.95 -0.78 52.72
CA ILE E 231 10.60 -0.19 51.43
C ILE E 231 9.53 0.88 51.50
N THR E 232 8.84 1.01 52.63
CA THR E 232 7.76 1.99 52.75
C THR E 232 8.14 3.21 53.59
N GLY E 233 9.14 3.09 54.44
CA GLY E 233 9.49 4.18 55.34
C GLY E 233 8.68 4.22 56.61
N LEU E 234 7.83 3.23 56.85
CA LEU E 234 7.04 3.15 58.07
C LEU E 234 7.80 2.41 59.16
N THR E 235 7.44 2.69 60.41
CA THR E 235 7.95 1.90 61.51
C THR E 235 7.26 0.54 61.54
N ILE E 236 7.82 -0.38 62.33
CA ILE E 236 7.30 -1.74 62.40
C ILE E 236 5.90 -1.76 63.02
N GLU E 237 5.65 -0.88 64.00
CA GLU E 237 4.32 -0.79 64.60
C GLU E 237 3.29 -0.30 63.60
N GLU E 238 3.66 0.63 62.72
CA GLU E 238 2.73 1.11 61.70
C GLU E 238 2.48 0.04 60.65
N VAL E 239 3.51 -0.76 60.33
CA VAL E 239 3.34 -1.86 59.38
C VAL E 239 2.38 -2.90 59.95
N PHE E 240 2.51 -3.22 61.23
CA PHE E 240 1.55 -4.11 61.87
C PHE E 240 0.17 -3.47 61.97
N THR E 241 0.11 -2.16 62.14
CA THR E 241 -1.15 -1.45 62.24
C THR E 241 -1.93 -1.49 60.93
N TRP E 242 -1.25 -1.38 59.79
CA TRP E 242 -1.92 -1.28 58.52
C TRP E 242 -2.39 -2.62 57.94
N VAL E 243 -2.52 -3.67 58.74
CA VAL E 243 -2.99 -4.96 58.27
C VAL E 243 -4.50 -5.05 58.50
N LEU E 244 -5.24 -5.38 57.45
CA LEU E 244 -6.71 -5.30 57.47
C LEU E 244 -7.38 -6.63 57.14
N GLN E 245 -6.73 -7.76 57.42
CA GLN E 245 -7.33 -9.07 57.21
C GLN E 245 -7.07 -9.94 58.42
N THR E 246 -8.05 -10.79 58.76
CA THR E 246 -7.93 -11.62 59.95
C THR E 246 -6.97 -12.78 59.76
N GLU E 247 -6.89 -13.33 58.54
CA GLU E 247 -5.96 -14.42 58.28
C GLU E 247 -4.51 -13.94 58.38
N VAL E 248 -4.20 -12.79 57.77
CA VAL E 248 -2.86 -12.21 57.83
C VAL E 248 -2.50 -11.85 59.26
N ALA E 249 -3.46 -11.30 60.02
CA ALA E 249 -3.20 -10.95 61.41
C ALA E 249 -2.94 -12.19 62.26
N ASP E 250 -3.68 -13.27 62.01
CA ASP E 250 -3.47 -14.51 62.74
C ASP E 250 -2.10 -15.10 62.46
N GLU E 251 -1.67 -15.06 61.19
CA GLU E 251 -0.33 -15.56 60.85
C GLU E 251 0.76 -14.69 61.47
N LEU E 252 0.53 -13.37 61.53
CA LEU E 252 1.51 -12.50 62.19
C LEU E 252 1.60 -12.80 63.68
N VAL E 253 0.46 -13.04 64.33
CA VAL E 253 0.45 -13.38 65.74
C VAL E 253 1.18 -14.70 65.99
N LYS E 254 0.92 -15.70 65.13
CA LYS E 254 1.62 -16.97 65.25
C LYS E 254 3.11 -16.84 64.94
N MET E 255 3.49 -15.86 64.10
CA MET E 255 4.87 -15.63 63.77
C MET E 255 5.61 -14.82 64.82
N MET E 256 4.90 -14.15 65.73
CA MET E 256 5.51 -13.32 66.76
C MET E 256 5.51 -14.00 68.13
N LYS E 257 5.81 -15.30 68.17
CA LYS E 257 5.99 -15.99 69.43
C LYS E 257 7.20 -15.39 70.17
N PRO E 258 7.06 -15.02 71.45
CA PRO E 258 8.09 -14.21 72.11
C PRO E 258 9.43 -14.93 72.35
N GLY E 259 9.40 -16.11 72.93
CA GLY E 259 10.64 -16.76 73.36
C GLY E 259 11.35 -17.54 72.27
N GLN E 260 11.61 -16.92 71.13
CA GLN E 260 12.29 -17.57 70.02
C GLN E 260 13.56 -16.85 69.60
N GLU E 261 14.00 -15.85 70.37
CA GLU E 261 15.13 -14.94 70.10
C GLU E 261 15.20 -14.53 68.63
N ILE E 262 14.15 -13.81 68.21
CA ILE E 262 14.04 -13.39 66.82
C ILE E 262 15.11 -12.37 66.45
N ASP E 263 15.39 -11.45 67.37
CA ASP E 263 16.20 -10.27 67.10
C ASP E 263 17.71 -10.52 67.17
N LYS E 264 18.15 -11.67 67.68
CA LYS E 264 19.56 -11.91 67.92
C LYS E 264 20.20 -12.52 66.69
N SER E 265 21.18 -11.82 66.12
CA SER E 265 21.85 -12.28 64.91
C SER E 265 22.77 -13.46 65.19
N THR E 266 23.36 -13.51 66.38
CA THR E 266 24.26 -14.60 66.75
C THR E 266 23.47 -15.59 67.60
N SER E 267 22.64 -16.39 66.94
CA SER E 267 21.78 -17.34 67.62
C SER E 267 21.49 -18.51 66.69
N TYR E 268 20.75 -19.49 67.21
CA TYR E 268 20.49 -20.73 66.50
C TYR E 268 19.29 -20.66 65.56
N MET E 269 18.48 -19.59 65.63
CA MET E 269 17.24 -19.56 64.86
C MET E 269 17.41 -19.59 63.35
N PRO E 270 18.28 -18.76 62.71
CA PRO E 270 18.35 -18.82 61.23
C PRO E 270 18.82 -20.16 60.68
N TYR E 271 19.53 -20.94 61.48
CA TYR E 271 19.85 -22.33 61.14
C TYR E 271 18.87 -23.28 61.82
N LEU E 272 17.59 -23.05 61.53
CA LEU E 272 16.54 -23.86 62.15
C LEU E 272 16.48 -25.26 61.56
N ILE E 273 16.61 -25.36 60.24
CA ILE E 273 16.35 -26.62 59.54
C ILE E 273 17.61 -27.48 59.47
N ASP E 274 18.73 -26.89 59.09
CA ASP E 274 19.94 -27.68 58.86
C ASP E 274 20.57 -28.15 60.15
N MET E 275 20.31 -27.47 61.26
CA MET E 275 20.72 -28.00 62.56
C MET E 275 19.84 -29.13 63.05
N GLY E 276 18.72 -29.39 62.39
CA GLY E 276 17.82 -30.42 62.86
C GLY E 276 17.00 -30.04 64.06
N ILE E 277 16.90 -28.74 64.35
CA ILE E 277 16.12 -28.29 65.50
C ILE E 277 14.62 -28.49 65.24
N SER E 278 14.17 -28.19 64.03
CA SER E 278 12.77 -28.37 63.66
C SER E 278 12.69 -28.91 62.24
N ALA E 279 11.59 -29.60 61.95
CA ALA E 279 11.35 -30.13 60.62
C ALA E 279 10.35 -29.31 59.82
N LYS E 280 9.38 -28.70 60.48
CA LYS E 280 8.39 -27.82 59.85
C LYS E 280 8.58 -26.43 60.45
N SER E 281 9.23 -25.54 59.71
CA SER E 281 9.49 -24.20 60.21
C SER E 281 8.20 -23.38 60.20
N PRO E 282 7.90 -22.65 61.27
CA PRO E 282 6.70 -21.79 61.28
C PRO E 282 6.88 -20.44 60.62
N TYR E 283 7.94 -20.23 59.83
CA TYR E 283 8.22 -18.93 59.24
C TYR E 283 8.28 -18.96 57.71
N SER E 284 7.78 -20.02 57.08
CA SER E 284 7.93 -20.19 55.65
C SER E 284 6.73 -19.61 54.89
N THR E 285 6.80 -19.66 53.56
CA THR E 285 5.70 -19.20 52.73
C THR E 285 4.57 -20.23 52.73
N ILE E 286 4.92 -21.52 52.78
CA ILE E 286 3.89 -22.57 52.81
C ILE E 286 3.14 -22.53 54.14
N LYS E 287 3.86 -22.34 55.24
CA LYS E 287 3.19 -22.23 56.53
C LYS E 287 2.41 -20.93 56.67
N ASN E 288 2.89 -19.86 56.02
CA ASN E 288 2.22 -18.55 56.08
C ASN E 288 1.99 -18.00 54.69
N PRO E 289 1.04 -18.56 53.93
CA PRO E 289 0.62 -17.91 52.70
C PRO E 289 -0.37 -16.81 53.00
N SER E 290 -0.53 -15.89 52.05
CA SER E 290 -1.35 -14.68 52.09
C SER E 290 -0.83 -13.62 53.05
N PHE E 291 0.21 -13.90 53.83
CA PHE E 291 1.09 -12.86 54.33
C PHE E 291 2.31 -12.68 53.45
N HIS E 292 2.62 -13.67 52.62
CA HIS E 292 3.60 -13.49 51.56
C HIS E 292 3.00 -12.84 50.32
N PHE E 293 1.68 -12.76 50.21
CA PHE E 293 1.04 -12.01 49.14
C PHE E 293 0.87 -10.55 49.54
N TRP E 294 0.37 -10.31 50.75
CA TRP E 294 0.51 -9.02 51.40
C TRP E 294 2.00 -8.73 51.60
N GLY E 295 2.34 -7.46 51.67
CA GLY E 295 3.74 -7.14 51.86
C GLY E 295 4.51 -7.16 50.56
N GLN E 296 4.54 -8.31 49.88
CA GLN E 296 5.16 -8.34 48.55
C GLN E 296 4.34 -7.56 47.54
N LEU E 297 3.01 -7.67 47.59
CA LEU E 297 2.18 -6.86 46.70
C LEU E 297 2.28 -5.38 47.03
N VAL E 298 2.40 -5.06 48.32
CA VAL E 298 2.56 -3.67 48.74
C VAL E 298 3.88 -3.10 48.25
N ALA E 299 4.95 -3.89 48.39
CA ALA E 299 6.26 -3.43 47.95
C ALA E 299 6.34 -3.32 46.43
N ALA E 300 5.65 -4.21 45.70
CA ALA E 300 5.61 -4.09 44.26
C ALA E 300 4.80 -2.87 43.82
N LEU E 301 3.75 -2.54 44.56
CA LEU E 301 3.01 -1.32 44.26
C LEU E 301 3.69 -0.07 44.78
N CYS E 302 4.72 -0.22 45.62
CA CYS E 302 5.60 0.87 46.02
C CYS E 302 6.86 0.93 45.18
N ARG E 303 6.83 0.30 44.00
CA ARG E 303 7.88 0.36 42.99
C ARG E 303 9.22 -0.17 43.52
N SER E 304 9.19 -1.46 43.89
CA SER E 304 10.40 -2.22 44.24
C SER E 304 10.53 -3.38 43.28
N LYS E 305 11.73 -3.58 42.74
CA LYS E 305 11.93 -4.59 41.70
C LYS E 305 12.13 -5.99 42.26
N ARG E 306 12.41 -6.13 43.56
CA ARG E 306 12.52 -7.46 44.14
C ARG E 306 11.16 -8.14 44.24
N ALA E 307 10.14 -7.39 44.64
CA ALA E 307 8.81 -7.95 44.89
C ALA E 307 8.05 -8.26 43.61
N LEU E 308 8.55 -7.84 42.44
CA LEU E 308 7.89 -8.17 41.19
C LEU E 308 8.11 -9.62 40.78
N ASN E 309 9.04 -10.33 41.42
CA ASN E 309 9.34 -11.72 41.11
C ASN E 309 8.84 -12.69 42.16
N ALA E 310 8.23 -12.20 43.24
CA ALA E 310 7.72 -13.08 44.27
C ALA E 310 6.53 -13.89 43.75
N ARG E 311 6.50 -15.17 44.10
CA ARG E 311 5.46 -16.06 43.61
C ARG E 311 4.14 -15.79 44.34
N GLN E 312 3.05 -15.73 43.57
CA GLN E 312 1.73 -15.60 44.15
C GLN E 312 1.25 -16.96 44.62
N PRO E 313 1.00 -17.14 45.92
CA PRO E 313 0.51 -18.44 46.40
C PRO E 313 -0.91 -18.69 45.92
N ASP E 314 -1.22 -19.96 45.71
CA ASP E 314 -2.55 -20.37 45.30
C ASP E 314 -3.39 -20.71 46.52
N GLU E 315 -4.72 -20.75 46.31
CA GLU E 315 -5.71 -21.08 47.33
C GLU E 315 -5.64 -20.09 48.49
N ILE E 316 -5.71 -18.79 48.15
CA ILE E 316 -5.84 -17.70 49.11
C ILE E 316 -6.87 -16.72 48.58
N ASP E 317 -7.38 -15.88 49.48
CA ASP E 317 -8.37 -14.87 49.14
C ASP E 317 -7.65 -13.67 48.54
N SER E 318 -7.47 -13.69 47.21
CA SER E 318 -6.59 -12.73 46.55
C SER E 318 -7.22 -11.35 46.39
N MET E 319 -8.53 -11.27 46.19
CA MET E 319 -9.14 -10.00 45.79
C MET E 319 -9.20 -9.00 46.93
N SER E 320 -9.58 -9.44 48.14
CA SER E 320 -9.60 -8.54 49.28
C SER E 320 -8.20 -8.10 49.68
N ILE E 321 -7.23 -9.00 49.57
CA ILE E 321 -5.85 -8.67 49.86
C ILE E 321 -5.32 -7.65 48.85
N SER E 322 -5.69 -7.81 47.59
CA SER E 322 -5.29 -6.83 46.58
C SER E 322 -5.94 -5.48 46.82
N ASN E 323 -7.19 -5.47 47.28
CA ASN E 323 -7.85 -4.21 47.63
C ASN E 323 -7.14 -3.51 48.78
N ALA E 324 -6.78 -4.27 49.82
CA ALA E 324 -6.07 -3.69 50.96
C ALA E 324 -4.68 -3.19 50.55
N SER E 325 -3.98 -3.94 49.69
CA SER E 325 -2.66 -3.53 49.24
C SER E 325 -2.72 -2.27 48.40
N LEU E 326 -3.72 -2.16 47.52
CA LEU E 326 -3.87 -0.94 46.73
C LEU E 326 -4.23 0.25 47.60
N LEU E 327 -5.07 0.03 48.62
CA LEU E 327 -5.42 1.12 49.53
C LEU E 327 -4.19 1.61 50.30
N MET E 328 -3.40 0.69 50.84
CA MET E 328 -2.22 1.08 51.60
C MET E 328 -1.16 1.74 50.72
N ALA E 329 -0.96 1.22 49.50
CA ALA E 329 0.01 1.82 48.60
C ALA E 329 -0.41 3.23 48.16
N TYR E 330 -1.69 3.43 47.87
CA TYR E 330 -2.17 4.75 47.49
C TYR E 330 -2.10 5.71 48.67
N ALA E 331 -2.40 5.25 49.88
CA ALA E 331 -2.29 6.09 51.06
C ALA E 331 -0.85 6.50 51.33
N LEU E 332 0.09 5.58 51.12
CA LEU E 332 1.50 5.90 51.28
C LEU E 332 1.97 6.89 50.23
N GLY E 333 1.52 6.71 48.98
CA GLY E 333 1.95 7.60 47.92
C GLY E 333 1.32 8.96 47.89
N SER E 334 0.12 9.08 48.46
CA SER E 334 -0.56 10.37 48.42
C SER E 334 0.04 11.35 49.43
N SER E 335 0.48 10.86 50.58
CA SER E 335 0.99 11.69 51.66
C SER E 335 2.42 11.28 51.99
N PRO E 336 3.43 11.92 51.39
CA PRO E 336 4.81 11.55 51.66
C PRO E 336 5.37 12.19 52.92
N ASP E 337 6.67 11.99 53.17
CA ASP E 337 7.35 12.47 54.37
C ASP E 337 8.24 13.66 53.96
N ILE E 338 7.66 14.86 53.99
CA ILE E 338 8.39 16.04 53.58
C ILE E 338 8.56 16.93 54.80
N GLU E 339 8.90 16.33 55.93
CA GLU E 339 9.06 17.10 57.14
C GLU E 339 10.42 17.75 57.16
N GLN E 340 10.50 19.04 57.45
CA GLN E 340 11.77 19.73 57.44
C GLN E 340 12.66 19.23 58.56
N GLN E 341 13.93 18.96 58.26
CA GLN E 341 14.85 18.34 59.21
C GLN E 341 15.93 19.30 59.70
N PHE E 342 16.67 19.94 58.80
CA PHE E 342 17.73 20.86 59.16
C PHE E 342 17.24 22.30 59.04
N SER E 343 17.77 23.18 59.88
CA SER E 343 17.38 24.57 59.88
C SER E 343 18.58 25.45 60.20
N THR E 344 18.53 26.69 59.72
CA THR E 344 19.54 27.70 60.02
C THR E 344 18.98 28.84 60.85
N GLY E 345 17.91 29.47 60.38
CA GLY E 345 17.28 30.53 61.14
C GLY E 345 15.77 30.58 60.95
N ASN E 346 15.17 29.48 60.49
CA ASN E 346 13.75 29.45 60.20
C ASN E 346 13.15 28.13 60.64
N THR E 347 11.83 28.13 60.81
CA THR E 347 11.09 27.01 61.32
C THR E 347 10.39 26.26 60.19
N TYR E 348 9.50 25.34 60.55
CA TYR E 348 8.87 24.42 59.61
C TYR E 348 7.74 25.12 58.86
N ARG E 349 6.91 24.32 58.17
CA ARG E 349 5.84 24.83 57.32
C ARG E 349 4.68 25.44 58.11
N LYS E 350 4.65 25.29 59.45
CA LYS E 350 3.68 25.76 60.43
C LYS E 350 2.23 25.61 59.97
N PRO E 351 1.70 24.39 59.93
CA PRO E 351 0.31 24.19 59.47
C PRO E 351 -0.69 24.71 60.48
N PRO E 352 -1.55 25.67 60.10
CA PRO E 352 -2.49 26.27 61.04
C PRO E 352 -3.82 25.53 61.17
N LYS E 353 -3.74 24.20 61.34
CA LYS E 353 -4.87 23.33 61.70
C LYS E 353 -6.01 23.43 60.66
N GLU E 354 -5.69 22.98 59.45
CA GLU E 354 -6.66 22.96 58.36
C GLU E 354 -7.83 22.02 58.67
N ALA E 355 -7.52 20.72 58.76
CA ALA E 355 -8.44 19.64 59.15
C ALA E 355 -9.67 19.52 58.25
N SER E 356 -9.68 20.14 57.08
CA SER E 356 -10.83 20.09 56.19
C SER E 356 -10.38 20.47 54.79
N TYR E 357 -10.50 19.54 53.85
CA TYR E 357 -10.14 19.79 52.45
C TYR E 357 -10.96 18.86 51.58
N LEU E 358 -11.95 19.42 50.88
CA LEU E 358 -12.95 18.65 50.16
C LEU E 358 -12.60 18.44 48.69
N VAL E 359 -11.32 18.56 48.32
CA VAL E 359 -10.93 18.26 46.94
C VAL E 359 -11.07 16.78 46.65
N SER E 360 -10.58 15.92 47.57
CA SER E 360 -10.85 14.50 47.51
C SER E 360 -11.06 13.91 48.91
N GLU E 361 -11.21 14.75 49.94
CA GLU E 361 -11.37 14.37 51.34
C GLU E 361 -10.20 13.54 51.87
N GLU E 362 -9.03 13.63 51.23
CA GLU E 362 -7.87 12.84 51.61
C GLU E 362 -7.19 13.42 52.85
N PRO E 363 -6.82 12.58 53.81
CA PRO E 363 -6.05 13.08 54.95
C PRO E 363 -4.63 13.43 54.57
N LYS E 364 -3.91 14.09 55.48
CA LYS E 364 -2.55 14.54 55.16
C LYS E 364 -1.46 13.76 55.89
N ASN E 365 -1.79 12.58 56.38
CA ASN E 365 -0.82 11.75 57.09
C ASN E 365 -0.99 10.32 56.62
N ARG E 366 -0.35 9.38 57.33
CA ARG E 366 -0.41 7.97 57.00
C ARG E 366 -1.10 7.16 58.10
N SER E 367 -2.03 7.79 58.82
CA SER E 367 -2.79 7.09 59.85
C SER E 367 -3.88 6.25 59.21
N VAL E 368 -4.10 5.05 59.73
CA VAL E 368 -4.96 4.09 59.04
C VAL E 368 -6.44 4.41 59.30
N VAL E 369 -6.77 5.06 60.43
CA VAL E 369 -8.17 5.27 60.76
C VAL E 369 -8.81 6.32 59.86
N GLU E 370 -8.09 7.41 59.58
CA GLU E 370 -8.62 8.41 58.66
C GLU E 370 -8.73 7.88 57.25
N TRP E 371 -7.76 7.05 56.83
CA TRP E 371 -7.79 6.49 55.49
C TRP E 371 -8.89 5.45 55.33
N ILE E 372 -9.14 4.65 56.37
CA ILE E 372 -10.22 3.67 56.26
C ILE E 372 -11.58 4.36 56.33
N ALA E 373 -11.69 5.49 57.04
CA ALA E 373 -12.91 6.29 57.00
C ALA E 373 -13.13 6.85 55.60
N TRP E 374 -12.07 7.38 54.98
CA TRP E 374 -12.17 7.92 53.63
C TRP E 374 -12.48 6.84 52.61
N TYR E 375 -11.97 5.62 52.81
CA TYR E 375 -12.25 4.52 51.88
C TYR E 375 -13.67 4.02 52.03
N SER E 376 -14.16 3.89 53.27
CA SER E 376 -15.55 3.49 53.49
C SER E 376 -16.53 4.56 53.04
N ASP E 377 -16.10 5.82 52.97
CA ASP E 377 -16.96 6.86 52.43
C ASP E 377 -17.25 6.65 50.94
N VAL E 378 -16.36 5.96 50.22
CA VAL E 378 -16.53 5.78 48.78
C VAL E 378 -16.87 4.29 48.55
N ASP E 379 -17.57 3.71 49.51
CA ASP E 379 -18.20 2.39 49.36
C ASP E 379 -17.19 1.27 49.14
N ASN E 380 -15.97 1.44 49.65
CA ASN E 380 -14.90 0.44 49.60
C ASN E 380 -14.60 -0.03 48.18
N LYS E 381 -14.57 0.92 47.25
CA LYS E 381 -14.22 0.62 45.87
C LYS E 381 -13.01 1.46 45.45
N PRO E 382 -12.17 0.94 44.55
CA PRO E 382 -11.02 1.72 44.08
C PRO E 382 -11.44 2.93 43.27
N THR E 383 -11.05 4.11 43.74
CA THR E 383 -11.35 5.38 43.09
C THR E 383 -10.58 5.45 41.76
N ASP E 384 -11.06 6.31 40.85
CA ASP E 384 -10.44 6.44 39.53
C ASP E 384 -8.98 6.86 39.62
N ASP E 385 -8.64 7.68 40.62
CA ASP E 385 -7.23 8.03 40.84
C ASP E 385 -6.42 6.82 41.28
N MET E 386 -7.01 5.95 42.10
CA MET E 386 -6.33 4.72 42.52
C MET E 386 -6.08 3.80 41.34
N LEU E 387 -7.06 3.65 40.46
CA LEU E 387 -6.88 2.81 39.28
C LEU E 387 -5.89 3.42 38.30
N MET E 388 -5.86 4.76 38.21
CA MET E 388 -4.87 5.42 37.36
C MET E 388 -3.46 5.19 37.89
N MET E 389 -3.28 5.31 39.21
CA MET E 389 -1.97 5.05 39.82
C MET E 389 -1.55 3.59 39.65
N ALA E 390 -2.49 2.66 39.80
CA ALA E 390 -2.20 1.25 39.61
C ALA E 390 -1.83 0.94 38.16
N LYS E 391 -2.50 1.58 37.21
CA LYS E 391 -2.17 1.40 35.79
C LYS E 391 -0.80 1.99 35.47
N ARG E 392 -0.47 3.13 36.07
CA ARG E 392 0.83 3.74 35.88
C ARG E 392 1.95 2.86 36.44
N VAL E 393 1.71 2.24 37.60
CA VAL E 393 2.70 1.32 38.17
C VAL E 393 2.82 0.08 37.31
N ALA E 394 1.69 -0.47 36.84
CA ALA E 394 1.69 -1.69 36.05
C ALA E 394 2.28 -1.48 34.65
N GLY E 395 2.35 -0.25 34.18
CA GLY E 395 2.99 0.00 32.89
C GLY E 395 4.50 -0.09 32.89
N THR E 396 5.12 -0.17 34.07
CA THR E 396 6.57 -0.24 34.19
C THR E 396 7.09 -1.66 34.33
N ILE E 397 6.24 -2.66 34.14
CA ILE E 397 6.65 -4.06 34.20
C ILE E 397 6.86 -4.54 32.76
N SER E 398 8.10 -4.93 32.45
CA SER E 398 8.44 -5.28 31.07
C SER E 398 8.00 -6.70 30.75
N GLY E 399 8.60 -7.69 31.41
CA GLY E 399 8.21 -9.06 31.23
C GLY E 399 8.02 -9.78 32.55
N PRO E 400 6.81 -10.20 32.84
CA PRO E 400 6.55 -10.93 34.08
C PRO E 400 6.66 -12.44 33.90
N ARG E 401 6.81 -13.13 35.03
CA ARG E 401 6.90 -14.58 35.04
C ARG E 401 5.49 -15.17 35.05
N ASP E 402 5.38 -16.48 35.28
CA ASP E 402 4.09 -17.15 35.12
C ASP E 402 3.18 -16.91 36.32
N ASN E 403 3.68 -17.15 37.53
CA ASN E 403 2.88 -17.04 38.74
C ASN E 403 3.47 -16.02 39.69
N SER E 404 3.90 -14.88 39.16
CA SER E 404 4.57 -13.86 39.95
C SER E 404 3.58 -12.78 40.38
N VAL E 405 4.06 -11.91 41.27
CA VAL E 405 3.28 -10.75 41.69
C VAL E 405 3.13 -9.75 40.54
N GLY E 406 4.19 -9.59 39.74
CA GLY E 406 4.13 -8.67 38.62
C GLY E 406 3.13 -9.08 37.56
N LYS E 407 2.99 -10.39 37.33
CA LYS E 407 1.95 -10.88 36.42
C LYS E 407 0.56 -10.57 36.94
N TRP E 408 0.35 -10.72 38.25
CA TRP E 408 -0.92 -10.37 38.87
C TRP E 408 -1.21 -8.89 38.72
N ILE E 409 -0.20 -8.04 38.91
CA ILE E 409 -0.38 -6.60 38.80
C ILE E 409 -0.70 -6.20 37.37
N LYS E 410 0.02 -6.78 36.40
CA LYS E 410 -0.21 -6.43 35.00
C LYS E 410 -1.57 -6.92 34.52
N GLN E 411 -2.00 -8.11 34.97
CA GLN E 411 -3.30 -8.63 34.54
C GLN E 411 -4.45 -7.89 35.20
N THR E 412 -4.36 -7.66 36.51
CA THR E 412 -5.51 -7.15 37.25
C THR E 412 -5.74 -5.66 36.99
N TYR E 413 -4.68 -4.86 37.03
CA TYR E 413 -4.80 -3.41 36.96
C TYR E 413 -4.29 -2.85 35.63
N GLY E 414 -4.57 -3.55 34.54
CA GLY E 414 -4.20 -3.09 33.22
C GLY E 414 -2.74 -3.28 32.90
N ARG F 1 0.94 -4.35 67.93
CA ARG F 1 0.70 -4.15 69.35
C ARG F 1 -0.55 -4.89 69.82
N ILE F 2 -1.61 -4.13 70.12
CA ILE F 2 -2.79 -4.70 70.75
C ILE F 2 -3.77 -5.14 69.66
N LYS F 3 -4.19 -6.41 69.71
CA LYS F 3 -5.14 -6.96 68.76
C LYS F 3 -6.56 -6.70 69.27
N THR F 4 -7.55 -7.41 68.72
CA THR F 4 -8.95 -7.12 69.04
C THR F 4 -9.28 -7.35 70.52
N ASN F 5 -8.83 -8.46 71.10
CA ASN F 5 -9.26 -8.80 72.46
C ASN F 5 -8.39 -8.13 73.51
N ALA F 6 -7.18 -8.65 73.73
CA ALA F 6 -6.24 -8.01 74.63
C ALA F 6 -4.78 -8.24 74.28
N ALA F 7 -4.46 -8.96 73.21
CA ALA F 7 -3.13 -9.56 73.06
C ALA F 7 -2.14 -8.52 72.57
N VAL F 8 -1.00 -8.42 73.24
CA VAL F 8 0.10 -7.57 72.81
C VAL F 8 1.05 -8.40 71.98
N ALA F 9 1.63 -7.79 70.95
CA ALA F 9 2.55 -8.46 70.05
C ALA F 9 3.95 -7.86 70.19
N ALA F 10 4.96 -8.73 70.19
CA ALA F 10 6.36 -8.32 70.21
C ALA F 10 6.79 -8.13 68.76
N VAL F 11 6.84 -6.88 68.31
CA VAL F 11 7.08 -6.56 66.90
C VAL F 11 8.55 -6.20 66.72
N LEU F 12 9.27 -7.05 66.00
CA LEU F 12 10.73 -6.90 65.91
C LEU F 12 11.35 -7.63 64.73
N PRO F 13 12.09 -6.92 63.86
CA PRO F 13 13.01 -7.58 62.93
C PRO F 13 14.42 -7.77 63.47
N ALA F 14 15.31 -8.31 62.65
CA ALA F 14 16.70 -8.53 63.04
C ALA F 14 17.50 -7.22 62.99
N ASN F 15 18.70 -7.28 63.55
CA ASN F 15 19.54 -6.10 63.74
C ASN F 15 20.52 -5.92 62.58
N GLU F 16 21.50 -5.03 62.76
CA GLU F 16 22.48 -4.68 61.72
C GLU F 16 23.84 -4.47 62.36
N ASP F 17 24.82 -4.11 61.54
CA ASP F 17 26.20 -3.86 61.97
C ASP F 17 26.51 -2.36 61.91
N GLN F 18 27.78 -2.02 62.18
CA GLN F 18 28.20 -0.62 62.22
C GLN F 18 29.50 -0.40 61.44
N ALA F 19 30.05 0.81 61.55
CA ALA F 19 31.28 1.18 60.85
C ALA F 19 32.20 1.93 61.81
N ASP F 20 33.49 1.92 61.48
CA ASP F 20 34.53 2.48 62.34
C ASP F 20 35.18 3.69 61.69
N TYR F 21 35.22 4.80 62.41
CA TYR F 21 35.84 6.04 61.96
C TYR F 21 37.35 5.97 62.07
N PRO F 22 38.08 6.78 61.30
CA PRO F 22 39.54 6.82 61.44
C PRO F 22 40.03 7.34 62.78
N SER F 23 39.23 8.08 63.53
CA SER F 23 39.68 8.65 64.80
C SER F 23 39.82 7.60 65.90
N THR F 24 39.12 6.46 65.79
CA THR F 24 39.35 5.37 66.72
C THR F 24 40.76 4.83 66.58
N PHE F 25 41.22 4.69 65.34
CA PHE F 25 42.64 4.46 65.08
C PHE F 25 43.43 5.71 65.49
N PHE F 26 44.69 5.49 65.84
CA PHE F 26 45.63 6.50 66.35
C PHE F 26 45.18 7.13 67.67
N GLU F 27 44.23 6.51 68.37
CA GLU F 27 43.88 6.98 69.70
C GLU F 27 44.93 6.53 70.72
N GLY F 28 45.49 5.35 70.53
CA GLY F 28 46.57 4.86 71.36
C GLY F 28 47.92 5.00 70.69
N GLY F 29 47.99 5.84 69.66
CA GLY F 29 49.23 6.02 68.93
C GLY F 29 49.69 4.81 68.13
N ASN F 30 48.77 4.15 67.42
CA ASN F 30 49.13 2.99 66.63
C ASN F 30 49.89 3.41 65.37
N GLU F 31 50.50 2.42 64.74
CA GLU F 31 51.26 2.61 63.50
C GLU F 31 50.59 1.81 62.38
N ILE F 32 51.23 1.78 61.22
CA ILE F 32 50.65 1.18 60.02
C ILE F 32 51.08 -0.26 59.82
N ARG F 33 52.36 -0.57 60.10
CA ARG F 33 52.90 -1.94 60.10
C ARG F 33 52.74 -2.62 58.74
N LEU F 34 53.51 -2.12 57.77
CA LEU F 34 53.41 -2.60 56.40
C LEU F 34 53.78 -4.09 56.30
N TYR F 35 54.72 -4.56 57.11
CA TYR F 35 55.29 -5.92 57.07
C TYR F 35 55.93 -6.21 55.71
N VAL F 36 57.01 -5.48 55.47
CA VAL F 36 57.74 -5.52 54.20
C VAL F 36 58.59 -6.79 54.12
N ASN F 37 58.48 -7.50 53.00
CA ASN F 37 59.46 -8.52 52.66
C ASN F 37 60.64 -7.86 51.98
N ARG F 38 61.84 -8.05 52.52
CA ARG F 38 63.04 -7.41 52.00
C ARG F 38 64.24 -8.30 52.32
N GLY F 39 65.44 -7.75 52.09
CA GLY F 39 66.67 -8.45 52.39
C GLY F 39 67.27 -9.19 51.21
N GLU F 40 67.37 -8.53 50.07
CA GLU F 40 67.86 -9.17 48.86
C GLU F 40 68.38 -8.11 47.90
N LYS F 41 69.16 -8.56 46.91
CA LYS F 41 69.66 -7.68 45.87
C LYS F 41 68.52 -7.24 44.96
N LEU F 42 68.54 -5.96 44.56
CA LEU F 42 67.49 -5.41 43.73
C LEU F 42 67.49 -6.02 42.33
N ASP F 43 68.68 -6.31 41.79
CA ASP F 43 68.79 -6.77 40.41
C ASP F 43 68.17 -8.15 40.23
N VAL F 44 68.54 -9.10 41.10
CA VAL F 44 67.96 -10.44 40.99
C VAL F 44 66.47 -10.39 41.26
N LEU F 45 66.02 -9.52 42.18
CA LEU F 45 64.59 -9.38 42.46
C LEU F 45 63.83 -8.88 41.23
N ARG F 46 64.43 -7.94 40.49
CA ARG F 46 63.79 -7.52 39.25
C ARG F 46 63.83 -8.63 38.20
N GLN F 47 64.74 -9.57 38.32
CA GLN F 47 64.72 -10.69 37.37
C GLN F 47 63.59 -11.64 37.76
N TYR F 48 63.37 -11.84 39.06
CA TYR F 48 62.23 -12.68 39.45
C TYR F 48 60.91 -12.03 39.07
N VAL F 49 60.84 -10.70 39.11
CA VAL F 49 59.63 -10.01 38.69
C VAL F 49 59.46 -10.11 37.18
N TYR F 50 60.55 -9.98 36.42
CA TYR F 50 60.48 -10.05 34.96
C TYR F 50 60.06 -11.43 34.49
N MET F 51 60.88 -12.45 34.79
CA MET F 51 60.55 -13.78 34.32
C MET F 51 59.40 -14.35 35.15
N GLY F 52 58.47 -15.02 34.48
CA GLY F 52 57.22 -15.38 35.12
C GLY F 52 56.12 -14.43 34.69
N LEU F 53 56.44 -13.14 34.62
CA LEU F 53 55.50 -12.18 34.04
C LEU F 53 55.36 -12.35 32.53
N VAL F 54 56.39 -12.94 31.89
CA VAL F 54 56.25 -13.29 30.47
C VAL F 54 55.26 -14.43 30.29
N GLU F 55 55.23 -15.39 31.22
CA GLU F 55 54.21 -16.43 31.22
C GLU F 55 53.04 -15.98 32.09
N LYS F 56 52.16 -16.91 32.44
CA LYS F 56 50.85 -16.58 33.02
C LYS F 56 50.83 -16.73 34.53
N ASN F 57 51.92 -16.43 35.24
CA ASN F 57 51.92 -16.57 36.70
C ASN F 57 52.96 -15.63 37.30
N CYS F 58 52.53 -14.78 38.23
CA CYS F 58 53.42 -13.89 38.95
C CYS F 58 53.14 -13.98 40.44
N ARG F 59 54.12 -13.59 41.25
CA ARG F 59 54.07 -13.72 42.70
C ARG F 59 53.87 -12.36 43.34
N ILE F 60 52.96 -12.30 44.32
CA ILE F 60 52.71 -11.06 45.05
C ILE F 60 53.92 -10.68 45.91
N GLN F 61 54.60 -11.68 46.46
CA GLN F 61 55.79 -11.41 47.27
C GLN F 61 56.92 -10.81 46.44
N HIS F 62 57.07 -11.29 45.20
CA HIS F 62 58.11 -10.77 44.32
C HIS F 62 57.90 -9.29 44.00
N VAL F 63 56.68 -8.92 43.60
CA VAL F 63 56.42 -7.53 43.26
C VAL F 63 56.41 -6.66 44.51
N ASN F 64 56.04 -7.22 45.67
CA ASN F 64 56.12 -6.49 46.93
C ASN F 64 57.56 -6.13 47.28
N ALA F 65 58.45 -7.14 47.27
CA ALA F 65 59.85 -6.91 47.58
C ALA F 65 60.50 -5.97 46.56
N TYR F 66 60.12 -6.12 45.28
CA TYR F 66 60.57 -5.19 44.26
C TYR F 66 60.15 -3.76 44.58
N LEU F 67 58.85 -3.55 44.86
CA LEU F 67 58.35 -2.19 44.99
C LEU F 67 59.01 -1.48 46.17
N TYR F 68 59.28 -2.22 47.25
CA TYR F 68 60.06 -1.60 48.32
C TYR F 68 61.50 -1.38 47.88
N ALA F 69 62.08 -2.30 47.10
CA ALA F 69 63.48 -2.14 46.71
C ALA F 69 63.70 -0.96 45.77
N VAL F 70 62.74 -0.68 44.89
CA VAL F 70 62.92 0.37 43.89
C VAL F 70 62.36 1.71 44.35
N LEU F 71 61.25 1.73 45.09
CA LEU F 71 60.69 3.00 45.50
C LEU F 71 61.44 3.66 46.64
N LYS F 72 62.29 2.92 47.35
CA LYS F 72 63.06 3.50 48.44
C LYS F 72 64.16 4.40 47.89
N GLY F 73 64.44 5.48 48.63
CA GLY F 73 65.49 6.41 48.27
C GLY F 73 65.05 7.56 47.38
N GLU F 74 63.81 7.57 46.91
CA GLU F 74 63.31 8.64 46.04
C GLU F 74 62.82 9.80 46.90
N ARG F 75 63.77 10.47 47.55
CA ARG F 75 63.46 11.61 48.39
C ARG F 75 63.14 12.84 47.56
N GLU F 76 62.43 13.77 48.17
CA GLU F 76 62.05 15.02 47.53
C GLU F 76 62.18 16.16 48.54
N LEU F 77 61.80 17.35 48.12
CA LEU F 77 61.83 18.52 48.99
C LEU F 77 60.71 18.44 50.04
N LEU F 78 60.80 19.32 51.03
CA LEU F 78 59.76 19.44 52.06
C LEU F 78 59.72 20.90 52.49
N GLU F 79 58.81 21.67 51.87
CA GLU F 79 58.72 23.09 52.13
C GLU F 79 57.84 23.44 53.32
N ALA F 80 57.14 22.46 53.91
CA ALA F 80 56.25 22.73 55.02
C ALA F 80 56.10 21.48 55.88
N ASP F 81 55.59 21.69 57.10
CA ASP F 81 55.34 20.58 58.00
C ASP F 81 54.16 19.74 57.51
N TRP F 82 54.25 18.43 57.69
CA TRP F 82 53.20 17.50 57.32
C TRP F 82 52.72 16.79 58.58
N ASP F 83 51.43 16.93 58.88
CA ASP F 83 50.85 16.36 60.09
C ASP F 83 49.46 15.81 59.77
N SER F 84 49.11 14.70 60.43
CA SER F 84 47.79 14.10 60.28
C SER F 84 47.54 13.21 61.50
N PHE F 85 46.46 13.50 62.25
CA PHE F 85 46.07 12.78 63.46
C PHE F 85 47.17 12.80 64.53
N GLY F 86 47.99 13.85 64.53
CA GLY F 86 49.09 13.96 65.47
C GLY F 86 50.35 13.23 65.08
N HIS F 87 50.29 12.36 64.08
CA HIS F 87 51.44 11.59 63.65
C HIS F 87 52.33 12.49 62.80
N LYS F 88 53.54 12.78 63.29
CA LYS F 88 54.46 13.65 62.58
C LYS F 88 55.11 12.88 61.43
N ILE F 89 55.04 13.45 60.23
CA ILE F 89 55.58 12.81 59.03
C ILE F 89 56.97 13.35 58.70
N GLY F 90 57.12 14.67 58.64
CA GLY F 90 58.40 15.24 58.26
C GLY F 90 58.59 16.63 58.84
N ILE F 91 59.86 17.00 58.94
CA ILE F 91 60.28 18.32 59.41
C ILE F 91 60.51 19.20 58.18
N GLN F 92 60.14 20.48 58.29
CA GLN F 92 60.30 21.44 57.20
C GLN F 92 61.76 21.57 56.78
N GLY F 93 62.00 21.54 55.47
CA GLY F 93 63.34 21.68 54.94
C GLY F 93 64.17 20.41 54.95
N ASP F 94 63.53 19.23 54.96
CA ASP F 94 64.22 17.96 55.02
C ASP F 94 63.92 17.13 53.78
N LYS F 95 64.47 15.92 53.74
CA LYS F 95 64.17 14.93 52.74
C LYS F 95 63.23 13.87 53.33
N ILE F 96 62.19 13.51 52.57
CA ILE F 96 61.06 12.76 53.12
C ILE F 96 61.05 11.30 52.65
N GLY F 97 60.95 11.06 51.34
CA GLY F 97 60.84 9.72 50.83
C GLY F 97 59.45 9.14 50.95
N PRO F 98 59.10 8.22 50.05
CA PRO F 98 57.73 7.66 50.05
C PRO F 98 57.45 6.65 51.14
N PHE F 99 58.46 6.17 51.86
CA PHE F 99 58.26 5.14 52.87
C PHE F 99 58.66 5.63 54.26
N ASN F 100 58.42 6.91 54.54
CA ASN F 100 58.68 7.45 55.87
C ASN F 100 57.42 7.55 56.72
N LEU F 101 56.25 7.56 56.11
CA LEU F 101 55.01 7.54 56.88
C LEU F 101 54.78 6.19 57.54
N VAL F 102 55.33 5.12 56.95
CA VAL F 102 55.18 3.76 57.45
C VAL F 102 56.58 3.19 57.69
N ARG F 103 56.80 2.62 58.88
CA ARG F 103 58.04 1.92 59.15
C ARG F 103 58.07 0.59 58.40
N VAL F 104 59.29 0.08 58.19
CA VAL F 104 59.48 -1.04 57.27
C VAL F 104 58.89 -2.33 57.85
N GLU F 105 59.18 -2.62 59.12
CA GLU F 105 58.67 -3.79 59.85
C GLU F 105 59.02 -5.09 59.12
N ASP F 106 60.31 -5.41 59.16
CA ASP F 106 60.87 -6.58 58.46
C ASP F 106 60.11 -7.86 58.79
N ILE F 107 59.70 -8.56 57.74
CA ILE F 107 58.75 -9.67 57.79
C ILE F 107 59.38 -10.88 58.47
N PRO F 108 58.59 -11.74 59.14
CA PRO F 108 59.11 -13.04 59.56
C PRO F 108 59.38 -13.98 58.39
N ASP F 109 59.80 -15.22 58.67
CA ASP F 109 60.26 -16.11 57.63
C ASP F 109 59.10 -16.62 56.77
N GLY F 110 58.81 -15.90 55.69
CA GLY F 110 57.80 -16.28 54.73
C GLY F 110 58.32 -16.05 53.32
N LEU F 111 59.62 -16.29 53.14
CA LEU F 111 60.31 -15.89 51.93
C LEU F 111 59.80 -16.68 50.72
N PRO F 112 59.61 -16.02 49.58
CA PRO F 112 58.99 -16.69 48.44
C PRO F 112 59.95 -17.66 47.76
N ASP F 113 59.35 -18.59 47.01
CA ASP F 113 60.12 -19.57 46.23
C ASP F 113 60.45 -18.94 44.89
N GLY F 114 61.70 -18.48 44.74
CA GLY F 114 62.13 -17.89 43.49
C GLY F 114 62.42 -18.91 42.42
N LYS F 115 62.59 -18.41 41.21
CA LYS F 115 62.90 -19.23 40.04
C LYS F 115 64.25 -18.80 39.47
N LEU F 116 64.57 -19.30 38.28
CA LEU F 116 65.85 -19.00 37.65
C LEU F 116 65.92 -17.52 37.25
N ASN F 117 67.13 -17.09 36.90
CA ASN F 117 67.38 -15.70 36.52
C ASN F 117 67.47 -15.60 35.01
N ALA F 118 66.74 -14.63 34.45
CA ALA F 118 66.76 -14.37 33.02
C ALA F 118 67.96 -13.50 32.67
N GLU F 119 67.97 -12.95 31.46
CA GLU F 119 69.03 -12.02 31.07
C GLU F 119 68.95 -10.75 31.91
N VAL F 120 70.11 -10.27 32.36
CA VAL F 120 70.14 -9.17 33.31
C VAL F 120 69.81 -7.87 32.58
N SER F 121 68.75 -7.19 33.02
CA SER F 121 68.30 -5.95 32.41
C SER F 121 68.85 -4.72 33.11
N ALA F 122 68.52 -4.56 34.40
CA ALA F 122 68.92 -3.42 35.25
C ALA F 122 68.51 -2.07 34.67
N GLU F 123 67.52 -2.06 33.77
CA GLU F 123 67.12 -0.84 33.07
C GLU F 123 65.61 -0.69 32.96
N ASP F 124 64.83 -1.74 33.18
CA ASP F 124 63.38 -1.82 33.01
C ASP F 124 62.59 -1.08 34.09
N ASP F 125 63.24 -0.29 34.96
CA ASP F 125 62.53 0.47 35.98
C ASP F 125 61.69 1.60 35.40
N ALA F 126 61.91 1.95 34.12
CA ALA F 126 61.11 2.99 33.50
C ALA F 126 59.69 2.53 33.19
N TRP F 127 59.42 1.23 33.18
CA TRP F 127 58.08 0.77 32.87
C TRP F 127 57.55 -0.27 33.83
N LEU F 128 58.44 -1.06 34.45
CA LEU F 128 57.99 -2.22 35.22
C LEU F 128 57.19 -1.88 36.48
N PRO F 129 57.61 -0.95 37.36
CA PRO F 129 56.69 -0.57 38.46
C PRO F 129 55.42 0.12 37.98
N LEU F 130 55.51 0.94 36.93
CA LEU F 130 54.31 1.54 36.34
C LEU F 130 53.40 0.47 35.78
N PHE F 131 53.97 -0.55 35.13
CA PHE F 131 53.15 -1.64 34.59
C PHE F 131 52.43 -2.40 35.70
N LEU F 132 53.12 -2.68 36.82
CA LEU F 132 52.46 -3.39 37.91
C LEU F 132 51.37 -2.55 38.56
N LEU F 133 51.64 -1.26 38.80
CA LEU F 133 50.64 -0.42 39.44
C LEU F 133 49.44 -0.16 38.53
N GLY F 134 49.65 -0.08 37.22
CA GLY F 134 48.52 0.02 36.31
C GLY F 134 47.78 -1.29 36.15
N LEU F 135 48.48 -2.42 36.26
CA LEU F 135 47.84 -3.72 36.20
C LEU F 135 46.94 -3.93 37.41
N TYR F 136 47.27 -3.29 38.54
CA TYR F 136 46.34 -3.27 39.68
C TYR F 136 45.00 -2.65 39.31
N ARG F 137 45.04 -1.48 38.64
CA ARG F 137 43.80 -0.82 38.22
C ARG F 137 43.06 -1.64 37.19
N VAL F 138 43.79 -2.27 36.26
CA VAL F 138 43.16 -3.13 35.26
C VAL F 138 42.46 -4.31 35.93
N GLY F 139 43.10 -4.90 36.95
CA GLY F 139 42.45 -5.94 37.73
C GLY F 139 41.27 -5.46 38.56
N ARG F 140 41.23 -4.17 38.88
CA ARG F 140 40.06 -3.63 39.58
C ARG F 140 38.84 -3.48 38.68
N ALA F 141 38.99 -3.59 37.36
CA ALA F 141 37.86 -3.47 36.46
C ALA F 141 37.03 -4.76 36.45
N SER F 142 35.79 -4.63 35.97
CA SER F 142 34.83 -5.73 36.03
C SER F 142 34.06 -5.95 34.73
N GLU F 143 34.31 -5.17 33.68
CA GLU F 143 33.63 -5.30 32.41
C GLU F 143 34.65 -5.55 31.31
N THR F 144 34.36 -6.52 30.43
CA THR F 144 35.24 -6.81 29.32
C THR F 144 35.29 -5.66 28.32
N ALA F 145 34.19 -4.94 28.14
CA ALA F 145 34.21 -3.74 27.32
C ALA F 145 35.03 -2.63 27.97
N TYR F 146 35.09 -2.62 29.31
CA TYR F 146 35.90 -1.67 30.05
C TYR F 146 37.36 -2.13 30.21
N ARG F 147 37.81 -3.08 29.39
CA ARG F 147 39.21 -3.46 29.34
C ARG F 147 40.01 -2.59 28.38
N THR F 148 39.48 -1.42 28.01
CA THR F 148 40.27 -0.41 27.31
C THR F 148 41.26 0.28 28.23
N LEU F 149 41.16 0.08 29.54
CA LEU F 149 42.20 0.53 30.46
C LEU F 149 43.52 -0.17 30.16
N LEU F 150 43.48 -1.45 29.80
CA LEU F 150 44.67 -2.15 29.36
C LEU F 150 45.25 -1.53 28.09
N MET F 151 44.41 -1.19 27.13
CA MET F 151 44.88 -0.57 25.89
C MET F 151 45.49 0.81 26.17
N GLU F 152 44.89 1.57 27.09
CA GLU F 152 45.48 2.83 27.53
C GLU F 152 46.83 2.60 28.18
N SER F 153 46.95 1.52 28.97
CA SER F 153 48.23 1.19 29.59
C SER F 153 49.30 0.89 28.55
N LEU F 154 48.96 0.07 27.53
CA LEU F 154 49.93 -0.24 26.48
C LEU F 154 50.29 0.99 25.67
N ILE F 155 49.33 1.86 25.40
CA ILE F 155 49.61 3.12 24.72
C ILE F 155 50.57 3.96 25.56
N LYS F 156 50.39 3.95 26.88
CA LYS F 156 51.25 4.72 27.77
C LYS F 156 52.67 4.16 27.81
N GLN F 157 52.82 2.84 27.90
CA GLN F 157 54.13 2.26 28.16
C GLN F 157 54.84 1.77 26.90
N CYS F 158 54.22 1.86 25.73
CA CYS F 158 54.93 1.50 24.50
C CYS F 158 56.01 2.50 24.14
N LYS F 159 55.92 3.73 24.65
CA LYS F 159 56.94 4.75 24.43
C LYS F 159 57.77 4.96 25.68
N ALA F 160 58.07 3.87 26.39
CA ALA F 160 58.78 3.97 27.65
C ALA F 160 60.23 4.38 27.45
N ILE F 161 60.92 3.80 26.45
CA ILE F 161 62.32 4.14 26.26
C ILE F 161 62.49 4.97 25.00
N LYS F 162 62.29 4.38 23.83
CA LYS F 162 62.18 5.17 22.60
C LYS F 162 60.88 4.89 21.85
N SER F 163 60.69 3.70 21.31
CA SER F 163 59.47 3.35 20.59
C SER F 163 58.98 1.92 20.78
N ASP F 164 59.84 0.98 21.16
CA ASP F 164 59.57 -0.44 20.99
C ASP F 164 59.14 -1.09 22.30
N TRP F 165 58.07 -1.87 22.24
CA TRP F 165 57.55 -2.57 23.40
C TRP F 165 56.60 -3.67 22.95
N VAL F 166 56.61 -4.78 23.69
CA VAL F 166 55.74 -5.93 23.45
C VAL F 166 54.97 -6.23 24.73
N SER F 167 53.66 -6.43 24.59
CA SER F 167 52.80 -6.61 25.76
C SER F 167 52.90 -8.03 26.29
N PRO F 168 53.26 -8.23 27.56
CA PRO F 168 53.31 -9.57 28.13
C PRO F 168 52.03 -10.02 28.82
N VAL F 169 51.06 -9.13 28.97
CA VAL F 169 49.84 -9.43 29.71
C VAL F 169 48.75 -9.86 28.75
N THR F 170 48.13 -11.00 29.02
CA THR F 170 46.98 -11.44 28.23
C THR F 170 45.79 -10.53 28.51
N ALA F 171 45.06 -10.20 27.45
CA ALA F 171 43.94 -9.27 27.56
C ALA F 171 42.76 -9.87 28.30
N THR F 172 42.67 -11.21 28.39
CA THR F 172 41.56 -11.87 29.03
C THR F 172 41.92 -12.60 30.32
N HIS F 173 43.20 -12.77 30.62
CA HIS F 173 43.59 -13.48 31.84
C HIS F 173 43.32 -12.62 33.07
N LYS F 174 42.99 -13.30 34.18
CA LYS F 174 42.63 -12.65 35.42
C LYS F 174 43.46 -13.20 36.57
N TYR F 175 44.78 -13.26 36.39
CA TYR F 175 45.67 -13.78 37.41
C TYR F 175 46.27 -12.71 38.31
N PHE F 176 45.91 -11.43 38.12
CA PHE F 176 46.51 -10.35 38.89
C PHE F 176 45.54 -9.65 39.83
N ASP F 177 44.23 -9.82 39.64
CA ASP F 177 43.26 -9.16 40.52
C ASP F 177 43.20 -9.81 41.90
N VAL F 178 43.85 -10.97 42.08
CA VAL F 178 43.97 -11.57 43.40
C VAL F 178 44.84 -10.70 44.29
N TRP F 179 45.77 -9.93 43.70
CA TRP F 179 46.69 -9.11 44.47
C TRP F 179 45.99 -7.99 45.23
N GLY F 180 44.76 -7.64 44.85
CA GLY F 180 44.01 -6.64 45.59
C GLY F 180 43.61 -7.08 46.98
N ASN F 181 43.58 -8.38 47.24
CA ASN F 181 43.32 -8.89 48.58
C ASN F 181 44.52 -8.77 49.50
N ASP F 182 45.73 -8.62 48.94
CA ASP F 182 46.93 -8.51 49.76
C ASP F 182 46.97 -7.14 50.43
N GLY F 183 47.11 -7.14 51.76
CA GLY F 183 47.12 -5.89 52.49
C GLY F 183 48.35 -5.05 52.23
N ASN F 184 49.51 -5.70 52.09
CA ASN F 184 50.76 -4.97 51.90
C ASN F 184 50.81 -4.28 50.54
N TYR F 185 50.26 -4.93 49.51
CA TYR F 185 50.19 -4.31 48.18
C TYR F 185 49.35 -3.05 48.20
N LEU F 186 48.19 -3.11 48.87
CA LEU F 186 47.35 -1.94 49.03
C LEU F 186 48.05 -0.86 49.84
N LYS F 187 48.82 -1.26 50.85
CA LYS F 187 49.54 -0.28 51.67
C LYS F 187 50.61 0.45 50.87
N ILE F 188 51.37 -0.27 50.05
CA ILE F 188 52.40 0.40 49.25
C ILE F 188 51.77 1.27 48.16
N VAL F 189 50.69 0.79 47.52
CA VAL F 189 50.08 1.59 46.46
C VAL F 189 49.44 2.86 47.04
N ALA F 190 48.89 2.76 48.25
CA ALA F 190 48.41 3.95 48.90
C ALA F 190 49.56 4.86 49.33
N CYS F 191 50.71 4.29 49.73
CA CYS F 191 51.86 5.10 50.10
C CYS F 191 52.38 5.91 48.92
N VAL F 192 52.54 5.25 47.76
CA VAL F 192 53.08 5.97 46.61
C VAL F 192 52.07 6.99 46.09
N ASP F 193 50.77 6.64 46.09
CA ASP F 193 49.78 7.62 45.64
C ASP F 193 49.69 8.82 46.57
N MET F 194 49.73 8.60 47.88
CA MET F 194 49.69 9.71 48.83
C MET F 194 50.94 10.57 48.72
N PHE F 195 52.11 9.95 48.56
CA PHE F 195 53.35 10.72 48.51
C PHE F 195 53.46 11.51 47.22
N TYR F 196 53.07 10.92 46.09
CA TYR F 196 53.18 11.57 44.80
C TYR F 196 51.99 12.46 44.47
N ASN F 197 50.93 12.43 45.29
CA ASN F 197 49.91 13.47 45.20
C ASN F 197 50.39 14.78 45.82
N HIS F 198 51.25 14.69 46.83
CA HIS F 198 51.77 15.90 47.46
C HIS F 198 52.76 16.62 46.57
N PHE F 199 53.56 15.87 45.81
CA PHE F 199 54.59 16.44 44.93
C PHE F 199 54.25 16.06 43.50
N LYS F 200 53.43 16.90 42.85
CA LYS F 200 53.06 16.68 41.47
C LYS F 200 54.10 17.20 40.48
N LYS F 201 55.10 17.95 40.97
CA LYS F 201 56.14 18.50 40.12
C LYS F 201 57.28 17.52 39.89
N SER F 202 57.25 16.34 40.51
CA SER F 202 58.29 15.35 40.29
C SER F 202 58.20 14.75 38.90
N ILE F 203 59.35 14.31 38.38
CA ILE F 203 59.39 13.68 37.07
C ILE F 203 58.72 12.30 37.14
N LYS F 204 58.89 11.60 38.25
CA LYS F 204 58.38 10.23 38.39
C LYS F 204 56.92 10.17 38.78
N ALA F 205 56.23 11.31 38.87
CA ALA F 205 54.82 11.35 39.26
C ALA F 205 53.89 10.72 38.23
N THR F 206 54.41 10.29 37.09
CA THR F 206 53.67 9.53 36.09
C THR F 206 53.16 8.19 36.63
N PHE F 207 53.76 7.67 37.71
CA PHE F 207 53.34 6.42 38.32
C PHE F 207 51.94 6.48 38.93
N ARG F 208 51.37 7.67 39.09
CA ARG F 208 50.03 7.81 39.68
C ARG F 208 48.94 7.23 38.80
N TRP F 209 49.22 6.91 37.54
CA TRP F 209 48.31 6.10 36.75
C TRP F 209 48.15 4.74 37.42
N GLY F 210 46.90 4.34 37.64
CA GLY F 210 46.60 3.09 38.31
C GLY F 210 46.38 3.23 39.80
N THR F 211 47.12 4.13 40.44
CA THR F 211 47.00 4.34 41.88
C THR F 211 45.92 5.34 42.26
N ILE F 212 45.29 5.99 41.28
CA ILE F 212 44.26 6.99 41.58
C ILE F 212 43.03 6.34 42.19
N VAL F 213 42.74 5.09 41.84
CA VAL F 213 41.58 4.40 42.38
C VAL F 213 41.74 4.04 43.85
N SER F 214 42.94 4.18 44.40
CA SER F 214 43.13 4.01 45.83
C SER F 214 42.62 5.20 46.62
N ARG F 215 42.64 6.39 46.03
CA ARG F 215 42.21 7.60 46.73
C ARG F 215 40.69 7.65 46.82
N PHE F 216 40.18 7.91 48.02
CA PHE F 216 38.74 8.02 48.31
C PHE F 216 37.99 6.76 47.91
N LYS F 217 38.61 5.61 48.09
CA LYS F 217 37.95 4.35 47.81
C LYS F 217 36.89 4.07 48.87
N ASP F 218 35.72 3.63 48.41
CA ASP F 218 34.54 3.36 49.27
C ASP F 218 34.14 4.59 50.07
N CYS F 219 34.21 5.75 49.43
CA CYS F 219 33.83 7.02 50.07
C CYS F 219 33.04 7.87 49.07
N ALA F 220 32.09 7.25 48.38
CA ALA F 220 31.39 7.91 47.29
C ALA F 220 30.36 8.93 47.76
N ALA F 221 29.90 8.85 49.02
CA ALA F 221 28.88 9.77 49.49
C ALA F 221 29.42 11.19 49.65
N LEU F 222 30.70 11.34 50.02
CA LEU F 222 31.30 12.66 50.08
C LEU F 222 31.37 13.30 48.70
N ALA F 223 31.71 12.51 47.68
CA ALA F 223 31.71 13.01 46.31
C ALA F 223 30.31 13.34 45.84
N THR F 224 29.30 12.57 46.29
CA THR F 224 27.92 12.89 45.98
C THR F 224 27.51 14.23 46.57
N LEU F 225 27.90 14.49 47.82
CA LEU F 225 27.60 15.77 48.44
C LEU F 225 28.30 16.92 47.73
N GLY F 226 29.57 16.73 47.36
CA GLY F 226 30.28 17.77 46.63
C GLY F 226 29.67 18.06 45.28
N HIS F 227 29.28 17.02 44.55
CA HIS F 227 28.64 17.21 43.24
C HIS F 227 27.30 17.92 43.37
N VAL F 228 26.49 17.56 44.37
CA VAL F 228 25.20 18.23 44.52
C VAL F 228 25.37 19.65 45.04
N VAL F 229 26.47 19.97 45.73
CA VAL F 229 26.72 21.36 46.09
C VAL F 229 27.11 22.17 44.87
N LYS F 230 27.99 21.62 44.02
CA LYS F 230 28.51 22.41 42.90
C LYS F 230 27.50 22.52 41.77
N ILE F 231 26.68 21.49 41.55
CA ILE F 231 25.79 21.47 40.38
C ILE F 231 24.55 22.32 40.54
N THR F 232 24.24 22.79 41.75
CA THR F 232 23.03 23.57 41.96
C THR F 232 23.29 25.06 42.16
N GLY F 233 24.51 25.43 42.54
CA GLY F 233 24.79 26.82 42.85
C GLY F 233 24.45 27.24 44.25
N LEU F 234 24.03 26.31 45.11
CA LEU F 234 23.71 26.61 46.49
C LEU F 234 24.95 26.47 47.36
N THR F 235 24.94 27.15 48.51
CA THR F 235 25.97 26.95 49.50
C THR F 235 25.72 25.62 50.22
N ILE F 236 26.74 25.17 50.96
CA ILE F 236 26.66 23.89 51.66
C ILE F 236 25.59 23.92 52.75
N GLU F 237 25.42 25.07 53.42
CA GLU F 237 24.39 25.20 54.43
C GLU F 237 23.00 25.10 53.82
N GLU F 238 22.81 25.66 52.63
CA GLU F 238 21.50 25.55 51.97
C GLU F 238 21.24 24.13 51.47
N VAL F 239 22.30 23.43 51.05
CA VAL F 239 22.16 22.03 50.64
C VAL F 239 21.74 21.18 51.83
N PHE F 240 22.36 21.41 52.99
CA PHE F 240 21.93 20.71 54.19
C PHE F 240 20.53 21.12 54.63
N THR F 241 20.17 22.38 54.38
CA THR F 241 18.85 22.89 54.74
C THR F 241 17.75 22.23 53.94
N TRP F 242 17.98 21.98 52.65
CA TRP F 242 16.94 21.47 51.77
C TRP F 242 16.70 19.96 51.88
N VAL F 243 17.14 19.31 52.96
CA VAL F 243 16.92 17.88 53.14
C VAL F 243 15.65 17.68 53.96
N LEU F 244 14.73 16.86 53.44
CA LEU F 244 13.39 16.73 54.01
C LEU F 244 13.04 15.30 54.41
N GLN F 245 14.03 14.48 54.73
CA GLN F 245 13.78 13.12 55.19
C GLN F 245 14.64 12.83 56.42
N THR F 246 14.08 12.06 57.35
CA THR F 246 14.80 11.79 58.60
C THR F 246 15.94 10.79 58.42
N GLU F 247 15.78 9.83 57.51
CA GLU F 247 16.85 8.87 57.25
C GLU F 247 18.07 9.55 56.62
N VAL F 248 17.82 10.39 55.62
CA VAL F 248 18.90 11.14 54.96
C VAL F 248 19.58 12.08 55.94
N ALA F 249 18.80 12.74 56.80
CA ALA F 249 19.37 13.64 57.79
C ALA F 249 20.21 12.88 58.81
N ASP F 250 19.76 11.69 59.22
CA ASP F 250 20.53 10.89 60.16
C ASP F 250 21.85 10.43 59.56
N GLU F 251 21.83 10.03 58.28
CA GLU F 251 23.08 9.64 57.62
C GLU F 251 24.02 10.82 57.45
N LEU F 252 23.47 12.03 57.18
CA LEU F 252 24.32 13.21 57.10
C LEU F 252 24.96 13.53 58.44
N VAL F 253 24.18 13.40 59.52
CA VAL F 253 24.72 13.65 60.87
C VAL F 253 25.82 12.64 61.20
N LYS F 254 25.59 11.36 60.87
CA LYS F 254 26.62 10.35 61.09
C LYS F 254 27.84 10.57 60.20
N MET F 255 27.65 11.17 59.03
CA MET F 255 28.74 11.46 58.11
C MET F 255 29.52 12.72 58.48
N MET F 256 28.96 13.57 59.34
CA MET F 256 29.61 14.81 59.75
C MET F 256 30.23 14.73 61.13
N LYS F 257 30.87 13.61 61.45
CA LYS F 257 31.63 13.51 62.69
C LYS F 257 32.79 14.51 62.66
N PRO F 258 32.96 15.33 63.71
CA PRO F 258 33.89 16.47 63.62
C PRO F 258 35.36 16.10 63.52
N GLY F 259 35.86 15.25 64.41
CA GLY F 259 37.29 15.01 64.49
C GLY F 259 37.81 13.96 63.52
N GLN F 260 37.52 14.13 62.23
CA GLN F 260 37.96 13.19 61.21
C GLN F 260 38.80 13.87 60.12
N GLU F 261 39.16 15.14 60.31
CA GLU F 261 39.85 16.02 59.35
C GLU F 261 39.34 15.82 57.92
N ILE F 262 38.06 16.17 57.74
CA ILE F 262 37.40 15.99 56.45
C ILE F 262 37.98 16.93 55.40
N ASP F 263 38.26 18.17 55.80
CA ASP F 263 38.59 19.25 54.87
C ASP F 263 40.05 19.26 54.42
N LYS F 264 40.92 18.48 55.04
CA LYS F 264 42.35 18.55 54.78
C LYS F 264 42.70 17.61 53.64
N SER F 265 43.22 18.16 52.55
CA SER F 265 43.58 17.36 51.39
C SER F 265 44.84 16.53 51.63
N THR F 266 45.76 17.04 52.44
CA THR F 266 47.00 16.32 52.75
C THR F 266 46.82 15.64 54.11
N SER F 267 46.08 14.54 54.10
CA SER F 267 45.77 13.81 55.32
C SER F 267 45.55 12.34 55.00
N TYR F 268 45.31 11.55 56.04
CA TYR F 268 45.18 10.11 55.92
C TYR F 268 43.78 9.64 55.55
N MET F 269 42.78 10.52 55.61
CA MET F 269 41.40 10.06 55.43
C MET F 269 41.09 9.47 54.05
N PRO F 270 41.45 10.10 52.90
CA PRO F 270 41.07 9.48 51.61
C PRO F 270 41.69 8.11 51.37
N TYR F 271 42.81 7.82 52.02
CA TYR F 271 43.37 6.47 52.03
C TYR F 271 42.96 5.74 53.30
N LEU F 272 41.64 5.64 53.50
CA LEU F 272 41.11 5.00 54.68
C LEU F 272 41.25 3.49 54.64
N ILE F 273 40.99 2.90 53.48
CA ILE F 273 40.89 1.45 53.37
C ILE F 273 42.24 0.81 53.07
N ASP F 274 42.98 1.37 52.11
CA ASP F 274 44.22 0.72 51.69
C ASP F 274 45.34 0.89 52.71
N MET F 275 45.25 1.90 53.57
CA MET F 275 46.18 2.00 54.68
C MET F 275 45.85 1.03 55.81
N GLY F 276 44.69 0.38 55.76
CA GLY F 276 44.31 -0.50 56.83
C GLY F 276 43.83 0.20 58.08
N ILE F 277 43.49 1.48 57.97
CA ILE F 277 43.00 2.23 59.12
C ILE F 277 41.63 1.73 59.56
N SER F 278 40.75 1.46 58.59
CA SER F 278 39.41 0.96 58.89
C SER F 278 39.04 -0.10 57.85
N ALA F 279 38.14 -1.00 58.24
CA ALA F 279 37.65 -2.04 57.35
C ALA F 279 36.27 -1.74 56.80
N LYS F 280 35.42 -1.07 57.57
CA LYS F 280 34.08 -0.65 57.13
C LYS F 280 34.06 0.87 57.15
N SER F 281 34.17 1.48 55.98
CA SER F 281 34.19 2.93 55.88
C SER F 281 32.78 3.49 56.12
N PRO F 282 32.64 4.53 56.94
CA PRO F 282 31.33 5.14 57.16
C PRO F 282 30.91 6.14 56.09
N TYR F 283 31.57 6.16 54.94
CA TYR F 283 31.27 7.16 53.91
C TYR F 283 30.86 6.54 52.58
N SER F 284 30.50 5.26 52.55
CA SER F 284 30.24 4.57 51.30
C SER F 284 28.75 4.63 50.95
N THR F 285 28.41 4.07 49.78
CA THR F 285 27.02 4.01 49.36
C THR F 285 26.28 2.91 50.12
N ILE F 286 26.96 1.80 50.42
CA ILE F 286 26.34 0.72 51.19
C ILE F 286 26.05 1.16 52.61
N LYS F 287 27.00 1.87 53.23
CA LYS F 287 26.77 2.38 54.57
C LYS F 287 25.75 3.51 54.59
N ASN F 288 25.68 4.29 53.52
CA ASN F 288 24.73 5.41 53.42
C ASN F 288 23.93 5.33 52.13
N PRO F 289 22.99 4.39 52.03
CA PRO F 289 22.03 4.44 50.91
C PRO F 289 20.93 5.42 51.23
N SER F 290 20.23 5.87 50.17
CA SER F 290 19.16 6.86 50.16
C SER F 290 19.64 8.27 50.46
N PHE F 291 20.92 8.47 50.81
CA PHE F 291 21.58 9.74 50.58
C PHE F 291 22.36 9.73 49.27
N HIS F 292 22.65 8.55 48.74
CA HIS F 292 23.16 8.44 47.39
C HIS F 292 22.06 8.46 46.35
N PHE F 293 20.79 8.30 46.76
CA PHE F 293 19.68 8.48 45.84
C PHE F 293 19.24 9.93 45.80
N TRP F 294 19.09 10.55 46.97
CA TRP F 294 19.07 11.99 47.07
C TRP F 294 20.40 12.55 46.58
N GLY F 295 20.38 13.79 46.10
CA GLY F 295 21.63 14.35 45.62
C GLY F 295 21.92 13.93 44.20
N GLN F 296 22.06 12.63 43.94
CA GLN F 296 22.21 12.16 42.57
C GLN F 296 20.94 12.36 41.77
N LEU F 297 19.77 12.09 42.37
CA LEU F 297 18.51 12.36 41.68
C LEU F 297 18.30 13.85 41.47
N VAL F 298 18.72 14.66 42.44
CA VAL F 298 18.61 16.11 42.31
C VAL F 298 19.49 16.62 41.18
N ALA F 299 20.74 16.12 41.12
CA ALA F 299 21.67 16.55 40.09
C ALA F 299 21.23 16.07 38.71
N ALA F 300 20.62 14.88 38.63
CA ALA F 300 20.09 14.40 37.35
C ALA F 300 18.89 15.23 36.92
N LEU F 301 18.07 15.67 37.86
CA LEU F 301 16.96 16.55 37.51
C LEU F 301 17.41 18.00 37.32
N CYS F 302 18.64 18.34 37.68
CA CYS F 302 19.26 19.61 37.35
C CYS F 302 20.12 19.51 36.10
N ARG F 303 19.90 18.47 35.29
CA ARG F 303 20.53 18.29 33.98
C ARG F 303 22.06 18.19 34.09
N SER F 304 22.50 17.17 34.81
CA SER F 304 23.91 16.79 34.87
C SER F 304 24.06 15.37 34.35
N LYS F 305 25.04 15.16 33.48
CA LYS F 305 25.17 13.86 32.81
C LYS F 305 25.92 12.83 33.65
N ARG F 306 26.61 13.25 34.71
CA ARG F 306 27.27 12.28 35.58
C ARG F 306 26.25 11.51 36.41
N ALA F 307 25.24 12.21 36.93
CA ALA F 307 24.28 11.60 37.84
C ALA F 307 23.27 10.72 37.13
N LEU F 308 23.24 10.71 35.80
CA LEU F 308 22.34 9.82 35.08
C LEU F 308 22.81 8.37 35.09
N ASN F 309 24.05 8.11 35.49
CA ASN F 309 24.61 6.77 35.53
C ASN F 309 24.75 6.23 36.94
N ALA F 310 24.41 7.01 37.97
CA ALA F 310 24.51 6.54 39.34
C ALA F 310 23.49 5.43 39.60
N ARG F 311 23.93 4.40 40.32
CA ARG F 311 23.07 3.25 40.58
C ARG F 311 22.03 3.59 41.64
N GLN F 312 20.78 3.20 41.39
CA GLN F 312 19.73 3.36 42.37
C GLN F 312 19.82 2.24 43.40
N PRO F 313 20.05 2.54 44.67
CA PRO F 313 20.10 1.47 45.68
C PRO F 313 18.74 0.86 45.90
N ASP F 314 18.75 -0.42 46.24
CA ASP F 314 17.52 -1.15 46.54
C ASP F 314 17.23 -1.09 48.03
N GLU F 315 15.98 -1.40 48.37
CA GLU F 315 15.49 -1.45 49.75
C GLU F 315 15.64 -0.08 50.42
N ILE F 316 15.10 0.95 49.75
CA ILE F 316 14.99 2.31 50.29
C ILE F 316 13.62 2.85 49.93
N ASP F 317 13.20 3.88 50.65
CA ASP F 317 11.91 4.53 50.42
C ASP F 317 12.04 5.49 49.25
N SER F 318 11.81 4.98 48.04
CA SER F 318 12.13 5.71 46.83
C SER F 318 11.13 6.82 46.51
N MET F 319 9.85 6.63 46.82
CA MET F 319 8.81 7.54 46.32
C MET F 319 8.85 8.89 47.02
N SER F 320 9.00 8.90 48.35
CA SER F 320 9.08 10.17 49.07
C SER F 320 10.36 10.92 48.72
N ILE F 321 11.46 10.20 48.53
CA ILE F 321 12.72 10.82 48.14
C ILE F 321 12.60 11.42 46.74
N SER F 322 11.91 10.73 45.84
CA SER F 322 11.68 11.27 44.50
C SER F 322 10.80 12.51 44.55
N ASN F 323 9.80 12.52 45.43
CA ASN F 323 8.95 13.70 45.61
C ASN F 323 9.77 14.90 46.10
N ALA F 324 10.64 14.66 47.09
CA ALA F 324 11.48 15.74 47.62
C ALA F 324 12.48 16.23 46.58
N SER F 325 13.05 15.31 45.79
CA SER F 325 14.00 15.69 44.74
C SER F 325 13.33 16.50 43.65
N LEU F 326 12.11 16.12 43.24
CA LEU F 326 11.38 16.89 42.24
C LEU F 326 11.00 18.27 42.77
N LEU F 327 10.61 18.34 44.05
CA LEU F 327 10.29 19.64 44.64
C LEU F 327 11.50 20.56 44.66
N MET F 328 12.65 20.05 45.10
CA MET F 328 13.85 20.88 45.18
C MET F 328 14.35 21.27 43.80
N ALA F 329 14.30 20.36 42.82
CA ALA F 329 14.73 20.69 41.47
C ALA F 329 13.82 21.74 40.82
N TYR F 330 12.50 21.61 41.01
CA TYR F 330 11.59 22.60 40.47
C TYR F 330 11.76 23.95 41.16
N ALA F 331 11.99 23.96 42.47
CA ALA F 331 12.23 25.21 43.18
C ALA F 331 13.51 25.88 42.72
N LEU F 332 14.55 25.10 42.46
CA LEU F 332 15.79 25.66 41.94
C LEU F 332 15.61 26.21 40.53
N GLY F 333 14.87 25.50 39.69
CA GLY F 333 14.68 25.95 38.32
C GLY F 333 13.72 27.08 38.13
N SER F 334 12.77 27.25 39.05
CA SER F 334 11.79 28.31 38.89
C SER F 334 12.37 29.67 39.22
N SER F 335 13.27 29.75 40.19
CA SER F 335 13.85 31.00 40.67
C SER F 335 15.36 30.96 40.52
N PRO F 336 15.90 31.44 39.40
CA PRO F 336 17.36 31.41 39.21
C PRO F 336 18.08 32.58 39.87
N ASP F 337 19.39 32.67 39.65
CA ASP F 337 20.25 33.67 40.26
C ASP F 337 20.61 34.72 39.20
N ILE F 338 19.77 35.75 39.09
CA ILE F 338 19.98 36.78 38.08
C ILE F 338 20.32 38.10 38.76
N GLU F 339 21.03 38.03 39.88
CA GLU F 339 21.40 39.23 40.60
C GLU F 339 22.45 40.00 39.82
N GLN F 340 22.26 41.30 39.66
CA GLN F 340 23.22 42.11 38.92
C GLN F 340 24.52 42.22 39.71
N GLN F 341 25.65 42.03 39.03
CA GLN F 341 26.95 41.98 39.68
C GLN F 341 27.82 43.18 39.38
N PHE F 342 28.04 43.53 38.11
CA PHE F 342 28.86 44.66 37.73
C PHE F 342 27.97 45.85 37.36
N SER F 343 28.48 47.04 37.61
CA SER F 343 27.73 48.26 37.32
C SER F 343 28.69 49.35 36.85
N THR F 344 28.15 50.28 36.08
CA THR F 344 28.87 51.46 35.63
C THR F 344 28.31 52.74 36.21
N GLY F 345 27.02 52.99 36.03
CA GLY F 345 26.37 54.15 36.60
C GLY F 345 24.94 53.92 37.01
N ASN F 346 24.56 52.66 37.19
CA ASN F 346 23.18 52.30 37.51
C ASN F 346 23.14 51.19 38.54
N THR F 347 22.00 51.08 39.20
CA THR F 347 21.79 50.14 40.29
C THR F 347 21.02 48.92 39.81
N TYR F 348 20.58 48.10 40.77
CA TYR F 348 19.97 46.80 40.49
C TYR F 348 18.50 46.98 40.06
N ARG F 349 17.77 45.87 40.05
CA ARG F 349 16.39 45.85 39.57
C ARG F 349 15.40 46.55 40.51
N LYS F 350 15.84 46.93 41.73
CA LYS F 350 15.13 47.60 42.82
C LYS F 350 13.72 47.08 43.04
N PRO F 351 13.55 45.88 43.60
CA PRO F 351 12.21 45.32 43.80
C PRO F 351 11.48 46.05 44.92
N PRO F 352 10.30 46.64 44.62
CA PRO F 352 9.57 47.43 45.61
C PRO F 352 8.62 46.61 46.49
N LYS F 353 9.11 45.49 47.01
CA LYS F 353 8.43 44.67 48.03
C LYS F 353 7.06 44.19 47.56
N GLU F 354 7.09 43.36 46.52
CA GLU F 354 5.87 42.78 45.97
C GLU F 354 5.17 41.88 46.99
N ALA F 355 5.83 40.77 47.35
CA ALA F 355 5.43 39.82 48.39
C ALA F 355 4.06 39.18 48.13
N SER F 356 3.51 39.28 46.93
CA SER F 356 2.20 38.72 46.62
C SER F 356 2.06 38.58 45.11
N TYR F 357 1.92 37.35 44.64
CA TYR F 357 1.74 37.08 43.21
C TYR F 357 0.97 35.78 43.07
N LEU F 358 -0.30 35.88 42.68
CA LEU F 358 -1.22 34.74 42.69
C LEU F 358 -1.30 34.04 41.35
N VAL F 359 -0.29 34.17 40.48
CA VAL F 359 -0.28 33.43 39.23
C VAL F 359 -0.09 31.95 39.50
N SER F 360 0.88 31.60 40.36
CA SER F 360 1.01 30.24 40.87
C SER F 360 1.43 30.23 42.33
N GLU F 361 1.38 31.37 43.02
CA GLU F 361 1.78 31.55 44.42
C GLU F 361 3.24 31.17 44.67
N GLU F 362 4.08 31.17 43.64
CA GLU F 362 5.46 30.76 43.76
C GLU F 362 6.30 31.87 44.37
N PRO F 363 7.18 31.54 45.33
CA PRO F 363 8.10 32.55 45.86
C PRO F 363 9.17 32.92 44.86
N LYS F 364 9.93 33.97 45.16
CA LYS F 364 10.93 34.45 44.21
C LYS F 364 12.36 34.20 44.65
N ASN F 365 12.55 33.26 45.57
CA ASN F 365 13.89 32.92 46.06
C ASN F 365 13.98 31.41 46.16
N ARG F 366 15.04 30.93 46.81
CA ARG F 366 15.28 29.51 47.00
C ARG F 366 15.21 29.10 48.47
N SER F 367 14.43 29.82 49.27
CA SER F 367 14.25 29.48 50.68
C SER F 367 13.29 28.31 50.80
N VAL F 368 13.59 27.40 51.73
CA VAL F 368 12.86 26.14 51.77
C VAL F 368 11.51 26.31 52.47
N VAL F 369 11.38 27.30 53.36
CA VAL F 369 10.15 27.42 54.15
C VAL F 369 9.00 27.93 53.29
N GLU F 370 9.26 28.91 52.42
CA GLU F 370 8.22 29.39 51.53
C GLU F 370 7.82 28.33 50.51
N TRP F 371 8.80 27.56 50.03
CA TRP F 371 8.51 26.52 49.05
C TRP F 371 7.75 25.36 49.67
N ILE F 372 8.06 24.99 50.92
CA ILE F 372 7.33 23.91 51.56
C ILE F 372 5.92 24.37 51.93
N ALA F 373 5.74 25.66 52.24
CA ALA F 373 4.39 26.19 52.44
C ALA F 373 3.60 26.13 51.14
N TRP F 374 4.22 26.52 50.02
CA TRP F 374 3.55 26.46 48.73
C TRP F 374 3.25 25.03 48.30
N TYR F 375 4.11 24.08 48.65
CA TYR F 375 3.88 22.68 48.29
C TYR F 375 2.77 22.08 49.15
N SER F 376 2.75 22.37 50.45
CA SER F 376 1.67 21.91 51.31
C SER F 376 0.34 22.56 50.98
N ASP F 377 0.35 23.74 50.35
CA ASP F 377 -0.88 24.35 49.90
C ASP F 377 -1.55 23.53 48.79
N VAL F 378 -0.78 22.75 48.04
CA VAL F 378 -1.33 22.00 46.90
C VAL F 378 -1.30 20.51 47.29
N ASP F 379 -1.47 20.26 48.59
CA ASP F 379 -1.73 18.91 49.12
C ASP F 379 -0.57 17.94 48.88
N ASN F 380 0.65 18.48 48.78
CA ASN F 380 1.88 17.69 48.64
C ASN F 380 1.85 16.77 47.43
N LYS F 381 1.32 17.27 46.32
CA LYS F 381 1.29 16.51 45.08
C LYS F 381 2.02 17.27 43.99
N PRO F 382 2.64 16.57 43.03
CA PRO F 382 3.33 17.26 41.94
C PRO F 382 2.34 17.97 41.03
N THR F 383 2.52 19.29 40.91
CA THR F 383 1.69 20.14 40.07
C THR F 383 1.97 19.80 38.60
N ASP F 384 1.00 20.16 37.73
CA ASP F 384 1.12 19.85 36.30
C ASP F 384 2.35 20.48 35.67
N ASP F 385 2.76 21.66 36.16
CA ASP F 385 4.00 22.26 35.68
C ASP F 385 5.21 21.44 36.12
N MET F 386 5.17 20.89 37.34
CA MET F 386 6.26 20.04 37.82
C MET F 386 6.38 18.78 36.98
N LEU F 387 5.25 18.16 36.65
CA LEU F 387 5.27 16.96 35.82
C LEU F 387 5.71 17.27 34.39
N MET F 388 5.33 18.45 33.88
CA MET F 388 5.78 18.86 32.56
C MET F 388 7.30 19.07 32.53
N MET F 389 7.84 19.71 33.57
CA MET F 389 9.29 19.90 33.66
C MET F 389 10.01 18.57 33.80
N ALA F 390 9.47 17.65 34.59
CA ALA F 390 10.06 16.33 34.74
C ALA F 390 10.04 15.55 33.44
N LYS F 391 8.94 15.64 32.68
CA LYS F 391 8.86 14.98 31.39
C LYS F 391 9.84 15.58 30.39
N ARG F 392 10.00 16.91 30.42
CA ARG F 392 10.96 17.57 29.55
C ARG F 392 12.39 17.14 29.88
N VAL F 393 12.72 17.01 31.16
CA VAL F 393 14.04 16.53 31.56
C VAL F 393 14.22 15.07 31.14
N ALA F 394 13.21 14.24 31.36
CA ALA F 394 13.30 12.83 31.04
C ALA F 394 13.34 12.54 29.54
N GLY F 395 12.91 13.49 28.72
CA GLY F 395 13.01 13.30 27.28
C GLY F 395 14.41 13.44 26.72
N THR F 396 15.37 13.92 27.52
CA THR F 396 16.74 14.11 27.07
C THR F 396 17.65 12.94 27.43
N ILE F 397 17.10 11.83 27.91
CA ILE F 397 17.88 10.64 28.23
C ILE F 397 17.76 9.68 27.06
N SER F 398 18.89 9.37 26.42
CA SER F 398 18.86 8.57 25.21
C SER F 398 18.75 7.08 25.54
N GLY F 399 19.78 6.53 26.19
CA GLY F 399 19.75 5.16 26.61
C GLY F 399 20.20 5.00 28.04
N PRO F 400 19.30 4.55 28.91
CA PRO F 400 19.65 4.33 30.31
C PRO F 400 20.11 2.91 30.58
N ARG F 401 20.80 2.75 31.70
CA ARG F 401 21.28 1.45 32.14
C ARG F 401 20.17 0.72 32.89
N ASP F 402 20.51 -0.39 33.53
CA ASP F 402 19.48 -1.24 34.11
C ASP F 402 18.95 -0.70 35.43
N ASN F 403 19.85 -0.38 36.36
CA ASN F 403 19.48 0.09 37.69
C ASN F 403 20.04 1.48 37.96
N SER F 404 19.94 2.36 36.97
CA SER F 404 20.50 3.69 37.07
C SER F 404 19.45 4.71 37.50
N VAL F 405 19.92 5.92 37.81
CA VAL F 405 19.02 7.02 38.13
C VAL F 405 18.25 7.46 36.88
N GLY F 406 18.92 7.44 35.71
CA GLY F 406 18.26 7.83 34.48
C GLY F 406 17.13 6.89 34.09
N LYS F 407 17.28 5.59 34.35
CA LYS F 407 16.19 4.65 34.12
C LYS F 407 15.01 4.94 35.03
N TRP F 408 15.28 5.29 36.29
CA TRP F 408 14.21 5.66 37.22
C TRP F 408 13.49 6.91 36.74
N ILE F 409 14.24 7.90 36.24
CA ILE F 409 13.64 9.14 35.77
C ILE F 409 12.79 8.89 34.54
N LYS F 410 13.30 8.10 33.59
CA LYS F 410 12.56 7.83 32.37
C LYS F 410 11.30 7.00 32.64
N GLN F 411 11.39 6.03 33.56
CA GLN F 411 10.22 5.21 33.86
C GLN F 411 9.17 5.98 34.65
N THR F 412 9.61 6.72 35.69
CA THR F 412 8.64 7.30 36.61
C THR F 412 7.94 8.52 36.02
N TYR F 413 8.70 9.41 35.39
CA TYR F 413 8.17 10.69 34.93
C TYR F 413 8.06 10.75 33.41
N GLY F 414 7.65 9.65 32.79
CA GLY F 414 7.45 9.61 31.36
C GLY F 414 8.73 9.51 30.57
N ARG G 1 23.35 22.78 59.75
CA ARG G 1 23.51 23.48 61.01
C ARG G 1 22.73 22.82 62.14
N ILE G 2 21.66 23.48 62.58
CA ILE G 2 20.93 23.03 63.77
C ILE G 2 19.83 22.07 63.35
N LYS G 3 19.81 20.88 63.94
CA LYS G 3 18.80 19.87 63.67
C LYS G 3 17.60 20.10 64.59
N THR G 4 16.73 19.10 64.74
CA THR G 4 15.47 19.29 65.46
C THR G 4 15.70 19.61 66.95
N ASN G 5 16.61 18.89 67.62
CA ASN G 5 16.73 19.06 69.06
C ASN G 5 17.67 20.20 69.42
N ALA G 6 18.97 19.99 69.30
CA ALA G 6 19.94 21.06 69.52
C ALA G 6 21.22 20.91 68.72
N ALA G 7 21.37 19.89 67.89
CA ALA G 7 22.70 19.48 67.42
C ALA G 7 23.15 20.36 66.27
N VAL G 8 24.36 20.88 66.38
CA VAL G 8 25.00 21.65 65.31
C VAL G 8 25.83 20.69 64.47
N ALA G 9 25.87 20.94 63.16
CA ALA G 9 26.61 20.10 62.23
C ALA G 9 27.75 20.90 61.61
N ALA G 10 28.91 20.26 61.49
CA ALA G 10 30.08 20.84 60.82
C ALA G 10 29.96 20.50 59.35
N VAL G 11 29.52 21.46 58.55
CA VAL G 11 29.21 21.24 57.14
C VAL G 11 30.39 21.71 56.29
N LEU G 12 31.06 20.75 55.64
CA LEU G 12 32.31 21.07 54.95
C LEU G 12 32.71 20.03 53.90
N PRO G 13 32.91 20.44 52.65
CA PRO G 13 33.63 19.60 51.69
C PRO G 13 35.14 19.84 51.66
N ALA G 14 35.84 19.16 50.76
CA ALA G 14 37.28 19.31 50.62
C ALA G 14 37.63 20.59 49.86
N ASN G 15 38.92 20.94 49.89
CA ASN G 15 39.41 22.20 49.36
C ASN G 15 39.89 22.04 47.91
N GLU G 16 40.59 23.07 47.40
CA GLU G 16 41.05 23.11 46.02
C GLU G 16 42.43 23.75 45.97
N ASP G 17 42.97 23.90 44.76
CA ASP G 17 44.28 24.49 44.51
C ASP G 17 44.13 25.87 43.87
N GLN G 18 45.27 26.46 43.49
CA GLN G 18 45.28 27.81 42.93
C GLN G 18 46.14 27.89 41.67
N ALA G 19 46.36 29.12 41.17
CA ALA G 19 47.14 29.36 39.97
C ALA G 19 48.08 30.55 40.21
N ASP G 20 49.15 30.59 39.42
CA ASP G 20 50.21 31.58 39.58
C ASP G 20 50.25 32.51 38.38
N TYR G 21 50.22 33.82 38.65
CA TYR G 21 50.29 34.85 37.64
C TYR G 21 51.72 35.04 37.16
N PRO G 22 51.92 35.59 35.95
CA PRO G 22 53.28 35.89 35.49
C PRO G 22 54.00 36.96 36.29
N SER G 23 53.29 37.81 37.03
CA SER G 23 53.94 38.88 37.76
C SER G 23 54.71 38.39 38.98
N THR G 24 54.35 37.21 39.51
CA THR G 24 55.15 36.61 40.58
C THR G 24 56.54 36.26 40.07
N PHE G 25 56.61 35.72 38.86
CA PHE G 25 57.89 35.62 38.14
C PHE G 25 58.38 37.02 37.80
N PHE G 26 59.70 37.14 37.67
CA PHE G 26 60.43 38.39 37.42
C PHE G 26 60.26 39.40 38.56
N GLU G 27 59.78 38.98 39.72
CA GLU G 27 59.76 39.89 40.87
C GLU G 27 61.16 40.03 41.47
N GLY G 28 61.93 38.95 41.46
CA GLY G 28 63.31 38.99 41.91
C GLY G 28 64.29 39.06 40.75
N GLY G 29 63.80 39.42 39.58
CA GLY G 29 64.64 39.47 38.39
C GLY G 29 65.15 38.13 37.90
N ASN G 30 64.27 37.12 37.86
CA ASN G 30 64.67 35.80 37.39
C ASN G 30 64.86 35.80 35.88
N GLU G 31 65.48 34.74 35.38
CA GLU G 31 65.73 34.53 33.96
C GLU G 31 65.00 33.28 33.51
N ILE G 32 65.22 32.89 32.25
CA ILE G 32 64.48 31.79 31.64
C ILE G 32 65.21 30.46 31.74
N ARG G 33 66.54 30.47 31.57
CA ARG G 33 67.42 29.31 31.79
C ARG G 33 67.03 28.13 30.89
N LEU G 34 67.29 28.32 29.59
CA LEU G 34 66.91 27.32 28.60
C LEU G 34 67.62 25.98 28.83
N TYR G 35 68.87 26.02 29.30
CA TYR G 35 69.74 24.84 29.47
C TYR G 35 69.98 24.14 28.12
N VAL G 36 70.69 24.86 27.27
CA VAL G 36 70.96 24.43 25.89
C VAL G 36 72.05 23.36 25.89
N ASN G 37 71.80 22.27 25.18
CA ASN G 37 72.87 21.34 24.83
C ASN G 37 73.55 21.84 23.56
N ARG G 38 74.85 22.05 23.62
CA ARG G 38 75.61 22.60 22.49
C ARG G 38 77.04 22.09 22.57
N GLY G 39 77.91 22.67 21.74
CA GLY G 39 79.31 22.33 21.73
C GLY G 39 79.69 21.28 20.71
N GLU G 40 79.24 21.44 19.47
CA GLU G 40 79.50 20.46 18.43
C GLU G 40 79.37 21.13 17.06
N LYS G 41 79.89 20.43 16.05
CA LYS G 41 79.78 20.90 14.68
C LYS G 41 78.33 20.78 14.19
N LEU G 42 77.88 21.79 13.45
CA LEU G 42 76.50 21.81 12.97
C LEU G 42 76.23 20.71 11.94
N ASP G 43 77.22 20.41 11.10
CA ASP G 43 77.02 19.47 10.00
C ASP G 43 76.78 18.05 10.52
N VAL G 44 77.65 17.58 11.43
CA VAL G 44 77.46 16.24 11.97
C VAL G 44 76.18 16.17 12.77
N LEU G 45 75.82 17.25 13.49
CA LEU G 45 74.57 17.30 14.24
C LEU G 45 73.36 17.16 13.32
N ARG G 46 73.41 17.81 12.16
CA ARG G 46 72.33 17.62 11.20
C ARG G 46 72.34 16.21 10.61
N GLN G 47 73.46 15.53 10.66
CA GLN G 47 73.46 14.14 10.20
C GLN G 47 72.81 13.26 11.27
N TYR G 48 73.07 13.55 12.55
CA TYR G 48 72.40 12.79 13.60
C TYR G 48 70.90 13.03 13.59
N VAL G 49 70.49 14.25 13.23
CA VAL G 49 69.06 14.54 13.13
C VAL G 49 68.46 13.84 11.92
N TYR G 50 69.18 13.81 10.80
CA TYR G 50 68.66 13.17 9.58
C TYR G 50 68.53 11.67 9.77
N MET G 51 69.64 10.97 10.02
CA MET G 51 69.57 9.53 10.16
C MET G 51 68.94 9.18 11.51
N GLY G 52 68.08 8.18 11.51
CA GLY G 52 67.24 7.92 12.66
C GLY G 52 65.84 8.46 12.42
N LEU G 53 65.75 9.65 11.83
CA LEU G 53 64.45 10.15 11.41
C LEU G 53 63.91 9.39 10.21
N VAL G 54 64.78 8.74 9.43
CA VAL G 54 64.32 7.86 8.37
C VAL G 54 63.68 6.61 8.96
N GLU G 55 64.21 6.10 10.07
CA GLU G 55 63.58 5.00 10.80
C GLU G 55 62.66 5.59 11.87
N LYS G 56 62.23 4.76 12.81
CA LYS G 56 61.13 5.10 13.72
C LYS G 56 61.63 5.55 15.09
N ASN G 57 62.75 6.26 15.18
CA ASN G 57 63.25 6.71 16.48
C ASN G 57 64.12 7.94 16.30
N CYS G 58 63.78 9.02 17.00
CA CYS G 58 64.58 10.24 17.01
C CYS G 58 64.82 10.69 18.44
N ARG G 59 65.85 11.50 18.62
CA ARG G 59 66.29 11.94 19.94
C ARG G 59 65.94 13.41 20.16
N ILE G 60 65.40 13.72 21.33
CA ILE G 60 65.05 15.09 21.68
C ILE G 60 66.32 15.94 21.83
N GLN G 61 67.39 15.35 22.35
CA GLN G 61 68.65 16.08 22.51
C GLN G 61 69.25 16.46 21.15
N HIS G 62 69.13 15.57 20.16
CA HIS G 62 69.65 15.83 18.83
C HIS G 62 68.96 17.03 18.19
N VAL G 63 67.62 17.04 18.19
CA VAL G 63 66.89 18.13 17.57
C VAL G 63 67.03 19.41 18.39
N ASN G 64 67.21 19.30 19.71
CA ASN G 64 67.47 20.47 20.54
C ASN G 64 68.80 21.14 20.16
N ALA G 65 69.88 20.34 20.12
CA ALA G 65 71.19 20.87 19.77
C ALA G 65 71.19 21.42 18.34
N TYR G 66 70.49 20.73 17.43
CA TYR G 66 70.31 21.23 16.07
C TYR G 66 69.64 22.60 16.07
N LEU G 67 68.49 22.72 16.76
CA LEU G 67 67.70 23.94 16.66
C LEU G 67 68.46 25.13 17.19
N TYR G 68 69.26 24.93 18.25
CA TYR G 68 70.13 26.01 18.67
C TYR G 68 71.25 26.26 17.66
N ALA G 69 71.78 25.19 17.04
CA ALA G 69 72.89 25.38 16.10
C ALA G 69 72.47 26.12 14.84
N VAL G 70 71.25 25.90 14.37
CA VAL G 70 70.80 26.48 13.11
C VAL G 70 70.05 27.80 13.29
N LEU G 71 69.29 27.95 14.38
CA LEU G 71 68.54 29.18 14.57
C LEU G 71 69.41 30.34 15.04
N LYS G 72 70.60 30.07 15.55
CA LYS G 72 71.49 31.13 16.02
C LYS G 72 72.07 31.89 14.83
N GLY G 73 72.25 33.20 15.02
CA GLY G 73 72.83 34.05 14.01
C GLY G 73 71.84 34.69 13.06
N GLU G 74 70.56 34.33 13.14
CA GLU G 74 69.54 34.90 12.25
C GLU G 74 69.03 36.21 12.82
N ARG G 75 69.91 37.21 12.79
CA ARG G 75 69.59 38.54 13.29
C ARG G 75 68.69 39.28 12.31
N GLU G 76 67.98 40.27 12.83
CA GLU G 76 67.08 41.11 12.04
C GLU G 76 67.20 42.55 12.51
N LEU G 77 66.40 43.42 11.92
CA LEU G 77 66.39 44.82 12.31
C LEU G 77 65.71 45.01 13.67
N LEU G 78 65.85 46.20 14.23
CA LEU G 78 65.20 46.56 15.49
C LEU G 78 64.89 48.05 15.43
N GLU G 79 63.66 48.38 15.00
CA GLU G 79 63.26 49.76 14.82
C GLU G 79 62.75 50.42 16.10
N ALA G 80 62.57 49.66 17.18
CA ALA G 80 62.03 50.22 18.41
C ALA G 80 62.52 49.40 19.59
N ASP G 81 62.36 49.98 20.78
CA ASP G 81 62.72 49.29 22.01
C ASP G 81 61.73 48.18 22.30
N TRP G 82 62.25 47.07 22.83
CA TRP G 82 61.43 45.93 23.22
C TRP G 82 61.58 45.70 24.72
N ASP G 83 60.47 45.77 25.44
CA ASP G 83 60.47 45.64 26.89
C ASP G 83 59.27 44.81 27.34
N SER G 84 59.47 44.02 28.39
CA SER G 84 58.39 43.23 28.98
C SER G 84 58.79 42.86 30.40
N PHE G 85 57.96 43.26 31.38
CA PHE G 85 58.19 43.02 32.80
C PHE G 85 59.51 43.62 33.29
N GLY G 86 59.97 44.69 32.64
CA GLY G 86 61.22 45.32 32.99
C GLY G 86 62.46 44.68 32.39
N HIS G 87 62.32 43.48 31.82
CA HIS G 87 63.45 42.78 31.22
C HIS G 87 63.75 43.40 29.86
N LYS G 88 64.92 44.02 29.73
CA LYS G 88 65.29 44.67 28.47
C LYS G 88 65.73 43.61 27.46
N ILE G 89 65.13 43.64 26.28
CA ILE G 89 65.43 42.68 25.22
C ILE G 89 66.43 43.23 24.22
N GLY G 90 66.19 44.43 23.70
CA GLY G 90 67.07 44.99 22.69
C GLY G 90 67.05 46.50 22.68
N ILE G 91 68.12 47.07 22.15
CA ILE G 91 68.28 48.50 21.98
C ILE G 91 67.86 48.85 20.56
N GLN G 92 67.21 50.01 20.40
CA GLN G 92 66.75 50.47 19.10
C GLN G 92 67.91 50.63 18.12
N GLY G 93 67.72 50.13 16.90
CA GLY G 93 68.73 50.23 15.87
C GLY G 93 69.84 49.20 15.95
N ASP G 94 69.60 48.05 16.58
CA ASP G 94 70.60 47.02 16.76
C ASP G 94 70.16 45.73 16.05
N LYS G 95 70.98 44.69 16.19
CA LYS G 95 70.66 43.35 15.74
C LYS G 95 70.29 42.50 16.95
N ILE G 96 69.22 41.72 16.82
CA ILE G 96 68.57 41.10 17.97
C ILE G 96 68.82 39.58 18.03
N GLY G 97 68.38 38.84 17.00
CA GLY G 97 68.49 37.40 17.01
C GLY G 97 67.42 36.73 17.85
N PRO G 98 67.08 35.48 17.50
CA PRO G 98 65.99 34.79 18.20
C PRO G 98 66.36 34.25 19.58
N PHE G 99 67.64 34.23 19.95
CA PHE G 99 68.06 33.67 21.23
C PHE G 99 68.72 34.72 22.11
N ASN G 100 68.24 35.96 22.06
CA ASN G 100 68.74 37.00 22.94
C ASN G 100 67.84 37.26 24.14
N LEU G 101 66.56 36.85 24.06
CA LEU G 101 65.69 36.96 25.22
C LEU G 101 66.07 35.96 26.30
N VAL G 102 66.67 34.83 25.91
CA VAL G 102 67.08 33.78 26.83
C VAL G 102 68.58 33.55 26.66
N ARG G 103 69.30 33.53 27.77
CA ARG G 103 70.71 33.17 27.74
C ARG G 103 70.88 31.68 27.49
N VAL G 104 72.06 31.30 27.00
CA VAL G 104 72.25 29.95 26.47
C VAL G 104 72.26 28.92 27.60
N GLU G 105 73.01 29.20 28.69
CA GLU G 105 73.09 28.34 29.88
C GLU G 105 73.54 26.93 29.52
N ASP G 106 74.82 26.83 29.14
CA ASP G 106 75.42 25.58 28.68
C ASP G 106 75.19 24.43 29.65
N ILE G 107 74.69 23.33 29.13
CA ILE G 107 74.15 22.21 29.90
C ILE G 107 75.27 21.46 30.61
N PRO G 108 75.00 20.83 31.77
CA PRO G 108 75.96 19.88 32.33
C PRO G 108 76.09 18.60 31.51
N ASP G 109 76.92 17.67 31.97
CA ASP G 109 77.25 16.50 31.16
C ASP G 109 76.07 15.54 31.04
N GLY G 110 75.27 15.73 29.99
CA GLY G 110 74.16 14.86 29.68
C GLY G 110 74.12 14.59 28.18
N LEU G 111 75.32 14.49 27.60
CA LEU G 111 75.46 14.48 26.15
C LEU G 111 74.83 13.22 25.54
N PRO G 112 74.12 13.34 24.43
CA PRO G 112 73.38 12.19 23.89
C PRO G 112 74.31 11.19 23.23
N ASP G 113 73.79 9.96 23.10
CA ASP G 113 74.52 8.88 22.43
C ASP G 113 74.23 8.97 20.94
N GLY G 114 75.17 9.50 20.19
CA GLY G 114 75.02 9.62 18.75
C GLY G 114 75.22 8.31 18.03
N LYS G 115 74.87 8.31 16.76
CA LYS G 115 75.00 7.15 15.87
C LYS G 115 75.94 7.51 14.72
N LEU G 116 75.99 6.64 13.72
CA LEU G 116 76.87 6.85 12.58
C LEU G 116 76.40 8.04 11.74
N ASN G 117 77.27 8.47 10.83
CA ASN G 117 76.99 9.62 9.98
C ASN G 117 76.57 9.13 8.59
N ALA G 118 75.47 9.69 8.10
CA ALA G 118 74.97 9.37 6.77
C ALA G 118 75.71 10.20 5.73
N GLU G 119 75.19 10.23 4.51
CA GLU G 119 75.76 11.07 3.46
C GLU G 119 75.60 12.54 3.83
N VAL G 120 76.67 13.31 3.62
CA VAL G 120 76.69 14.70 4.07
C VAL G 120 75.80 15.55 3.17
N SER G 121 74.80 16.19 3.77
CA SER G 121 73.84 17.00 3.02
C SER G 121 74.22 18.48 3.03
N ALA G 122 74.28 19.09 4.23
CA ALA G 122 74.59 20.50 4.45
C ALA G 122 73.66 21.45 3.69
N GLU G 123 72.48 20.97 3.29
CA GLU G 123 71.57 21.74 2.48
C GLU G 123 70.11 21.62 2.92
N ASP G 124 69.76 20.64 3.74
CA ASP G 124 68.41 20.29 4.20
C ASP G 124 67.82 21.28 5.20
N ASP G 125 68.47 22.43 5.47
CA ASP G 125 67.94 23.41 6.39
C ASP G 125 66.68 24.10 5.86
N ALA G 126 66.38 23.94 4.57
CA ALA G 126 65.17 24.53 4.02
C ALA G 126 63.91 23.80 4.44
N TRP G 127 64.03 22.57 4.95
CA TRP G 127 62.83 21.83 5.35
C TRP G 127 62.95 21.19 6.72
N LEU G 128 64.17 20.85 7.15
CA LEU G 128 64.32 20.03 8.36
C LEU G 128 63.90 20.72 9.66
N PRO G 129 64.29 21.97 9.96
CA PRO G 129 63.70 22.62 11.15
C PRO G 129 62.20 22.87 11.02
N LEU G 130 61.73 23.22 9.82
CA LEU G 130 60.30 23.37 9.60
C LEU G 130 59.58 22.04 9.80
N PHE G 131 60.18 20.94 9.34
CA PHE G 131 59.57 19.63 9.53
C PHE G 131 59.47 19.26 11.01
N LEU G 132 60.52 19.54 11.78
CA LEU G 132 60.46 19.23 13.21
C LEU G 132 59.44 20.09 13.95
N LEU G 133 59.41 21.40 13.65
CA LEU G 133 58.47 22.28 14.33
C LEU G 133 57.03 21.98 13.94
N GLY G 134 56.78 21.57 12.70
CA GLY G 134 55.44 21.15 12.33
C GLY G 134 55.08 19.78 12.88
N LEU G 135 56.07 18.90 13.05
CA LEU G 135 55.83 17.61 13.66
C LEU G 135 55.45 17.76 15.12
N TYR G 136 55.91 18.83 15.77
CA TYR G 136 55.43 19.16 17.12
C TYR G 136 53.92 19.39 17.13
N ARG G 137 53.42 20.19 16.18
CA ARG G 137 51.99 20.46 16.10
C ARG G 137 51.21 19.19 15.75
N VAL G 138 51.76 18.37 14.86
CA VAL G 138 51.12 17.11 14.51
C VAL G 138 51.02 16.20 15.73
N GLY G 139 52.08 16.16 16.54
CA GLY G 139 52.03 15.42 17.79
C GLY G 139 51.08 16.02 18.82
N ARG G 140 50.78 17.31 18.72
CA ARG G 140 49.79 17.90 19.61
C ARG G 140 48.36 17.51 19.27
N ALA G 141 48.12 16.92 18.11
CA ALA G 141 46.77 16.50 17.73
C ALA G 141 46.37 15.22 18.45
N SER G 142 45.06 14.97 18.48
CA SER G 142 44.51 13.86 19.25
C SER G 142 43.46 13.04 18.49
N GLU G 143 43.16 13.38 17.25
CA GLU G 143 42.17 12.65 16.46
C GLU G 143 42.82 12.15 15.18
N THR G 144 42.55 10.89 14.84
CA THR G 144 43.08 10.31 13.62
C THR G 144 42.49 10.96 12.38
N ALA G 145 41.24 11.40 12.44
CA ALA G 145 40.67 12.17 11.34
C ALA G 145 41.31 13.55 11.24
N TYR G 146 41.78 14.09 12.36
CA TYR G 146 42.49 15.36 12.40
C TYR G 146 43.98 15.21 12.10
N ARG G 147 44.40 14.09 11.51
CA ARG G 147 45.77 13.92 11.04
C ARG G 147 45.95 14.46 9.62
N THR G 148 45.03 15.30 9.15
CA THR G 148 45.24 16.06 7.92
C THR G 148 46.25 17.18 8.10
N LEU G 149 46.62 17.49 9.35
CA LEU G 149 47.72 18.42 9.58
C LEU G 149 49.03 17.86 9.03
N LEU G 150 49.22 16.53 9.13
CA LEU G 150 50.37 15.90 8.49
C LEU G 150 50.33 16.05 6.98
N MET G 151 49.16 15.86 6.37
CA MET G 151 49.03 16.02 4.93
C MET G 151 49.29 17.46 4.49
N GLU G 152 48.83 18.42 5.29
CA GLU G 152 49.14 19.82 5.04
C GLU G 152 50.65 20.07 5.15
N SER G 153 51.30 19.41 6.12
CA SER G 153 52.75 19.54 6.25
C SER G 153 53.48 19.00 5.04
N LEU G 154 53.08 17.82 4.54
CA LEU G 154 53.71 17.26 3.35
C LEU G 154 53.45 18.11 2.12
N ILE G 155 52.24 18.65 1.99
CA ILE G 155 51.94 19.58 0.90
C ILE G 155 52.84 20.81 0.98
N LYS G 156 53.10 21.29 2.20
CA LYS G 156 53.94 22.46 2.40
C LYS G 156 55.40 22.18 2.04
N GLN G 157 55.93 21.03 2.48
CA GLN G 157 57.36 20.79 2.37
C GLN G 157 57.75 19.95 1.15
N CYS G 158 56.79 19.49 0.35
CA CYS G 158 57.15 18.78 -0.88
C CYS G 158 57.74 19.70 -1.93
N LYS G 159 57.48 21.01 -1.83
CA LYS G 159 58.05 21.99 -2.74
C LYS G 159 59.15 22.80 -2.06
N ALA G 160 59.94 22.12 -1.22
CA ALA G 160 60.96 22.81 -0.43
C ALA G 160 62.09 23.31 -1.31
N ILE G 161 62.56 22.49 -2.26
CA ILE G 161 63.69 22.92 -3.09
C ILE G 161 63.21 23.21 -4.50
N LYS G 162 62.82 22.19 -5.25
CA LYS G 162 62.12 22.41 -6.52
C LYS G 162 60.79 21.68 -6.57
N SER G 163 60.78 20.34 -6.58
CA SER G 163 59.54 19.58 -6.62
C SER G 163 59.55 18.28 -5.81
N ASP G 164 60.71 17.70 -5.54
CA ASP G 164 60.81 16.30 -5.13
C ASP G 164 61.01 16.17 -3.63
N TRP G 165 60.23 15.28 -3.02
CA TRP G 165 60.31 15.02 -1.59
C TRP G 165 59.62 13.71 -1.26
N VAL G 166 60.17 12.99 -0.27
CA VAL G 166 59.61 11.73 0.20
C VAL G 166 59.40 11.84 1.71
N SER G 167 58.23 11.42 2.17
CA SER G 167 57.85 11.59 3.56
C SER G 167 58.51 10.52 4.43
N PRO G 168 59.29 10.89 5.46
CA PRO G 168 59.89 9.90 6.35
C PRO G 168 59.07 9.58 7.59
N VAL G 169 57.98 10.31 7.83
CA VAL G 169 57.20 10.15 9.04
C VAL G 169 56.02 9.24 8.76
N THR G 170 55.86 8.22 9.59
CA THR G 170 54.69 7.34 9.50
C THR G 170 53.44 8.11 9.93
N ALA G 171 52.35 7.89 9.19
CA ALA G 171 51.12 8.62 9.44
C ALA G 171 50.44 8.19 10.74
N THR G 172 50.76 7.01 11.26
CA THR G 172 50.13 6.49 12.47
C THR G 172 51.06 6.39 13.67
N HIS G 173 52.37 6.53 13.47
CA HIS G 173 53.30 6.42 14.59
C HIS G 173 53.21 7.64 15.50
N LYS G 174 53.44 7.42 16.79
CA LYS G 174 53.33 8.44 17.82
C LYS G 174 54.60 8.51 18.66
N TYR G 175 55.75 8.57 17.99
CA TYR G 175 57.02 8.63 18.69
C TYR G 175 57.55 10.04 18.89
N PHE G 176 56.81 11.07 18.47
CA PHE G 176 57.30 12.44 18.57
C PHE G 176 56.52 13.31 19.55
N ASP G 177 55.31 12.90 19.94
CA ASP G 177 54.53 13.70 20.89
C ASP G 177 55.08 13.64 22.31
N VAL G 178 56.05 12.75 22.57
CA VAL G 178 56.74 12.74 23.85
C VAL G 178 57.58 14.00 24.01
N TRP G 179 58.02 14.60 22.89
CA TRP G 179 58.87 15.78 22.94
C TRP G 179 58.16 17.00 23.52
N GLY G 180 56.82 16.99 23.58
CA GLY G 180 56.09 18.08 24.19
C GLY G 180 56.30 18.18 25.69
N ASN G 181 56.71 17.08 26.34
CA ASN G 181 57.03 17.11 27.75
C ASN G 181 58.38 17.75 28.04
N ASP G 182 59.26 17.84 27.04
CA ASP G 182 60.57 18.43 27.24
C ASP G 182 60.45 19.94 27.37
N GLY G 183 60.98 20.48 28.47
CA GLY G 183 60.87 21.91 28.72
C GLY G 183 61.68 22.74 27.73
N ASN G 184 62.87 22.26 27.36
CA ASN G 184 63.74 23.03 26.48
C ASN G 184 63.18 23.13 25.07
N TYR G 185 62.52 22.06 24.60
CA TYR G 185 61.89 22.10 23.28
C TYR G 185 60.77 23.13 23.24
N LEU G 186 59.95 23.17 24.29
CA LEU G 186 58.90 24.18 24.39
C LEU G 186 59.50 25.58 24.48
N LYS G 187 60.63 25.72 25.18
CA LYS G 187 61.26 27.03 25.30
C LYS G 187 61.79 27.53 23.96
N ILE G 188 62.41 26.67 23.17
CA ILE G 188 62.91 27.11 21.87
C ILE G 188 61.76 27.38 20.90
N VAL G 189 60.71 26.54 20.93
CA VAL G 189 59.60 26.77 20.00
C VAL G 189 58.86 28.06 20.37
N ALA G 190 58.77 28.37 21.65
CA ALA G 190 58.20 29.64 22.04
C ALA G 190 59.12 30.79 21.67
N CYS G 191 60.44 30.59 21.75
CA CYS G 191 61.39 31.64 21.36
C CYS G 191 61.27 31.98 19.88
N VAL G 192 61.22 30.95 19.02
CA VAL G 192 61.16 31.23 17.58
C VAL G 192 59.80 31.81 17.22
N ASP G 193 58.71 31.32 17.83
CA ASP G 193 57.39 31.88 17.53
C ASP G 193 57.28 33.33 17.99
N MET G 194 57.79 33.64 19.19
CA MET G 194 57.74 35.02 19.68
C MET G 194 58.61 35.95 18.83
N PHE G 195 59.79 35.48 18.43
CA PHE G 195 60.69 36.34 17.65
C PHE G 195 60.16 36.56 16.23
N TYR G 196 59.61 35.52 15.60
CA TYR G 196 59.12 35.63 14.24
C TYR G 196 57.70 36.14 14.14
N ASN G 197 57.00 36.29 15.28
CA ASN G 197 55.76 37.05 15.29
C ASN G 197 56.02 38.55 15.22
N HIS G 198 57.14 38.99 15.79
CA HIS G 198 57.49 40.41 15.75
C HIS G 198 57.90 40.85 14.36
N PHE G 199 58.60 39.99 13.62
CA PHE G 199 59.11 40.31 12.29
C PHE G 199 58.44 39.36 11.29
N LYS G 200 57.27 39.75 10.81
CA LYS G 200 56.56 38.96 9.81
C LYS G 200 57.06 39.20 8.39
N LYS G 201 57.90 40.20 8.19
CA LYS G 201 58.43 40.52 6.87
C LYS G 201 59.67 39.70 6.53
N SER G 202 60.16 38.87 7.44
CA SER G 202 61.31 38.04 7.16
C SER G 202 60.96 36.92 6.17
N ILE G 203 61.97 36.50 5.41
CA ILE G 203 61.76 35.41 4.46
C ILE G 203 61.55 34.08 5.20
N LYS G 204 62.25 33.90 6.32
CA LYS G 204 62.22 32.65 7.06
C LYS G 204 61.03 32.53 8.00
N ALA G 205 60.11 33.50 7.99
CA ALA G 205 58.94 33.50 8.87
C ALA G 205 57.95 32.39 8.54
N THR G 206 58.19 31.62 7.48
CA THR G 206 57.42 30.43 7.15
C THR G 206 57.49 29.36 8.24
N PHE G 207 58.51 29.40 9.09
CA PHE G 207 58.67 28.44 10.18
C PHE G 207 57.58 28.53 11.24
N ARG G 208 56.78 29.60 11.23
CA ARG G 208 55.72 29.76 12.21
C ARG G 208 54.60 28.73 12.07
N TRP G 209 54.55 27.99 10.97
CA TRP G 209 53.70 26.82 10.89
C TRP G 209 54.14 25.82 11.96
N GLY G 210 53.20 25.37 12.76
CA GLY G 210 53.48 24.45 13.86
C GLY G 210 53.70 25.12 15.19
N THR G 211 54.32 26.30 15.17
CA THR G 211 54.61 27.03 16.39
C THR G 211 53.48 27.94 16.84
N ILE G 212 52.41 28.06 16.04
CA ILE G 212 51.30 28.94 16.39
C ILE G 212 50.54 28.41 17.60
N VAL G 213 50.52 27.09 17.79
CA VAL G 213 49.83 26.51 18.94
C VAL G 213 50.53 26.79 20.26
N SER G 214 51.75 27.30 20.22
CA SER G 214 52.43 27.73 21.44
C SER G 214 51.88 29.05 21.95
N ARG G 215 51.37 29.91 21.06
CA ARG G 215 50.87 31.22 21.46
C ARG G 215 49.51 31.08 22.11
N PHE G 216 49.35 31.72 23.28
CA PHE G 216 48.11 31.73 24.06
C PHE G 216 47.64 30.32 24.40
N LYS G 217 48.59 29.43 24.67
CA LYS G 217 48.25 28.08 25.09
C LYS G 217 47.69 28.09 26.51
N ASP G 218 46.61 27.34 26.71
CA ASP G 218 45.88 27.26 27.99
C ASP G 218 45.42 28.64 28.46
N CYS G 219 44.97 29.46 27.52
CA CYS G 219 44.46 30.80 27.82
C CYS G 219 43.21 31.08 27.01
N ALA G 220 42.29 30.10 26.97
CA ALA G 220 41.14 30.18 26.10
C ALA G 220 40.06 31.14 26.61
N ALA G 221 40.07 31.50 27.90
CA ALA G 221 39.03 32.38 28.42
C ALA G 221 39.18 33.81 27.90
N LEU G 222 40.41 34.26 27.68
CA LEU G 222 40.61 35.57 27.08
C LEU G 222 40.07 35.63 25.66
N ALA G 223 40.27 34.55 24.90
CA ALA G 223 39.71 34.47 23.55
C ALA G 223 38.19 34.40 23.59
N THR G 224 37.64 33.73 24.62
CA THR G 224 36.19 33.69 24.80
C THR G 224 35.63 35.09 25.05
N LEU G 225 36.30 35.87 25.88
CA LEU G 225 35.87 37.24 26.15
C LEU G 225 35.97 38.11 24.90
N GLY G 226 37.06 37.96 24.14
CA GLY G 226 37.19 38.73 22.91
C GLY G 226 36.13 38.38 21.87
N HIS G 227 35.83 37.08 21.73
CA HIS G 227 34.80 36.66 20.80
C HIS G 227 33.42 37.16 21.21
N VAL G 228 33.09 37.11 22.51
CA VAL G 228 31.79 37.59 22.94
C VAL G 228 31.71 39.12 22.87
N VAL G 229 32.83 39.82 22.95
CA VAL G 229 32.79 41.27 22.72
C VAL G 229 32.53 41.58 21.26
N LYS G 230 33.22 40.88 20.35
CA LYS G 230 33.12 41.22 18.94
C LYS G 230 31.82 40.74 18.31
N ILE G 231 31.29 39.61 18.76
CA ILE G 231 30.12 39.00 18.12
C ILE G 231 28.81 39.67 18.46
N THR G 232 28.77 40.51 19.50
CA THR G 232 27.53 41.13 19.92
C THR G 232 27.42 42.61 19.52
N GLY G 233 28.54 43.27 19.25
CA GLY G 233 28.51 44.69 18.98
C GLY G 233 28.52 45.58 20.19
N LEU G 234 28.67 45.00 21.39
CA LEU G 234 28.73 45.77 22.62
C LEU G 234 30.16 46.16 22.93
N THR G 235 30.31 47.22 23.71
CA THR G 235 31.62 47.58 24.23
C THR G 235 32.00 46.62 25.36
N ILE G 236 33.28 46.65 25.75
CA ILE G 236 33.78 45.74 26.77
C ILE G 236 33.14 46.05 28.13
N GLU G 237 32.88 47.33 28.42
CA GLU G 237 32.22 47.70 29.66
C GLU G 237 30.79 47.17 29.71
N GLU G 238 30.09 47.18 28.59
CA GLU G 238 28.73 46.65 28.55
C GLU G 238 28.73 45.12 28.67
N VAL G 239 29.75 44.47 28.10
CA VAL G 239 29.88 43.02 28.24
C VAL G 239 30.12 42.64 29.70
N PHE G 240 30.98 43.40 30.39
CA PHE G 240 31.16 43.18 31.82
C PHE G 240 29.91 43.52 32.61
N THR G 241 29.16 44.52 32.15
CA THR G 241 27.93 44.93 32.83
C THR G 241 26.85 43.85 32.76
N TRP G 242 26.74 43.16 31.64
CA TRP G 242 25.66 42.20 31.45
C TRP G 242 25.89 40.84 32.11
N VAL G 243 26.80 40.73 33.06
CA VAL G 243 27.06 39.47 33.76
C VAL G 243 26.21 39.42 35.02
N LEU G 244 25.45 38.35 35.20
CA LEU G 244 24.44 38.26 36.26
C LEU G 244 24.65 37.06 37.18
N GLN G 245 25.87 36.59 37.33
CA GLN G 245 26.18 35.50 38.25
C GLN G 245 27.42 35.84 39.06
N THR G 246 27.42 35.42 40.33
CA THR G 246 28.54 35.77 41.21
C THR G 246 29.79 34.95 40.92
N GLU G 247 29.63 33.70 40.49
CA GLU G 247 30.78 32.88 40.14
C GLU G 247 31.50 33.42 38.91
N VAL G 248 30.74 33.77 37.87
CA VAL G 248 31.30 34.33 36.65
C VAL G 248 31.97 35.67 36.94
N ALA G 249 31.34 36.50 37.78
CA ALA G 249 31.92 37.80 38.14
C ALA G 249 33.21 37.61 38.93
N ASP G 250 33.26 36.63 39.83
CA ASP G 250 34.47 36.38 40.59
C ASP G 250 35.61 35.92 39.69
N GLU G 251 35.31 35.05 38.72
CA GLU G 251 36.34 34.61 37.77
C GLU G 251 36.81 35.76 36.89
N LEU G 252 35.90 36.66 36.50
CA LEU G 252 36.32 37.83 35.72
C LEU G 252 37.23 38.74 36.53
N VAL G 253 36.90 38.94 37.82
CA VAL G 253 37.74 39.76 38.69
C VAL G 253 39.11 39.13 38.86
N LYS G 254 39.17 37.81 39.06
CA LYS G 254 40.46 37.13 39.17
C LYS G 254 41.22 37.14 37.84
N MET G 255 40.51 37.21 36.72
CA MET G 255 41.14 37.27 35.40
C MET G 255 41.61 38.66 35.03
N MET G 256 41.13 39.70 35.72
CA MET G 256 41.51 41.08 35.43
C MET G 256 42.53 41.64 36.41
N LYS G 257 43.51 40.83 36.79
CA LYS G 257 44.63 41.34 37.59
C LYS G 257 45.38 42.39 36.80
N PRO G 258 45.64 43.58 37.38
CA PRO G 258 46.14 44.71 36.59
C PRO G 258 47.56 44.55 36.03
N GLY G 259 48.52 44.20 36.88
CA GLY G 259 49.91 44.20 36.46
C GLY G 259 50.37 42.95 35.74
N GLN G 260 49.66 42.56 34.69
CA GLN G 260 50.00 41.37 33.91
C GLN G 260 50.23 41.67 32.44
N GLU G 261 50.26 42.95 32.06
CA GLU G 261 50.35 43.47 30.69
C GLU G 261 49.49 42.66 29.72
N ILE G 262 48.17 42.73 29.95
CA ILE G 262 47.22 41.97 29.16
C ILE G 262 47.16 42.49 27.72
N ASP G 263 47.20 43.81 27.57
CA ASP G 263 46.91 44.47 26.31
C ASP G 263 48.09 44.52 25.35
N LYS G 264 49.29 44.17 25.78
CA LYS G 264 50.49 44.35 24.96
C LYS G 264 50.72 43.10 24.14
N SER G 265 50.69 43.25 22.80
CA SER G 265 50.87 42.11 21.91
C SER G 265 52.32 41.63 21.88
N THR G 266 53.27 42.54 22.06
CA THR G 266 54.69 42.18 22.07
C THR G 266 55.14 42.07 23.53
N SER G 267 54.77 40.96 24.16
CA SER G 267 55.07 40.74 25.56
C SER G 267 55.17 39.24 25.82
N TYR G 268 55.51 38.90 27.07
CA TYR G 268 55.76 37.52 27.47
C TYR G 268 54.51 36.75 27.84
N MET G 269 53.36 37.43 28.01
CA MET G 269 52.17 36.75 28.53
C MET G 269 51.63 35.63 27.65
N PRO G 270 51.42 35.79 26.33
CA PRO G 270 50.85 34.67 25.55
C PRO G 270 51.72 33.43 25.52
N TYR G 271 53.02 33.57 25.74
CA TYR G 271 53.90 32.43 25.94
C TYR G 271 54.13 32.20 27.43
N LEU G 272 53.02 32.01 28.15
CA LEU G 272 53.09 31.82 29.59
C LEU G 272 53.62 30.44 29.95
N ILE G 273 53.17 29.41 29.24
CA ILE G 273 53.46 28.04 29.63
C ILE G 273 54.77 27.53 29.05
N ASP G 274 54.99 27.77 27.76
CA ASP G 274 56.16 27.19 27.09
C ASP G 274 57.45 27.91 27.49
N MET G 275 57.36 29.15 27.95
CA MET G 275 58.52 29.81 28.52
C MET G 275 58.84 29.32 29.92
N GLY G 276 57.96 28.54 30.54
CA GLY G 276 58.19 28.11 31.90
C GLY G 276 57.95 29.16 32.95
N ILE G 277 57.25 30.24 32.59
CA ILE G 277 56.97 31.30 33.55
C ILE G 277 55.99 30.82 34.62
N SER G 278 54.96 30.07 34.21
CA SER G 278 53.98 29.54 35.15
C SER G 278 53.61 28.12 34.72
N ALA G 279 53.17 27.33 35.70
CA ALA G 279 52.73 25.96 35.44
C ALA G 279 51.22 25.82 35.41
N LYS G 280 50.51 26.62 36.20
CA LYS G 280 49.04 26.63 36.22
C LYS G 280 48.60 28.02 35.78
N SER G 281 48.16 28.13 34.52
CA SER G 281 47.75 29.42 33.99
C SER G 281 46.40 29.82 34.58
N PRO G 282 46.24 31.07 35.01
CA PRO G 282 44.94 31.52 35.53
C PRO G 282 43.95 31.95 34.46
N TYR G 283 44.17 31.61 33.20
CA TYR G 283 43.31 32.07 32.10
C TYR G 283 42.69 30.93 31.31
N SER G 284 42.71 29.70 31.84
CA SER G 284 42.27 28.55 31.07
C SER G 284 40.79 28.25 31.33
N THR G 285 40.28 27.24 30.62
CA THR G 285 38.89 26.81 30.83
C THR G 285 38.77 26.01 32.12
N ILE G 286 39.79 25.22 32.46
CA ILE G 286 39.76 24.44 33.69
C ILE G 286 39.83 25.37 34.91
N LYS G 287 40.68 26.39 34.84
CA LYS G 287 40.75 27.34 35.94
C LYS G 287 39.51 28.23 36.01
N ASN G 288 38.90 28.52 34.86
CA ASN G 288 37.70 29.36 34.81
C ASN G 288 36.59 28.66 34.03
N PRO G 289 35.96 27.64 34.61
CA PRO G 289 34.73 27.11 34.01
C PRO G 289 33.56 27.97 34.40
N SER G 290 32.47 27.86 33.62
CA SER G 290 31.22 28.61 33.72
C SER G 290 31.36 30.08 33.35
N PHE G 291 32.56 30.57 33.10
CA PHE G 291 32.74 31.74 32.24
C PHE G 291 33.05 31.33 30.80
N HIS G 292 33.48 30.09 30.60
CA HIS G 292 33.54 29.52 29.26
C HIS G 292 32.20 28.98 28.79
N PHE G 293 31.24 28.81 29.69
CA PHE G 293 29.88 28.45 29.29
C PHE G 293 29.07 29.70 28.97
N TRP G 294 29.13 30.70 29.85
CA TRP G 294 28.74 32.06 29.49
C TRP G 294 29.63 32.55 28.37
N GLY G 295 29.13 33.49 27.57
CA GLY G 295 29.96 33.99 26.50
C GLY G 295 29.90 33.10 25.28
N GLN G 296 30.30 31.83 25.42
CA GLN G 296 30.15 30.89 24.31
C GLN G 296 28.67 30.57 24.06
N LEU G 297 27.88 30.40 25.12
CA LEU G 297 26.44 30.19 24.93
C LEU G 297 25.77 31.44 24.37
N VAL G 298 26.23 32.61 24.79
CA VAL G 298 25.70 33.86 24.28
C VAL G 298 26.00 34.01 22.79
N ALA G 299 27.25 33.71 22.40
CA ALA G 299 27.65 33.82 21.01
C ALA G 299 26.95 32.78 20.14
N ALA G 300 26.71 31.59 20.69
CA ALA G 300 25.96 30.59 19.93
C ALA G 300 24.50 30.99 19.77
N LEU G 301 23.93 31.65 20.78
CA LEU G 301 22.57 32.15 20.64
C LEU G 301 22.51 33.46 19.83
N CYS G 302 23.66 34.08 19.57
CA CYS G 302 23.76 35.19 18.64
C CYS G 302 24.18 34.74 17.25
N ARG G 303 24.01 33.45 16.95
CA ARG G 303 24.23 32.85 15.63
C ARG G 303 25.67 33.03 15.15
N SER G 304 26.58 32.44 15.92
CA SER G 304 27.99 32.33 15.54
C SER G 304 28.35 30.85 15.48
N LYS G 305 29.03 30.45 14.40
CA LYS G 305 29.30 29.04 14.17
C LYS G 305 30.53 28.53 14.93
N ARG G 306 31.37 29.42 15.44
CA ARG G 306 32.51 28.98 16.24
C ARG G 306 32.06 28.46 17.60
N ALA G 307 31.11 29.15 18.23
CA ALA G 307 30.68 28.82 19.58
C ALA G 307 29.79 27.59 19.64
N LEU G 308 29.35 27.07 18.50
CA LEU G 308 28.56 25.85 18.50
C LEU G 308 29.39 24.60 18.77
N ASN G 309 30.72 24.70 18.72
CA ASN G 309 31.60 23.57 18.96
C ASN G 309 32.33 23.66 20.29
N ALA G 310 32.12 24.72 21.06
CA ALA G 310 32.77 24.84 22.36
C ALA G 310 32.23 23.79 23.33
N ARG G 311 33.14 23.19 24.10
CA ARG G 311 32.76 22.13 25.02
C ARG G 311 32.06 22.71 26.24
N GLN G 312 30.96 22.07 26.64
CA GLN G 312 30.27 22.45 27.86
C GLN G 312 30.98 21.85 29.05
N PRO G 313 31.50 22.65 29.97
CA PRO G 313 32.16 22.09 31.15
C PRO G 313 31.17 21.42 32.08
N ASP G 314 31.63 20.39 32.76
CA ASP G 314 30.81 19.68 33.72
C ASP G 314 31.00 20.27 35.12
N GLU G 315 30.05 19.94 36.00
CA GLU G 315 30.05 20.37 37.40
C GLU G 315 30.02 21.90 37.49
N ILE G 316 29.04 22.50 36.81
CA ILE G 316 28.73 23.93 36.89
C ILE G 316 27.22 24.07 36.96
N ASP G 317 26.78 25.24 37.42
CA ASP G 317 25.35 25.56 37.53
C ASP G 317 24.85 25.99 36.17
N SER G 318 24.39 25.01 35.37
CA SER G 318 24.11 25.26 33.96
C SER G 318 22.78 25.99 33.74
N MET G 319 21.77 25.76 34.57
CA MET G 319 20.43 26.24 34.27
C MET G 319 20.31 27.75 34.43
N SER G 320 20.85 28.31 35.52
CA SER G 320 20.80 29.75 35.72
C SER G 320 21.65 30.48 34.69
N ILE G 321 22.78 29.90 34.31
CA ILE G 321 23.63 30.49 33.27
C ILE G 321 22.93 30.48 31.94
N SER G 322 22.20 29.40 31.64
CA SER G 322 21.43 29.34 30.40
C SER G 322 20.30 30.35 30.40
N ASN G 323 19.66 30.57 31.55
CA ASN G 323 18.63 31.59 31.67
C ASN G 323 19.19 32.99 31.41
N ALA G 324 20.35 33.29 32.00
CA ALA G 324 20.98 34.59 31.78
C ALA G 324 21.42 34.77 30.34
N SER G 325 21.94 33.70 29.71
CA SER G 325 22.38 33.78 28.33
C SER G 325 21.21 33.99 27.39
N LEU G 326 20.08 33.31 27.63
CA LEU G 326 18.89 33.51 26.82
C LEU G 326 18.34 34.92 27.00
N LEU G 327 18.36 35.44 28.22
CA LEU G 327 17.88 36.80 28.45
C LEU G 327 18.74 37.82 27.72
N MET G 328 20.06 37.69 27.81
CA MET G 328 20.95 38.64 27.15
C MET G 328 20.86 38.53 25.63
N ALA G 329 20.75 37.31 25.09
CA ALA G 329 20.64 37.15 23.65
C ALA G 329 19.32 37.71 23.12
N TYR G 330 18.21 37.49 23.84
CA TYR G 330 16.94 38.04 23.42
C TYR G 330 16.93 39.57 23.53
N ALA G 331 17.56 40.12 24.58
CA ALA G 331 17.65 41.56 24.71
C ALA G 331 18.48 42.18 23.60
N LEU G 332 19.56 41.52 23.21
CA LEU G 332 20.38 42.00 22.09
C LEU G 332 19.62 41.92 20.78
N GLY G 333 18.87 40.84 20.55
CA GLY G 333 18.15 40.69 19.31
C GLY G 333 16.90 41.51 19.17
N SER G 334 16.28 41.88 20.28
CA SER G 334 15.05 42.65 20.20
C SER G 334 15.30 44.10 19.83
N SER G 335 16.41 44.67 20.30
CA SER G 335 16.73 46.08 20.09
C SER G 335 18.06 46.20 19.38
N PRO G 336 18.07 46.28 18.05
CA PRO G 336 19.34 46.38 17.32
C PRO G 336 19.88 47.80 17.26
N ASP G 337 20.98 47.98 16.52
CA ASP G 337 21.68 49.27 16.40
C ASP G 337 21.37 49.84 15.01
N ILE G 338 20.30 50.63 14.93
CA ILE G 338 19.89 51.21 13.64
C ILE G 338 20.07 52.72 13.67
N GLU G 339 21.05 53.19 14.42
CA GLU G 339 21.29 54.62 14.52
C GLU G 339 21.79 55.16 13.19
N GLN G 340 21.19 56.24 12.70
CA GLN G 340 21.61 56.83 11.44
C GLN G 340 23.01 57.42 11.57
N GLN G 341 23.87 57.14 10.60
CA GLN G 341 25.27 57.53 10.67
C GLN G 341 25.64 58.64 9.69
N PHE G 342 25.34 58.48 8.40
CA PHE G 342 25.65 59.48 7.40
C PHE G 342 24.40 60.29 7.06
N SER G 343 24.61 61.55 6.70
CA SER G 343 23.50 62.44 6.37
C SER G 343 23.91 63.38 5.25
N THR G 344 22.92 63.85 4.49
CA THR G 344 23.12 64.84 3.46
C THR G 344 22.44 66.16 3.78
N GLY G 345 21.14 66.12 4.06
CA GLY G 345 20.41 67.32 4.44
C GLY G 345 19.30 67.06 5.44
N ASN G 346 19.37 65.92 6.15
CA ASN G 346 18.30 65.54 7.06
C ASN G 346 18.91 64.93 8.32
N THR G 347 18.10 64.91 9.38
CA THR G 347 18.52 64.47 10.69
C THR G 347 18.01 63.05 10.97
N TYR G 348 18.13 62.62 12.21
CA TYR G 348 17.85 61.24 12.62
C TYR G 348 16.34 61.03 12.77
N ARG G 349 15.97 59.91 13.40
CA ARG G 349 14.57 59.51 13.53
C ARG G 349 13.78 60.37 14.51
N LYS G 350 14.45 61.26 15.27
CA LYS G 350 13.97 62.20 16.29
C LYS G 350 12.89 61.60 17.20
N PRO G 351 13.25 60.71 18.11
CA PRO G 351 12.25 60.09 18.99
C PRO G 351 11.73 61.08 20.02
N PRO G 352 10.41 61.34 20.05
CA PRO G 352 9.84 62.33 20.94
C PRO G 352 9.47 61.81 22.33
N LYS G 353 10.39 61.06 22.95
CA LYS G 353 10.33 60.62 24.34
C LYS G 353 9.06 59.81 24.62
N GLU G 354 8.99 58.64 23.97
CA GLU G 354 7.87 57.72 24.16
C GLU G 354 7.81 57.21 25.59
N ALA G 355 8.82 56.43 25.99
CA ALA G 355 9.04 55.91 27.34
C ALA G 355 7.91 55.04 27.86
N SER G 356 6.99 54.59 26.99
CA SER G 356 5.86 53.77 27.43
C SER G 356 5.31 53.03 26.22
N TYR G 357 5.37 51.70 26.25
CA TYR G 357 4.84 50.88 25.17
C TYR G 357 4.46 49.53 25.75
N LEU G 358 3.15 49.28 25.88
CA LEU G 358 2.63 48.13 26.61
C LEU G 358 2.34 46.95 25.69
N VAL G 359 2.94 46.88 24.50
CA VAL G 359 2.77 45.72 23.65
C VAL G 359 3.44 44.50 24.27
N SER G 360 4.68 44.66 24.74
CA SER G 360 5.34 43.64 25.55
C SER G 360 6.18 44.25 26.66
N GLU G 361 6.03 45.56 26.92
CA GLU G 361 6.79 46.33 27.92
C GLU G 361 8.30 46.30 27.68
N GLU G 362 8.73 46.00 26.45
CA GLU G 362 10.14 45.88 26.13
C GLU G 362 10.79 47.25 26.00
N PRO G 363 11.98 47.44 26.57
CA PRO G 363 12.70 48.70 26.37
C PRO G 363 13.26 48.80 24.96
N LYS G 364 13.75 49.98 24.59
CA LYS G 364 14.24 50.19 23.23
C LYS G 364 15.75 50.33 23.13
N ASN G 365 16.46 49.87 24.15
CA ASN G 365 17.92 49.94 24.15
C ASN G 365 18.46 48.62 24.67
N ARG G 366 19.76 48.59 24.96
CA ARG G 366 20.42 47.40 25.48
C ARG G 366 20.94 47.60 26.90
N SER G 367 20.27 48.45 27.68
CA SER G 367 20.64 48.68 29.06
C SER G 367 20.14 47.53 29.92
N VAL G 368 20.96 47.10 30.88
CA VAL G 368 20.65 45.86 31.60
C VAL G 368 19.60 46.10 32.67
N VAL G 369 19.49 47.33 33.20
CA VAL G 369 18.59 47.58 34.32
C VAL G 369 17.12 47.53 33.88
N GLU G 370 16.82 48.14 32.72
CA GLU G 370 15.46 48.07 32.20
C GLU G 370 15.08 46.65 31.81
N TRP G 371 16.03 45.90 31.25
CA TRP G 371 15.74 44.52 30.84
C TRP G 371 15.57 43.60 32.04
N ILE G 372 16.35 43.81 33.11
CA ILE G 372 16.18 42.97 34.29
C ILE G 372 14.89 43.34 35.02
N ALA G 373 14.47 44.60 34.97
CA ALA G 373 13.15 44.97 35.49
C ALA G 373 12.04 44.29 34.70
N TRP G 374 12.15 44.30 33.37
CA TRP G 374 11.16 43.65 32.52
C TRP G 374 11.14 42.13 32.72
N TYR G 375 12.30 41.53 32.98
CA TYR G 375 12.37 40.09 33.20
C TYR G 375 11.79 39.71 34.56
N SER G 376 12.10 40.49 35.60
CA SER G 376 11.52 40.25 36.92
C SER G 376 10.03 40.52 36.95
N ASP G 377 9.51 41.34 36.04
CA ASP G 377 8.08 41.55 35.94
C ASP G 377 7.35 40.28 35.50
N VAL G 378 8.04 39.38 34.79
CA VAL G 378 7.39 38.18 34.26
C VAL G 378 7.95 36.98 35.05
N ASP G 379 8.27 37.24 36.31
CA ASP G 379 8.58 36.19 37.29
C ASP G 379 9.82 35.37 36.93
N ASN G 380 10.75 35.99 36.20
CA ASN G 380 12.05 35.40 35.84
C ASN G 380 11.89 34.08 35.09
N LYS G 381 10.93 34.03 34.18
CA LYS G 381 10.72 32.85 33.36
C LYS G 381 10.83 33.21 31.89
N PRO G 382 11.29 32.29 31.04
CA PRO G 382 11.38 32.59 29.60
C PRO G 382 10.00 32.74 28.98
N THR G 383 9.76 33.91 28.40
CA THR G 383 8.51 34.25 27.74
C THR G 383 8.39 33.39 26.46
N ASP G 384 7.15 33.25 25.98
CA ASP G 384 6.88 32.42 24.80
C ASP G 384 7.64 32.92 23.57
N ASP G 385 7.83 34.24 23.46
CA ASP G 385 8.64 34.78 22.37
C ASP G 385 10.10 34.38 22.53
N MET G 386 10.61 34.35 23.77
CA MET G 386 11.98 33.92 24.02
C MET G 386 12.18 32.46 23.64
N LEU G 387 11.21 31.60 23.98
CA LEU G 387 11.31 30.19 23.64
C LEU G 387 11.17 29.98 22.14
N MET G 388 10.34 30.80 21.48
CA MET G 388 10.22 30.72 20.02
C MET G 388 11.53 31.11 19.35
N MET G 389 12.18 32.18 19.83
CA MET G 389 13.46 32.59 19.28
C MET G 389 14.54 31.55 19.52
N ALA G 390 14.54 30.93 20.71
CA ALA G 390 15.50 29.89 21.02
C ALA G 390 15.28 28.66 20.15
N LYS G 391 14.02 28.29 19.89
CA LYS G 391 13.72 27.17 19.01
C LYS G 391 14.13 27.47 17.57
N ARG G 392 13.93 28.71 17.13
CA ARG G 392 14.35 29.10 15.79
C ARG G 392 15.86 29.05 15.64
N VAL G 393 16.59 29.47 16.67
CA VAL G 393 18.06 29.38 16.64
C VAL G 393 18.51 27.93 16.67
N ALA G 394 17.87 27.10 17.50
CA ALA G 394 18.25 25.71 17.64
C ALA G 394 17.90 24.87 16.42
N GLY G 395 16.98 25.35 15.57
CA GLY G 395 16.68 24.63 14.35
C GLY G 395 17.74 24.74 13.26
N THR G 396 18.72 25.61 13.44
CA THR G 396 19.77 25.81 12.44
C THR G 396 21.03 25.02 12.76
N ILE G 397 21.00 24.12 13.74
CA ILE G 397 22.13 23.28 14.08
C ILE G 397 21.92 21.92 13.41
N SER G 398 22.84 21.56 12.50
CA SER G 398 22.65 20.35 11.72
C SER G 398 23.07 19.12 12.51
N GLY G 399 24.36 19.01 12.84
CA GLY G 399 24.84 17.92 13.65
C GLY G 399 25.75 18.40 14.76
N PRO G 400 25.33 18.21 16.01
CA PRO G 400 26.15 18.61 17.14
C PRO G 400 27.05 17.48 17.64
N ARG G 401 28.07 17.88 18.39
CA ARG G 401 29.00 16.93 18.98
C ARG G 401 28.43 16.41 20.30
N ASP G 402 29.25 15.69 21.07
CA ASP G 402 28.72 14.99 22.24
C ASP G 402 28.52 15.94 23.42
N ASN G 403 29.53 16.72 23.76
CA ASN G 403 29.47 17.61 24.92
C ASN G 403 29.68 19.06 24.50
N SER G 404 29.03 19.46 23.41
CA SER G 404 29.22 20.80 22.85
C SER G 404 28.10 21.73 23.33
N VAL G 405 28.30 23.02 23.03
CA VAL G 405 27.27 24.02 23.32
C VAL G 405 26.06 23.82 22.40
N GLY G 406 26.31 23.43 21.15
CA GLY G 406 25.21 23.22 20.22
C GLY G 406 24.32 22.05 20.61
N LYS G 407 24.91 21.00 21.18
CA LYS G 407 24.11 19.89 21.70
C LYS G 407 23.24 20.34 22.87
N TRP G 408 23.78 21.19 23.74
CA TRP G 408 23.00 21.75 24.84
C TRP G 408 21.85 22.59 24.33
N ILE G 409 22.10 23.41 23.30
CA ILE G 409 21.06 24.26 22.74
C ILE G 409 19.97 23.43 22.08
N LYS G 410 20.36 22.41 21.31
CA LYS G 410 19.37 21.58 20.62
C LYS G 410 18.55 20.76 21.61
N GLN G 411 19.19 20.25 22.68
CA GLN G 411 18.45 19.46 23.65
C GLN G 411 17.54 20.32 24.51
N THR G 412 18.04 21.44 25.00
CA THR G 412 17.30 22.21 26.01
C THR G 412 16.14 22.98 25.39
N TYR G 413 16.37 23.65 24.27
CA TYR G 413 15.40 24.56 23.68
C TYR G 413 14.80 24.00 22.39
N GLY G 414 14.55 22.70 22.36
CA GLY G 414 13.92 22.07 21.21
C GLY G 414 14.87 21.86 20.05
N ARG H 1 33.61 47.43 35.42
CA ARG H 1 33.96 48.59 36.23
C ARG H 1 33.79 48.31 37.72
N ILE H 2 32.77 48.93 38.33
CA ILE H 2 32.60 48.88 39.77
C ILE H 2 31.74 47.69 40.14
N LYS H 3 32.25 46.84 41.04
CA LYS H 3 31.53 45.67 41.52
C LYS H 3 30.65 46.07 42.70
N THR H 4 30.18 45.09 43.49
CA THR H 4 29.22 45.37 44.55
C THR H 4 29.79 46.27 45.64
N ASN H 5 31.03 46.02 46.09
CA ASN H 5 31.55 46.75 47.25
C ASN H 5 32.20 48.07 46.83
N ALA H 6 33.40 48.00 46.27
CA ALA H 6 34.05 49.20 45.75
C ALA H 6 35.00 48.94 44.60
N ALA H 7 35.16 47.70 44.14
CA ALA H 7 36.34 47.34 43.34
C ALA H 7 36.14 47.76 41.89
N VAL H 8 37.14 48.45 41.35
CA VAL H 8 37.16 48.80 39.94
C VAL H 8 37.93 47.74 39.17
N ALA H 9 37.48 47.45 37.96
CA ALA H 9 38.09 46.43 37.11
C ALA H 9 38.72 47.08 35.89
N ALA H 10 39.91 46.61 35.52
CA ALA H 10 40.60 47.04 34.31
C ALA H 10 40.12 46.13 33.18
N VAL H 11 39.20 46.64 32.37
CA VAL H 11 38.54 45.84 31.34
C VAL H 11 39.22 46.10 29.99
N LEU H 12 39.89 45.07 29.47
CA LEU H 12 40.73 45.27 28.28
C LEU H 12 41.04 43.97 27.54
N PRO H 13 40.72 43.88 26.25
CA PRO H 13 41.31 42.85 25.40
C PRO H 13 42.60 43.27 24.71
N ALA H 14 43.14 42.40 23.86
CA ALA H 14 44.37 42.68 23.12
C ALA H 14 44.09 43.60 21.93
N ASN H 15 45.18 44.11 21.34
CA ASN H 15 45.11 45.13 20.29
C ASN H 15 45.13 44.48 18.91
N GLU H 16 45.32 45.31 17.87
CA GLU H 16 45.29 44.87 16.47
C GLU H 16 46.36 45.63 15.69
N ASP H 17 46.43 45.37 14.39
CA ASP H 17 47.37 46.00 13.47
C ASP H 17 46.65 46.98 12.54
N GLN H 18 47.41 47.53 11.59
CA GLN H 18 46.86 48.54 10.68
C GLN H 18 47.24 48.25 9.22
N ALA H 19 46.93 49.19 8.32
CA ALA H 19 47.20 49.06 6.90
C ALA H 19 47.80 50.36 6.37
N ASP H 20 48.51 50.25 5.25
CA ASP H 20 49.25 51.36 4.68
C ASP H 20 48.66 51.74 3.32
N TYR H 21 48.35 53.02 3.16
CA TYR H 21 47.80 53.58 1.94
C TYR H 21 48.90 53.78 0.90
N PRO H 22 48.55 53.83 -0.39
CA PRO H 22 49.56 54.10 -1.42
C PRO H 22 50.17 55.49 -1.34
N SER H 23 49.52 56.45 -0.69
CA SER H 23 50.05 57.82 -0.65
C SER H 23 51.26 57.94 0.27
N THR H 24 51.43 57.04 1.23
CA THR H 24 52.66 57.03 2.02
C THR H 24 53.86 56.70 1.15
N PHE H 25 53.70 55.75 0.24
CA PHE H 25 54.65 55.56 -0.85
C PHE H 25 54.61 56.77 -1.78
N PHE H 26 55.73 57.01 -2.45
CA PHE H 26 55.97 58.16 -3.33
C PHE H 26 55.89 59.50 -2.61
N GLU H 27 55.94 59.51 -1.28
CA GLU H 27 56.03 60.77 -0.55
C GLU H 27 57.44 61.33 -0.63
N GLY H 28 58.44 60.47 -0.61
CA GLY H 28 59.83 60.87 -0.77
C GLY H 28 60.34 60.62 -2.17
N GLY H 29 59.42 60.42 -3.12
CA GLY H 29 59.80 60.13 -4.49
C GLY H 29 60.48 58.78 -4.69
N ASN H 30 59.95 57.73 -4.08
CA ASN H 30 60.53 56.39 -4.22
C ASN H 30 60.22 55.83 -5.61
N GLU H 31 60.94 54.76 -5.95
CA GLU H 31 60.77 54.05 -7.22
C GLU H 31 60.30 52.62 -6.93
N ILE H 32 60.23 51.81 -7.98
CA ILE H 32 59.67 50.47 -7.88
C ILE H 32 60.72 49.41 -7.66
N ARG H 33 61.89 49.54 -8.33
CA ARG H 33 63.07 48.69 -8.13
C ARG H 33 62.76 47.22 -8.39
N LEU H 34 62.54 46.91 -9.68
CA LEU H 34 62.16 45.56 -10.07
C LEU H 34 63.25 44.54 -9.75
N TYR H 35 64.52 44.93 -9.83
CA TYR H 35 65.68 44.05 -9.67
C TYR H 35 65.68 42.92 -10.70
N VAL H 36 65.85 43.34 -11.95
CA VAL H 36 65.79 42.45 -13.11
C VAL H 36 67.08 41.64 -13.21
N ASN H 37 66.94 40.33 -13.38
CA ASN H 37 68.05 39.49 -13.82
C ASN H 37 68.12 39.55 -15.35
N ARG H 38 69.28 39.95 -15.86
CA ARG H 38 69.46 40.11 -17.31
C ARG H 38 70.93 39.90 -17.65
N GLY H 39 71.28 40.21 -18.89
CA GLY H 39 72.66 40.10 -19.34
C GLY H 39 72.97 38.80 -20.05
N GLU H 40 72.13 38.39 -20.99
CA GLU H 40 72.30 37.13 -21.69
C GLU H 40 71.57 37.18 -23.03
N LYS H 41 71.92 36.23 -23.90
CA LYS H 41 71.26 36.10 -25.18
C LYS H 41 69.84 35.60 -25.00
N LEU H 42 68.91 36.16 -25.78
CA LEU H 42 67.50 35.80 -25.66
C LEU H 42 67.23 34.36 -26.11
N ASP H 43 67.96 33.90 -27.13
CA ASP H 43 67.69 32.58 -27.69
C ASP H 43 68.04 31.47 -26.71
N VAL H 44 69.23 31.51 -26.13
CA VAL H 44 69.60 30.48 -25.17
C VAL H 44 68.71 30.55 -23.94
N LEU H 45 68.31 31.76 -23.52
CA LEU H 45 67.40 31.92 -22.39
C LEU H 45 66.05 31.26 -22.66
N ARG H 46 65.55 31.40 -23.89
CA ARG H 46 64.31 30.70 -24.24
C ARG H 46 64.54 29.19 -24.31
N GLN H 47 65.76 28.75 -24.51
CA GLN H 47 65.99 27.30 -24.47
C GLN H 47 65.99 26.84 -23.02
N TYR H 48 66.55 27.64 -22.11
CA TYR H 48 66.48 27.26 -20.69
C TYR H 48 65.04 27.26 -20.19
N VAL H 49 64.22 28.17 -20.71
CA VAL H 49 62.81 28.20 -20.33
C VAL H 49 62.08 26.99 -20.92
N TYR H 50 62.38 26.63 -22.17
CA TYR H 50 61.72 25.50 -22.82
C TYR H 50 62.07 24.19 -22.14
N MET H 51 63.36 23.82 -22.14
CA MET H 51 63.73 22.55 -21.54
C MET H 51 63.68 22.67 -20.03
N GLY H 52 63.17 21.64 -19.37
CA GLY H 52 62.84 21.73 -17.96
C GLY H 52 61.35 21.93 -17.78
N LEU H 53 60.75 22.77 -18.63
CA LEU H 53 59.29 22.88 -18.65
C LEU H 53 58.64 21.64 -19.22
N VAL H 54 59.37 20.87 -20.05
CA VAL H 54 58.87 19.58 -20.51
C VAL H 54 58.82 18.59 -19.36
N GLU H 55 59.79 18.63 -18.45
CA GLU H 55 59.74 17.83 -17.23
C GLU H 55 59.08 18.65 -16.12
N LYS H 56 59.22 18.21 -14.88
CA LYS H 56 58.40 18.72 -13.77
C LYS H 56 59.17 19.73 -12.92
N ASN H 57 60.01 20.57 -13.50
CA ASN H 57 60.76 21.56 -12.71
C ASN H 57 61.15 22.73 -13.59
N CYS H 58 60.76 23.94 -13.18
CA CYS H 58 61.14 25.16 -13.88
C CYS H 58 61.68 26.17 -12.87
N ARG H 59 62.46 27.13 -13.37
CA ARG H 59 63.15 28.10 -12.54
C ARG H 59 62.48 29.46 -12.67
N ILE H 60 62.28 30.14 -11.54
CA ILE H 60 61.69 31.47 -11.53
C ILE H 60 62.65 32.48 -12.16
N GLN H 61 63.96 32.31 -11.95
CA GLN H 61 64.94 33.20 -12.53
C GLN H 61 64.96 33.10 -14.07
N HIS H 62 64.79 31.88 -14.59
CA HIS H 62 64.77 31.69 -16.03
C HIS H 62 63.61 32.42 -16.69
N VAL H 63 62.40 32.25 -16.16
CA VAL H 63 61.23 32.89 -16.75
C VAL H 63 61.26 34.39 -16.50
N ASN H 64 61.87 34.83 -15.39
CA ASN H 64 62.05 36.26 -15.13
C ASN H 64 62.95 36.91 -16.19
N ALA H 65 64.13 36.32 -16.41
CA ALA H 65 65.07 36.86 -17.40
C ALA H 65 64.47 36.79 -18.80
N TYR H 66 63.74 35.70 -19.10
CA TYR H 66 63.01 35.61 -20.35
C TYR H 66 62.03 36.75 -20.51
N LEU H 67 61.16 36.97 -19.51
CA LEU H 67 60.07 37.92 -19.67
C LEU H 67 60.60 39.33 -19.88
N TYR H 68 61.72 39.67 -19.21
CA TYR H 68 62.34 40.95 -19.53
C TYR H 68 62.97 40.93 -20.92
N ALA H 69 63.55 39.80 -21.34
CA ALA H 69 64.22 39.76 -22.63
C ALA H 69 63.23 39.87 -23.79
N VAL H 70 62.03 39.31 -23.65
CA VAL H 70 61.07 39.28 -24.75
C VAL H 70 60.09 40.45 -24.70
N LEU H 71 59.69 40.91 -23.51
CA LEU H 71 58.73 42.00 -23.44
C LEU H 71 59.34 43.36 -23.73
N LYS H 72 60.66 43.47 -23.67
CA LYS H 72 61.32 44.75 -23.95
C LYS H 72 61.26 45.06 -25.44
N GLY H 73 61.12 46.35 -25.76
CA GLY H 73 61.10 46.81 -27.12
C GLY H 73 59.73 46.88 -27.75
N GLU H 74 58.68 46.40 -27.07
CA GLU H 74 57.32 46.42 -27.61
C GLU H 74 56.68 47.78 -27.33
N ARG H 75 57.19 48.79 -28.01
CA ARG H 75 56.69 50.15 -27.86
C ARG H 75 55.35 50.31 -28.59
N GLU H 76 54.60 51.32 -28.17
CA GLU H 76 53.31 51.63 -28.76
C GLU H 76 53.17 53.15 -28.84
N LEU H 77 52.01 53.59 -29.31
CA LEU H 77 51.72 55.02 -29.41
C LEU H 77 51.49 55.62 -28.02
N LEU H 78 51.46 56.95 -27.97
CA LEU H 78 51.16 57.68 -26.73
C LEU H 78 50.45 58.96 -27.13
N GLU H 79 49.11 58.92 -27.10
CA GLU H 79 48.30 60.05 -27.54
C GLU H 79 48.05 61.07 -26.44
N ALA H 80 48.44 60.78 -25.20
CA ALA H 80 48.18 61.69 -24.10
C ALA H 80 49.23 61.48 -23.00
N ASP H 81 49.30 62.46 -22.11
CA ASP H 81 50.21 62.36 -20.97
C ASP H 81 49.71 61.32 -19.97
N TRP H 82 50.64 60.60 -19.38
CA TRP H 82 50.34 59.59 -18.36
C TRP H 82 51.01 60.00 -17.06
N ASP H 83 50.21 60.18 -16.01
CA ASP H 83 50.70 60.62 -14.71
C ASP H 83 49.98 59.89 -13.60
N SER H 84 50.70 59.60 -12.53
CA SER H 84 50.13 58.96 -11.34
C SER H 84 51.04 59.24 -10.16
N PHE H 85 50.48 59.86 -9.11
CA PHE H 85 51.20 60.24 -7.89
C PHE H 85 52.39 61.16 -8.17
N GLY H 86 52.30 61.94 -9.25
CA GLY H 86 53.38 62.84 -9.64
C GLY H 86 54.49 62.19 -10.44
N HIS H 87 54.53 60.86 -10.52
CA HIS H 87 55.56 60.16 -11.26
C HIS H 87 55.23 60.22 -12.74
N LYS H 88 56.07 60.90 -13.52
CA LYS H 88 55.84 61.05 -14.95
C LYS H 88 56.22 59.76 -15.66
N ILE H 89 55.30 59.24 -16.46
CA ILE H 89 55.49 57.99 -17.19
C ILE H 89 55.95 58.25 -18.62
N GLY H 90 55.22 59.09 -19.35
CA GLY H 90 55.55 59.33 -20.75
C GLY H 90 55.11 60.70 -21.21
N ILE H 91 55.77 61.16 -22.27
CA ILE H 91 55.46 62.42 -22.93
C ILE H 91 54.54 62.12 -24.11
N GLN H 92 53.57 63.02 -24.35
CA GLN H 92 52.61 62.86 -25.43
C GLN H 92 53.32 62.79 -26.79
N GLY H 93 52.90 61.83 -27.61
CA GLY H 93 53.48 61.67 -28.93
C GLY H 93 54.79 60.92 -28.97
N ASP H 94 55.08 60.08 -27.98
CA ASP H 94 56.34 59.35 -27.90
C ASP H 94 56.08 57.85 -27.93
N LYS H 95 57.16 57.08 -27.82
CA LYS H 95 57.10 55.64 -27.67
C LYS H 95 57.37 55.28 -26.21
N ILE H 96 56.58 54.37 -25.65
CA ILE H 96 56.51 54.15 -24.21
C ILE H 96 57.18 52.84 -23.79
N GLY H 97 56.67 51.70 -24.28
CA GLY H 97 57.17 50.41 -23.86
C GLY H 97 56.65 49.97 -22.50
N PRO H 98 56.58 48.65 -22.28
CA PRO H 98 56.00 48.15 -21.03
C PRO H 98 56.91 48.25 -19.83
N PHE H 99 58.19 48.57 -20.00
CA PHE H 99 59.13 48.61 -18.89
C PHE H 99 59.72 50.00 -18.70
N ASN H 100 58.92 51.04 -18.95
CA ASN H 100 59.37 52.41 -18.71
C ASN H 100 58.85 52.98 -17.39
N LEU H 101 57.78 52.40 -16.83
CA LEU H 101 57.33 52.83 -15.51
C LEU H 101 58.28 52.40 -14.42
N VAL H 102 59.02 51.31 -14.65
CA VAL H 102 59.97 50.76 -13.68
C VAL H 102 61.34 50.70 -14.35
N ARG H 103 62.36 51.23 -13.66
CA ARG H 103 63.73 51.09 -14.14
C ARG H 103 64.21 49.66 -13.95
N VAL H 104 65.23 49.28 -14.73
CA VAL H 104 65.62 47.88 -14.83
C VAL H 104 66.27 47.39 -13.54
N GLU H 105 67.20 48.17 -12.98
CA GLU H 105 67.89 47.87 -11.71
C GLU H 105 68.58 46.51 -11.77
N ASP H 106 69.65 46.46 -12.57
CA ASP H 106 70.40 45.23 -12.82
C ASP H 106 70.82 44.53 -11.52
N ILE H 107 70.50 43.25 -11.43
CA ILE H 107 70.56 42.45 -10.20
C ILE H 107 72.01 42.21 -9.79
N PRO H 108 72.30 42.05 -8.50
CA PRO H 108 73.62 41.55 -8.09
C PRO H 108 73.83 40.08 -8.46
N ASP H 109 74.98 39.53 -8.10
CA ASP H 109 75.35 38.20 -8.56
C ASP H 109 74.51 37.11 -7.91
N GLY H 110 73.41 36.76 -8.55
CA GLY H 110 72.54 35.69 -8.12
C GLY H 110 72.11 34.86 -9.31
N LEU H 111 73.03 34.70 -10.26
CA LEU H 111 72.72 34.15 -11.57
C LEU H 111 72.30 32.67 -11.45
N PRO H 112 71.28 32.25 -12.17
CA PRO H 112 70.76 30.89 -11.98
C PRO H 112 71.67 29.84 -12.61
N ASP H 113 71.50 28.61 -12.14
CA ASP H 113 72.25 27.47 -12.67
C ASP H 113 71.50 26.92 -13.87
N GLY H 114 71.98 27.25 -15.06
CA GLY H 114 71.35 26.77 -16.27
C GLY H 114 71.67 25.33 -16.58
N LYS H 115 70.94 24.77 -17.54
CA LYS H 115 71.12 23.40 -17.99
C LYS H 115 71.50 23.40 -19.47
N LEU H 116 71.48 22.23 -20.09
CA LEU H 116 71.86 22.10 -21.49
C LEU H 116 70.84 22.79 -22.40
N ASN H 117 71.23 22.94 -23.66
CA ASN H 117 70.39 23.62 -24.65
C ASN H 117 69.72 22.57 -25.52
N ALA H 118 68.40 22.73 -25.69
CA ALA H 118 67.62 21.84 -26.54
C ALA H 118 67.73 22.30 -28.00
N GLU H 119 66.87 21.77 -28.86
CA GLU H 119 66.84 22.21 -30.25
C GLU H 119 66.39 23.66 -30.32
N VAL H 120 67.08 24.43 -31.17
CA VAL H 120 66.86 25.88 -31.21
C VAL H 120 65.53 26.17 -31.92
N SER H 121 64.63 26.84 -31.20
CA SER H 121 63.30 27.15 -31.71
C SER H 121 63.24 28.55 -32.32
N ALA H 122 63.50 29.58 -31.50
CA ALA H 122 63.46 31.00 -31.87
C ALA H 122 62.12 31.43 -32.45
N GLU H 123 61.05 30.67 -32.18
CA GLU H 123 59.74 30.92 -32.78
C GLU H 123 58.60 30.79 -31.78
N ASP H 124 58.82 30.16 -30.62
CA ASP H 124 57.83 29.83 -29.59
C ASP H 124 57.33 31.04 -28.80
N ASP H 125 57.68 32.28 -29.18
CA ASP H 125 57.22 33.46 -28.48
C ASP H 125 55.72 33.70 -28.65
N ALA H 126 55.09 33.01 -29.61
CA ALA H 126 53.65 33.16 -29.80
C ALA H 126 52.84 32.47 -28.70
N TRP H 127 53.45 31.57 -27.93
CA TRP H 127 52.69 30.89 -26.88
C TRP H 127 53.41 30.87 -25.54
N LEU H 128 54.74 30.89 -25.53
CA LEU H 128 55.48 30.63 -24.30
C LEU H 128 55.32 31.71 -23.22
N PRO H 129 55.42 33.02 -23.51
CA PRO H 129 55.08 34.00 -22.44
C PRO H 129 53.61 33.97 -22.04
N LEU H 130 52.71 33.74 -23.01
CA LEU H 130 51.29 33.59 -22.69
C LEU H 130 51.07 32.36 -21.81
N PHE H 131 51.78 31.26 -22.10
CA PHE H 131 51.65 30.05 -21.29
C PHE H 131 52.13 30.29 -19.87
N LEU H 132 53.25 31.00 -19.69
CA LEU H 132 53.73 31.27 -18.33
C LEU H 132 52.79 32.19 -17.56
N LEU H 133 52.31 33.26 -18.22
CA LEU H 133 51.42 34.19 -17.53
C LEU H 133 50.07 33.56 -17.22
N GLY H 134 49.58 32.66 -18.06
CA GLY H 134 48.36 31.95 -17.73
C GLY H 134 48.57 30.87 -16.68
N LEU H 135 49.77 30.28 -16.65
CA LEU H 135 50.10 29.31 -15.62
C LEU H 135 50.18 29.96 -14.25
N TYR H 136 50.51 31.25 -14.20
CA TYR H 136 50.40 32.02 -12.96
C TYR H 136 48.97 32.02 -12.42
N ARG H 137 47.99 32.31 -13.30
CA ARG H 137 46.60 32.31 -12.89
C ARG H 137 46.13 30.91 -12.50
N VAL H 138 46.58 29.88 -13.22
CA VAL H 138 46.23 28.51 -12.88
C VAL H 138 46.78 28.15 -11.50
N GLY H 139 48.01 28.58 -11.20
CA GLY H 139 48.56 28.40 -9.87
C GLY H 139 47.85 29.20 -8.80
N ARG H 140 47.19 30.29 -9.17
CA ARG H 140 46.41 31.05 -8.19
C ARG H 140 45.11 30.35 -7.79
N ALA H 141 44.69 29.32 -8.52
CA ALA H 141 43.46 28.61 -8.20
C ALA H 141 43.68 27.67 -7.02
N SER H 142 42.57 27.26 -6.39
CA SER H 142 42.61 26.48 -5.17
C SER H 142 41.66 25.29 -5.15
N GLU H 143 40.90 25.07 -6.21
CA GLU H 143 39.96 23.96 -6.28
C GLU H 143 40.28 23.08 -7.49
N THR H 144 40.28 21.76 -7.28
CA THR H 144 40.54 20.84 -8.37
C THR H 144 39.44 20.87 -9.41
N ALA H 145 38.19 21.10 -9.00
CA ALA H 145 37.12 21.29 -9.97
C ALA H 145 37.28 22.60 -10.74
N TYR H 146 37.91 23.59 -10.12
CA TYR H 146 38.21 24.87 -10.76
C TYR H 146 39.52 24.83 -11.57
N ARG H 147 40.03 23.64 -11.88
CA ARG H 147 41.17 23.50 -12.79
C ARG H 147 40.74 23.46 -14.25
N THR H 148 39.53 23.91 -14.56
CA THR H 148 39.13 24.14 -15.94
C THR H 148 39.78 25.38 -16.52
N LEU H 149 40.42 26.21 -15.70
CA LEU H 149 41.24 27.29 -16.22
C LEU H 149 42.41 26.75 -17.04
N LEU H 150 42.98 25.61 -16.61
CA LEU H 150 44.01 24.96 -17.42
C LEU H 150 43.45 24.49 -18.75
N MET H 151 42.25 23.92 -18.76
CA MET H 151 41.64 23.47 -20.01
C MET H 151 41.33 24.65 -20.93
N GLU H 152 40.89 25.77 -20.36
CA GLU H 152 40.73 27.00 -21.14
C GLU H 152 42.06 27.48 -21.71
N SER H 153 43.13 27.34 -20.92
CA SER H 153 44.46 27.72 -21.42
C SER H 153 44.88 26.86 -22.59
N LEU H 154 44.69 25.53 -22.49
CA LEU H 154 45.05 24.65 -23.59
C LEU H 154 44.19 24.90 -24.82
N ILE H 155 42.91 25.18 -24.63
CA ILE H 155 42.03 25.55 -25.74
C ILE H 155 42.53 26.83 -26.41
N LYS H 156 43.02 27.78 -25.60
CA LYS H 156 43.52 29.04 -26.13
C LYS H 156 44.81 28.85 -26.92
N GLN H 157 45.74 28.05 -26.40
CA GLN H 157 47.08 27.99 -26.98
C GLN H 157 47.29 26.81 -27.92
N CYS H 158 46.29 25.94 -28.11
CA CYS H 158 46.43 24.87 -29.08
C CYS H 158 46.38 25.38 -30.51
N LYS H 159 45.81 26.56 -30.72
CA LYS H 159 45.77 27.18 -32.04
C LYS H 159 46.76 28.34 -32.13
N ALA H 160 47.93 28.17 -31.51
CA ALA H 160 48.91 29.24 -31.45
C ALA H 160 49.53 29.52 -32.81
N ILE H 161 49.88 28.46 -33.56
CA ILE H 161 50.53 28.69 -34.85
C ILE H 161 49.57 28.34 -35.98
N LYS H 162 49.27 27.05 -36.15
CA LYS H 162 48.18 26.66 -37.04
C LYS H 162 47.14 25.79 -36.34
N SER H 163 47.50 24.57 -35.94
CA SER H 163 46.58 23.68 -35.23
C SER H 163 47.20 22.82 -34.14
N ASP H 164 48.51 22.56 -34.17
CA ASP H 164 49.10 21.46 -33.43
C ASP H 164 49.79 21.96 -32.17
N TRP H 165 49.52 21.28 -31.06
CA TRP H 165 50.12 21.62 -29.78
C TRP H 165 49.96 20.45 -28.81
N VAL H 166 50.96 20.27 -27.95
CA VAL H 166 50.96 19.23 -26.92
C VAL H 166 51.20 19.90 -25.57
N SER H 167 50.40 19.52 -24.58
CA SER H 167 50.45 20.17 -23.28
C SER H 167 51.62 19.63 -22.45
N PRO H 168 52.54 20.48 -22.00
CA PRO H 168 53.64 20.01 -21.15
C PRO H 168 53.37 20.09 -19.66
N VAL H 169 52.26 20.69 -19.25
CA VAL H 169 51.97 20.92 -17.84
C VAL H 169 51.06 19.80 -17.33
N THR H 170 51.46 19.17 -16.22
CA THR H 170 50.62 18.19 -15.57
C THR H 170 49.40 18.87 -14.95
N ALA H 171 48.24 18.23 -15.10
CA ALA H 171 47.00 18.82 -14.62
C ALA H 171 46.90 18.83 -13.10
N THR H 172 47.69 18.01 -12.40
CA THR H 172 47.63 17.92 -10.95
C THR H 172 48.89 18.43 -10.25
N HIS H 173 49.98 18.67 -10.98
CA HIS H 173 51.20 19.14 -10.34
C HIS H 173 51.06 20.59 -9.89
N LYS H 174 51.74 20.93 -8.81
CA LYS H 174 51.68 22.24 -8.19
C LYS H 174 53.07 22.82 -7.98
N TYR H 175 53.89 22.77 -9.03
CA TYR H 175 55.26 23.28 -8.95
C TYR H 175 55.41 24.72 -9.41
N PHE H 176 54.32 25.39 -9.81
CA PHE H 176 54.41 26.74 -10.34
C PHE H 176 53.77 27.80 -9.46
N ASP H 177 52.91 27.41 -8.51
CA ASP H 177 52.28 28.40 -7.64
C ASP H 177 53.24 28.97 -6.61
N VAL H 178 54.44 28.40 -6.49
CA VAL H 178 55.48 28.99 -5.64
C VAL H 178 55.94 30.33 -6.23
N TRP H 179 55.83 30.50 -7.55
CA TRP H 179 56.28 31.72 -8.22
C TRP H 179 55.48 32.94 -7.81
N GLY H 180 54.29 32.77 -7.24
CA GLY H 180 53.52 33.90 -6.75
C GLY H 180 54.15 34.60 -5.57
N ASN H 181 55.03 33.92 -4.84
CA ASN H 181 55.75 34.54 -3.74
C ASN H 181 56.89 35.43 -4.23
N ASP H 182 57.35 35.24 -5.47
CA ASP H 182 58.44 36.05 -6.00
C ASP H 182 57.95 37.45 -6.30
N GLY H 183 58.63 38.45 -5.73
CA GLY H 183 58.21 39.83 -5.92
C GLY H 183 58.40 40.32 -7.35
N ASN H 184 59.51 39.91 -7.98
CA ASN H 184 59.81 40.38 -9.33
C ASN H 184 58.82 39.84 -10.35
N TYR H 185 58.38 38.59 -10.18
CA TYR H 185 57.38 38.02 -11.07
C TYR H 185 56.06 38.78 -10.99
N LEU H 186 55.63 39.11 -9.77
CA LEU H 186 54.44 39.93 -9.59
C LEU H 186 54.62 41.31 -10.18
N LYS H 187 55.83 41.87 -10.06
CA LYS H 187 56.08 43.20 -10.62
C LYS H 187 55.99 43.21 -12.14
N ILE H 188 56.55 42.20 -12.80
CA ILE H 188 56.48 42.17 -14.26
C ILE H 188 55.05 41.87 -14.72
N VAL H 189 54.34 40.97 -14.03
CA VAL H 189 52.98 40.66 -14.48
C VAL H 189 52.06 41.86 -14.26
N ALA H 190 52.29 42.63 -13.21
CA ALA H 190 51.55 43.86 -13.04
C ALA H 190 51.95 44.90 -14.09
N CYS H 191 53.23 44.93 -14.48
CA CYS H 191 53.68 45.87 -15.51
C CYS H 191 53.01 45.58 -16.85
N VAL H 192 52.99 44.31 -17.26
CA VAL H 192 52.40 43.99 -18.56
C VAL H 192 50.89 44.18 -18.53
N ASP H 193 50.23 43.81 -17.41
CA ASP H 193 48.79 44.02 -17.32
C ASP H 193 48.43 45.50 -17.33
N MET H 194 49.18 46.33 -16.59
CA MET H 194 48.90 47.77 -16.58
C MET H 194 49.16 48.39 -17.94
N PHE H 195 50.24 47.98 -18.62
CA PHE H 195 50.57 48.58 -19.90
C PHE H 195 49.59 48.16 -21.00
N TYR H 196 49.19 46.89 -21.00
CA TYR H 196 48.28 46.39 -22.03
C TYR H 196 46.82 46.61 -21.70
N ASN H 197 46.50 47.09 -20.49
CA ASN H 197 45.16 47.61 -20.24
C ASN H 197 44.96 48.98 -20.86
N HIS H 198 46.04 49.76 -20.95
CA HIS H 198 45.95 51.09 -21.55
C HIS H 198 45.76 51.01 -23.07
N PHE H 199 46.40 50.03 -23.70
CA PHE H 199 46.36 49.87 -25.16
C PHE H 199 45.71 48.52 -25.46
N LYS H 200 44.38 48.52 -25.55
CA LYS H 200 43.65 47.31 -25.87
C LYS H 200 43.59 47.04 -27.37
N LYS H 201 44.01 47.99 -28.20
CA LYS H 201 43.99 47.84 -29.65
C LYS H 201 45.24 47.14 -30.17
N SER H 202 46.20 46.81 -29.32
CA SER H 202 47.39 46.12 -29.76
C SER H 202 47.07 44.67 -30.12
N ILE H 203 47.86 44.12 -31.05
CA ILE H 203 47.68 42.73 -31.45
C ILE H 203 48.09 41.79 -30.32
N LYS H 204 49.13 42.16 -29.56
CA LYS H 204 49.68 41.30 -28.52
C LYS H 204 48.92 41.40 -27.21
N ALA H 205 47.81 42.15 -27.16
CA ALA H 205 47.03 42.32 -25.93
C ALA H 205 46.33 41.04 -25.48
N THR H 206 46.43 39.96 -26.25
CA THR H 206 45.95 38.64 -25.87
C THR H 206 46.66 38.10 -24.62
N PHE H 207 47.85 38.61 -24.29
CA PHE H 207 48.60 38.19 -23.12
C PHE H 207 47.91 38.53 -21.81
N ARG H 208 46.88 39.39 -21.83
CA ARG H 208 46.18 39.77 -20.61
C ARG H 208 45.41 38.62 -19.97
N TRP H 209 45.22 37.51 -20.67
CA TRP H 209 44.76 36.29 -20.04
C TRP H 209 45.76 35.86 -18.98
N GLY H 210 45.28 35.63 -17.77
CA GLY H 210 46.13 35.27 -16.66
C GLY H 210 46.57 36.43 -15.80
N THR H 211 46.80 37.58 -16.42
CA THR H 211 47.24 38.77 -15.70
C THR H 211 46.10 39.61 -15.16
N ILE H 212 44.85 39.25 -15.47
CA ILE H 212 43.70 40.04 -15.00
C ILE H 212 43.55 39.92 -13.49
N VAL H 213 43.95 38.79 -12.91
CA VAL H 213 43.84 38.61 -11.46
C VAL H 213 44.82 39.48 -10.68
N SER H 214 45.78 40.10 -11.36
CA SER H 214 46.65 41.07 -10.70
C SER H 214 45.95 42.40 -10.46
N ARG H 215 44.97 42.75 -11.28
CA ARG H 215 44.27 44.02 -11.15
C ARG H 215 43.28 43.96 -10.01
N PHE H 216 43.32 44.98 -9.14
CA PHE H 216 42.44 45.12 -7.97
C PHE H 216 42.51 43.90 -7.06
N LYS H 217 43.70 43.33 -6.93
CA LYS H 217 43.90 42.22 -6.01
C LYS H 217 43.83 42.71 -4.57
N ASP H 218 43.12 41.94 -3.73
CA ASP H 218 42.88 42.27 -2.32
C ASP H 218 42.24 43.65 -2.15
N CYS H 219 41.30 43.96 -3.04
CA CYS H 219 40.56 45.23 -3.01
C CYS H 219 39.09 44.98 -3.30
N ALA H 220 38.53 43.95 -2.66
CA ALA H 220 37.17 43.51 -2.99
C ALA H 220 36.09 44.44 -2.43
N ALA H 221 36.40 45.26 -1.43
CA ALA H 221 35.38 46.12 -0.84
C ALA H 221 34.96 47.24 -1.78
N LEU H 222 35.87 47.74 -2.61
CA LEU H 222 35.51 48.73 -3.62
C LEU H 222 34.56 48.14 -4.65
N ALA H 223 34.80 46.89 -5.06
CA ALA H 223 33.89 46.21 -5.97
C ALA H 223 32.55 45.94 -5.31
N THR H 224 32.55 45.66 -4.00
CA THR H 224 31.30 45.49 -3.26
C THR H 224 30.49 46.78 -3.26
N LEU H 225 31.15 47.92 -3.04
CA LEU H 225 30.45 49.20 -3.07
C LEU H 225 29.91 49.51 -4.46
N GLY H 226 30.70 49.24 -5.50
CA GLY H 226 30.21 49.47 -6.85
C GLY H 226 29.03 48.60 -7.22
N HIS H 227 29.07 47.32 -6.83
CA HIS H 227 27.96 46.42 -7.10
C HIS H 227 26.70 46.85 -6.35
N VAL H 228 26.83 47.27 -5.09
CA VAL H 228 25.63 47.68 -4.36
C VAL H 228 25.12 49.03 -4.85
N VAL H 229 25.97 49.86 -5.45
CA VAL H 229 25.46 51.09 -6.07
C VAL H 229 24.68 50.75 -7.34
N LYS H 230 25.22 49.86 -8.18
CA LYS H 230 24.59 49.60 -9.47
C LYS H 230 23.35 48.74 -9.35
N ILE H 231 23.32 47.81 -8.39
CA ILE H 231 22.23 46.84 -8.31
C ILE H 231 20.96 47.39 -7.70
N THR H 232 21.01 48.56 -7.05
CA THR H 232 19.83 49.11 -6.40
C THR H 232 19.20 50.28 -7.15
N GLY H 233 19.96 50.94 -8.03
CA GLY H 233 19.45 52.12 -8.70
C GLY H 233 19.61 53.40 -7.93
N LEU H 234 20.26 53.37 -6.77
CA LEU H 234 20.48 54.56 -5.98
C LEU H 234 21.78 55.24 -6.39
N THR H 235 21.87 56.53 -6.10
CA THR H 235 23.13 57.24 -6.27
C THR H 235 24.09 56.87 -5.15
N ILE H 236 25.35 57.22 -5.33
CA ILE H 236 26.38 56.87 -4.35
C ILE H 236 26.15 57.59 -3.02
N GLU H 237 25.64 58.83 -3.07
CA GLU H 237 25.34 59.56 -1.84
C GLU H 237 24.21 58.89 -1.07
N GLU H 238 23.21 58.37 -1.78
CA GLU H 238 22.11 57.67 -1.10
C GLU H 238 22.57 56.34 -0.53
N VAL H 239 23.50 55.66 -1.22
CA VAL H 239 24.06 54.42 -0.70
C VAL H 239 24.84 54.69 0.59
N PHE H 240 25.63 55.76 0.60
CA PHE H 240 26.31 56.15 1.84
C PHE H 240 25.32 56.60 2.91
N THR H 241 24.21 57.21 2.50
CA THR H 241 23.20 57.68 3.44
C THR H 241 22.50 56.52 4.14
N TRP H 242 22.23 55.43 3.43
CA TRP H 242 21.46 54.33 3.99
C TRP H 242 22.26 53.39 4.89
N VAL H 243 23.41 53.79 5.39
CA VAL H 243 24.21 52.95 6.29
C VAL H 243 23.86 53.29 7.73
N LEU H 244 23.51 52.27 8.52
CA LEU H 244 22.95 52.46 9.84
C LEU H 244 23.76 51.77 10.94
N GLN H 245 25.05 51.56 10.74
CA GLN H 245 25.92 50.98 11.76
C GLN H 245 27.20 51.77 11.86
N THR H 246 27.72 51.90 13.09
CA THR H 246 28.91 52.71 13.30
C THR H 246 30.19 52.04 12.81
N GLU H 247 30.25 50.71 12.89
CA GLU H 247 31.42 49.99 12.39
C GLU H 247 31.54 50.11 10.88
N VAL H 248 30.42 49.91 10.17
CA VAL H 248 30.39 50.02 8.71
C VAL H 248 30.72 51.45 8.29
N ALA H 249 30.18 52.44 9.00
CA ALA H 249 30.47 53.83 8.68
C ALA H 249 31.94 54.17 8.91
N ASP H 250 32.53 53.64 9.97
CA ASP H 250 33.95 53.88 10.24
C ASP H 250 34.83 53.26 9.16
N GLU H 251 34.48 52.05 8.71
CA GLU H 251 35.25 51.43 7.62
C GLU H 251 35.08 52.19 6.31
N LEU H 252 33.88 52.73 6.05
CA LEU H 252 33.69 53.55 4.85
C LEU H 252 34.52 54.83 4.92
N VAL H 253 34.57 55.46 6.09
CA VAL H 253 35.38 56.67 6.27
C VAL H 253 36.86 56.36 6.06
N LYS H 254 37.33 55.24 6.62
CA LYS H 254 38.72 54.85 6.42
C LYS H 254 39.00 54.45 4.98
N MET H 255 37.98 53.97 4.26
CA MET H 255 38.12 53.60 2.85
C MET H 255 38.05 54.79 1.92
N MET H 256 37.55 55.93 2.38
CA MET H 256 37.41 57.13 1.54
C MET H 256 38.49 58.16 1.83
N LYS H 257 39.73 57.72 2.01
CA LYS H 257 40.85 58.65 2.11
C LYS H 257 41.00 59.41 0.79
N PRO H 258 41.09 60.75 0.83
CA PRO H 258 40.99 61.55 -0.41
C PRO H 258 42.14 61.38 -1.38
N GLY H 259 43.37 61.52 -0.93
CA GLY H 259 44.50 61.56 -1.84
C GLY H 259 45.05 60.22 -2.26
N GLN H 260 44.17 59.34 -2.76
CA GLN H 260 44.58 58.01 -3.20
C GLN H 260 44.24 57.74 -4.65
N GLU H 261 43.79 58.76 -5.39
CA GLU H 261 43.29 58.71 -6.78
C GLU H 261 42.43 57.47 -7.03
N ILE H 262 41.29 57.43 -6.33
CA ILE H 262 40.39 56.29 -6.41
C ILE H 262 39.74 56.20 -7.78
N ASP H 263 39.36 57.35 -8.34
CA ASP H 263 38.52 57.41 -9.52
C ASP H 263 39.27 57.24 -10.84
N LYS H 264 40.60 57.27 -10.82
CA LYS H 264 41.38 57.28 -12.06
C LYS H 264 41.68 55.85 -12.48
N SER H 265 41.20 55.46 -13.66
CA SER H 265 41.40 54.10 -14.15
C SER H 265 42.83 53.87 -14.60
N THR H 266 43.51 54.90 -15.10
CA THR H 266 44.90 54.77 -15.54
C THR H 266 45.79 55.31 -14.42
N SER H 267 45.96 54.50 -13.38
CA SER H 267 46.74 54.88 -12.22
C SER H 267 47.33 53.65 -11.57
N TYR H 268 48.12 53.87 -10.52
CA TYR H 268 48.85 52.80 -9.85
C TYR H 268 48.04 52.07 -8.79
N MET H 269 46.87 52.59 -8.40
CA MET H 269 46.14 52.01 -7.27
C MET H 269 45.68 50.57 -7.47
N PRO H 270 45.03 50.17 -8.58
CA PRO H 270 44.57 48.76 -8.69
C PRO H 270 45.70 47.74 -8.66
N TYR H 271 46.91 48.15 -9.04
CA TYR H 271 48.10 47.32 -8.85
C TYR H 271 48.83 47.73 -7.58
N LEU H 272 48.10 47.66 -6.46
CA LEU H 272 48.67 48.07 -5.18
C LEU H 272 49.64 47.03 -4.65
N ILE H 273 49.31 45.76 -4.77
CA ILE H 273 50.07 44.70 -4.10
C ILE H 273 51.21 44.20 -4.98
N ASP H 274 50.94 43.94 -6.26
CA ASP H 274 51.96 43.33 -7.11
C ASP H 274 53.06 44.31 -7.50
N MET H 275 52.77 45.61 -7.45
CA MET H 275 53.83 46.60 -7.62
C MET H 275 54.69 46.75 -6.38
N GLY H 276 54.30 46.16 -5.25
CA GLY H 276 55.05 46.33 -4.04
C GLY H 276 54.88 47.67 -3.37
N ILE H 277 53.83 48.40 -3.73
CA ILE H 277 53.58 49.70 -3.12
C ILE H 277 53.16 49.55 -1.66
N SER H 278 52.30 48.56 -1.38
CA SER H 278 51.85 48.31 -0.02
C SER H 278 51.78 46.80 0.20
N ALA H 279 51.90 46.40 1.47
CA ALA H 279 51.80 44.99 1.84
C ALA H 279 50.46 44.63 2.46
N LYS H 280 49.84 45.56 3.17
CA LYS H 280 48.51 45.38 3.76
C LYS H 280 47.58 46.40 3.12
N SER H 281 46.76 45.94 2.17
CA SER H 281 45.86 46.85 1.47
C SER H 281 44.71 47.26 2.38
N PRO H 282 44.36 48.54 2.44
CA PRO H 282 43.21 48.96 3.26
C PRO H 282 41.85 48.79 2.59
N TYR H 283 41.76 48.02 1.51
CA TYR H 283 40.51 47.89 0.77
C TYR H 283 40.01 46.45 0.68
N SER H 284 40.53 45.55 1.51
CA SER H 284 40.21 44.13 1.37
C SER H 284 39.03 43.76 2.27
N THR H 285 38.62 42.49 2.18
CA THR H 285 37.55 41.98 3.03
C THR H 285 38.06 41.74 4.45
N ILE H 286 39.32 41.31 4.59
CA ILE H 286 39.89 41.08 5.90
C ILE H 286 40.08 42.40 6.64
N LYS H 287 40.55 43.43 5.94
CA LYS H 287 40.70 44.74 6.55
C LYS H 287 39.34 45.39 6.83
N ASN H 288 38.35 45.11 5.99
CA ASN H 288 37.01 45.69 6.15
C ASN H 288 35.95 44.59 6.13
N PRO H 289 35.84 43.79 7.20
CA PRO H 289 34.69 42.91 7.32
C PRO H 289 33.51 43.68 7.87
N SER H 290 32.30 43.12 7.65
CA SER H 290 30.99 43.66 8.00
C SER H 290 30.60 44.87 7.16
N PHE H 291 31.47 45.39 6.31
CA PHE H 291 31.04 46.14 5.14
C PHE H 291 30.99 45.25 3.91
N HIS H 292 31.65 44.10 3.94
CA HIS H 292 31.45 43.08 2.94
C HIS H 292 30.24 42.20 3.23
N PHE H 293 29.69 42.27 4.44
CA PHE H 293 28.43 41.59 4.73
C PHE H 293 27.24 42.48 4.38
N TRP H 294 27.30 43.74 4.81
CA TRP H 294 26.45 44.77 4.24
C TRP H 294 26.78 44.92 2.76
N GLY H 295 25.82 45.39 1.98
CA GLY H 295 26.09 45.53 0.57
C GLY H 295 25.90 44.24 -0.18
N GLN H 296 26.66 43.20 0.16
CA GLN H 296 26.43 41.89 -0.43
C GLN H 296 25.11 41.30 0.03
N LEU H 297 24.76 41.43 1.31
CA LEU H 297 23.46 40.98 1.78
C LEU H 297 22.33 41.79 1.17
N VAL H 298 22.56 43.09 0.98
CA VAL H 298 21.55 43.95 0.36
C VAL H 298 21.33 43.54 -1.09
N ALA H 299 22.43 43.29 -1.82
CA ALA H 299 22.32 42.91 -3.22
C ALA H 299 21.70 41.53 -3.38
N ALA H 300 21.98 40.62 -2.44
CA ALA H 300 21.34 39.30 -2.48
C ALA H 300 19.86 39.40 -2.18
N LEU H 301 19.47 40.31 -1.28
CA LEU H 301 18.05 40.52 -1.03
C LEU H 301 17.39 41.39 -2.10
N CYS H 302 18.17 42.01 -2.98
CA CYS H 302 17.66 42.67 -4.17
C CYS H 302 17.73 41.78 -5.40
N ARG H 303 17.85 40.47 -5.19
CA ARG H 303 17.79 39.44 -6.23
C ARG H 303 18.90 39.61 -7.26
N SER H 304 20.14 39.51 -6.78
CA SER H 304 21.34 39.46 -7.62
C SER H 304 22.05 38.14 -7.36
N LYS H 305 22.44 37.45 -8.43
CA LYS H 305 23.01 36.12 -8.30
C LYS H 305 24.49 36.13 -7.97
N ARG H 306 25.18 37.26 -8.14
CA ARG H 306 26.59 37.34 -7.76
C ARG H 306 26.74 37.33 -6.24
N ALA H 307 25.89 38.07 -5.54
CA ALA H 307 26.01 38.24 -4.10
C ALA H 307 25.56 37.01 -3.31
N LEU H 308 24.95 36.03 -3.96
CA LEU H 308 24.57 34.81 -3.26
C LEU H 308 25.76 33.90 -2.97
N ASN H 309 26.92 34.16 -3.57
CA ASN H 309 28.11 33.35 -3.37
C ASN H 309 29.17 34.06 -2.52
N ALA H 310 28.92 35.29 -2.10
CA ALA H 310 29.89 36.00 -1.27
C ALA H 310 29.99 35.36 0.10
N ARG H 311 31.22 35.24 0.60
CA ARG H 311 31.47 34.59 1.88
C ARG H 311 31.05 35.49 3.03
N GLN H 312 30.35 34.91 4.00
CA GLN H 312 29.99 35.63 5.20
C GLN H 312 31.18 35.65 6.16
N PRO H 313 31.72 36.82 6.49
CA PRO H 313 32.85 36.86 7.43
C PRO H 313 32.42 36.47 8.83
N ASP H 314 33.33 35.86 9.55
CA ASP H 314 33.10 35.48 10.93
C ASP H 314 33.54 36.59 11.87
N GLU H 315 33.05 36.51 13.12
CA GLU H 315 33.37 37.44 14.20
C GLU H 315 32.95 38.87 13.82
N ILE H 316 31.67 39.00 13.42
CA ILE H 316 31.03 40.29 13.18
C ILE H 316 29.63 40.23 13.78
N ASP H 317 29.05 41.42 13.99
CA ASP H 317 27.70 41.55 14.54
C ASP H 317 26.69 41.32 13.43
N SER H 318 26.30 40.06 13.23
CA SER H 318 25.53 39.70 12.04
C SER H 318 24.05 40.08 12.14
N MET H 319 23.47 40.06 13.34
CA MET H 319 22.01 40.18 13.45
C MET H 319 21.54 41.60 13.17
N SER H 320 22.22 42.61 13.72
CA SER H 320 21.84 44.00 13.47
C SER H 320 22.08 44.38 12.00
N ILE H 321 23.16 43.87 11.42
CA ILE H 321 23.44 44.12 10.00
C ILE H 321 22.38 43.48 9.13
N SER H 322 21.93 42.27 9.50
CA SER H 322 20.86 41.62 8.75
C SER H 322 19.55 42.39 8.88
N ASN H 323 19.27 42.94 10.06
CA ASN H 323 18.08 43.77 10.25
C ASN H 323 18.12 45.01 9.36
N ALA H 324 19.28 45.68 9.32
CA ALA H 324 19.43 46.87 8.49
C ALA H 324 19.32 46.53 7.01
N SER H 325 19.90 45.40 6.60
CA SER H 325 19.84 44.98 5.20
C SER H 325 18.41 44.64 4.78
N LEU H 326 17.66 43.96 5.65
CA LEU H 326 16.27 43.66 5.34
C LEU H 326 15.43 44.93 5.28
N LEU H 327 15.69 45.88 6.17
CA LEU H 327 14.95 47.15 6.14
C LEU H 327 15.22 47.90 4.84
N MET H 328 16.49 48.01 4.45
CA MET H 328 16.82 48.74 3.23
C MET H 328 16.30 48.03 1.99
N ALA H 329 16.37 46.70 1.93
CA ALA H 329 15.85 45.97 0.79
C ALA H 329 14.34 46.09 0.67
N TYR H 330 13.62 46.01 1.80
CA TYR H 330 12.18 46.17 1.76
C TYR H 330 11.78 47.59 1.39
N ALA H 331 12.52 48.59 1.87
CA ALA H 331 12.25 49.97 1.51
C ALA H 331 12.48 50.21 0.02
N LEU H 332 13.53 49.61 -0.53
CA LEU H 332 13.79 49.74 -1.97
C LEU H 332 12.70 49.04 -2.78
N GLY H 333 12.26 47.86 -2.34
CA GLY H 333 11.25 47.13 -3.08
C GLY H 333 9.85 47.64 -2.98
N SER H 334 9.53 48.34 -1.88
CA SER H 334 8.17 48.82 -1.70
C SER H 334 7.88 50.03 -2.58
N SER H 335 8.88 50.90 -2.79
CA SER H 335 8.71 52.14 -3.53
C SER H 335 9.67 52.16 -4.70
N PRO H 336 9.24 51.71 -5.89
CA PRO H 336 10.14 51.70 -7.04
C PRO H 336 10.22 53.04 -7.76
N ASP H 337 10.92 53.07 -8.89
CA ASP H 337 11.16 54.29 -9.67
C ASP H 337 10.29 54.23 -10.92
N ILE H 338 9.08 54.77 -10.82
CA ILE H 338 8.15 54.73 -11.95
C ILE H 338 7.90 56.15 -12.45
N GLU H 339 8.92 57.00 -12.37
CA GLU H 339 8.75 58.37 -12.81
C GLU H 339 8.65 58.44 -14.32
N GLN H 340 7.63 59.12 -14.84
CA GLN H 340 7.46 59.21 -16.28
C GLN H 340 8.61 60.01 -16.90
N GLN H 341 9.17 59.49 -17.99
CA GLN H 341 10.35 60.07 -18.61
C GLN H 341 10.07 60.75 -19.94
N PHE H 342 9.43 60.06 -20.89
CA PHE H 342 9.12 60.62 -22.19
C PHE H 342 7.66 61.04 -22.24
N SER H 343 7.38 62.08 -23.03
CA SER H 343 6.03 62.60 -23.16
C SER H 343 5.80 63.08 -24.58
N THR H 344 4.53 63.06 -24.99
CA THR H 344 4.11 63.59 -26.27
C THR H 344 3.23 64.82 -26.13
N GLY H 345 2.14 64.71 -25.37
CA GLY H 345 1.27 65.84 -25.13
C GLY H 345 0.65 65.84 -23.74
N ASN H 346 1.24 65.09 -22.81
CA ASN H 346 0.67 64.95 -21.48
C ASN H 346 1.78 64.97 -20.44
N THR H 347 1.38 65.25 -19.20
CA THR H 347 2.30 65.42 -18.09
C THR H 347 2.30 64.18 -17.21
N TYR H 348 2.93 64.29 -16.04
CA TYR H 348 3.19 63.16 -15.16
C TYR H 348 1.92 62.81 -14.36
N ARG H 349 2.09 61.98 -13.33
CA ARG H 349 0.98 61.47 -12.54
C ARG H 349 0.32 62.53 -11.64
N LYS H 350 0.92 63.73 -11.53
CA LYS H 350 0.54 64.91 -10.75
C LYS H 350 0.02 64.57 -9.35
N PRO H 351 0.88 64.17 -8.43
CA PRO H 351 0.42 63.81 -7.07
C PRO H 351 -0.01 65.04 -6.30
N PRO H 352 -1.27 65.10 -5.83
CA PRO H 352 -1.79 66.27 -5.14
C PRO H 352 -1.54 66.28 -3.63
N LYS H 353 -0.30 65.97 -3.23
CA LYS H 353 0.20 66.11 -1.86
C LYS H 353 -0.64 65.30 -0.87
N GLU H 354 -0.58 63.97 -1.04
CA GLU H 354 -1.29 63.05 -0.15
C GLU H 354 -0.75 63.14 1.27
N ALA H 355 0.51 62.74 1.46
CA ALA H 355 1.28 62.83 2.70
C ALA H 355 0.65 62.07 3.87
N SER H 356 -0.32 61.19 3.63
CA SER H 356 -0.99 60.45 4.70
C SER H 356 -1.66 59.23 4.11
N TYR H 357 -1.23 58.04 4.51
CA TYR H 357 -1.83 56.79 4.04
C TYR H 357 -1.61 55.74 5.12
N LEU H 358 -2.69 55.39 5.83
CA LEU H 358 -2.61 54.55 7.00
C LEU H 358 -2.84 53.07 6.71
N VAL H 359 -2.65 52.63 5.46
CA VAL H 359 -2.75 51.21 5.16
C VAL H 359 -1.60 50.45 5.80
N SER H 360 -0.37 50.95 5.68
CA SER H 360 0.76 50.43 6.43
C SER H 360 1.69 51.55 6.87
N GLU H 361 1.28 52.82 6.75
CA GLU H 361 2.07 54.02 7.08
C GLU H 361 3.37 54.11 6.28
N GLU H 362 3.46 53.42 5.14
CA GLU H 362 4.68 53.38 4.36
C GLU H 362 4.85 54.67 3.55
N PRO H 363 6.05 55.24 3.52
CA PRO H 363 6.29 56.40 2.67
C PRO H 363 6.33 56.02 1.20
N LYS H 364 6.34 57.02 0.32
CA LYS H 364 6.28 56.74 -1.11
C LYS H 364 7.59 57.04 -1.84
N ASN H 365 8.69 57.13 -1.10
CA ASN H 365 9.99 57.40 -1.69
C ASN H 365 11.01 56.49 -1.04
N ARG H 366 12.30 56.76 -1.29
CA ARG H 366 13.39 55.97 -0.74
C ARG H 366 14.25 56.79 0.23
N SER H 367 13.65 57.77 0.90
CA SER H 367 14.37 58.57 1.88
C SER H 367 14.49 57.79 3.18
N VAL H 368 15.65 57.89 3.82
CA VAL H 368 15.94 57.00 4.95
C VAL H 368 15.26 57.49 6.22
N VAL H 369 14.98 58.80 6.34
CA VAL H 369 14.45 59.34 7.58
C VAL H 369 12.99 58.91 7.78
N GLU H 370 12.18 58.96 6.72
CA GLU H 370 10.80 58.51 6.83
C GLU H 370 10.73 57.01 7.08
N TRP H 371 11.62 56.24 6.45
CA TRP H 371 11.62 54.79 6.64
C TRP H 371 12.09 54.40 8.03
N ILE H 372 13.08 55.12 8.59
CA ILE H 372 13.53 54.79 9.94
C ILE H 372 12.48 55.23 10.96
N ALA H 373 11.73 56.29 10.69
CA ALA H 373 10.60 56.65 11.54
C ALA H 373 9.53 55.56 11.51
N TRP H 374 9.21 55.07 10.31
CA TRP H 374 8.22 54.00 10.17
C TRP H 374 8.69 52.70 10.82
N TYR H 375 10.00 52.42 10.78
CA TYR H 375 10.53 51.20 11.39
C TYR H 375 10.53 51.31 12.91
N SER H 376 10.92 52.47 13.45
CA SER H 376 10.87 52.68 14.89
C SER H 376 9.45 52.73 15.42
N ASP H 377 8.47 53.05 14.58
CA ASP H 377 7.08 53.00 15.00
C ASP H 377 6.63 51.57 15.29
N VAL H 378 7.28 50.56 14.69
CA VAL H 378 6.86 49.18 14.85
C VAL H 378 7.95 48.48 15.69
N ASP H 379 8.56 49.25 16.58
CA ASP H 379 9.45 48.72 17.64
C ASP H 379 10.68 48.01 17.08
N ASN H 380 11.13 48.43 15.90
CA ASN H 380 12.36 47.93 15.25
C ASN H 380 12.35 46.41 15.08
N LYS H 381 11.20 45.87 14.70
CA LYS H 381 11.08 44.44 14.43
C LYS H 381 10.62 44.23 13.00
N PRO H 382 11.03 43.12 12.37
CA PRO H 382 10.57 42.84 11.00
C PRO H 382 9.09 42.54 10.95
N THR H 383 8.36 43.34 10.18
CA THR H 383 6.92 43.21 9.99
C THR H 383 6.65 41.91 9.21
N ASP H 384 5.41 41.41 9.33
CA ASP H 384 5.04 40.17 8.66
C ASP H 384 5.20 40.25 7.14
N ASP H 385 4.97 41.43 6.57
CA ASP H 385 5.21 41.60 5.14
C ASP H 385 6.70 41.51 4.81
N MET H 386 7.56 42.05 5.71
CA MET H 386 9.00 41.94 5.53
C MET H 386 9.47 40.50 5.57
N LEU H 387 8.94 39.72 6.51
CA LEU H 387 9.31 38.32 6.61
C LEU H 387 8.77 37.51 5.43
N MET H 388 7.58 37.88 4.94
CA MET H 388 7.04 37.22 3.75
C MET H 388 7.91 37.50 2.52
N MET H 389 8.35 38.75 2.36
CA MET H 389 9.23 39.10 1.24
C MET H 389 10.58 38.39 1.36
N ALA H 390 11.12 38.30 2.58
CA ALA H 390 12.38 37.60 2.79
C ALA H 390 12.25 36.11 2.51
N LYS H 391 11.12 35.50 2.89
CA LYS H 391 10.89 34.09 2.60
C LYS H 391 10.74 33.87 1.10
N ARG H 392 10.06 34.79 0.41
CA ARG H 392 9.91 34.68 -1.04
C ARG H 392 11.25 34.78 -1.75
N VAL H 393 12.12 35.68 -1.28
CA VAL H 393 13.47 35.80 -1.85
C VAL H 393 14.28 34.55 -1.55
N ALA H 394 14.20 34.03 -0.32
CA ALA H 394 14.98 32.88 0.08
C ALA H 394 14.50 31.59 -0.57
N GLY H 395 13.28 31.56 -1.09
CA GLY H 395 12.82 30.38 -1.82
C GLY H 395 13.42 30.21 -3.19
N THR H 396 14.12 31.21 -3.71
CA THR H 396 14.70 31.15 -5.04
C THR H 396 16.17 30.74 -5.02
N ILE H 397 16.68 30.30 -3.88
CA ILE H 397 18.06 29.82 -3.76
C ILE H 397 18.04 28.30 -3.84
N SER H 398 18.68 27.75 -4.87
CA SER H 398 18.61 26.31 -5.10
C SER H 398 19.58 25.56 -4.19
N GLY H 399 20.88 25.78 -4.39
CA GLY H 399 21.87 25.17 -3.54
C GLY H 399 22.91 26.18 -3.08
N PRO H 400 22.97 26.43 -1.77
CA PRO H 400 23.96 27.35 -1.24
C PRO H 400 25.25 26.65 -0.81
N ARG H 401 26.30 27.46 -0.69
CA ARG H 401 27.59 26.95 -0.25
C ARG H 401 27.63 26.91 1.27
N ASP H 402 28.81 26.68 1.84
CA ASP H 402 28.90 26.43 3.28
C ASP H 402 28.82 27.72 4.09
N ASN H 403 29.62 28.71 3.74
CA ASN H 403 29.69 29.96 4.48
C ASN H 403 29.35 31.14 3.59
N SER H 404 28.31 30.99 2.78
CA SER H 404 27.93 32.01 1.81
C SER H 404 26.81 32.89 2.37
N VAL H 405 26.54 33.97 1.64
CA VAL H 405 25.42 34.85 1.98
C VAL H 405 24.09 34.14 1.72
N GLY H 406 24.02 33.33 0.66
CA GLY H 406 22.80 32.61 0.35
C GLY H 406 22.44 31.58 1.40
N LYS H 407 23.45 30.93 2.00
CA LYS H 407 23.19 30.02 3.10
C LYS H 407 22.63 30.75 4.31
N TRP H 408 23.17 31.95 4.59
CA TRP H 408 22.65 32.77 5.68
C TRP H 408 21.21 33.18 5.42
N ILE H 409 20.89 33.55 4.18
CA ILE H 409 19.53 33.96 3.85
C ILE H 409 18.56 32.79 3.96
N LYS H 410 18.95 31.61 3.45
CA LYS H 410 18.08 30.45 3.51
C LYS H 410 17.87 29.98 4.94
N GLN H 411 18.92 30.02 5.77
CA GLN H 411 18.78 29.57 7.16
C GLN H 411 17.98 30.56 7.99
N THR H 412 18.28 31.85 7.87
CA THR H 412 17.71 32.84 8.79
C THR H 412 16.24 33.13 8.48
N TYR H 413 15.92 33.34 7.20
CA TYR H 413 14.60 33.79 6.79
C TYR H 413 13.81 32.69 6.08
N GLY H 414 13.93 31.46 6.56
CA GLY H 414 13.18 30.35 6.00
C GLY H 414 13.73 29.84 4.70
N ARG I 1 28.47 61.77 2.67
CA ARG I 1 28.73 63.19 2.88
C ARG I 1 29.12 63.50 4.32
N ILE I 2 28.21 64.16 5.04
CA ILE I 2 28.53 64.66 6.38
C ILE I 2 28.18 63.59 7.41
N LYS I 3 29.15 63.24 8.25
CA LYS I 3 28.98 62.26 9.31
C LYS I 3 28.45 62.97 10.55
N THR I 4 28.54 62.32 11.73
CA THR I 4 27.92 62.85 12.93
C THR I 4 28.54 64.18 13.38
N ASN I 5 29.87 64.30 13.35
CA ASN I 5 30.50 65.49 13.92
C ASN I 5 30.59 66.62 12.90
N ALA I 6 31.53 66.51 11.97
CA ALA I 6 31.62 67.48 10.89
C ALA I 6 32.20 66.94 9.59
N ALA I 7 32.55 65.66 9.52
CA ALA I 7 33.46 65.17 8.48
C ALA I 7 32.72 64.97 7.17
N VAL I 8 33.26 65.53 6.09
CA VAL I 8 32.74 65.30 4.75
C VAL I 8 33.49 64.13 4.13
N ALA I 9 32.78 63.34 3.33
CA ALA I 9 33.36 62.17 2.69
C ALA I 9 33.36 62.36 1.17
N ALA I 10 34.46 61.97 0.53
CA ALA I 10 34.58 61.97 -0.92
C ALA I 10 34.05 60.65 -1.43
N VAL I 11 32.82 60.65 -1.93
CA VAL I 11 32.12 59.43 -2.31
C VAL I 11 32.24 59.24 -3.82
N LEU I 12 32.97 58.19 -4.22
CA LEU I 12 33.30 58.02 -5.64
C LEU I 12 33.71 56.60 -5.99
N PRO I 13 33.04 55.97 -6.96
CA PRO I 13 33.59 54.77 -7.61
C PRO I 13 34.44 55.08 -8.84
N ALA I 14 34.90 54.03 -9.52
CA ALA I 14 35.72 54.18 -10.73
C ALA I 14 34.83 54.51 -11.94
N ASN I 15 35.49 54.89 -13.03
CA ASN I 15 34.81 55.38 -14.22
C ASN I 15 34.58 54.26 -15.24
N GLU I 16 34.20 54.64 -16.46
CA GLU I 16 33.86 53.69 -17.52
C GLU I 16 34.37 54.23 -18.86
N ASP I 17 34.09 53.49 -19.94
CA ASP I 17 34.50 53.84 -21.29
C ASP I 17 33.28 54.26 -22.11
N GLN I 18 33.52 54.50 -23.41
CA GLN I 18 32.46 54.98 -24.29
C GLN I 18 32.42 54.20 -25.61
N ALA I 19 31.60 54.66 -26.56
CA ALA I 19 31.44 54.02 -27.86
C ALA I 19 31.45 55.08 -28.95
N ASP I 20 31.77 54.64 -30.17
CA ASP I 20 31.95 55.52 -31.30
C ASP I 20 30.89 55.27 -32.37
N TYR I 21 30.21 56.33 -32.77
CA TYR I 21 29.17 56.27 -33.80
C TYR I 21 29.79 56.20 -35.19
N PRO I 22 29.05 55.69 -36.18
CA PRO I 22 29.57 55.69 -37.55
C PRO I 22 29.77 57.07 -38.16
N SER I 23 29.12 58.10 -37.64
CA SER I 23 29.23 59.43 -38.23
C SER I 23 30.58 60.08 -37.96
N THR I 24 31.29 59.66 -36.91
CA THR I 24 32.65 60.13 -36.71
C THR I 24 33.56 59.67 -37.83
N PHE I 25 33.39 58.42 -38.26
CA PHE I 25 33.97 57.95 -39.51
C PHE I 25 33.30 58.68 -40.67
N PHE I 26 34.05 58.81 -41.78
CA PHE I 26 33.67 59.53 -42.99
C PHE I 26 33.45 61.03 -42.76
N GLU I 27 33.92 61.56 -41.62
CA GLU I 27 33.87 63.00 -41.42
C GLU I 27 34.98 63.69 -42.22
N GLY I 28 36.13 63.05 -42.32
CA GLY I 28 37.22 63.55 -43.14
C GLY I 28 37.31 62.84 -44.47
N GLY I 29 36.24 62.16 -44.86
CA GLY I 29 36.24 61.41 -46.11
C GLY I 29 37.16 60.21 -46.13
N ASN I 30 37.17 59.41 -45.07
CA ASN I 30 38.02 58.23 -45.01
C ASN I 30 37.46 57.13 -45.91
N GLU I 31 38.30 56.13 -46.15
CA GLU I 31 37.95 54.96 -46.97
C GLU I 31 38.01 53.71 -46.09
N ILE I 32 37.84 52.55 -46.72
CA ILE I 32 37.73 51.28 -45.99
C ILE I 32 39.06 50.57 -45.89
N ARG I 33 39.86 50.58 -46.96
CA ARG I 33 41.24 50.06 -46.99
C ARG I 33 41.29 48.57 -46.64
N LEU I 34 40.76 47.76 -47.57
CA LEU I 34 40.67 46.32 -47.34
C LEU I 34 42.05 45.67 -47.16
N TYR I 35 43.06 46.18 -47.86
CA TYR I 35 44.42 45.62 -47.90
C TYR I 35 44.40 44.17 -48.45
N VAL I 36 44.06 44.10 -49.72
CA VAL I 36 43.88 42.82 -50.42
C VAL I 36 45.24 42.23 -50.77
N ASN I 37 45.43 40.95 -50.45
CA ASN I 37 46.53 40.18 -51.01
C ASN I 37 46.11 39.65 -52.38
N ARG I 38 46.88 39.97 -53.41
CA ARG I 38 46.54 39.58 -54.77
C ARG I 38 47.83 39.45 -55.58
N GLY I 39 47.68 39.31 -56.90
CA GLY I 39 48.81 39.22 -57.79
C GLY I 39 49.24 37.80 -58.12
N GLU I 40 48.29 36.95 -58.48
CA GLU I 40 48.59 35.56 -58.75
C GLU I 40 47.49 34.98 -59.65
N LYS I 41 47.80 33.82 -60.24
CA LYS I 41 46.82 33.10 -61.05
C LYS I 41 45.73 32.51 -60.17
N LEU I 42 44.49 32.59 -60.65
CA LEU I 42 43.34 32.11 -59.89
C LEU I 42 43.36 30.59 -59.73
N ASP I 43 43.83 29.87 -60.74
CA ASP I 43 43.78 28.41 -60.72
C ASP I 43 44.70 27.83 -59.66
N VAL I 44 45.96 28.27 -59.64
CA VAL I 44 46.89 27.77 -58.63
C VAL I 44 46.44 28.18 -57.25
N LEU I 45 45.86 29.39 -57.10
CA LEU I 45 45.35 29.84 -55.82
C LEU I 45 44.23 28.95 -55.31
N ARG I 46 43.34 28.52 -56.22
CA ARG I 46 42.31 27.57 -55.82
C ARG I 46 42.91 26.21 -55.50
N GLN I 47 44.08 25.89 -56.02
CA GLN I 47 44.70 24.63 -55.62
C GLN I 47 45.29 24.78 -54.22
N TYR I 48 45.85 25.95 -53.90
CA TYR I 48 46.34 26.14 -52.53
C TYR I 48 45.19 26.13 -51.54
N VAL I 49 44.03 26.65 -51.94
CA VAL I 49 42.86 26.62 -51.07
C VAL I 49 42.35 25.19 -50.91
N TYR I 50 42.33 24.41 -52.00
CA TYR I 50 41.84 23.04 -51.95
C TYR I 50 42.74 22.16 -51.09
N MET I 51 44.01 22.01 -51.48
CA MET I 51 44.88 21.14 -50.72
C MET I 51 45.28 21.83 -49.42
N GLY I 52 45.31 21.08 -48.34
CA GLY I 52 45.43 21.67 -47.02
C GLY I 52 44.07 21.70 -46.34
N LEU I 53 43.03 22.05 -47.09
CA LEU I 53 41.68 21.94 -46.57
C LEU I 53 41.24 20.49 -46.43
N VAL I 54 41.86 19.58 -47.20
CA VAL I 54 41.62 18.16 -46.99
C VAL I 54 42.21 17.69 -45.66
N GLU I 55 43.36 18.23 -45.27
CA GLU I 55 43.92 17.97 -43.95
C GLU I 55 43.44 19.05 -42.99
N LYS I 56 44.08 19.15 -41.83
CA LYS I 56 43.55 19.94 -40.71
C LYS I 56 44.22 21.30 -40.59
N ASN I 57 44.58 21.96 -41.68
CA ASN I 57 45.22 23.27 -41.60
C ASN I 57 44.98 24.05 -42.89
N CYS I 58 44.42 25.25 -42.76
CA CYS I 58 44.21 26.14 -43.88
C CYS I 58 44.74 27.53 -43.53
N ARG I 59 45.02 28.32 -44.57
CA ARG I 59 45.63 29.63 -44.43
C ARG I 59 44.62 30.72 -44.70
N ILE I 60 44.60 31.75 -43.85
CA ILE I 60 43.70 32.88 -44.03
C ILE I 60 44.09 33.68 -45.27
N GLN I 61 45.40 33.80 -45.54
CA GLN I 61 45.85 34.52 -46.72
C GLN I 61 45.41 33.83 -48.02
N HIS I 62 45.43 32.49 -48.03
CA HIS I 62 45.03 31.75 -49.21
C HIS I 62 43.56 31.99 -49.55
N VAL I 63 42.67 31.87 -48.55
CA VAL I 63 41.25 32.06 -48.81
C VAL I 63 40.94 33.53 -49.07
N ASN I 64 41.72 34.44 -48.49
CA ASN I 64 41.56 35.87 -48.78
C ASN I 64 41.87 36.18 -50.26
N ALA I 65 43.04 35.72 -50.73
CA ALA I 65 43.43 35.96 -52.11
C ALA I 65 42.47 35.27 -53.06
N TYR I 66 42.02 34.06 -52.70
CA TYR I 66 40.98 33.37 -53.47
C TYR I 66 39.72 34.21 -53.57
N LEU I 67 39.19 34.67 -52.44
CA LEU I 67 37.89 35.32 -52.44
C LEU I 67 37.92 36.60 -53.27
N TYR I 68 39.04 37.32 -53.23
CA TYR I 68 39.15 38.45 -54.15
C TYR I 68 39.29 37.98 -55.60
N ALA I 69 40.00 36.87 -55.83
CA ALA I 69 40.21 36.42 -57.21
C ALA I 69 38.93 35.94 -57.87
N VAL I 70 38.03 35.31 -57.09
CA VAL I 70 36.82 34.72 -57.66
C VAL I 70 35.62 35.66 -57.59
N LEU I 71 35.50 36.48 -56.54
CA LEU I 71 34.36 37.36 -56.44
C LEU I 71 34.45 38.57 -57.36
N LYS I 72 35.64 38.89 -57.86
CA LYS I 72 35.79 40.04 -58.76
C LYS I 72 35.18 39.72 -60.12
N GLY I 73 34.60 40.75 -60.75
CA GLY I 73 34.02 40.63 -62.06
C GLY I 73 32.56 40.25 -62.08
N GLU I 74 31.96 39.93 -60.94
CA GLU I 74 30.54 39.55 -60.88
C GLU I 74 29.67 40.80 -60.80
N ARG I 75 29.64 41.53 -61.91
CA ARG I 75 28.86 42.75 -62.00
C ARG I 75 27.37 42.42 -62.15
N GLU I 76 26.54 43.40 -61.82
CA GLU I 76 25.10 43.27 -61.92
C GLU I 76 24.52 44.59 -62.40
N LEU I 77 23.19 44.64 -62.49
CA LEU I 77 22.52 45.87 -62.90
C LEU I 77 22.57 46.92 -61.80
N LEU I 78 22.19 48.15 -62.16
CA LEU I 78 22.11 49.26 -61.20
C LEU I 78 20.98 50.16 -61.66
N GLU I 79 19.78 49.94 -61.10
CA GLU I 79 18.60 50.68 -61.51
C GLU I 79 18.43 52.01 -60.78
N ALA I 80 19.25 52.28 -59.76
CA ALA I 80 19.11 53.50 -58.99
C ALA I 80 20.46 53.88 -58.39
N ASP I 81 20.54 55.14 -57.94
CA ASP I 81 21.75 55.63 -57.29
C ASP I 81 21.89 55.00 -55.91
N TRP I 82 23.13 54.71 -55.53
CA TRP I 82 23.45 54.15 -54.22
C TRP I 82 24.36 55.12 -53.48
N ASP I 83 23.90 55.59 -52.32
CA ASP I 83 24.63 56.57 -51.54
C ASP I 83 24.53 56.23 -50.06
N SER I 84 25.61 56.50 -49.32
CA SER I 84 25.63 56.29 -47.87
C SER I 84 26.75 57.14 -47.30
N PHE I 85 26.40 58.04 -46.36
CA PHE I 85 27.34 58.96 -45.70
C PHE I 85 28.07 59.86 -46.71
N GLY I 86 27.44 60.14 -47.85
CA GLY I 86 28.04 60.94 -48.88
C GLY I 86 28.98 60.20 -49.81
N HIS I 87 29.35 58.97 -49.48
CA HIS I 87 30.26 58.19 -50.31
C HIS I 87 29.47 57.62 -51.48
N LYS I 88 29.81 58.06 -52.69
CA LYS I 88 29.11 57.60 -53.88
C LYS I 88 29.59 56.20 -54.26
N ILE I 89 28.64 55.28 -54.43
CA ILE I 89 28.94 53.89 -54.75
C ILE I 89 28.84 53.63 -56.24
N GLY I 90 27.71 54.00 -56.85
CA GLY I 90 27.51 53.72 -58.26
C GLY I 90 26.58 54.72 -58.91
N ILE I 91 26.72 54.82 -60.23
CA ILE I 91 25.89 55.66 -61.07
C ILE I 91 24.76 54.80 -61.64
N GLN I 92 23.56 55.38 -61.74
CA GLN I 92 22.39 54.68 -62.26
C GLN I 92 22.63 54.19 -63.67
N GLY I 93 22.26 52.93 -63.93
CA GLY I 93 22.41 52.35 -65.25
C GLY I 93 23.80 51.84 -65.57
N ASP I 94 24.60 51.51 -64.57
CA ASP I 94 25.98 51.06 -64.76
C ASP I 94 26.14 49.63 -64.22
N LYS I 95 27.37 49.13 -64.31
CA LYS I 95 27.77 47.87 -63.70
C LYS I 95 28.57 48.16 -62.44
N ILE I 96 28.28 47.44 -61.36
CA ILE I 96 28.73 47.79 -60.02
C ILE I 96 29.83 46.86 -59.51
N GLY I 97 29.54 45.57 -59.37
CA GLY I 97 30.48 44.63 -58.81
C GLY I 97 30.55 44.69 -57.30
N PRO I 98 30.92 43.56 -56.67
CA PRO I 98 30.93 43.51 -55.20
C PRO I 98 32.11 44.20 -54.54
N PHE I 99 33.13 44.61 -55.30
CA PHE I 99 34.32 45.22 -54.72
C PHE I 99 34.53 46.64 -55.22
N ASN I 100 33.43 47.37 -55.45
CA ASN I 100 33.53 48.77 -55.84
C ASN I 100 33.32 49.73 -54.67
N LEU I 101 32.69 49.27 -53.58
CA LEU I 101 32.56 50.11 -52.40
C LEU I 101 33.90 50.29 -51.70
N VAL I 102 34.80 49.31 -51.85
CA VAL I 102 36.11 49.33 -51.22
C VAL I 102 37.17 49.20 -52.31
N ARG I 103 38.16 50.10 -52.28
CA ARG I 103 39.29 49.98 -53.19
C ARG I 103 40.19 48.82 -52.77
N VAL I 104 40.97 48.32 -53.73
CA VAL I 104 41.68 47.06 -53.54
C VAL I 104 42.81 47.22 -52.52
N GLU I 105 43.62 48.28 -52.65
CA GLU I 105 44.72 48.60 -51.73
C GLU I 105 45.71 47.44 -51.62
N ASP I 106 46.44 47.22 -52.72
CA ASP I 106 47.39 46.12 -52.85
C ASP I 106 48.37 46.06 -51.68
N ILE I 107 48.46 44.87 -51.07
CA ILE I 107 49.11 44.64 -49.79
C ILE I 107 50.63 44.79 -49.93
N PRO I 108 51.35 45.20 -48.88
CA PRO I 108 52.82 45.09 -48.88
C PRO I 108 53.30 43.64 -48.83
N ASP I 109 54.62 43.44 -48.80
CA ASP I 109 55.17 42.10 -48.93
C ASP I 109 54.92 41.25 -47.70
N GLY I 110 53.80 40.52 -47.72
CA GLY I 110 53.44 39.58 -46.66
C GLY I 110 52.92 38.31 -47.27
N LEU I 111 53.50 37.93 -48.41
CA LEU I 111 52.96 36.87 -49.24
C LEU I 111 53.04 35.52 -48.51
N PRO I 112 51.99 34.70 -48.59
CA PRO I 112 51.96 33.46 -47.81
C PRO I 112 52.87 32.39 -48.38
N ASP I 113 53.20 31.44 -47.53
CA ASP I 113 54.04 30.29 -47.92
C ASP I 113 53.13 29.22 -48.50
N GLY I 114 53.10 29.12 -49.82
CA GLY I 114 52.28 28.12 -50.48
C GLY I 114 52.89 26.74 -50.41
N LYS I 115 52.07 25.76 -50.79
CA LYS I 115 52.47 24.35 -50.82
C LYS I 115 52.36 23.83 -52.25
N LEU I 116 52.46 22.52 -52.41
CA LEU I 116 52.42 21.91 -53.73
C LEU I 116 51.01 22.03 -54.33
N ASN I 117 50.92 21.74 -55.63
CA ASN I 117 49.66 21.84 -56.36
C ASN I 117 49.06 20.45 -56.53
N ALA I 118 47.78 20.34 -56.21
CA ALA I 118 47.04 19.09 -56.36
C ALA I 118 46.57 18.95 -57.80
N GLU I 119 45.66 18.01 -58.04
CA GLU I 119 45.07 17.86 -59.37
C GLU I 119 44.24 19.09 -59.72
N VAL I 120 44.38 19.55 -60.95
CA VAL I 120 43.77 20.82 -61.35
C VAL I 120 42.27 20.63 -61.53
N SER I 121 41.48 21.38 -60.77
CA SER I 121 40.03 21.28 -60.78
C SER I 121 39.40 22.31 -61.72
N ALA I 122 39.60 23.60 -61.43
CA ALA I 122 39.06 24.74 -62.18
C ALA I 122 37.53 24.71 -62.29
N GLU I 123 36.87 23.98 -61.40
CA GLU I 123 35.42 23.78 -61.48
C GLU I 123 34.73 23.88 -60.13
N ASP I 124 35.46 23.80 -59.01
CA ASP I 124 34.98 23.77 -57.63
C ASP I 124 34.44 25.10 -57.13
N ASP I 125 34.30 26.13 -57.98
CA ASP I 125 33.77 27.42 -57.56
C ASP I 125 32.29 27.35 -57.19
N ALA I 126 31.61 26.26 -57.55
CA ALA I 126 30.20 26.11 -57.20
C ALA I 126 30.00 25.80 -55.72
N TRP I 127 31.05 25.38 -55.01
CA TRP I 127 30.87 25.05 -53.59
C TRP I 127 31.95 25.66 -52.70
N LEU I 128 33.15 25.87 -53.24
CA LEU I 128 34.29 26.23 -52.38
C LEU I 128 34.17 27.61 -51.72
N PRO I 129 33.82 28.70 -52.42
CA PRO I 129 33.57 29.96 -51.66
C PRO I 129 32.37 29.87 -50.73
N LEU I 130 31.31 29.17 -51.14
CA LEU I 130 30.17 28.95 -50.26
C LEU I 130 30.58 28.14 -49.03
N PHE I 131 31.44 27.13 -49.22
CA PHE I 131 31.91 26.34 -48.09
C PHE I 131 32.72 27.18 -47.12
N LEU I 132 33.60 28.05 -47.63
CA LEU I 132 34.39 28.90 -46.73
C LEU I 132 33.52 29.90 -45.98
N LEU I 133 32.58 30.54 -46.68
CA LEU I 133 31.74 31.54 -46.03
C LEU I 133 30.79 30.90 -45.02
N GLY I 134 30.32 29.68 -45.28
CA GLY I 134 29.51 28.99 -44.30
C GLY I 134 30.34 28.45 -43.14
N LEU I 135 31.59 28.09 -43.41
CA LEU I 135 32.49 27.66 -42.34
C LEU I 135 32.80 28.80 -41.39
N TYR I 136 32.76 30.05 -41.88
CA TYR I 136 32.84 31.20 -40.99
C TYR I 136 31.70 31.21 -39.97
N ARG I 137 30.47 30.99 -40.43
CA ARG I 137 29.32 30.95 -39.53
C ARG I 137 29.41 29.77 -38.57
N VAL I 138 29.88 28.62 -39.06
CA VAL I 138 30.05 27.46 -38.20
C VAL I 138 31.09 27.75 -37.10
N GLY I 139 32.17 28.43 -37.46
CA GLY I 139 33.14 28.86 -36.47
C GLY I 139 32.61 29.91 -35.51
N ARG I 140 31.59 30.67 -35.92
CA ARG I 140 30.98 31.62 -34.99
C ARG I 140 30.12 30.96 -33.93
N ALA I 141 29.79 29.67 -34.07
CA ALA I 141 28.98 28.98 -33.08
C ALA I 141 29.80 28.62 -31.86
N SER I 142 29.10 28.34 -30.76
CA SER I 142 29.74 28.11 -29.47
C SER I 142 29.22 26.90 -28.71
N GLU I 143 28.25 26.17 -29.26
CA GLU I 143 27.68 25.01 -28.60
C GLU I 143 27.84 23.79 -29.51
N THR I 144 28.27 22.67 -28.91
CA THR I 144 28.42 21.44 -29.67
C THR I 144 27.08 20.89 -30.15
N ALA I 145 26.02 21.09 -29.38
CA ALA I 145 24.69 20.74 -29.85
C ALA I 145 24.23 21.65 -30.99
N TYR I 146 24.73 22.88 -31.01
CA TYR I 146 24.45 23.84 -32.08
C TYR I 146 25.39 23.67 -33.27
N ARG I 147 26.07 22.53 -33.38
CA ARG I 147 26.87 22.22 -34.57
C ARG I 147 26.04 21.55 -35.65
N THR I 148 24.71 21.66 -35.59
CA THR I 148 23.85 21.27 -36.69
C THR I 148 23.91 22.26 -37.85
N LEU I 149 24.53 23.43 -37.64
CA LEU I 149 24.81 24.33 -38.75
C LEU I 149 25.77 23.69 -39.74
N LEU I 150 26.73 22.90 -39.25
CA LEU I 150 27.60 22.13 -40.13
C LEU I 150 26.80 21.11 -40.93
N MET I 151 25.87 20.41 -40.29
CA MET I 151 25.05 19.43 -40.99
C MET I 151 24.16 20.10 -42.03
N GLU I 152 23.62 21.27 -41.72
CA GLU I 152 22.88 22.06 -42.71
C GLU I 152 23.78 22.46 -43.87
N SER I 153 25.03 22.81 -43.58
CA SER I 153 25.99 23.14 -44.64
C SER I 153 26.24 21.96 -45.55
N LEU I 154 26.47 20.76 -44.98
CA LEU I 154 26.70 19.58 -45.80
C LEU I 154 25.46 19.21 -46.61
N ILE I 155 24.27 19.35 -46.02
CA ILE I 155 23.03 19.13 -46.76
C ILE I 155 22.92 20.10 -47.92
N LYS I 156 23.35 21.35 -47.71
CA LYS I 156 23.29 22.36 -48.76
C LYS I 156 24.27 22.07 -49.90
N GLN I 157 25.50 21.68 -49.57
CA GLN I 157 26.55 21.58 -50.58
C GLN I 157 26.77 20.17 -51.10
N CYS I 158 26.05 19.16 -50.59
CA CYS I 158 26.17 17.83 -51.15
C CYS I 158 25.54 17.73 -52.53
N LYS I 159 24.62 18.64 -52.87
CA LYS I 159 24.00 18.68 -54.18
C LYS I 159 24.54 19.83 -55.01
N ALA I 160 25.85 20.09 -54.88
CA ALA I 160 26.46 21.23 -55.54
C ALA I 160 26.53 21.04 -57.05
N ILE I 161 26.90 19.84 -57.51
CA ILE I 161 27.02 19.63 -58.95
C ILE I 161 25.90 18.73 -59.44
N LYS I 162 25.92 17.45 -59.07
CA LYS I 162 24.76 16.59 -59.29
C LYS I 162 24.29 15.92 -58.00
N SER I 163 25.07 15.02 -57.41
CA SER I 163 24.70 14.36 -56.17
C SER I 163 25.85 14.10 -55.21
N ASP I 164 27.09 14.03 -55.67
CA ASP I 164 28.18 13.41 -54.91
C ASP I 164 29.05 14.46 -54.25
N TRP I 165 29.35 14.24 -52.97
CA TRP I 165 30.20 15.13 -52.20
C TRP I 165 30.67 14.42 -50.94
N VAL I 166 31.91 14.73 -50.53
CA VAL I 166 32.52 14.20 -49.32
C VAL I 166 32.98 15.36 -48.45
N SER I 167 32.66 15.29 -47.16
CA SER I 167 32.94 16.41 -46.26
C SER I 167 34.41 16.40 -45.84
N PRO I 168 35.16 17.48 -46.07
CA PRO I 168 36.54 17.54 -45.62
C PRO I 168 36.74 18.17 -44.25
N VAL I 169 35.70 18.72 -43.65
CA VAL I 169 35.81 19.42 -42.38
C VAL I 169 35.46 18.48 -41.23
N THR I 170 36.35 18.41 -40.24
CA THR I 170 36.06 17.64 -39.05
C THR I 170 34.95 18.33 -38.24
N ALA I 171 34.04 17.53 -37.71
CA ALA I 171 32.89 18.07 -36.98
C ALA I 171 33.28 18.67 -35.64
N THR I 172 34.43 18.30 -35.09
CA THR I 172 34.87 18.79 -33.79
C THR I 172 36.09 19.70 -33.84
N HIS I 173 36.78 19.79 -34.97
CA HIS I 173 37.96 20.65 -35.04
C HIS I 173 37.57 22.12 -35.05
N LYS I 174 38.44 22.94 -34.48
CA LYS I 174 38.21 24.37 -34.33
C LYS I 174 39.38 25.17 -34.88
N TYR I 175 39.81 24.84 -36.10
CA TYR I 175 40.94 25.53 -36.72
C TYR I 175 40.53 26.67 -37.63
N PHE I 176 39.23 26.97 -37.75
CA PHE I 176 38.77 28.00 -38.66
C PHE I 176 38.17 29.22 -37.98
N ASP I 177 37.79 29.12 -36.71
CA ASP I 177 37.22 30.27 -36.00
C ASP I 177 38.25 31.33 -35.67
N VAL I 178 39.55 31.03 -35.86
CA VAL I 178 40.59 32.05 -35.73
C VAL I 178 40.45 33.10 -36.83
N TRP I 179 39.89 32.71 -37.97
CA TRP I 179 39.75 33.63 -39.12
C TRP I 179 38.81 34.79 -38.84
N GLY I 180 37.96 34.68 -37.81
CA GLY I 180 37.10 35.79 -37.44
C GLY I 180 37.84 36.98 -36.88
N ASN I 181 39.06 36.77 -36.38
CA ASN I 181 39.89 37.87 -35.92
C ASN I 181 40.53 38.66 -37.06
N ASP I 182 40.61 38.06 -38.25
CA ASP I 182 41.21 38.74 -39.39
C ASP I 182 40.28 39.83 -39.89
N GLY I 183 40.80 41.06 -39.98
CA GLY I 183 39.98 42.18 -40.41
C GLY I 183 39.57 42.09 -41.87
N ASN I 184 40.49 41.62 -42.72
CA ASN I 184 40.21 41.57 -44.16
C ASN I 184 39.14 40.53 -44.49
N TYR I 185 39.14 39.41 -43.78
CA TYR I 185 38.11 38.40 -43.98
C TYR I 185 36.73 38.93 -43.63
N LEU I 186 36.63 39.65 -42.50
CA LEU I 186 35.37 40.29 -42.13
C LEU I 186 34.97 41.35 -43.15
N LYS I 187 35.95 42.08 -43.69
CA LYS I 187 35.64 43.11 -44.69
C LYS I 187 35.08 42.50 -45.97
N ILE I 188 35.66 41.40 -46.45
CA ILE I 188 35.14 40.79 -47.67
C ILE I 188 33.78 40.13 -47.42
N VAL I 189 33.60 39.49 -46.27
CA VAL I 189 32.32 38.83 -46.01
C VAL I 189 31.21 39.89 -45.84
N ALA I 190 31.54 41.03 -45.25
CA ALA I 190 30.58 42.10 -45.20
C ALA I 190 30.33 42.70 -46.59
N CYS I 191 31.36 42.76 -47.45
CA CYS I 191 31.18 43.27 -48.80
C CYS I 191 30.24 42.39 -49.61
N VAL I 192 30.43 41.06 -49.56
CA VAL I 192 29.59 40.18 -50.35
C VAL I 192 28.17 40.15 -49.78
N ASP I 193 28.02 40.16 -48.46
CA ASP I 193 26.68 40.18 -47.87
C ASP I 193 25.94 41.48 -48.20
N MET I 194 26.62 42.62 -48.11
CA MET I 194 25.98 43.89 -48.45
C MET I 194 25.61 43.96 -49.92
N PHE I 195 26.50 43.48 -50.80
CA PHE I 195 26.23 43.58 -52.23
C PHE I 195 25.11 42.62 -52.65
N TYR I 196 25.10 41.41 -52.10
CA TYR I 196 24.10 40.43 -52.48
C TYR I 196 22.81 40.54 -51.69
N ASN I 197 22.76 41.40 -50.67
CA ASN I 197 21.48 41.79 -50.08
C ASN I 197 20.73 42.76 -50.96
N HIS I 198 21.46 43.59 -51.71
CA HIS I 198 20.82 44.54 -52.61
C HIS I 198 20.20 43.85 -53.82
N PHE I 199 20.85 42.81 -54.33
CA PHE I 199 20.40 42.08 -55.51
C PHE I 199 20.09 40.64 -55.10
N LYS I 200 18.86 40.43 -54.65
CA LYS I 200 18.42 39.09 -54.27
C LYS I 200 17.98 38.25 -55.46
N LYS I 201 17.83 38.85 -56.64
CA LYS I 201 17.41 38.15 -57.84
C LYS I 201 18.56 37.48 -58.57
N SER I 202 19.80 37.65 -58.10
CA SER I 202 20.94 37.02 -58.73
C SER I 202 20.93 35.51 -58.47
N ILE I 203 21.50 34.76 -59.41
CA ILE I 203 21.61 33.32 -59.25
C ILE I 203 22.60 32.96 -58.15
N LYS I 204 23.67 33.74 -58.02
CA LYS I 204 24.73 33.45 -57.06
C LYS I 204 24.44 33.95 -55.66
N ALA I 205 23.24 34.49 -55.41
CA ALA I 205 22.86 35.01 -54.10
C ALA I 205 22.72 33.93 -53.03
N THR I 206 22.87 32.65 -53.40
CA THR I 206 22.92 31.54 -52.47
C THR I 206 24.10 31.64 -51.51
N PHE I 207 25.15 32.40 -51.85
CA PHE I 207 26.31 32.58 -51.00
C PHE I 207 26.01 33.31 -49.70
N ARG I 208 24.83 33.93 -49.58
CA ARG I 208 24.47 34.66 -48.36
C ARG I 208 24.28 33.76 -47.16
N TRP I 209 24.19 32.44 -47.34
CA TRP I 209 24.31 31.51 -46.23
C TRP I 209 25.68 31.68 -45.58
N GLY I 210 25.68 31.88 -44.27
CA GLY I 210 26.91 32.11 -43.53
C GLY I 210 27.25 33.56 -43.32
N THR I 211 26.95 34.40 -44.31
CA THR I 211 27.24 35.83 -44.24
C THR I 211 26.14 36.63 -43.57
N ILE I 212 25.01 36.01 -43.23
CA ILE I 212 23.90 36.75 -42.62
C ILE I 212 24.26 37.20 -41.22
N VAL I 213 25.12 36.47 -40.52
CA VAL I 213 25.53 36.85 -39.17
C VAL I 213 26.41 38.09 -39.16
N SER I 214 26.91 38.53 -40.31
CA SER I 214 27.63 39.79 -40.39
C SER I 214 26.70 40.99 -40.31
N ARG I 215 25.46 40.85 -40.76
CA ARG I 215 24.52 41.96 -40.76
C ARG I 215 23.99 42.21 -39.36
N PHE I 216 24.02 43.48 -38.94
CA PHE I 216 23.54 43.93 -37.63
C PHE I 216 24.23 43.19 -36.48
N LYS I 217 25.52 42.91 -36.66
CA LYS I 217 26.29 42.28 -35.60
C LYS I 217 26.55 43.28 -34.47
N ASP I 218 26.37 42.81 -33.24
CA ASP I 218 26.50 43.63 -32.02
C ASP I 218 25.59 44.85 -32.05
N CYS I 219 24.38 44.66 -32.55
CA CYS I 219 23.36 45.71 -32.62
C CYS I 219 22.00 45.16 -32.22
N ALA I 220 21.97 44.39 -31.13
CA ALA I 220 20.76 43.68 -30.74
C ALA I 220 19.70 44.58 -30.12
N ALA I 221 20.07 45.77 -29.63
CA ALA I 221 19.09 46.64 -28.99
C ALA I 221 18.10 47.22 -29.99
N LEU I 222 18.54 47.48 -31.22
CA LEU I 222 17.62 47.93 -32.25
C LEU I 222 16.59 46.87 -32.59
N ALA I 223 17.02 45.61 -32.65
CA ALA I 223 16.10 44.50 -32.87
C ALA I 223 15.16 44.31 -31.68
N THR I 224 15.65 44.57 -30.46
CA THR I 224 14.79 44.53 -29.29
C THR I 224 13.70 45.58 -29.37
N LEU I 225 14.05 46.80 -29.79
CA LEU I 225 13.06 47.86 -29.94
C LEU I 225 12.04 47.52 -31.03
N GLY I 226 12.51 46.97 -32.15
CA GLY I 226 11.58 46.59 -33.21
C GLY I 226 10.63 45.48 -32.78
N HIS I 227 11.14 44.48 -32.07
CA HIS I 227 10.30 43.40 -31.57
C HIS I 227 9.27 43.90 -30.57
N VAL I 228 9.67 44.79 -29.66
CA VAL I 228 8.70 45.29 -28.69
C VAL I 228 7.70 46.24 -29.33
N VAL I 229 8.06 46.89 -30.44
CA VAL I 229 7.06 47.69 -31.16
C VAL I 229 6.04 46.78 -31.85
N LYS I 230 6.52 45.72 -32.51
CA LYS I 230 5.61 44.88 -33.30
C LYS I 230 4.76 43.97 -32.43
N ILE I 231 5.30 43.49 -31.30
CA ILE I 231 4.60 42.49 -30.50
C ILE I 231 3.49 43.05 -29.64
N THR I 232 3.41 44.37 -29.47
CA THR I 232 2.40 44.97 -28.62
C THR I 232 1.27 45.64 -29.38
N GLY I 233 1.49 46.00 -30.64
CA GLY I 233 0.50 46.74 -31.38
C GLY I 233 0.52 48.23 -31.18
N LEU I 234 1.49 48.75 -30.43
CA LEU I 234 1.61 50.17 -30.20
C LEU I 234 2.47 50.81 -31.28
N THR I 235 2.28 52.11 -31.47
CA THR I 235 3.17 52.87 -32.34
C THR I 235 4.50 53.11 -31.62
N ILE I 236 5.50 53.55 -32.38
CA ILE I 236 6.84 53.76 -31.84
C ILE I 236 6.83 54.89 -30.82
N GLU I 237 6.02 55.93 -31.05
CA GLU I 237 5.92 57.03 -30.09
C GLU I 237 5.32 56.57 -28.77
N GLU I 238 4.34 55.67 -28.83
CA GLU I 238 3.75 55.14 -27.60
C GLU I 238 4.72 54.22 -26.86
N VAL I 239 5.53 53.47 -27.61
CA VAL I 239 6.55 52.62 -27.00
C VAL I 239 7.59 53.48 -26.28
N PHE I 240 8.01 54.57 -26.90
CA PHE I 240 8.90 55.51 -26.22
C PHE I 240 8.22 56.19 -25.04
N THR I 241 6.92 56.43 -25.15
CA THR I 241 6.16 57.08 -24.09
C THR I 241 6.07 56.21 -22.85
N TRP I 242 5.90 54.90 -23.02
CA TRP I 242 5.67 54.01 -21.90
C TRP I 242 6.95 53.62 -21.13
N VAL I 243 8.04 54.35 -21.28
CA VAL I 243 9.27 54.04 -20.56
C VAL I 243 9.31 54.86 -19.27
N LEU I 244 9.53 54.19 -18.14
CA LEU I 244 9.38 54.81 -16.83
C LEU I 244 10.66 54.72 -15.98
N GLN I 245 11.83 54.64 -16.60
CA GLN I 245 13.09 54.63 -15.88
C GLN I 245 14.07 55.59 -16.55
N THR I 246 14.89 56.26 -15.73
CA THR I 246 15.82 57.25 -16.26
C THR I 246 17.00 56.62 -16.98
N GLU I 247 17.46 55.45 -16.52
CA GLU I 247 18.56 54.77 -17.19
C GLU I 247 18.16 54.30 -18.58
N VAL I 248 16.98 53.68 -18.69
CA VAL I 248 16.47 53.21 -19.97
C VAL I 248 16.24 54.39 -20.92
N ALA I 249 15.69 55.50 -20.40
CA ALA I 249 15.47 56.68 -21.22
C ALA I 249 16.78 57.27 -21.71
N ASP I 250 17.80 57.29 -20.85
CA ASP I 250 19.11 57.82 -21.25
C ASP I 250 19.73 56.96 -22.34
N GLU I 251 19.62 55.63 -22.22
CA GLU I 251 20.14 54.75 -23.27
C GLU I 251 19.37 54.92 -24.58
N LEU I 252 18.05 55.13 -24.50
CA LEU I 252 17.28 55.38 -25.71
C LEU I 252 17.70 56.68 -26.38
N VAL I 253 17.93 57.73 -25.58
CA VAL I 253 18.39 59.01 -26.13
C VAL I 253 19.75 58.86 -26.79
N LYS I 254 20.67 58.12 -26.14
CA LYS I 254 21.98 57.89 -26.73
C LYS I 254 21.88 56.99 -27.97
N MET I 255 20.87 56.14 -28.05
CA MET I 255 20.67 55.28 -29.20
C MET I 255 19.97 55.97 -30.36
N MET I 256 19.35 57.13 -30.11
CA MET I 256 18.63 57.86 -31.15
C MET I 256 19.41 59.07 -31.65
N LYS I 257 20.72 58.92 -31.85
CA LYS I 257 21.51 59.96 -32.48
C LYS I 257 21.02 60.16 -33.92
N PRO I 258 20.74 61.40 -34.34
CA PRO I 258 20.04 61.63 -35.61
C PRO I 258 20.82 61.25 -36.87
N GLY I 259 22.05 61.74 -37.00
CA GLY I 259 22.77 61.59 -38.25
C GLY I 259 23.51 60.27 -38.41
N GLN I 260 22.81 59.15 -38.22
CA GLN I 260 23.41 57.83 -38.34
C GLN I 260 22.71 56.97 -39.39
N GLU I 261 21.79 57.54 -40.17
CA GLU I 261 20.92 56.88 -41.15
C GLU I 261 20.40 55.53 -40.65
N ILE I 262 19.60 55.61 -39.58
CA ILE I 262 19.08 54.42 -38.94
C ILE I 262 18.07 53.69 -39.84
N ASP I 263 17.24 54.47 -40.54
CA ASP I 263 16.09 53.95 -41.25
C ASP I 263 16.41 53.38 -42.63
N LYS I 264 17.60 53.60 -43.15
CA LYS I 264 17.93 53.24 -44.53
C LYS I 264 18.46 51.82 -44.56
N SER I 265 17.76 50.93 -45.28
CA SER I 265 18.17 49.54 -45.36
C SER I 265 19.40 49.35 -46.23
N THR I 266 19.57 50.18 -47.25
CA THR I 266 20.73 50.11 -48.15
C THR I 266 21.74 51.15 -47.69
N SER I 267 22.45 50.84 -46.61
CA SER I 267 23.41 51.77 -46.03
C SER I 267 24.49 50.97 -45.31
N TYR I 268 25.48 51.70 -44.78
CA TYR I 268 26.65 51.10 -44.16
C TYR I 268 26.44 50.73 -42.69
N MET I 269 25.35 51.19 -42.06
CA MET I 269 25.21 51.00 -40.62
C MET I 269 25.13 49.55 -40.16
N PRO I 270 24.30 48.65 -40.75
CA PRO I 270 24.25 47.28 -40.22
C PRO I 270 25.56 46.52 -40.33
N TYR I 271 26.43 46.91 -41.24
CA TYR I 271 27.79 46.39 -41.29
C TYR I 271 28.75 47.37 -40.61
N LEU I 272 28.45 47.65 -39.34
CA LEU I 272 29.25 48.59 -38.59
C LEU I 272 30.60 48.01 -38.18
N ILE I 273 30.60 46.75 -37.76
CA ILE I 273 31.79 46.15 -37.15
C ILE I 273 32.70 45.52 -38.20
N ASP I 274 32.13 44.75 -39.12
CA ASP I 274 32.96 44.00 -40.06
C ASP I 274 33.56 44.90 -41.14
N MET I 275 32.95 46.06 -41.40
CA MET I 275 33.59 47.03 -42.26
C MET I 275 34.72 47.79 -41.58
N GLY I 276 34.87 47.64 -40.27
CA GLY I 276 35.90 48.37 -39.56
C GLY I 276 35.58 49.83 -39.33
N ILE I 277 34.30 50.20 -39.45
CA ILE I 277 33.90 51.59 -39.24
C ILE I 277 34.02 51.96 -37.76
N SER I 278 33.61 51.05 -36.87
CA SER I 278 33.70 51.29 -35.44
C SER I 278 34.12 49.99 -34.75
N ALA I 279 34.74 50.14 -33.58
CA ALA I 279 35.15 48.99 -32.78
C ALA I 279 34.23 48.72 -31.61
N LYS I 280 33.63 49.76 -31.03
CA LYS I 280 32.66 49.63 -29.94
C LYS I 280 31.33 50.18 -30.46
N SER I 281 30.42 49.28 -30.81
CA SER I 281 29.14 49.70 -31.34
C SER I 281 28.26 50.26 -30.22
N PRO I 282 27.60 51.40 -30.43
CA PRO I 282 26.69 51.94 -29.41
C PRO I 282 25.30 51.33 -29.40
N TYR I 283 25.09 50.19 -30.06
CA TYR I 283 23.76 49.61 -30.17
C TYR I 283 23.68 48.19 -29.60
N SER I 284 24.66 47.77 -28.81
CA SER I 284 24.72 46.38 -28.35
C SER I 284 24.04 46.22 -27.00
N THR I 285 23.98 44.98 -26.52
CA THR I 285 23.42 44.71 -25.21
C THR I 285 24.39 45.11 -24.10
N ILE I 286 25.69 44.94 -24.35
CA ILE I 286 26.70 45.34 -23.36
C ILE I 286 26.73 46.85 -23.21
N LYS I 287 26.65 47.57 -24.33
CA LYS I 287 26.62 49.03 -24.25
C LYS I 287 25.30 49.54 -23.69
N ASN I 288 24.20 48.81 -23.94
CA ASN I 288 22.88 49.21 -23.45
C ASN I 288 22.21 48.06 -22.70
N PRO I 289 22.67 47.74 -21.50
CA PRO I 289 21.91 46.81 -20.65
C PRO I 289 20.78 47.55 -19.96
N SER I 290 19.79 46.79 -19.50
CA SER I 290 18.55 47.23 -18.85
C SER I 290 17.59 47.95 -19.79
N PHE I 291 17.98 48.22 -21.04
CA PHE I 291 17.02 48.38 -22.12
C PHE I 291 16.82 47.08 -22.88
N HIS I 292 17.76 46.14 -22.76
CA HIS I 292 17.54 44.78 -23.23
C HIS I 292 16.78 43.94 -22.23
N PHE I 293 16.64 44.39 -20.99
CA PHE I 293 15.77 43.71 -20.03
C PHE I 293 14.34 44.22 -20.13
N TRP I 294 14.18 45.54 -20.18
CA TRP I 294 12.94 46.13 -20.67
C TRP I 294 12.74 45.73 -22.12
N GLY I 295 11.49 45.71 -22.56
CA GLY I 295 11.25 45.33 -23.94
C GLY I 295 11.20 43.84 -24.10
N GLN I 296 12.29 43.14 -23.78
CA GLN I 296 12.26 41.68 -23.81
C GLN I 296 11.36 41.13 -22.70
N LEU I 297 11.42 41.71 -21.50
CA LEU I 297 10.51 41.29 -20.44
C LEU I 297 9.06 41.62 -20.77
N VAL I 298 8.85 42.76 -21.42
CA VAL I 298 7.51 43.16 -21.84
C VAL I 298 6.96 42.20 -22.88
N ALA I 299 7.79 41.84 -23.87
CA ALA I 299 7.37 40.93 -24.91
C ALA I 299 7.14 39.52 -24.37
N ALA I 300 7.94 39.10 -23.39
CA ALA I 300 7.71 37.80 -22.77
C ALA I 300 6.43 37.79 -21.95
N LEU I 301 6.10 38.91 -21.31
CA LEU I 301 4.84 39.01 -20.60
C LEU I 301 3.66 39.27 -21.53
N CYS I 302 3.93 39.62 -22.79
CA CYS I 302 2.90 39.67 -23.83
C CYS I 302 2.83 38.39 -24.64
N ARG I 303 3.37 37.29 -24.09
CA ARG I 303 3.28 35.94 -24.65
C ARG I 303 3.92 35.86 -26.04
N SER I 304 5.22 36.13 -26.07
CA SER I 304 6.05 35.92 -27.25
C SER I 304 7.14 34.93 -26.91
N LYS I 305 7.36 33.94 -27.77
CA LYS I 305 8.29 32.87 -27.46
C LYS I 305 9.74 33.21 -27.76
N ARG I 306 9.98 34.27 -28.54
CA ARG I 306 11.37 34.69 -28.78
C ARG I 306 11.99 35.29 -27.53
N ALA I 307 11.23 36.12 -26.81
CA ALA I 307 11.74 36.86 -25.68
C ALA I 307 11.92 35.99 -24.44
N LEU I 308 11.43 34.75 -24.45
CA LEU I 308 11.64 33.86 -23.32
C LEU I 308 13.07 33.32 -23.24
N ASN I 309 13.86 33.48 -24.31
CA ASN I 309 15.23 33.00 -24.34
C ASN I 309 16.25 34.12 -24.25
N ALA I 310 15.83 35.37 -24.17
CA ALA I 310 16.77 36.49 -24.06
C ALA I 310 17.47 36.45 -22.71
N ARG I 311 18.77 36.71 -22.73
CA ARG I 311 19.58 36.65 -21.52
C ARG I 311 19.31 37.86 -20.62
N GLN I 312 19.14 37.62 -19.34
CA GLN I 312 19.00 38.70 -18.37
C GLN I 312 20.37 39.26 -18.02
N PRO I 313 20.64 40.53 -18.32
CA PRO I 313 21.94 41.09 -17.97
C PRO I 313 22.10 41.23 -16.46
N ASP I 314 23.33 41.09 -16.00
CA ASP I 314 23.65 41.25 -14.60
C ASP I 314 24.04 42.69 -14.30
N GLU I 315 24.00 43.03 -13.01
CA GLU I 315 24.38 44.35 -12.49
C GLU I 315 23.48 45.43 -13.09
N ILE I 316 22.16 45.22 -12.98
CA ILE I 316 21.14 46.21 -13.34
C ILE I 316 20.08 46.19 -12.26
N ASP I 317 19.29 47.26 -12.22
CA ASP I 317 18.20 47.41 -11.24
C ASP I 317 17.00 46.63 -11.74
N SER I 318 16.92 45.35 -11.37
CA SER I 318 15.96 44.44 -11.97
C SER I 318 14.54 44.62 -11.43
N MET I 319 14.39 44.98 -10.16
CA MET I 319 13.06 44.93 -9.53
C MET I 319 12.15 46.04 -10.02
N SER I 320 12.67 47.27 -10.12
CA SER I 320 11.86 48.38 -10.63
C SER I 320 11.51 48.19 -12.10
N ILE I 321 12.45 47.65 -12.87
CA ILE I 321 12.20 47.36 -14.29
C ILE I 321 11.14 46.28 -14.42
N SER I 322 11.17 45.27 -13.56
CA SER I 322 10.15 44.24 -13.59
C SER I 322 8.78 44.79 -13.20
N ASN I 323 8.75 45.72 -12.24
CA ASN I 323 7.50 46.38 -11.86
C ASN I 323 6.92 47.17 -13.03
N ALA I 324 7.77 47.93 -13.73
CA ALA I 324 7.31 48.70 -14.88
C ALA I 324 6.85 47.80 -16.02
N SER I 325 7.56 46.68 -16.24
CA SER I 325 7.18 45.75 -17.30
C SER I 325 5.85 45.08 -16.99
N LEU I 326 5.62 44.69 -15.74
CA LEU I 326 4.35 44.10 -15.36
C LEU I 326 3.21 45.11 -15.48
N LEU I 327 3.47 46.36 -15.10
CA LEU I 327 2.44 47.39 -15.23
C LEU I 327 2.07 47.61 -16.69
N MET I 328 3.06 47.73 -17.57
CA MET I 328 2.78 47.97 -18.98
C MET I 328 2.11 46.76 -19.63
N ALA I 329 2.53 45.54 -19.29
CA ALA I 329 1.91 44.36 -19.86
C ALA I 329 0.46 44.20 -19.39
N TYR I 330 0.18 44.47 -18.11
CA TYR I 330 -1.19 44.39 -17.62
C TYR I 330 -2.06 45.48 -18.24
N ALA I 331 -1.51 46.69 -18.42
CA ALA I 331 -2.26 47.76 -19.06
C ALA I 331 -2.57 47.44 -20.51
N LEU I 332 -1.63 46.82 -21.22
CA LEU I 332 -1.88 46.41 -22.59
C LEU I 332 -2.93 45.30 -22.66
N GLY I 333 -2.87 44.34 -21.73
CA GLY I 333 -3.81 43.24 -21.76
C GLY I 333 -5.20 43.55 -21.27
N SER I 334 -5.33 44.56 -20.42
CA SER I 334 -6.65 44.87 -19.87
C SER I 334 -7.52 45.59 -20.89
N SER I 335 -6.92 46.44 -21.73
CA SER I 335 -7.64 47.26 -22.70
C SER I 335 -7.14 46.95 -24.10
N PRO I 336 -7.79 46.02 -24.82
CA PRO I 336 -7.33 45.68 -26.16
C PRO I 336 -7.86 46.63 -27.23
N ASP I 337 -7.58 46.32 -28.50
CA ASP I 337 -7.94 47.16 -29.64
C ASP I 337 -9.11 46.49 -30.37
N ILE I 338 -10.33 46.84 -29.96
CA ILE I 338 -11.51 46.25 -30.56
C ILE I 338 -12.29 47.31 -31.32
N GLU I 339 -11.57 48.24 -31.93
CA GLU I 339 -12.23 49.29 -32.69
C GLU I 339 -12.84 48.71 -33.95
N GLN I 340 -14.10 49.02 -34.23
CA GLN I 340 -14.74 48.51 -35.44
C GLN I 340 -14.11 49.16 -36.67
N GLN I 341 -13.81 48.34 -37.68
CA GLN I 341 -13.09 48.80 -38.86
C GLN I 341 -13.95 48.85 -40.11
N PHE I 342 -14.63 47.76 -40.47
CA PHE I 342 -15.47 47.72 -41.65
C PHE I 342 -16.93 47.87 -41.25
N SER I 343 -17.72 48.47 -42.14
CA SER I 343 -19.13 48.70 -41.88
C SER I 343 -19.92 48.54 -43.16
N THR I 344 -21.19 48.19 -43.01
CA THR I 344 -22.13 48.11 -44.13
C THR I 344 -23.23 49.15 -44.04
N GLY I 345 -23.95 49.19 -42.92
CA GLY I 345 -24.97 50.20 -42.71
C GLY I 345 -25.10 50.65 -41.27
N ASN I 346 -24.07 50.42 -40.47
CA ASN I 346 -24.13 50.72 -39.05
C ASN I 346 -22.80 51.31 -38.59
N THR I 347 -22.85 52.00 -37.45
CA THR I 347 -21.71 52.72 -36.90
C THR I 347 -21.09 51.93 -35.76
N TYR I 348 -20.19 52.58 -35.03
CA TYR I 348 -19.37 51.93 -34.02
C TYR I 348 -20.17 51.75 -32.72
N ARG I 349 -19.46 51.42 -31.64
CA ARG I 349 -20.08 51.11 -30.35
C ARG I 349 -20.69 52.33 -29.66
N LYS I 350 -20.43 53.56 -30.16
CA LYS I 350 -20.86 54.88 -29.71
C LYS I 350 -20.81 55.04 -28.19
N PRO I 351 -19.62 55.16 -27.60
CA PRO I 351 -19.53 55.29 -26.13
C PRO I 351 -20.01 56.66 -25.67
N PRO I 352 -21.02 56.71 -24.79
CA PRO I 352 -21.61 57.98 -24.37
C PRO I 352 -20.91 58.60 -23.15
N LYS I 353 -19.58 58.66 -23.20
CA LYS I 353 -18.72 59.40 -22.25
C LYS I 353 -18.96 58.92 -20.81
N GLU I 354 -18.59 57.66 -20.57
CA GLU I 354 -18.70 57.08 -19.24
C GLU I 354 -17.78 57.79 -18.24
N ALA I 355 -16.47 57.67 -18.45
CA ALA I 355 -15.40 58.35 -17.71
C ALA I 355 -15.41 58.03 -16.21
N SER I 356 -16.12 57.00 -15.77
CA SER I 356 -16.19 56.65 -14.35
C SER I 356 -16.65 55.21 -14.23
N TYR I 357 -15.79 54.36 -13.66
CA TYR I 357 -16.14 52.95 -13.45
C TYR I 357 -15.31 52.45 -12.28
N LEU I 358 -15.97 52.25 -11.13
CA LEU I 358 -15.30 51.96 -9.87
C LEU I 358 -15.19 50.46 -9.58
N VAL I 359 -15.28 49.61 -10.61
CA VAL I 359 -15.08 48.18 -10.39
C VAL I 359 -13.63 47.90 -10.04
N SER I 360 -12.69 48.48 -10.79
CA SER I 360 -11.28 48.47 -10.42
C SER I 360 -10.59 49.80 -10.76
N GLU I 361 -11.36 50.84 -11.09
CA GLU I 361 -10.88 52.17 -11.49
C GLU I 361 -9.96 52.13 -12.72
N GLU I 362 -10.05 51.07 -13.53
CA GLU I 362 -9.18 50.90 -14.68
C GLU I 362 -9.64 51.78 -15.84
N PRO I 363 -8.71 52.46 -16.52
CA PRO I 363 -9.08 53.21 -17.71
C PRO I 363 -9.41 52.30 -18.88
N LYS I 364 -9.95 52.86 -19.95
CA LYS I 364 -10.37 52.04 -21.09
C LYS I 364 -9.49 52.22 -22.32
N ASN I 365 -8.28 52.75 -22.14
CA ASN I 365 -7.36 52.95 -23.25
C ASN I 365 -5.98 52.51 -22.80
N ARG I 366 -4.96 52.85 -23.61
CA ARG I 366 -3.58 52.50 -23.31
C ARG I 366 -2.73 53.75 -23.07
N SER I 367 -3.34 54.82 -22.57
CA SER I 367 -2.60 56.03 -22.24
C SER I 367 -1.87 55.84 -20.92
N VAL I 368 -0.63 56.35 -20.85
CA VAL I 368 0.23 56.03 -19.73
C VAL I 368 -0.13 56.87 -18.50
N VAL I 369 -0.70 58.07 -18.70
CA VAL I 369 -0.95 58.97 -17.58
C VAL I 369 -2.09 58.46 -16.70
N GLU I 370 -3.18 57.96 -17.32
CA GLU I 370 -4.27 57.40 -16.55
C GLU I 370 -3.85 56.12 -15.83
N TRP I 371 -3.01 55.31 -16.49
CA TRP I 371 -2.55 54.06 -15.87
C TRP I 371 -1.58 54.33 -14.73
N ILE I 372 -0.71 55.33 -14.87
CA ILE I 372 0.21 55.63 -13.77
C ILE I 372 -0.53 56.27 -12.60
N ALA I 373 -1.60 57.03 -12.88
CA ALA I 373 -2.46 57.53 -11.81
C ALA I 373 -3.14 56.37 -11.07
N TRP I 374 -3.67 55.41 -11.83
CA TRP I 374 -4.31 54.24 -11.23
C TRP I 374 -3.33 53.38 -10.45
N TYR I 375 -2.08 53.29 -10.91
CA TYR I 375 -1.07 52.50 -10.21
C TYR I 375 -0.61 53.20 -8.93
N SER I 376 -0.42 54.52 -8.98
CA SER I 376 -0.07 55.27 -7.78
C SER I 376 -1.20 55.32 -6.77
N ASP I 377 -2.45 55.14 -7.23
CA ASP I 377 -3.56 55.06 -6.30
C ASP I 377 -3.48 53.81 -5.42
N VAL I 378 -2.81 52.75 -5.88
CA VAL I 378 -2.75 51.50 -5.15
C VAL I 378 -1.30 51.34 -4.63
N ASP I 379 -0.68 52.48 -4.34
CA ASP I 379 0.60 52.53 -3.61
C ASP I 379 1.75 51.86 -4.36
N ASN I 380 1.67 51.83 -5.69
CA ASN I 380 2.71 51.31 -6.58
C ASN I 380 3.07 49.85 -6.25
N LYS I 381 2.06 49.05 -5.96
CA LYS I 381 2.27 47.63 -5.70
C LYS I 381 1.46 46.80 -6.69
N PRO I 382 1.94 45.61 -7.04
CA PRO I 382 1.17 44.76 -7.97
C PRO I 382 -0.10 44.25 -7.33
N THR I 383 -1.23 44.58 -7.96
CA THR I 383 -2.56 44.17 -7.51
C THR I 383 -2.70 42.65 -7.69
N ASP I 384 -3.64 42.06 -6.94
CA ASP I 384 -3.85 40.62 -6.98
C ASP I 384 -4.20 40.12 -8.38
N ASP I 385 -4.92 40.94 -9.16
CA ASP I 385 -5.19 40.57 -10.55
C ASP I 385 -3.91 40.57 -11.38
N MET I 386 -3.01 41.53 -11.11
CA MET I 386 -1.72 41.57 -11.81
C MET I 386 -0.88 40.34 -11.50
N LEU I 387 -0.85 39.93 -10.23
CA LEU I 387 -0.09 38.75 -9.86
C LEU I 387 -0.73 37.47 -10.42
N MET I 388 -2.07 37.44 -10.49
CA MET I 388 -2.74 36.31 -11.11
C MET I 388 -2.42 36.20 -12.60
N MET I 389 -2.42 37.34 -13.30
CA MET I 389 -2.06 37.35 -14.72
C MET I 389 -0.61 36.94 -14.93
N ALA I 390 0.29 37.41 -14.05
CA ALA I 390 1.69 37.04 -14.15
C ALA I 390 1.90 35.55 -13.89
N LYS I 391 1.17 34.99 -12.92
CA LYS I 391 1.25 33.56 -12.64
C LYS I 391 0.71 32.74 -13.80
N ARG I 392 -0.37 33.22 -14.43
CA ARG I 392 -0.94 32.53 -15.58
C ARG I 392 0.03 32.55 -16.76
N VAL I 393 0.72 33.66 -16.97
CA VAL I 393 1.73 33.73 -18.03
C VAL I 393 2.91 32.84 -17.71
N ALA I 394 3.36 32.84 -16.45
CA ALA I 394 4.52 32.05 -16.04
C ALA I 394 4.23 30.55 -16.03
N GLY I 395 2.97 30.15 -15.99
CA GLY I 395 2.65 28.74 -16.06
C GLY I 395 2.81 28.12 -17.44
N THR I 396 3.01 28.93 -18.47
CA THR I 396 3.14 28.43 -19.84
C THR I 396 4.59 28.28 -20.27
N ILE I 397 5.54 28.40 -19.34
CA ILE I 397 6.95 28.20 -19.63
C ILE I 397 7.34 26.79 -19.22
N SER I 398 7.75 25.97 -20.19
CA SER I 398 8.01 24.57 -19.91
C SER I 398 9.38 24.38 -19.28
N GLY I 399 10.44 24.69 -20.03
CA GLY I 399 11.78 24.62 -19.50
C GLY I 399 12.59 25.86 -19.82
N PRO I 400 12.98 26.60 -18.80
CA PRO I 400 13.79 27.79 -19.01
C PRO I 400 15.28 27.50 -18.92
N ARG I 401 16.06 28.43 -19.48
CA ARG I 401 17.51 28.33 -19.45
C ARG I 401 18.03 28.89 -18.14
N ASP I 402 19.35 29.08 -18.04
CA ASP I 402 19.95 29.42 -16.75
C ASP I 402 19.77 30.90 -16.42
N ASN I 403 20.12 31.78 -17.35
CA ASN I 403 20.07 33.22 -17.12
C ASN I 403 19.15 33.89 -18.13
N SER I 404 18.00 33.29 -18.37
CA SER I 404 17.06 33.79 -19.38
C SER I 404 15.97 34.65 -18.73
N VAL I 405 15.20 35.30 -19.59
CA VAL I 405 14.05 36.07 -19.13
C VAL I 405 12.96 35.14 -18.60
N GLY I 406 12.79 33.98 -19.25
CA GLY I 406 11.78 33.03 -18.81
C GLY I 406 12.06 32.45 -17.44
N LYS I 407 13.35 32.24 -17.12
CA LYS I 407 13.71 31.80 -15.77
C LYS I 407 13.39 32.87 -14.74
N TRP I 408 13.63 34.14 -15.08
CA TRP I 408 13.27 35.24 -14.19
C TRP I 408 11.76 35.30 -13.97
N ILE I 409 10.98 35.11 -15.03
CA ILE I 409 9.53 35.16 -14.92
C ILE I 409 9.01 34.01 -14.08
N LYS I 410 9.54 32.79 -14.30
CA LYS I 410 9.08 31.63 -13.54
C LYS I 410 9.47 31.73 -12.07
N GLN I 411 10.67 32.24 -11.79
CA GLN I 411 11.10 32.36 -10.39
C GLN I 411 10.36 33.47 -9.66
N THR I 412 10.24 34.64 -10.29
CA THR I 412 9.73 35.82 -9.58
C THR I 412 8.23 35.75 -9.37
N TYR I 413 7.48 35.39 -10.40
CA TYR I 413 6.01 35.45 -10.38
C TYR I 413 5.38 34.07 -10.35
N GLY I 414 5.98 33.15 -9.60
CA GLY I 414 5.43 31.82 -9.43
C GLY I 414 5.66 30.92 -10.62
N ARG J 1 9.57 61.25 -28.10
CA ARG J 1 9.48 62.66 -28.47
C ARG J 1 10.20 63.56 -27.47
N ILE J 2 9.42 64.31 -26.69
CA ILE J 2 9.98 65.34 -25.82
C ILE J 2 10.28 64.72 -24.45
N LYS J 3 11.54 64.87 -24.01
CA LYS J 3 11.98 64.38 -22.72
C LYS J 3 11.69 65.43 -21.64
N THR J 4 12.32 65.31 -20.47
CA THR J 4 11.98 66.18 -19.34
C THR J 4 12.31 67.65 -19.62
N ASN J 5 13.49 67.94 -20.19
CA ASN J 5 13.91 69.33 -20.32
C ASN J 5 13.36 69.97 -21.60
N ALA J 6 13.95 69.64 -22.74
CA ALA J 6 13.42 70.12 -24.02
C ALA J 6 13.70 69.19 -25.19
N ALA J 7 14.34 68.04 -24.99
CA ALA J 7 14.98 67.34 -26.10
C ALA J 7 13.95 66.53 -26.88
N VAL J 8 13.95 66.68 -28.20
CA VAL J 8 13.12 65.89 -29.08
C VAL J 8 13.93 64.69 -29.55
N ALA J 9 13.26 63.55 -29.71
CA ALA J 9 13.91 62.32 -30.14
C ALA J 9 13.38 61.90 -31.51
N ALA J 10 14.29 61.45 -32.36
CA ALA J 10 13.94 60.90 -33.68
C ALA J 10 13.67 59.42 -33.50
N VAL J 11 12.39 59.05 -33.45
CA VAL J 11 11.97 57.69 -33.12
C VAL J 11 11.67 56.95 -34.41
N LEU J 12 12.48 55.94 -34.72
CA LEU J 12 12.39 55.28 -36.02
C LEU J 12 13.05 53.91 -36.06
N PRO J 13 12.31 52.86 -36.43
CA PRO J 13 12.94 51.59 -36.83
C PRO J 13 13.24 51.51 -38.33
N ALA J 14 13.75 50.36 -38.77
CA ALA J 14 14.06 50.13 -40.18
C ALA J 14 12.79 49.83 -40.98
N ASN J 15 12.94 49.85 -42.31
CA ASN J 15 11.81 49.74 -43.23
C ASN J 15 11.60 48.28 -43.66
N GLU J 16 10.76 48.10 -44.70
CA GLU J 16 10.38 46.77 -45.18
C GLU J 16 10.28 46.81 -46.70
N ASP J 17 9.90 45.68 -47.29
CA ASP J 17 9.74 45.52 -48.74
C ASP J 17 8.26 45.40 -49.10
N GLN J 18 8.00 45.15 -50.39
CA GLN J 18 6.62 45.09 -50.89
C GLN J 18 6.40 43.85 -51.76
N ALA J 19 5.22 43.79 -52.41
CA ALA J 19 4.85 42.68 -53.27
C ALA J 19 4.22 43.21 -54.55
N ASP J 20 4.27 42.38 -55.59
CA ASP J 20 3.82 42.77 -56.93
C ASP J 20 2.59 41.96 -57.34
N TYR J 21 1.55 42.67 -57.76
CA TYR J 21 0.31 42.08 -58.22
C TYR J 21 0.45 41.55 -59.64
N PRO J 22 -0.38 40.59 -60.05
CA PRO J 22 -0.35 40.12 -61.44
C PRO J 22 -0.74 41.17 -62.47
N SER J 23 -1.46 42.22 -62.09
CA SER J 23 -1.91 43.22 -63.06
C SER J 23 -0.78 44.10 -63.55
N THR J 24 0.32 44.23 -62.79
CA THR J 24 1.49 44.94 -63.30
C THR J 24 2.09 44.20 -64.49
N PHE J 25 2.14 42.88 -64.41
CA PHE J 25 2.42 42.05 -65.57
C PHE J 25 1.24 42.16 -66.54
N PHE J 26 1.53 41.95 -67.83
CA PHE J 26 0.61 42.08 -68.95
C PHE J 26 0.07 43.50 -69.13
N GLU J 27 0.70 44.50 -68.50
CA GLU J 27 0.32 45.88 -68.76
C GLU J 27 0.88 46.34 -70.09
N GLY J 28 2.08 45.89 -70.44
CA GLY J 28 2.67 46.17 -71.73
C GLY J 28 2.54 45.03 -72.71
N GLY J 29 1.63 44.10 -72.41
CA GLY J 29 1.45 42.93 -73.24
C GLY J 29 2.61 41.96 -73.26
N ASN J 30 3.17 41.66 -72.09
CA ASN J 30 4.29 40.73 -72.01
C ASN J 30 3.81 39.29 -72.23
N GLU J 31 4.76 38.40 -72.45
CA GLU J 31 4.52 36.98 -72.66
C GLU J 31 5.20 36.19 -71.54
N ILE J 32 5.17 34.87 -71.65
CA ILE J 32 5.65 33.99 -70.58
C ILE J 32 7.08 33.56 -70.80
N ARG J 33 7.48 33.27 -72.04
CA ARG J 33 8.85 32.98 -72.45
C ARG J 33 9.42 31.77 -71.70
N LEU J 34 8.88 30.59 -72.04
CA LEU J 34 9.26 29.36 -71.37
C LEU J 34 10.75 29.04 -71.55
N TYR J 35 11.32 29.37 -72.71
CA TYR J 35 12.69 29.03 -73.11
C TYR J 35 12.91 27.51 -73.12
N VAL J 36 12.21 26.89 -74.07
CA VAL J 36 12.19 25.44 -74.21
C VAL J 36 13.48 24.95 -74.86
N ASN J 37 14.10 23.94 -74.26
CA ASN J 37 15.14 23.17 -74.93
C ASN J 37 14.47 22.09 -75.78
N ARG J 38 14.76 22.09 -77.08
CA ARG J 38 14.14 21.16 -78.01
C ARG J 38 15.10 20.92 -79.17
N GLY J 39 14.59 20.24 -80.20
CA GLY J 39 15.36 19.98 -81.41
C GLY J 39 16.04 18.62 -81.41
N GLU J 40 15.29 17.56 -81.09
CA GLU J 40 15.86 16.23 -81.01
C GLU J 40 14.75 15.21 -81.17
N LYS J 41 15.17 13.96 -81.44
CA LYS J 41 14.23 12.86 -81.54
C LYS J 41 13.67 12.50 -80.16
N LEU J 42 12.37 12.21 -80.11
CA LEU J 42 11.71 11.91 -78.85
C LEU J 42 12.20 10.59 -78.24
N ASP J 43 12.50 9.61 -79.09
CA ASP J 43 12.86 8.28 -78.59
C ASP J 43 14.20 8.30 -77.86
N VAL J 44 15.22 8.89 -78.47
CA VAL J 44 16.51 8.96 -77.81
C VAL J 44 16.43 9.81 -76.56
N LEU J 45 15.62 10.89 -76.58
CA LEU J 45 15.43 11.73 -75.41
C LEU J 45 14.81 10.95 -74.26
N ARG J 46 13.84 10.08 -74.57
CA ARG J 46 13.30 9.23 -73.52
C ARG J 46 14.32 8.19 -73.05
N GLN J 47 15.31 7.89 -73.85
CA GLN J 47 16.35 6.99 -73.37
C GLN J 47 17.28 7.75 -72.44
N TYR J 48 17.57 9.01 -72.74
CA TYR J 48 18.39 9.79 -71.81
C TYR J 48 17.66 10.02 -70.49
N VAL J 49 16.33 10.15 -70.54
CA VAL J 49 15.56 10.31 -69.32
C VAL J 49 15.53 8.99 -68.54
N TYR J 50 15.39 7.86 -69.24
CA TYR J 50 15.34 6.56 -68.57
C TYR J 50 16.66 6.22 -67.91
N MET J 51 17.74 6.11 -68.69
CA MET J 51 19.02 5.74 -68.11
C MET J 51 19.59 6.94 -67.37
N GLY J 52 20.17 6.69 -66.20
CA GLY J 52 20.52 7.75 -65.29
C GLY J 52 19.49 7.86 -64.18
N LEU J 53 18.22 7.73 -64.53
CA LEU J 53 17.18 7.64 -63.51
C LEU J 53 17.23 6.32 -62.77
N VAL J 54 17.81 5.28 -63.39
CA VAL J 54 18.04 4.03 -62.67
C VAL J 54 19.13 4.22 -61.61
N GLU J 55 20.15 5.01 -61.89
CA GLU J 55 21.14 5.38 -60.89
C GLU J 55 20.71 6.68 -60.21
N LYS J 56 21.62 7.31 -59.48
CA LYS J 56 21.27 8.39 -58.55
C LYS J 56 21.54 9.76 -59.13
N ASN J 57 21.34 9.98 -60.43
CA ASN J 57 21.59 11.30 -61.02
C ASN J 57 20.76 11.48 -62.28
N CYS J 58 19.95 12.54 -62.32
CA CYS J 58 19.16 12.88 -63.49
C CYS J 58 19.36 14.35 -63.83
N ARG J 59 19.07 14.70 -65.08
CA ARG J 59 19.32 16.03 -65.60
C ARG J 59 18.00 16.77 -65.79
N ILE J 60 17.98 18.04 -65.35
CA ILE J 60 16.78 18.87 -65.51
C ILE J 60 16.53 19.17 -66.98
N GLN J 61 17.59 19.35 -67.78
CA GLN J 61 17.44 19.62 -69.20
C GLN J 61 16.83 18.42 -69.93
N HIS J 62 17.21 17.20 -69.53
CA HIS J 62 16.68 16.00 -70.16
C HIS J 62 15.17 15.89 -69.96
N VAL J 63 14.71 16.03 -68.70
CA VAL J 63 13.29 15.90 -68.42
C VAL J 63 12.52 17.09 -68.99
N ASN J 64 13.15 18.26 -69.08
CA ASN J 64 12.52 19.43 -69.71
C ASN J 64 12.26 19.17 -71.19
N ALA J 65 13.30 18.75 -71.93
CA ALA J 65 13.15 18.46 -73.35
C ALA J 65 12.17 17.32 -73.59
N TYR J 66 12.21 16.30 -72.71
CA TYR J 66 11.22 15.23 -72.77
C TYR J 66 9.81 15.78 -72.62
N LEU J 67 9.55 16.57 -71.57
CA LEU J 67 8.19 16.97 -71.27
C LEU J 67 7.61 17.81 -72.39
N TYR J 68 8.43 18.64 -73.03
CA TYR J 68 7.94 19.33 -74.22
C TYR J 68 7.74 18.35 -75.37
N ALA J 69 8.62 17.35 -75.51
CA ALA J 69 8.50 16.44 -76.64
C ALA J 69 7.26 15.55 -76.55
N VAL J 70 6.87 15.16 -75.34
CA VAL J 70 5.76 14.23 -75.16
C VAL J 70 4.43 14.94 -74.93
N LEU J 71 4.42 16.08 -74.24
CA LEU J 71 3.17 16.75 -73.97
C LEU J 71 2.62 17.51 -75.18
N LYS J 72 3.46 17.77 -76.18
CA LYS J 72 3.00 18.48 -77.37
C LYS J 72 2.11 17.58 -78.21
N GLY J 73 1.10 18.19 -78.84
CA GLY J 73 0.19 17.48 -79.71
C GLY J 73 -1.04 16.91 -79.04
N GLU J 74 -1.13 16.99 -77.71
CA GLU J 74 -2.30 16.46 -76.98
C GLU J 74 -3.41 17.51 -76.97
N ARG J 75 -3.99 17.73 -78.15
CA ARG J 75 -5.07 18.69 -78.29
C ARG J 75 -6.37 18.12 -77.74
N GLU J 76 -7.29 19.03 -77.42
CA GLU J 76 -8.60 18.66 -76.89
C GLU J 76 -9.65 19.59 -77.51
N LEU J 77 -10.88 19.42 -77.08
CA LEU J 77 -11.97 20.27 -77.54
C LEU J 77 -11.87 21.67 -76.94
N LEU J 78 -12.67 22.59 -77.48
CA LEU J 78 -12.75 23.96 -76.96
C LEU J 78 -14.17 24.44 -77.20
N GLU J 79 -15.02 24.29 -76.17
CA GLU J 79 -16.42 24.63 -76.30
C GLU J 79 -16.72 26.10 -76.01
N ALA J 80 -15.73 26.87 -75.55
CA ALA J 80 -15.95 28.26 -75.20
C ALA J 80 -14.65 29.04 -75.33
N ASP J 81 -14.79 30.36 -75.36
CA ASP J 81 -13.62 31.23 -75.42
C ASP J 81 -12.88 31.22 -74.09
N TRP J 82 -11.55 31.28 -74.16
CA TRP J 82 -10.70 31.33 -72.98
C TRP J 82 -9.92 32.64 -73.00
N ASP J 83 -10.09 33.45 -71.95
CA ASP J 83 -9.45 34.76 -71.87
C ASP J 83 -8.99 35.00 -70.44
N SER J 84 -7.86 35.69 -70.31
CA SER J 84 -7.32 36.08 -69.01
C SER J 84 -6.36 37.23 -69.22
N PHE J 85 -6.64 38.37 -68.55
CA PHE J 85 -5.83 39.60 -68.64
C PHE J 85 -5.73 40.12 -70.06
N GLY J 86 -6.74 39.84 -70.89
CA GLY J 86 -6.74 40.25 -72.28
C GLY J 86 -5.97 39.36 -73.22
N HIS J 87 -5.19 38.41 -72.70
CA HIS J 87 -4.41 37.51 -73.53
C HIS J 87 -5.33 36.42 -74.05
N LYS J 88 -5.53 36.39 -75.37
CA LYS J 88 -6.41 35.40 -75.98
C LYS J 88 -5.71 34.05 -76.06
N ILE J 89 -6.36 33.02 -75.55
CA ILE J 89 -5.80 31.67 -75.51
C ILE J 89 -6.29 30.84 -76.68
N GLY J 90 -7.61 30.78 -76.88
CA GLY J 90 -8.16 29.94 -77.93
C GLY J 90 -9.48 30.46 -78.44
N ILE J 91 -9.79 30.05 -79.67
CA ILE J 91 -11.05 30.37 -80.33
C ILE J 91 -12.01 29.21 -80.11
N GLN J 92 -13.30 29.53 -79.92
CA GLN J 92 -14.33 28.52 -79.68
C GLN J 92 -14.42 27.54 -80.85
N GLY J 93 -14.48 26.25 -80.53
CA GLY J 93 -14.60 25.23 -81.55
C GLY J 93 -13.30 24.83 -82.22
N ASP J 94 -12.16 25.04 -81.56
CA ASP J 94 -10.85 24.75 -82.13
C ASP J 94 -10.13 23.69 -81.29
N LYS J 95 -8.90 23.38 -81.69
CA LYS J 95 -8.01 22.53 -80.92
C LYS J 95 -6.96 23.40 -80.24
N ILE J 96 -6.69 23.12 -78.97
CA ILE J 96 -5.96 24.04 -78.10
C ILE J 96 -4.54 23.54 -77.79
N GLY J 97 -4.41 22.38 -77.16
CA GLY J 97 -3.12 21.87 -76.75
C GLY J 97 -2.59 22.53 -75.49
N PRO J 98 -1.75 21.81 -74.74
CA PRO J 98 -1.26 22.34 -73.45
C PRO J 98 -0.18 23.39 -73.57
N PHE J 99 0.40 23.61 -74.75
CA PHE J 99 1.49 24.56 -74.90
C PHE J 99 1.13 25.69 -75.86
N ASN J 100 -0.13 26.11 -75.85
CA ASN J 100 -0.56 27.25 -76.67
C ASN J 100 -0.66 28.54 -75.88
N LEU J 101 -0.76 28.46 -74.55
CA LEU J 101 -0.74 29.67 -73.74
C LEU J 101 0.65 30.30 -73.71
N VAL J 102 1.69 29.48 -73.89
CA VAL J 102 3.08 29.93 -73.86
C VAL J 102 3.73 29.54 -75.19
N ARG J 103 4.39 30.50 -75.83
CA ARG J 103 5.16 30.20 -77.02
C ARG J 103 6.43 29.44 -76.65
N VAL J 104 6.99 28.72 -77.64
CA VAL J 104 8.03 27.75 -77.36
C VAL J 104 9.34 28.45 -76.97
N GLU J 105 9.74 29.48 -77.73
CA GLU J 105 10.94 30.29 -77.46
C GLU J 105 12.19 29.41 -77.39
N ASP J 106 12.57 28.90 -78.58
CA ASP J 106 13.71 27.98 -78.71
C ASP J 106 14.98 28.52 -78.06
N ILE J 107 15.57 27.69 -77.21
CA ILE J 107 16.64 28.08 -76.29
C ILE J 107 17.92 28.37 -77.05
N PRO J 108 18.80 29.26 -76.54
CA PRO J 108 20.16 29.36 -77.09
C PRO J 108 21.01 28.13 -76.79
N ASP J 109 22.27 28.16 -77.21
CA ASP J 109 23.11 26.97 -77.14
C ASP J 109 23.50 26.65 -75.70
N GLY J 110 22.68 25.81 -75.05
CA GLY J 110 22.95 25.33 -73.71
C GLY J 110 22.63 23.85 -73.63
N LEU J 111 22.92 23.14 -74.72
CA LEU J 111 22.45 21.77 -74.89
C LEU J 111 23.12 20.84 -73.88
N PRO J 112 22.37 19.91 -73.29
CA PRO J 112 22.93 19.10 -72.21
C PRO J 112 23.88 18.02 -72.73
N ASP J 113 24.72 17.54 -71.83
CA ASP J 113 25.67 16.47 -72.15
C ASP J 113 24.96 15.14 -71.95
N GLY J 114 24.55 14.53 -73.05
CA GLY J 114 23.87 13.24 -72.98
C GLY J 114 24.83 12.10 -72.74
N LYS J 115 24.25 10.94 -72.43
CA LYS J 115 24.98 9.70 -72.18
C LYS J 115 24.58 8.66 -73.21
N LEU J 116 24.99 7.42 -72.99
CA LEU J 116 24.70 6.34 -73.92
C LEU J 116 23.20 6.02 -73.93
N ASN J 117 22.80 5.23 -74.92
CA ASN J 117 21.40 4.86 -75.10
C ASN J 117 21.18 3.44 -74.57
N ALA J 118 20.14 3.28 -73.75
CA ALA J 118 19.78 1.98 -73.20
C ALA J 118 18.93 1.23 -74.23
N GLU J 119 18.29 0.14 -73.78
CA GLU J 119 17.38 -0.60 -74.65
C GLU J 119 16.18 0.27 -75.01
N VAL J 120 15.79 0.22 -76.27
CA VAL J 120 14.76 1.13 -76.77
C VAL J 120 13.40 0.67 -76.27
N SER J 121 12.72 1.55 -75.54
CA SER J 121 11.41 1.24 -74.96
C SER J 121 10.27 1.72 -75.83
N ALA J 122 10.19 3.04 -76.07
CA ALA J 122 9.14 3.70 -76.86
C ALA J 122 7.73 3.42 -76.34
N GLU J 123 7.60 3.00 -75.08
CA GLU J 123 6.32 2.59 -74.52
C GLU J 123 6.09 3.11 -73.11
N ASP J 124 7.13 3.58 -72.41
CA ASP J 124 7.13 4.02 -71.02
C ASP J 124 6.43 5.36 -70.78
N ASP J 125 5.75 5.94 -71.79
CA ASP J 125 5.04 7.19 -71.61
C ASP J 125 3.83 7.07 -70.69
N ALA J 126 3.40 5.83 -70.39
CA ALA J 126 2.27 5.64 -69.49
C ALA J 126 2.64 5.91 -68.04
N TRP J 127 3.92 5.94 -67.69
CA TRP J 127 4.31 6.19 -66.30
C TRP J 127 5.39 7.23 -66.14
N LEU J 128 6.27 7.40 -67.15
CA LEU J 128 7.46 8.21 -66.97
C LEU J 128 7.18 9.71 -66.78
N PRO J 129 6.34 10.39 -67.58
CA PRO J 129 6.00 11.78 -67.22
C PRO J 129 5.22 11.90 -65.92
N LEU J 130 4.33 10.95 -65.63
CA LEU J 130 3.63 10.93 -64.35
C LEU J 130 4.61 10.74 -63.20
N PHE J 131 5.61 9.87 -63.38
CA PHE J 131 6.62 9.66 -62.36
C PHE J 131 7.42 10.92 -62.09
N LEU J 132 7.82 11.64 -63.15
CA LEU J 132 8.59 12.87 -62.94
C LEU J 132 7.75 13.95 -62.26
N LEU J 133 6.50 14.13 -62.71
CA LEU J 133 5.66 15.16 -62.12
C LEU J 133 5.29 14.84 -60.68
N GLY J 134 5.12 13.56 -60.33
CA GLY J 134 4.89 13.20 -58.95
C GLY J 134 6.15 13.28 -58.11
N LEU J 135 7.31 13.04 -58.72
CA LEU J 135 8.57 13.19 -58.01
C LEU J 135 8.84 14.65 -57.67
N TYR J 136 8.30 15.58 -58.47
CA TYR J 136 8.34 16.99 -58.09
C TYR J 136 7.62 17.24 -56.76
N ARG J 137 6.41 16.68 -56.61
CA ARG J 137 5.67 16.84 -55.36
C ARG J 137 6.38 16.15 -54.21
N VAL J 138 6.96 14.98 -54.45
CA VAL J 138 7.72 14.29 -53.40
C VAL J 138 8.92 15.12 -52.96
N GLY J 139 9.60 15.76 -53.91
CA GLY J 139 10.67 16.68 -53.57
C GLY J 139 10.20 17.93 -52.86
N ARG J 140 8.94 18.31 -53.04
CA ARG J 140 8.41 19.46 -52.30
C ARG J 140 8.15 19.15 -50.83
N ALA J 141 8.15 17.88 -50.43
CA ALA J 141 7.91 17.52 -49.04
C ALA J 141 9.15 17.78 -48.19
N SER J 142 8.94 17.87 -46.88
CA SER J 142 9.99 18.25 -45.95
C SER J 142 10.09 17.38 -44.70
N GLU J 143 9.24 16.36 -44.57
CA GLU J 143 9.25 15.47 -43.41
C GLU J 143 9.45 14.04 -43.88
N THR J 144 10.33 13.31 -43.19
CA THR J 144 10.57 11.91 -43.52
C THR J 144 9.36 11.05 -43.24
N ALA J 145 8.58 11.37 -42.21
CA ALA J 145 7.32 10.67 -41.99
C ALA J 145 6.30 11.00 -43.08
N TYR J 146 6.40 12.18 -43.67
CA TYR J 146 5.54 12.59 -44.78
C TYR J 146 6.08 12.11 -46.14
N ARG J 147 6.98 11.13 -46.15
CA ARG J 147 7.42 10.49 -47.38
C ARG J 147 6.51 9.34 -47.79
N THR J 148 5.30 9.27 -47.25
CA THR J 148 4.27 8.37 -47.74
C THR J 148 3.69 8.82 -49.07
N LEU J 149 4.00 10.05 -49.50
CA LEU J 149 3.65 10.48 -50.85
C LEU J 149 4.39 9.64 -51.88
N LEU J 150 5.64 9.26 -51.59
CA LEU J 150 6.36 8.33 -52.46
C LEU J 150 5.66 6.98 -52.53
N MET J 151 5.21 6.46 -51.38
CA MET J 151 4.52 5.18 -51.36
C MET J 151 3.20 5.25 -52.12
N GLU J 152 2.48 6.36 -52.00
CA GLU J 152 1.29 6.59 -52.81
C GLU J 152 1.63 6.63 -54.29
N SER J 153 2.77 7.23 -54.64
CA SER J 153 3.20 7.26 -56.04
C SER J 153 3.47 5.86 -56.57
N LEU J 154 4.19 5.03 -55.79
CA LEU J 154 4.47 3.66 -56.22
C LEU J 154 3.19 2.84 -56.32
N ILE J 155 2.27 3.03 -55.38
CA ILE J 155 0.96 2.36 -55.46
C ILE J 155 0.23 2.77 -56.73
N LYS J 156 0.34 4.05 -57.10
CA LYS J 156 -0.32 4.55 -58.31
C LYS J 156 0.30 3.97 -59.57
N GLN J 157 1.62 3.93 -59.66
CA GLN J 157 2.28 3.59 -60.91
C GLN J 157 2.72 2.13 -61.01
N CYS J 158 2.49 1.32 -59.97
CA CYS J 158 2.80 -0.10 -60.09
C CYS J 158 1.82 -0.82 -61.01
N LYS J 159 0.63 -0.26 -61.22
CA LYS J 159 -0.35 -0.82 -62.13
C LYS J 159 -0.44 -0.02 -63.42
N ALA J 160 0.72 0.46 -63.89
CA ALA J 160 0.75 1.32 -65.07
C ALA J 160 0.38 0.56 -66.33
N ILE J 161 0.92 -0.65 -66.51
CA ILE J 161 0.63 -1.39 -67.74
C ILE J 161 -0.30 -2.56 -67.44
N LYS J 162 0.19 -3.58 -66.73
CA LYS J 162 -0.69 -4.61 -66.20
C LYS J 162 -0.53 -4.78 -64.69
N SER J 163 0.62 -5.25 -64.21
CA SER J 163 0.85 -5.43 -62.78
C SER J 163 2.27 -5.12 -62.31
N ASP J 164 3.28 -5.18 -63.18
CA ASP J 164 4.67 -5.30 -62.76
C ASP J 164 5.38 -3.97 -62.86
N TRP J 165 6.12 -3.62 -61.80
CA TRP J 165 6.88 -2.39 -61.75
C TRP J 165 7.91 -2.46 -60.63
N VAL J 166 9.06 -1.85 -60.85
CA VAL J 166 10.15 -1.78 -59.88
C VAL J 166 10.52 -0.31 -59.67
N SER J 167 10.65 0.08 -58.41
CA SER J 167 10.88 1.49 -58.09
C SER J 167 12.34 1.86 -58.29
N PRO J 168 12.65 2.86 -59.13
CA PRO J 168 14.03 3.29 -59.31
C PRO J 168 14.47 4.42 -58.39
N VAL J 169 13.56 5.00 -57.63
CA VAL J 169 13.87 6.16 -56.80
C VAL J 169 14.16 5.70 -55.38
N THR J 170 15.30 6.15 -54.84
CA THR J 170 15.63 5.88 -53.45
C THR J 170 14.69 6.67 -52.54
N ALA J 171 14.24 6.01 -51.47
CA ALA J 171 13.27 6.63 -50.56
C ALA J 171 13.89 7.75 -49.73
N THR J 172 15.21 7.80 -49.60
CA THR J 172 15.88 8.81 -48.79
C THR J 172 16.71 9.79 -49.60
N HIS J 173 16.97 9.54 -50.88
CA HIS J 173 17.78 10.45 -51.67
C HIS J 173 17.01 11.73 -51.99
N LYS J 174 17.75 12.83 -52.09
CA LYS J 174 17.20 14.15 -52.31
C LYS J 174 17.86 14.83 -53.50
N TYR J 175 17.96 14.11 -54.62
CA TYR J 175 18.60 14.66 -55.81
C TYR J 175 17.62 15.28 -56.80
N PHE J 176 16.32 15.32 -56.49
CA PHE J 176 15.34 15.84 -57.41
C PHE J 176 14.66 17.12 -56.97
N ASP J 177 14.76 17.48 -55.68
CA ASP J 177 14.13 18.72 -55.21
C ASP J 177 14.89 19.96 -55.65
N VAL J 178 16.08 19.80 -56.24
CA VAL J 178 16.79 20.92 -56.84
C VAL J 178 16.02 21.42 -58.07
N TRP J 179 15.26 20.55 -58.73
CA TRP J 179 14.52 20.91 -59.94
C TRP J 179 13.44 21.95 -59.69
N GLY J 180 13.01 22.12 -58.44
CA GLY J 180 12.04 23.16 -58.12
C GLY J 180 12.56 24.56 -58.29
N ASN J 181 13.88 24.74 -58.28
CA ASN J 181 14.48 26.05 -58.55
C ASN J 181 14.49 26.40 -60.03
N ASP J 182 14.35 25.41 -60.91
CA ASP J 182 14.35 25.66 -62.34
C ASP J 182 13.05 26.33 -62.75
N GLY J 183 13.15 27.48 -63.41
CA GLY J 183 11.95 28.21 -63.81
C GLY J 183 11.16 27.50 -64.88
N ASN J 184 11.84 26.87 -65.84
CA ASN J 184 11.16 26.22 -66.95
C ASN J 184 10.37 25.01 -66.50
N TYR J 185 10.91 24.25 -65.52
CA TYR J 185 10.19 23.11 -64.98
C TYR J 185 8.90 23.53 -64.30
N LEU J 186 8.96 24.61 -63.52
CA LEU J 186 7.76 25.17 -62.90
C LEU J 186 6.78 25.67 -63.95
N LYS J 187 7.29 26.25 -65.03
CA LYS J 187 6.42 26.76 -66.08
C LYS J 187 5.67 25.63 -66.79
N ILE J 188 6.36 24.53 -67.09
CA ILE J 188 5.67 23.42 -67.76
C ILE J 188 4.70 22.73 -66.80
N VAL J 189 5.08 22.56 -65.52
CA VAL J 189 4.17 21.89 -64.60
C VAL J 189 2.93 22.75 -64.34
N ALA J 190 3.10 24.07 -64.33
CA ALA J 190 1.93 24.92 -64.23
C ALA J 190 1.11 24.89 -65.52
N CYS J 191 1.76 24.75 -66.68
CA CYS J 191 1.04 24.66 -67.95
C CYS J 191 0.17 23.41 -68.00
N VAL J 192 0.74 22.25 -67.62
CA VAL J 192 -0.04 21.02 -67.70
C VAL J 192 -1.14 21.01 -66.64
N ASP J 193 -0.86 21.53 -65.44
CA ASP J 193 -1.91 21.58 -64.41
C ASP J 193 -3.04 22.52 -64.80
N MET J 194 -2.71 23.69 -65.35
CA MET J 194 -3.74 24.63 -65.78
C MET J 194 -4.56 24.06 -66.93
N PHE J 195 -3.90 23.41 -67.90
CA PHE J 195 -4.62 22.89 -69.06
C PHE J 195 -5.50 21.71 -68.69
N TYR J 196 -5.01 20.81 -67.83
CA TYR J 196 -5.76 19.62 -67.45
C TYR J 196 -6.72 19.86 -66.30
N ASN J 197 -6.68 21.04 -65.67
CA ASN J 197 -7.77 21.43 -64.78
C ASN J 197 -9.00 21.86 -65.56
N HIS J 198 -8.80 22.43 -66.74
CA HIS J 198 -9.92 22.85 -67.56
C HIS J 198 -10.67 21.66 -68.16
N PHE J 199 -9.95 20.61 -68.52
CA PHE J 199 -10.53 19.42 -69.14
C PHE J 199 -10.29 18.23 -68.22
N LYS J 200 -11.20 18.03 -67.28
CA LYS J 200 -11.11 16.91 -66.36
C LYS J 200 -11.66 15.61 -66.96
N LYS J 201 -12.32 15.68 -68.10
CA LYS J 201 -12.88 14.51 -68.75
C LYS J 201 -11.88 13.79 -69.63
N SER J 202 -10.65 14.30 -69.76
CA SER J 202 -9.64 13.63 -70.56
C SER J 202 -9.15 12.36 -69.86
N ILE J 203 -8.71 11.40 -70.67
CA ILE J 203 -8.17 10.16 -70.13
C ILE J 203 -6.83 10.42 -69.45
N LYS J 204 -6.03 11.33 -70.00
CA LYS J 204 -4.69 11.59 -69.51
C LYS J 204 -4.65 12.54 -68.32
N ALA J 205 -5.82 12.96 -67.81
CA ALA J 205 -5.89 13.90 -66.68
C ALA J 205 -5.38 13.31 -65.38
N THR J 206 -5.01 12.03 -65.36
CA THR J 206 -4.37 11.39 -64.23
C THR J 206 -3.01 12.02 -63.88
N PHE J 207 -2.39 12.73 -64.84
CA PHE J 207 -1.11 13.40 -64.61
C PHE J 207 -1.19 14.52 -63.59
N ARG J 208 -2.38 14.98 -63.21
CA ARG J 208 -2.54 16.05 -62.24
C ARG J 208 -2.08 15.68 -60.84
N TRP J 209 -1.85 14.40 -60.57
CA TRP J 209 -1.13 14.01 -59.36
C TRP J 209 0.26 14.61 -59.39
N GLY J 210 0.62 15.30 -58.32
CA GLY J 210 1.90 15.97 -58.23
C GLY J 210 1.87 17.43 -58.64
N THR J 211 1.05 17.75 -59.63
CA THR J 211 0.95 19.12 -60.13
C THR J 211 -0.06 19.96 -59.38
N ILE J 212 -0.81 19.37 -58.45
CA ILE J 212 -1.83 20.12 -57.71
C ILE J 212 -1.20 21.13 -56.77
N VAL J 213 0.01 20.86 -56.28
CA VAL J 213 0.70 21.80 -55.40
C VAL J 213 1.17 23.05 -56.11
N SER J 214 1.12 23.07 -57.44
CA SER J 214 1.41 24.29 -58.19
C SER J 214 0.26 25.28 -58.12
N ARG J 215 -0.96 24.80 -57.98
CA ARG J 215 -2.14 25.68 -57.96
C ARG J 215 -2.25 26.37 -56.61
N PHE J 216 -2.44 27.69 -56.66
CA PHE J 216 -2.59 28.55 -55.48
C PHE J 216 -1.40 28.42 -54.53
N LYS J 217 -0.21 28.28 -55.10
CA LYS J 217 1.00 28.24 -54.29
C LYS J 217 1.31 29.62 -53.73
N ASP J 218 1.67 29.66 -52.45
CA ASP J 218 1.94 30.89 -51.70
C ASP J 218 0.77 31.86 -51.74
N CYS J 219 -0.44 31.32 -51.64
CA CYS J 219 -1.67 32.11 -51.64
C CYS J 219 -2.63 31.57 -50.58
N ALA J 220 -2.11 31.29 -49.38
CA ALA J 220 -2.89 30.62 -48.36
C ALA J 220 -3.90 31.54 -47.67
N ALA J 221 -3.74 32.87 -47.77
CA ALA J 221 -4.67 33.76 -47.09
C ALA J 221 -6.05 33.76 -47.74
N LEU J 222 -6.11 33.58 -49.07
CA LEU J 222 -7.39 33.45 -49.74
C LEU J 222 -8.14 32.20 -49.29
N ALA J 223 -7.41 31.10 -49.13
CA ALA J 223 -8.01 29.87 -48.61
C ALA J 223 -8.44 30.04 -47.16
N THR J 224 -7.69 30.82 -46.38
CA THR J 224 -8.09 31.12 -45.01
C THR J 224 -9.40 31.89 -44.98
N LEU J 225 -9.54 32.88 -45.85
CA LEU J 225 -10.79 33.64 -45.92
C LEU J 225 -11.96 32.77 -46.36
N GLY J 226 -11.73 31.89 -47.35
CA GLY J 226 -12.80 31.00 -47.78
C GLY J 226 -13.22 30.03 -46.70
N HIS J 227 -12.25 29.47 -45.96
CA HIS J 227 -12.56 28.56 -44.87
C HIS J 227 -13.33 29.26 -43.75
N VAL J 228 -12.93 30.49 -43.39
CA VAL J 228 -13.65 31.18 -42.33
C VAL J 228 -15.02 31.65 -42.79
N VAL J 229 -15.22 31.85 -44.10
CA VAL J 229 -16.57 32.16 -44.57
C VAL J 229 -17.45 30.92 -44.48
N LYS J 230 -16.93 29.76 -44.91
CA LYS J 230 -17.78 28.56 -44.98
C LYS J 230 -18.02 27.95 -43.60
N ILE J 231 -17.05 28.04 -42.70
CA ILE J 231 -17.16 27.34 -41.42
C ILE J 231 -18.05 28.02 -40.41
N THR J 232 -18.43 29.28 -40.64
CA THR J 232 -19.25 30.01 -39.68
C THR J 232 -20.71 30.16 -40.11
N GLY J 233 -21.00 30.03 -41.41
CA GLY J 233 -22.34 30.27 -41.89
C GLY J 233 -22.67 31.71 -42.18
N LEU J 234 -21.70 32.61 -42.07
CA LEU J 234 -21.91 34.01 -42.36
C LEU J 234 -21.65 34.29 -43.84
N THR J 235 -22.24 35.38 -44.34
CA THR J 235 -21.91 35.85 -45.67
C THR J 235 -20.54 36.54 -45.64
N ILE J 236 -20.00 36.78 -46.83
CA ILE J 236 -18.67 37.37 -46.95
C ILE J 236 -18.67 38.81 -46.43
N GLU J 237 -19.76 39.55 -46.62
CA GLU J 237 -19.86 40.91 -46.11
C GLU J 237 -19.86 40.92 -44.58
N GLU J 238 -20.53 39.93 -43.96
CA GLU J 238 -20.53 39.85 -42.50
C GLU J 238 -19.16 39.44 -41.96
N VAL J 239 -18.45 38.58 -42.70
CA VAL J 239 -17.10 38.19 -42.30
C VAL J 239 -16.17 39.41 -42.35
N PHE J 240 -16.28 40.22 -43.39
CA PHE J 240 -15.51 41.46 -43.45
C PHE J 240 -15.96 42.44 -42.38
N THR J 241 -17.24 42.44 -42.04
CA THR J 241 -17.78 43.34 -41.03
C THR J 241 -17.23 43.01 -39.64
N TRP J 242 -17.07 41.74 -39.31
CA TRP J 242 -16.68 41.33 -37.97
C TRP J 242 -15.18 41.45 -37.69
N VAL J 243 -14.43 42.22 -38.47
CA VAL J 243 -12.99 42.40 -38.24
C VAL J 243 -12.79 43.65 -37.41
N LEU J 244 -12.05 43.52 -36.30
CA LEU J 244 -11.94 44.58 -35.30
C LEU J 244 -10.50 45.01 -35.05
N GLN J 245 -9.61 44.86 -36.02
CA GLN J 245 -8.23 45.31 -35.88
C GLN J 245 -7.82 46.05 -37.14
N THR J 246 -7.00 47.09 -36.96
CA THR J 246 -6.60 47.92 -38.09
C THR J 246 -5.57 47.24 -38.98
N GLU J 247 -4.69 46.42 -38.41
CA GLU J 247 -3.71 45.70 -39.21
C GLU J 247 -4.38 44.67 -40.11
N VAL J 248 -5.31 43.90 -39.55
CA VAL J 248 -6.05 42.90 -40.31
C VAL J 248 -6.88 43.56 -41.40
N ALA J 249 -7.52 44.69 -41.08
CA ALA J 249 -8.31 45.42 -42.07
C ALA J 249 -7.44 45.95 -43.20
N ASP J 250 -6.24 46.45 -42.86
CA ASP J 250 -5.34 46.96 -43.89
C ASP J 250 -4.86 45.84 -44.80
N GLU J 251 -4.56 44.67 -44.25
CA GLU J 251 -4.17 43.54 -45.09
C GLU J 251 -5.33 43.06 -45.96
N LEU J 252 -6.56 43.09 -45.44
CA LEU J 252 -7.72 42.73 -46.27
C LEU J 252 -7.91 43.71 -47.41
N VAL J 253 -7.73 45.01 -47.14
CA VAL J 253 -7.84 46.03 -48.19
C VAL J 253 -6.77 45.82 -49.25
N LYS J 254 -5.53 45.55 -48.82
CA LYS J 254 -4.46 45.28 -49.79
C LYS J 254 -4.69 43.97 -50.54
N MET J 255 -5.40 43.02 -49.94
CA MET J 255 -5.70 41.75 -50.58
C MET J 255 -6.89 41.84 -51.52
N MET J 256 -7.69 42.89 -51.43
CA MET J 256 -8.88 43.06 -52.28
C MET J 256 -8.66 44.06 -53.40
N LYS J 257 -7.50 44.04 -54.03
CA LYS J 257 -7.26 44.85 -55.21
C LYS J 257 -8.21 44.40 -56.33
N PRO J 258 -8.94 45.33 -56.97
CA PRO J 258 -10.04 44.93 -57.86
C PRO J 258 -9.62 44.21 -59.14
N GLY J 259 -8.68 44.78 -59.89
CA GLY J 259 -8.37 44.25 -61.21
C GLY J 259 -7.39 43.09 -61.22
N GLN J 260 -7.66 42.05 -60.44
CA GLN J 260 -6.78 40.89 -60.37
C GLN J 260 -7.50 39.59 -60.73
N GLU J 261 -8.74 39.68 -61.22
CA GLU J 261 -9.65 38.57 -61.53
C GLU J 261 -9.60 37.46 -60.47
N ILE J 262 -10.01 37.85 -59.26
CA ILE J 262 -9.96 36.93 -58.12
C ILE J 262 -10.95 35.79 -58.29
N ASP J 263 -12.14 36.10 -58.79
CA ASP J 263 -13.27 35.17 -58.80
C ASP J 263 -13.25 34.17 -59.94
N LYS J 264 -12.39 34.34 -60.93
CA LYS J 264 -12.42 33.52 -62.14
C LYS J 264 -11.55 32.29 -61.93
N SER J 265 -12.17 31.10 -62.00
CA SER J 265 -11.44 29.85 -61.80
C SER J 265 -10.54 29.52 -62.98
N THR J 266 -10.94 29.90 -64.18
CA THR J 266 -10.15 29.65 -65.39
C THR J 266 -9.38 30.92 -65.73
N SER J 267 -8.31 31.16 -64.97
CA SER J 267 -7.51 32.36 -65.14
C SER J 267 -6.08 32.09 -64.69
N TYR J 268 -5.23 33.09 -64.85
CA TYR J 268 -3.80 32.95 -64.58
C TYR J 268 -3.42 33.17 -63.13
N MET J 269 -4.34 33.67 -62.28
CA MET J 269 -3.96 34.05 -60.92
C MET J 269 -3.50 32.89 -60.05
N PRO J 270 -4.18 31.73 -59.95
CA PRO J 270 -3.68 30.68 -59.04
C PRO J 270 -2.31 30.14 -59.41
N TYR J 271 -1.92 30.25 -60.67
CA TYR J 271 -0.55 29.96 -61.09
C TYR J 271 0.26 31.25 -61.18
N LEU J 272 0.31 31.96 -60.05
CA LEU J 272 1.01 33.23 -60.00
C LEU J 272 2.52 33.05 -60.01
N ILE J 273 3.01 32.07 -59.25
CA ILE J 273 4.44 31.94 -59.01
C ILE J 273 5.11 31.08 -60.07
N ASP J 274 4.52 29.93 -60.41
CA ASP J 274 5.18 29.00 -61.31
C ASP J 274 5.14 29.49 -62.76
N MET J 275 4.19 30.35 -63.10
CA MET J 275 4.23 31.00 -64.40
C MET J 275 5.26 32.11 -64.49
N GLY J 276 5.86 32.50 -63.37
CA GLY J 276 6.80 33.60 -63.40
C GLY J 276 6.18 34.96 -63.51
N ILE J 277 4.88 35.07 -63.25
CA ILE J 277 4.20 36.36 -63.33
C ILE J 277 4.67 37.29 -62.21
N SER J 278 4.83 36.76 -61.00
CA SER J 278 5.29 37.54 -59.87
C SER J 278 6.24 36.69 -59.04
N ALA J 279 7.13 37.38 -58.31
CA ALA J 279 8.08 36.70 -57.42
C ALA J 279 7.68 36.79 -55.96
N LYS J 280 7.03 37.87 -55.55
CA LYS J 280 6.52 38.04 -54.19
C LYS J 280 5.01 38.15 -54.28
N SER J 281 4.32 37.07 -53.95
CA SER J 281 2.87 37.05 -54.03
C SER J 281 2.26 37.87 -52.90
N PRO J 282 1.29 38.73 -53.17
CA PRO J 282 0.63 39.50 -52.10
C PRO J 282 -0.46 38.75 -51.36
N TYR J 283 -0.54 37.43 -51.49
CA TYR J 283 -1.63 36.66 -50.87
C TYR J 283 -1.13 35.59 -49.91
N SER J 284 0.13 35.65 -49.48
CA SER J 284 0.71 34.58 -48.69
C SER J 284 0.55 34.87 -47.19
N THR J 285 1.00 33.91 -46.37
CA THR J 285 0.98 34.10 -44.93
C THR J 285 2.10 35.04 -44.48
N ILE J 286 3.25 34.98 -45.15
CA ILE J 286 4.36 35.86 -44.82
C ILE J 286 4.02 37.31 -45.17
N LYS J 287 3.40 37.52 -46.33
CA LYS J 287 2.99 38.87 -46.71
C LYS J 287 1.82 39.36 -45.85
N ASN J 288 0.95 38.45 -45.41
CA ASN J 288 -0.21 38.81 -44.59
C ASN J 288 -0.26 37.96 -43.33
N PRO J 289 0.62 38.20 -42.37
CA PRO J 289 0.45 37.59 -41.05
C PRO J 289 -0.56 38.37 -40.23
N SER J 290 -1.11 37.72 -39.21
CA SER J 290 -2.14 38.20 -38.30
C SER J 290 -3.52 38.34 -38.96
N PHE J 291 -3.63 38.16 -40.27
CA PHE J 291 -4.88 37.74 -40.87
C PHE J 291 -4.94 36.23 -41.06
N HIS J 292 -3.79 35.56 -41.03
CA HIS J 292 -3.76 34.12 -40.93
C HIS J 292 -3.91 33.62 -39.49
N PHE J 293 -3.77 34.50 -38.51
CA PHE J 293 -4.07 34.14 -37.13
C PHE J 293 -5.55 34.35 -36.82
N TRP J 294 -6.07 35.51 -37.21
CA TRP J 294 -7.50 35.69 -37.32
C TRP J 294 -8.04 34.72 -38.38
N GLY J 295 -9.31 34.35 -38.26
CA GLY J 295 -9.85 33.44 -39.24
C GLY J 295 -9.53 32.00 -38.90
N GLN J 296 -8.24 31.65 -38.83
CA GLN J 296 -7.88 30.31 -38.38
C GLN J 296 -8.20 30.11 -36.90
N LEU J 297 -7.93 31.12 -36.06
CA LEU J 297 -8.30 31.03 -34.65
C LEU J 297 -9.82 31.00 -34.49
N VAL J 298 -10.53 31.74 -35.32
CA VAL J 298 -11.99 31.75 -35.28
C VAL J 298 -12.55 30.39 -35.66
N ALA J 299 -11.99 29.80 -36.72
CA ALA J 299 -12.46 28.50 -37.18
C ALA J 299 -12.10 27.39 -36.19
N ALA J 300 -10.95 27.52 -35.52
CA ALA J 300 -10.60 26.55 -34.49
C ALA J 300 -11.51 26.68 -33.27
N LEU J 301 -11.92 27.90 -32.94
CA LEU J 301 -12.87 28.08 -31.86
C LEU J 301 -14.31 27.80 -32.29
N CYS J 302 -14.56 27.65 -33.58
CA CYS J 302 -15.82 27.15 -34.10
C CYS J 302 -15.79 25.65 -34.38
N ARG J 303 -14.83 24.95 -33.77
CA ARG J 303 -14.71 23.49 -33.80
C ARG J 303 -14.54 22.96 -35.22
N SER J 304 -13.45 23.38 -35.85
CA SER J 304 -13.00 22.84 -37.13
C SER J 304 -11.62 22.23 -36.95
N LYS J 305 -11.43 21.03 -37.48
CA LYS J 305 -10.19 20.30 -37.24
C LYS J 305 -9.06 20.71 -38.18
N ARG J 306 -9.37 21.40 -39.27
CA ARG J 306 -8.31 21.88 -40.16
C ARG J 306 -7.53 23.01 -39.51
N ALA J 307 -8.22 23.94 -38.86
CA ALA J 307 -7.60 25.12 -38.30
C ALA J 307 -6.81 24.85 -37.02
N LEU J 308 -6.91 23.65 -36.46
CA LEU J 308 -6.11 23.31 -35.28
C LEU J 308 -4.65 23.05 -35.62
N ASN J 309 -4.31 22.90 -36.90
CA ASN J 309 -2.94 22.64 -37.31
C ASN J 309 -2.29 23.84 -37.99
N ALA J 310 -3.00 24.95 -38.14
CA ALA J 310 -2.42 26.13 -38.75
C ALA J 310 -1.35 26.73 -37.86
N ARG J 311 -0.25 27.15 -38.47
CA ARG J 311 0.88 27.69 -37.72
C ARG J 311 0.58 29.10 -37.22
N GLN J 312 0.90 29.35 -35.96
CA GLN J 312 0.77 30.69 -35.41
C GLN J 312 1.97 31.53 -35.82
N PRO J 313 1.77 32.61 -36.57
CA PRO J 313 2.91 33.45 -36.96
C PRO J 313 3.49 34.18 -35.76
N ASP J 314 4.78 34.41 -35.80
CA ASP J 314 5.48 35.15 -34.76
C ASP J 314 5.53 36.63 -35.11
N GLU J 315 5.80 37.44 -34.08
CA GLU J 315 5.93 38.89 -34.20
C GLU J 315 4.62 39.51 -34.70
N ILE J 316 3.52 39.18 -34.01
CA ILE J 316 2.21 39.79 -34.23
C ILE J 316 1.59 40.04 -32.86
N ASP J 317 0.59 40.93 -32.85
CA ASP J 317 -0.13 41.29 -31.63
C ASP J 317 -1.17 40.21 -31.34
N SER J 318 -0.76 39.18 -30.60
CA SER J 318 -1.58 37.98 -30.46
C SER J 318 -2.74 38.15 -29.49
N MET J 319 -2.58 38.96 -28.44
CA MET J 319 -3.57 38.97 -27.36
C MET J 319 -4.86 39.66 -27.77
N SER J 320 -4.77 40.82 -28.45
CA SER J 320 -5.97 41.50 -28.91
C SER J 320 -6.69 40.70 -29.99
N ILE J 321 -5.94 40.04 -30.86
CA ILE J 321 -6.53 39.19 -31.89
C ILE J 321 -7.24 38.01 -31.25
N SER J 322 -6.65 37.43 -30.20
CA SER J 322 -7.31 36.34 -29.51
C SER J 322 -8.58 36.80 -28.81
N ASN J 323 -8.56 38.02 -28.25
CA ASN J 323 -9.77 38.59 -27.65
C ASN J 323 -10.88 38.75 -28.66
N ALA J 324 -10.53 39.29 -29.84
CA ALA J 324 -11.52 39.49 -30.90
C ALA J 324 -12.05 38.15 -31.42
N SER J 325 -11.16 37.16 -31.54
CA SER J 325 -11.58 35.84 -32.02
C SER J 325 -12.51 35.15 -31.03
N LEU J 326 -12.21 35.27 -29.73
CA LEU J 326 -13.09 34.69 -28.71
C LEU J 326 -14.44 35.40 -28.69
N LEU J 327 -14.44 36.72 -28.85
CA LEU J 327 -15.70 37.47 -28.89
C LEU J 327 -16.55 37.04 -30.07
N MET J 328 -15.95 36.95 -31.26
CA MET J 328 -16.72 36.56 -32.44
C MET J 328 -17.21 35.12 -32.36
N ALA J 329 -16.37 34.21 -31.85
CA ALA J 329 -16.79 32.82 -31.72
C ALA J 329 -17.91 32.65 -30.71
N TYR J 330 -17.84 33.35 -29.58
CA TYR J 330 -18.90 33.29 -28.59
C TYR J 330 -20.19 33.92 -29.12
N ALA J 331 -20.09 35.01 -29.87
CA ALA J 331 -21.26 35.63 -30.45
C ALA J 331 -21.92 34.72 -31.49
N LEU J 332 -21.11 34.02 -32.28
CA LEU J 332 -21.65 33.07 -33.24
C LEU J 332 -22.31 31.89 -32.54
N GLY J 333 -21.70 31.39 -31.47
CA GLY J 333 -22.27 30.25 -30.78
C GLY J 333 -23.46 30.52 -29.90
N SER J 334 -23.60 31.75 -29.43
CA SER J 334 -24.70 32.07 -28.53
C SER J 334 -26.01 32.19 -29.30
N SER J 335 -25.97 32.72 -30.52
CA SER J 335 -27.15 32.99 -31.33
C SER J 335 -27.06 32.22 -32.64
N PRO J 336 -27.60 31.00 -32.72
CA PRO J 336 -27.52 30.23 -33.96
C PRO J 336 -28.59 30.61 -34.97
N ASP J 337 -28.65 29.87 -36.08
CA ASP J 337 -29.57 30.13 -37.19
C ASP J 337 -30.67 29.08 -37.15
N ILE J 338 -31.76 29.38 -36.45
CA ILE J 338 -32.86 28.42 -36.32
C ILE J 338 -34.10 28.95 -37.02
N GLU J 339 -33.90 29.72 -38.08
CA GLU J 339 -35.03 30.27 -38.82
C GLU J 339 -35.80 29.15 -39.48
N GLN J 340 -37.12 29.15 -39.32
CA GLN J 340 -37.94 28.13 -39.95
C GLN J 340 -37.93 28.32 -41.47
N GLN J 341 -37.75 27.22 -42.20
CA GLN J 341 -37.59 27.28 -43.65
C GLN J 341 -38.78 26.72 -44.42
N PHE J 342 -39.20 25.49 -44.12
CA PHE J 342 -40.33 24.86 -44.79
C PHE J 342 -41.58 24.96 -43.91
N SER J 343 -42.73 25.03 -44.57
CA SER J 343 -44.00 25.14 -43.86
C SER J 343 -45.07 24.38 -44.61
N THR J 344 -46.09 23.95 -43.86
CA THR J 344 -47.26 23.30 -44.44
C THR J 344 -48.52 24.13 -44.25
N GLY J 345 -48.83 24.50 -43.02
CA GLY J 345 -49.98 25.35 -42.75
C GLY J 345 -49.77 26.31 -41.59
N ASN J 346 -48.52 26.55 -41.23
CA ASN J 346 -48.21 27.38 -40.07
C ASN J 346 -47.02 28.29 -40.38
N THR J 347 -46.91 29.34 -39.59
CA THR J 347 -45.90 30.38 -39.78
C THR J 347 -44.75 30.20 -38.80
N TYR J 348 -43.89 31.20 -38.72
CA TYR J 348 -42.65 31.13 -37.96
C TYR J 348 -42.92 31.35 -36.47
N ARG J 349 -41.84 31.58 -35.71
CA ARG J 349 -41.92 31.72 -34.26
C ARG J 349 -42.58 33.01 -33.79
N LYS J 350 -42.86 33.96 -34.72
CA LYS J 350 -43.47 35.28 -34.56
C LYS J 350 -42.99 36.03 -33.32
N PRO J 351 -41.76 36.54 -33.31
CA PRO J 351 -41.26 37.25 -32.13
C PRO J 351 -41.92 38.60 -31.97
N PRO J 352 -42.59 38.85 -30.82
CA PRO J 352 -43.33 40.09 -30.62
C PRO J 352 -42.49 41.23 -30.04
N LYS J 353 -41.31 41.46 -30.63
CA LYS J 353 -40.45 42.62 -30.36
C LYS J 353 -40.07 42.72 -28.87
N GLU J 354 -39.32 41.72 -28.42
CA GLU J 354 -38.83 41.69 -27.04
C GLU J 354 -37.89 42.86 -26.76
N ALA J 355 -36.73 42.86 -27.43
CA ALA J 355 -35.72 43.92 -27.41
C ALA J 355 -35.16 44.21 -26.01
N SER J 356 -35.39 43.34 -25.03
CA SER J 356 -34.90 43.58 -23.67
C SER J 356 -34.89 42.25 -22.93
N TYR J 357 -33.70 41.81 -22.52
CA TYR J 357 -33.56 40.57 -21.76
C TYR J 357 -32.29 40.69 -20.91
N LEU J 358 -32.48 40.86 -19.60
CA LEU J 358 -31.39 41.18 -18.69
C LEU J 358 -30.79 39.96 -18.02
N VAL J 359 -30.95 38.77 -18.60
CA VAL J 359 -30.31 37.58 -18.04
C VAL J 359 -28.80 37.67 -18.22
N SER J 360 -28.34 38.05 -19.43
CA SER J 360 -26.95 38.38 -19.66
C SER J 360 -26.80 39.55 -20.62
N GLU J 361 -27.89 40.25 -20.94
CA GLU J 361 -27.94 41.38 -21.89
C GLU J 361 -27.49 40.99 -23.30
N GLU J 362 -27.53 39.69 -23.64
CA GLU J 362 -27.05 39.22 -24.92
C GLU J 362 -28.07 39.50 -26.01
N PRO J 363 -27.63 39.98 -27.18
CA PRO J 363 -28.55 40.14 -28.30
C PRO J 363 -28.96 38.81 -28.90
N LYS J 364 -29.94 38.83 -29.78
CA LYS J 364 -30.46 37.57 -30.36
C LYS J 364 -30.09 37.38 -31.82
N ASN J 365 -29.09 38.10 -32.30
CA ASN J 365 -28.65 37.97 -33.69
C ASN J 365 -27.13 37.96 -33.71
N ARG J 366 -26.56 38.09 -34.91
CA ARG J 366 -25.12 38.09 -35.09
C ARG J 366 -24.61 39.43 -35.61
N SER J 367 -25.30 40.52 -35.26
CA SER J 367 -24.86 41.85 -35.65
C SER J 367 -23.73 42.31 -34.74
N VAL J 368 -22.73 42.97 -35.32
CA VAL J 368 -21.51 43.24 -34.58
C VAL J 368 -21.68 44.44 -33.65
N VAL J 369 -22.60 45.37 -33.96
CA VAL J 369 -22.72 46.58 -33.17
C VAL J 369 -23.34 46.30 -31.80
N GLU J 370 -24.38 45.46 -31.76
CA GLU J 370 -24.97 45.09 -30.48
C GLU J 370 -24.01 44.27 -29.64
N TRP J 371 -23.23 43.40 -30.29
CA TRP J 371 -22.29 42.56 -29.54
C TRP J 371 -21.11 43.39 -29.02
N ILE J 372 -20.64 44.38 -29.79
CA ILE J 372 -19.54 45.20 -29.29
C ILE J 372 -20.04 46.14 -28.19
N ALA J 373 -21.31 46.57 -28.25
CA ALA J 373 -21.88 47.32 -27.14
C ALA J 373 -21.95 46.46 -25.88
N TRP J 374 -22.40 45.22 -26.03
CA TRP J 374 -22.47 44.30 -24.89
C TRP J 374 -21.10 43.96 -24.34
N TYR J 375 -20.08 43.88 -25.20
CA TYR J 375 -18.73 43.58 -24.75
C TYR J 375 -18.11 44.78 -24.03
N SER J 376 -18.31 45.98 -24.56
CA SER J 376 -17.82 47.19 -23.90
C SER J 376 -18.55 47.46 -22.60
N ASP J 377 -19.77 46.95 -22.44
CA ASP J 377 -20.48 47.07 -21.17
C ASP J 377 -19.78 46.29 -20.06
N VAL J 378 -19.01 45.25 -20.40
CA VAL J 378 -18.39 44.41 -19.39
C VAL J 378 -16.87 44.67 -19.46
N ASP J 379 -16.52 45.91 -19.81
CA ASP J 379 -15.15 46.43 -19.70
C ASP J 379 -14.15 45.69 -20.59
N ASN J 380 -14.64 45.13 -21.70
CA ASN J 380 -13.81 44.45 -22.71
C ASN J 380 -12.99 43.31 -22.12
N LYS J 381 -13.59 42.55 -21.23
CA LYS J 381 -12.93 41.39 -20.64
C LYS J 381 -13.74 40.14 -20.92
N PRO J 382 -13.09 38.98 -21.04
CA PRO J 382 -13.84 37.73 -21.28
C PRO J 382 -14.66 37.34 -20.07
N THR J 383 -15.97 37.24 -20.27
CA THR J 383 -16.92 36.86 -19.24
C THR J 383 -16.68 35.38 -18.86
N ASP J 384 -17.15 35.00 -17.66
CA ASP J 384 -16.94 33.64 -17.16
C ASP J 384 -17.56 32.59 -18.08
N ASP J 385 -18.68 32.93 -18.72
CA ASP J 385 -19.26 32.02 -19.71
C ASP J 385 -18.36 31.88 -20.93
N MET J 386 -17.73 32.98 -21.35
CA MET J 386 -16.79 32.92 -22.47
C MET J 386 -15.59 32.04 -22.15
N LEU J 387 -15.05 32.17 -20.95
CA LEU J 387 -13.91 31.35 -20.55
C LEU J 387 -14.32 29.88 -20.38
N MET J 388 -15.54 29.64 -19.91
CA MET J 388 -16.04 28.26 -19.82
C MET J 388 -16.18 27.64 -21.20
N MET J 389 -16.72 28.39 -22.17
CA MET J 389 -16.84 27.89 -23.53
C MET J 389 -15.47 27.65 -24.16
N ALA J 390 -14.51 28.54 -23.91
CA ALA J 390 -13.16 28.37 -24.43
C ALA J 390 -12.48 27.15 -23.82
N LYS J 391 -12.68 26.92 -22.52
CA LYS J 391 -12.13 25.74 -21.87
C LYS J 391 -12.76 24.46 -22.41
N ARG J 392 -14.07 24.49 -22.66
CA ARG J 392 -14.76 23.34 -23.23
C ARG J 392 -14.24 23.02 -24.63
N VAL J 393 -13.99 24.06 -25.44
CA VAL J 393 -13.44 23.85 -26.78
C VAL J 393 -12.01 23.33 -26.68
N ALA J 394 -11.21 23.89 -25.77
CA ALA J 394 -9.81 23.49 -25.63
C ALA J 394 -9.64 22.10 -25.03
N GLY J 395 -10.67 21.57 -24.38
CA GLY J 395 -10.59 20.21 -23.88
C GLY J 395 -10.71 19.13 -24.94
N THR J 396 -11.08 19.49 -26.16
CA THR J 396 -11.25 18.53 -27.24
C THR J 396 -10.02 18.42 -28.14
N ILE J 397 -8.90 19.03 -27.75
CA ILE J 397 -7.66 18.94 -28.50
C ILE J 397 -6.79 17.87 -27.85
N SER J 398 -6.48 16.81 -28.60
CA SER J 398 -5.77 15.68 -28.02
C SER J 398 -4.28 15.95 -27.95
N GLY J 399 -3.63 16.09 -29.11
CA GLY J 399 -2.23 16.42 -29.16
C GLY J 399 -1.95 17.53 -30.14
N PRO J 400 -1.47 18.67 -29.64
CA PRO J 400 -1.13 19.79 -30.52
C PRO J 400 0.33 19.76 -30.94
N ARG J 401 0.60 20.50 -32.01
CA ARG J 401 1.96 20.63 -32.53
C ARG J 401 2.69 21.73 -31.77
N ASP J 402 3.87 22.12 -32.26
CA ASP J 402 4.71 23.02 -31.49
C ASP J 402 4.25 24.48 -31.60
N ASN J 403 4.03 24.97 -32.81
CA ASN J 403 3.65 26.35 -33.04
C ASN J 403 2.32 26.44 -33.76
N SER J 404 1.36 25.63 -33.33
CA SER J 404 0.06 25.56 -33.99
C SER J 404 -0.97 26.44 -33.27
N VAL J 405 -2.12 26.59 -33.91
CA VAL J 405 -3.24 27.30 -33.29
C VAL J 405 -3.80 26.50 -32.12
N GLY J 406 -3.84 25.17 -32.26
CA GLY J 406 -4.36 24.33 -31.18
C GLY J 406 -3.50 24.39 -29.92
N LYS J 407 -2.18 24.50 -30.09
CA LYS J 407 -1.31 24.69 -28.93
C LYS J 407 -1.57 26.02 -28.24
N TRP J 408 -1.81 27.08 -29.02
CA TRP J 408 -2.16 28.37 -28.46
C TRP J 408 -3.48 28.30 -27.70
N ILE J 409 -4.47 27.59 -28.25
CA ILE J 409 -5.76 27.48 -27.59
C ILE J 409 -5.65 26.68 -26.30
N LYS J 410 -4.91 25.57 -26.33
CA LYS J 410 -4.77 24.74 -25.13
C LYS J 410 -3.97 25.46 -24.04
N GLN J 411 -2.94 26.22 -24.43
CA GLN J 411 -2.14 26.93 -23.42
C GLN J 411 -2.90 28.12 -22.85
N THR J 412 -3.53 28.92 -23.70
CA THR J 412 -4.08 30.20 -23.25
C THR J 412 -5.38 30.00 -22.46
N TYR J 413 -6.28 29.16 -22.95
CA TYR J 413 -7.61 29.02 -22.37
C TYR J 413 -7.80 27.68 -21.66
N GLY J 414 -6.76 27.23 -20.96
CA GLY J 414 -6.84 26.01 -20.20
C GLY J 414 -6.75 24.76 -21.03
N ARG K 1 -17.09 46.04 -47.13
CA ARG K 1 -17.68 47.16 -47.85
C ARG K 1 -16.97 48.48 -47.55
N ILE K 2 -17.63 49.36 -46.80
CA ILE K 2 -17.13 50.71 -46.59
C ILE K 2 -16.26 50.73 -45.34
N LYS K 3 -15.03 51.21 -45.49
CA LYS K 3 -14.09 51.33 -44.38
C LYS K 3 -14.30 52.67 -43.67
N THR K 4 -13.33 53.11 -42.86
CA THR K 4 -13.52 54.29 -42.03
C THR K 4 -13.71 55.57 -42.85
N ASN K 5 -12.91 55.77 -43.92
CA ASN K 5 -12.95 57.05 -44.62
C ASN K 5 -14.03 57.05 -45.71
N ALA K 6 -13.76 56.39 -46.82
CA ALA K 6 -14.77 56.25 -47.86
C ALA K 6 -14.63 54.99 -48.70
N ALA K 7 -13.67 54.12 -48.43
CA ALA K 7 -13.24 53.12 -49.42
C ALA K 7 -14.19 51.94 -49.43
N VAL K 8 -14.65 51.57 -50.62
CA VAL K 8 -15.46 50.37 -50.81
C VAL K 8 -14.54 49.21 -51.17
N ALA K 9 -14.88 48.03 -50.69
CA ALA K 9 -14.09 46.83 -50.93
C ALA K 9 -14.88 45.84 -51.78
N ALA K 10 -14.20 45.22 -52.74
CA ALA K 10 -14.78 44.16 -53.57
C ALA K 10 -14.55 42.85 -52.84
N VAL K 11 -15.60 42.35 -52.18
CA VAL K 11 -15.50 41.18 -51.31
C VAL K 11 -15.98 39.96 -52.07
N LEU K 12 -15.04 39.04 -52.35
CA LEU K 12 -15.35 37.91 -53.23
C LEU K 12 -14.38 36.75 -53.10
N PRO K 13 -14.88 35.54 -52.80
CA PRO K 13 -14.09 34.33 -53.01
C PRO K 13 -14.26 33.70 -54.39
N ALA K 14 -13.63 32.55 -54.61
CA ALA K 14 -13.71 31.84 -55.88
C ALA K 14 -15.04 31.07 -55.99
N ASN K 15 -15.32 30.59 -57.20
CA ASN K 15 -16.60 29.97 -57.52
C ASN K 15 -16.53 28.45 -57.36
N GLU K 16 -17.56 27.75 -57.86
CA GLU K 16 -17.69 26.30 -57.72
C GLU K 16 -18.27 25.72 -59.00
N ASP K 17 -18.49 24.41 -59.02
CA ASP K 17 -19.04 23.68 -60.15
C ASP K 17 -20.47 23.23 -59.85
N GLN K 18 -21.04 22.45 -60.78
CA GLN K 18 -22.43 22.00 -60.65
C GLN K 18 -22.57 20.50 -60.94
N ALA K 19 -23.81 20.03 -61.02
CA ALA K 19 -24.11 18.63 -61.27
C ALA K 19 -25.23 18.52 -62.30
N ASP K 20 -25.29 17.36 -62.95
CA ASP K 20 -26.22 17.13 -64.06
C ASP K 20 -27.24 16.06 -63.68
N TYR K 21 -28.51 16.40 -63.86
CA TYR K 21 -29.62 15.50 -63.58
C TYR K 21 -29.79 14.48 -64.70
N PRO K 22 -30.42 13.33 -64.43
CA PRO K 22 -30.69 12.36 -65.50
C PRO K 22 -31.66 12.86 -66.56
N SER K 23 -32.48 13.87 -66.28
CA SER K 23 -33.47 14.33 -67.25
C SER K 23 -32.84 15.10 -68.40
N THR K 24 -31.65 15.67 -68.21
CA THR K 24 -30.94 16.27 -69.33
C THR K 24 -30.56 15.23 -70.36
N PHE K 25 -30.12 14.06 -69.90
CA PHE K 25 -30.01 12.89 -70.76
C PHE K 25 -31.41 12.44 -71.17
N PHE K 26 -31.49 11.79 -72.34
CA PHE K 26 -32.72 11.33 -72.98
C PHE K 26 -33.65 12.48 -73.36
N GLU K 27 -33.17 13.72 -73.38
CA GLU K 27 -33.97 14.83 -73.88
C GLU K 27 -34.01 14.81 -75.41
N GLY K 28 -32.90 14.43 -76.03
CA GLY K 28 -32.85 14.27 -77.47
C GLY K 28 -32.96 12.82 -77.90
N GLY K 29 -33.43 11.97 -77.01
CA GLY K 29 -33.54 10.55 -77.29
C GLY K 29 -32.21 9.83 -77.46
N ASN K 30 -31.26 10.09 -76.58
CA ASN K 30 -29.96 9.43 -76.65
C ASN K 30 -30.06 7.98 -76.21
N GLU K 31 -29.02 7.22 -76.50
CA GLU K 31 -28.91 5.81 -76.14
C GLU K 31 -27.72 5.63 -75.19
N ILE K 32 -27.42 4.38 -74.86
CA ILE K 32 -26.41 4.06 -73.86
C ILE K 32 -25.05 3.79 -74.47
N ARG K 33 -25.01 3.09 -75.62
CA ARG K 33 -23.80 2.88 -76.42
C ARG K 33 -22.71 2.14 -75.62
N LEU K 34 -22.99 0.86 -75.34
CA LEU K 34 -22.08 0.07 -74.52
C LEU K 34 -20.70 -0.09 -75.16
N TYR K 35 -20.65 -0.16 -76.50
CA TYR K 35 -19.43 -0.43 -77.28
C TYR K 35 -18.81 -1.79 -76.89
N VAL K 36 -19.57 -2.82 -77.24
CA VAL K 36 -19.23 -4.20 -76.90
C VAL K 36 -18.13 -4.71 -77.83
N ASN K 37 -17.09 -5.31 -77.23
CA ASN K 37 -16.15 -6.12 -77.99
C ASN K 37 -16.72 -7.53 -78.13
N ARG K 38 -16.86 -8.00 -79.36
CA ARG K 38 -17.46 -9.30 -79.63
C ARG K 38 -16.89 -9.84 -80.93
N GLY K 39 -17.49 -10.93 -81.43
CA GLY K 39 -17.09 -11.53 -82.69
C GLY K 39 -16.10 -12.67 -82.54
N GLU K 40 -16.38 -13.60 -81.63
CA GLU K 40 -15.47 -14.71 -81.37
C GLU K 40 -16.25 -15.86 -80.75
N LYS K 41 -15.61 -17.04 -80.77
CA LYS K 41 -16.19 -18.22 -80.14
C LYS K 41 -16.16 -18.07 -78.61
N LEU K 42 -17.25 -18.51 -77.97
CA LEU K 42 -17.37 -18.39 -76.52
C LEU K 42 -16.37 -19.27 -75.79
N ASP K 43 -16.09 -20.46 -76.32
CA ASP K 43 -15.24 -21.41 -75.63
C ASP K 43 -13.80 -20.92 -75.52
N VAL K 44 -13.22 -20.47 -76.65
CA VAL K 44 -11.86 -19.97 -76.60
C VAL K 44 -11.78 -18.72 -75.75
N LEU K 45 -12.83 -17.87 -75.80
CA LEU K 45 -12.86 -16.67 -74.96
C LEU K 45 -12.84 -17.01 -73.48
N ARG K 46 -13.58 -18.06 -73.09
CA ARG K 46 -13.51 -18.50 -71.70
C ARG K 46 -12.16 -19.12 -71.38
N GLN K 47 -11.42 -19.58 -72.38
CA GLN K 47 -10.07 -20.05 -72.08
C GLN K 47 -9.15 -18.87 -71.87
N TYR K 48 -9.33 -17.80 -72.64
CA TYR K 48 -8.51 -16.60 -72.40
C TYR K 48 -8.82 -15.99 -71.04
N VAL K 49 -10.09 -16.07 -70.62
CA VAL K 49 -10.45 -15.57 -69.30
C VAL K 49 -9.86 -16.46 -68.20
N TYR K 50 -9.89 -17.78 -68.40
CA TYR K 50 -9.37 -18.71 -67.40
C TYR K 50 -7.86 -18.56 -67.24
N MET K 51 -7.10 -18.82 -68.31
CA MET K 51 -5.66 -18.74 -68.19
C MET K 51 -5.24 -17.28 -68.15
N GLY K 52 -4.28 -16.97 -67.29
CA GLY K 52 -3.96 -15.60 -66.97
C GLY K 52 -4.58 -15.21 -65.64
N LEU K 53 -5.82 -15.64 -65.40
CA LEU K 53 -6.41 -15.47 -64.08
C LEU K 53 -5.77 -16.38 -63.04
N VAL K 54 -5.14 -17.49 -63.49
CA VAL K 54 -4.36 -18.31 -62.57
C VAL K 54 -3.10 -17.58 -62.13
N GLU K 55 -2.48 -16.81 -63.03
CA GLU K 55 -1.37 -15.95 -62.67
C GLU K 55 -1.91 -14.56 -62.31
N LYS K 56 -1.03 -13.57 -62.24
CA LYS K 56 -1.35 -12.27 -61.64
C LYS K 56 -1.66 -11.21 -62.67
N ASN K 57 -2.32 -11.55 -63.78
CA ASN K 57 -2.64 -10.55 -64.80
C ASN K 57 -3.84 -11.00 -65.61
N CYS K 58 -4.87 -10.16 -65.66
CA CYS K 58 -6.06 -10.43 -66.47
C CYS K 58 -6.39 -9.19 -67.30
N ARG K 59 -7.14 -9.41 -68.38
CA ARG K 59 -7.45 -8.37 -69.34
C ARG K 59 -8.91 -7.95 -69.21
N ILE K 60 -9.15 -6.63 -69.23
CA ILE K 60 -10.51 -6.11 -69.14
C ILE K 60 -11.29 -6.45 -70.42
N GLN K 61 -10.62 -6.45 -71.57
CA GLN K 61 -11.28 -6.78 -72.83
C GLN K 61 -11.73 -8.25 -72.85
N HIS K 62 -10.92 -9.14 -72.28
CA HIS K 62 -11.27 -10.55 -72.24
C HIS K 62 -12.54 -10.80 -71.43
N VAL K 63 -12.61 -10.24 -70.21
CA VAL K 63 -13.78 -10.44 -69.38
C VAL K 63 -14.98 -9.69 -69.93
N ASN K 64 -14.76 -8.57 -70.62
CA ASN K 64 -15.85 -7.85 -71.28
C ASN K 64 -16.49 -8.71 -72.38
N ALA K 65 -15.66 -9.24 -73.29
CA ALA K 65 -16.16 -10.06 -74.38
C ALA K 65 -16.80 -11.33 -73.84
N TYR K 66 -16.21 -11.91 -72.79
CA TYR K 66 -16.83 -13.05 -72.10
C TYR K 66 -18.21 -12.70 -71.59
N LEU K 67 -18.34 -11.60 -70.83
CA LEU K 67 -19.59 -11.31 -70.15
C LEU K 67 -20.71 -11.07 -71.16
N TYR K 68 -20.38 -10.44 -72.29
CA TYR K 68 -21.40 -10.37 -73.34
C TYR K 68 -21.67 -11.73 -73.96
N ALA K 69 -20.64 -12.56 -74.12
CA ALA K 69 -20.85 -13.86 -74.76
C ALA K 69 -21.70 -14.81 -73.92
N VAL K 70 -21.56 -14.74 -72.59
CA VAL K 70 -22.26 -15.68 -71.72
C VAL K 70 -23.59 -15.13 -71.22
N LEU K 71 -23.70 -13.82 -70.97
CA LEU K 71 -24.94 -13.29 -70.45
C LEU K 71 -26.02 -13.15 -71.52
N LYS K 72 -25.65 -13.18 -72.80
CA LYS K 72 -26.64 -13.07 -73.86
C LYS K 72 -27.46 -14.35 -73.96
N GLY K 73 -28.74 -14.18 -74.30
CA GLY K 73 -29.64 -15.30 -74.47
C GLY K 73 -30.40 -15.73 -73.23
N GLU K 74 -30.09 -15.15 -72.07
CA GLU K 74 -30.77 -15.51 -70.82
C GLU K 74 -32.06 -14.71 -70.69
N ARG K 75 -33.02 -15.05 -71.55
CA ARG K 75 -34.31 -14.39 -71.56
C ARG K 75 -35.17 -14.87 -70.39
N GLU K 76 -36.15 -14.06 -70.02
CA GLU K 76 -37.07 -14.37 -68.95
C GLU K 76 -38.47 -13.91 -69.36
N LEU K 77 -39.42 -14.08 -68.44
CA LEU K 77 -40.79 -13.65 -68.68
C LEU K 77 -40.89 -12.12 -68.64
N LEU K 78 -42.04 -11.61 -69.08
CA LEU K 78 -42.33 -10.17 -69.02
C LEU K 78 -43.83 -10.03 -68.82
N GLU K 79 -44.24 -9.89 -67.55
CA GLU K 79 -45.65 -9.82 -67.21
C GLU K 79 -46.23 -8.41 -67.30
N ALA K 80 -45.40 -7.40 -67.53
CA ALA K 80 -45.89 -6.03 -67.57
C ALA K 80 -44.96 -5.19 -68.44
N ASP K 81 -45.46 -4.01 -68.83
CA ASP K 81 -44.66 -3.08 -69.60
C ASP K 81 -43.56 -2.46 -68.74
N TRP K 82 -42.41 -2.25 -69.35
CA TRP K 82 -41.27 -1.62 -68.68
C TRP K 82 -40.92 -0.33 -69.40
N ASP K 83 -40.98 0.80 -68.69
CA ASP K 83 -40.74 2.10 -69.27
C ASP K 83 -39.94 2.96 -68.30
N SER K 84 -39.06 3.79 -68.84
CA SER K 84 -38.27 4.73 -68.04
C SER K 84 -37.78 5.84 -68.96
N PHE K 85 -38.14 7.09 -68.63
CA PHE K 85 -37.78 8.29 -69.40
C PHE K 85 -38.28 8.22 -70.85
N GLY K 86 -39.37 7.50 -71.08
CA GLY K 86 -39.92 7.33 -72.40
C GLY K 86 -39.27 6.25 -73.23
N HIS K 87 -38.14 5.71 -72.80
CA HIS K 87 -37.44 4.68 -73.55
C HIS K 87 -38.14 3.35 -73.30
N LYS K 88 -38.72 2.78 -74.35
CA LYS K 88 -39.44 1.52 -74.23
C LYS K 88 -38.45 0.36 -74.15
N ILE K 89 -38.60 -0.47 -73.12
CA ILE K 89 -37.71 -1.60 -72.90
C ILE K 89 -38.29 -2.89 -73.46
N GLY K 90 -39.54 -3.22 -73.09
CA GLY K 90 -40.13 -4.47 -73.52
C GLY K 90 -41.64 -4.38 -73.62
N ILE K 91 -42.19 -5.28 -74.42
CA ILE K 91 -43.63 -5.43 -74.60
C ILE K 91 -44.10 -6.53 -73.67
N GLN K 92 -45.30 -6.34 -73.09
CA GLN K 92 -45.88 -7.32 -72.17
C GLN K 92 -46.06 -8.68 -72.85
N GLY K 93 -45.66 -9.74 -72.14
CA GLY K 93 -45.80 -11.08 -72.66
C GLY K 93 -44.72 -11.51 -73.63
N ASP K 94 -43.54 -10.90 -73.57
CA ASP K 94 -42.45 -11.21 -74.48
C ASP K 94 -41.24 -11.73 -73.71
N LYS K 95 -40.16 -12.00 -74.45
CA LYS K 95 -38.87 -12.34 -73.87
C LYS K 95 -37.95 -11.14 -73.97
N ILE K 96 -37.23 -10.86 -72.88
CA ILE K 96 -36.55 -9.58 -72.70
C ILE K 96 -35.02 -9.71 -72.84
N GLY K 97 -34.38 -10.50 -71.98
CA GLY K 97 -32.95 -10.61 -71.99
C GLY K 97 -32.25 -9.45 -71.29
N PRO K 98 -31.05 -9.69 -70.75
CA PRO K 98 -30.35 -8.63 -70.01
C PRO K 98 -29.70 -7.57 -70.86
N PHE K 99 -29.60 -7.74 -72.17
CA PHE K 99 -28.92 -6.79 -73.04
C PHE K 99 -29.86 -6.20 -74.07
N ASN K 100 -31.13 -5.99 -73.70
CA ASN K 100 -32.08 -5.34 -74.59
C ASN K 100 -32.28 -3.86 -74.27
N LEU K 101 -31.94 -3.43 -73.05
CA LEU K 101 -31.99 -2.00 -72.73
C LEU K 101 -30.90 -1.23 -73.44
N VAL K 102 -29.78 -1.89 -73.76
CA VAL K 102 -28.64 -1.28 -74.42
C VAL K 102 -28.36 -2.06 -75.70
N ARG K 103 -28.22 -1.34 -76.81
CA ARG K 103 -27.81 -1.97 -78.06
C ARG K 103 -26.33 -2.34 -78.00
N VAL K 104 -25.94 -3.30 -78.84
CA VAL K 104 -24.63 -3.92 -78.72
C VAL K 104 -23.52 -2.95 -79.11
N GLU K 105 -23.68 -2.25 -80.25
CA GLU K 105 -22.73 -1.24 -80.74
C GLU K 105 -21.33 -1.83 -80.91
N ASP K 106 -21.21 -2.70 -81.91
CA ASP K 106 -19.97 -3.44 -82.19
C ASP K 106 -18.76 -2.51 -82.30
N ILE K 107 -17.72 -2.84 -81.54
CA ILE K 107 -16.57 -1.98 -81.28
C ILE K 107 -15.73 -1.83 -82.54
N PRO K 108 -15.02 -0.70 -82.71
CA PRO K 108 -13.99 -0.63 -83.76
C PRO K 108 -12.78 -1.50 -83.45
N ASP K 109 -11.77 -1.47 -84.32
CA ASP K 109 -10.66 -2.40 -84.22
C ASP K 109 -9.76 -2.08 -83.02
N GLY K 110 -10.06 -2.69 -81.88
CA GLY K 110 -9.27 -2.57 -80.67
C GLY K 110 -9.12 -3.93 -80.02
N LEU K 111 -9.01 -4.96 -80.86
CA LEU K 111 -9.11 -6.34 -80.40
C LEU K 111 -7.92 -6.69 -79.50
N PRO K 112 -8.16 -7.41 -78.40
CA PRO K 112 -7.09 -7.65 -77.43
C PRO K 112 -6.09 -8.70 -77.93
N ASP K 113 -4.91 -8.66 -77.32
CA ASP K 113 -3.85 -9.62 -77.64
C ASP K 113 -4.06 -10.86 -76.77
N GLY K 114 -4.62 -11.91 -77.37
CA GLY K 114 -4.85 -13.14 -76.65
C GLY K 114 -3.59 -13.95 -76.46
N LYS K 115 -3.71 -14.97 -75.61
CA LYS K 115 -2.61 -15.88 -75.30
C LYS K 115 -3.02 -17.30 -75.71
N LEU K 116 -2.23 -18.28 -75.28
CA LEU K 116 -2.48 -19.67 -75.64
C LEU K 116 -3.76 -20.18 -74.96
N ASN K 117 -4.21 -21.34 -75.41
CA ASN K 117 -5.43 -21.94 -74.89
C ASN K 117 -5.07 -23.06 -73.92
N ALA K 118 -5.71 -23.02 -72.75
CA ALA K 118 -5.52 -24.05 -71.73
C ALA K 118 -6.40 -25.26 -72.04
N GLU K 119 -6.54 -26.16 -71.07
CA GLU K 119 -7.43 -27.30 -71.24
C GLU K 119 -8.88 -26.82 -71.34
N VAL K 120 -9.61 -27.41 -72.27
CA VAL K 120 -10.97 -26.94 -72.58
C VAL K 120 -11.91 -27.35 -71.46
N SER K 121 -12.55 -26.36 -70.84
CA SER K 121 -13.46 -26.60 -69.73
C SER K 121 -14.92 -26.67 -70.18
N ALA K 122 -15.43 -25.58 -70.77
CA ALA K 122 -16.81 -25.43 -71.24
C ALA K 122 -17.85 -25.69 -70.15
N GLU K 123 -17.46 -25.60 -68.88
CA GLU K 123 -18.32 -25.92 -67.77
C GLU K 123 -18.24 -24.93 -66.62
N ASP K 124 -17.21 -24.09 -66.57
CA ASP K 124 -16.88 -23.14 -65.49
C ASP K 124 -17.82 -21.93 -65.44
N ASP K 125 -18.91 -21.90 -66.21
CA ASP K 125 -19.85 -20.79 -66.18
C ASP K 125 -20.63 -20.72 -64.86
N ALA K 126 -20.58 -21.78 -64.05
CA ALA K 126 -21.27 -21.75 -62.77
C ALA K 126 -20.55 -20.89 -61.74
N TRP K 127 -19.29 -20.54 -61.96
CA TRP K 127 -18.58 -19.73 -60.99
C TRP K 127 -17.83 -18.55 -61.60
N LEU K 128 -17.40 -18.68 -62.86
CA LEU K 128 -16.48 -17.69 -63.43
C LEU K 128 -17.09 -16.30 -63.62
N PRO K 129 -18.30 -16.12 -64.19
CA PRO K 129 -18.88 -14.76 -64.18
C PRO K 129 -19.20 -14.24 -62.79
N LEU K 130 -19.67 -15.13 -61.89
CA LEU K 130 -19.89 -14.74 -60.50
C LEU K 130 -18.59 -14.33 -59.83
N PHE K 131 -17.50 -15.05 -60.12
CA PHE K 131 -16.20 -14.70 -59.55
C PHE K 131 -15.73 -13.33 -60.03
N LEU K 132 -15.91 -13.04 -61.33
CA LEU K 132 -15.49 -11.73 -61.83
C LEU K 132 -16.33 -10.60 -61.25
N LEU K 133 -17.66 -10.78 -61.20
CA LEU K 133 -18.52 -9.73 -60.68
C LEU K 133 -18.32 -9.52 -59.19
N GLY K 134 -18.02 -10.57 -58.43
CA GLY K 134 -17.69 -10.38 -57.03
C GLY K 134 -16.30 -9.80 -56.82
N LEU K 135 -15.37 -10.10 -57.73
CA LEU K 135 -14.05 -9.51 -57.67
C LEU K 135 -14.09 -8.01 -57.93
N TYR K 136 -15.09 -7.55 -58.69
CA TYR K 136 -15.34 -6.12 -58.82
C TYR K 136 -15.64 -5.47 -57.47
N ARG K 137 -16.53 -6.09 -56.69
CA ARG K 137 -16.86 -5.57 -55.36
C ARG K 137 -15.67 -5.64 -54.43
N VAL K 138 -14.89 -6.71 -54.51
CA VAL K 138 -13.68 -6.83 -53.68
C VAL K 138 -12.69 -5.72 -54.03
N GLY K 139 -12.54 -5.42 -55.32
CA GLY K 139 -11.71 -4.30 -55.73
C GLY K 139 -12.26 -2.94 -55.33
N ARG K 140 -13.58 -2.85 -55.10
CA ARG K 140 -14.14 -1.60 -54.61
C ARG K 140 -13.83 -1.34 -53.13
N ALA K 141 -13.35 -2.34 -52.39
CA ALA K 141 -13.03 -2.15 -50.99
C ALA K 141 -11.71 -1.40 -50.82
N SER K 142 -11.52 -0.84 -49.63
CA SER K 142 -10.38 0.02 -49.35
C SER K 142 -9.66 -0.28 -48.05
N GLU K 143 -10.11 -1.27 -47.28
CA GLU K 143 -9.49 -1.62 -46.01
C GLU K 143 -9.06 -3.08 -46.04
N THR K 144 -7.83 -3.34 -45.57
CA THR K 144 -7.33 -4.70 -45.52
C THR K 144 -8.11 -5.56 -44.53
N ALA K 145 -8.59 -4.97 -43.44
CA ALA K 145 -9.47 -5.69 -42.53
C ALA K 145 -10.82 -5.97 -43.17
N TYR K 146 -11.25 -5.12 -44.09
CA TYR K 146 -12.49 -5.31 -44.85
C TYR K 146 -12.29 -6.20 -46.07
N ARG K 147 -11.20 -6.96 -46.14
CA ARG K 147 -11.01 -7.96 -47.17
C ARG K 147 -11.65 -9.30 -46.80
N THR K 148 -12.56 -9.31 -45.84
CA THR K 148 -13.40 -10.48 -45.59
C THR K 148 -14.47 -10.67 -46.66
N LEU K 149 -14.66 -9.67 -47.52
CA LEU K 149 -15.52 -9.86 -48.69
C LEU K 149 -14.94 -10.93 -49.61
N LEU K 150 -13.61 -10.98 -49.74
CA LEU K 150 -12.97 -12.07 -50.48
C LEU K 150 -13.25 -13.42 -49.84
N MET K 151 -13.15 -13.50 -48.51
CA MET K 151 -13.42 -14.76 -47.82
C MET K 151 -14.88 -15.18 -47.98
N GLU K 152 -15.80 -14.22 -47.95
CA GLU K 152 -17.20 -14.50 -48.25
C GLU K 152 -17.37 -15.00 -49.67
N SER K 153 -16.61 -14.43 -50.61
CA SER K 153 -16.66 -14.89 -52.00
C SER K 153 -16.20 -16.33 -52.13
N LEU K 154 -15.07 -16.68 -51.48
CA LEU K 154 -14.57 -18.05 -51.53
C LEU K 154 -15.53 -19.02 -50.86
N ILE K 155 -16.14 -18.61 -49.75
CA ILE K 155 -17.15 -19.43 -49.09
C ILE K 155 -18.34 -19.66 -50.04
N LYS K 156 -18.71 -18.63 -50.80
CA LYS K 156 -19.82 -18.74 -51.73
C LYS K 156 -19.50 -19.67 -52.89
N GLN K 157 -18.31 -19.55 -53.48
CA GLN K 157 -18.00 -20.26 -54.72
C GLN K 157 -17.25 -21.57 -54.52
N CYS K 158 -16.89 -21.93 -53.28
CA CYS K 158 -16.26 -23.22 -53.06
C CYS K 158 -17.23 -24.38 -53.24
N LYS K 159 -18.54 -24.12 -53.13
CA LYS K 159 -19.57 -25.13 -53.36
C LYS K 159 -20.26 -24.91 -54.69
N ALA K 160 -19.49 -24.51 -55.70
CA ALA K 160 -20.07 -24.18 -57.00
C ALA K 160 -20.59 -25.41 -57.72
N ILE K 161 -19.82 -26.51 -57.70
CA ILE K 161 -20.27 -27.70 -58.42
C ILE K 161 -20.69 -28.78 -57.43
N LYS K 162 -19.74 -29.36 -56.70
CA LYS K 162 -20.09 -30.21 -55.56
C LYS K 162 -19.42 -29.75 -54.27
N SER K 163 -18.10 -29.83 -54.17
CA SER K 163 -17.39 -29.39 -52.96
C SER K 163 -16.04 -28.74 -53.21
N ASP K 164 -15.38 -28.98 -54.34
CA ASP K 164 -13.95 -28.73 -54.48
C ASP K 164 -13.70 -27.45 -55.27
N TRP K 165 -12.80 -26.62 -54.74
CA TRP K 165 -12.44 -25.37 -55.39
C TRP K 165 -11.13 -24.86 -54.80
N VAL K 166 -10.32 -24.22 -55.64
CA VAL K 166 -9.05 -23.62 -55.25
C VAL K 166 -9.06 -22.15 -55.67
N SER K 167 -8.65 -21.28 -54.76
CA SER K 167 -8.73 -19.84 -54.99
C SER K 167 -7.57 -19.38 -55.86
N PRO K 168 -7.82 -18.75 -57.02
CA PRO K 168 -6.74 -18.23 -57.85
C PRO K 168 -6.37 -16.78 -57.58
N VAL K 169 -7.12 -16.08 -56.75
CA VAL K 169 -6.91 -14.66 -56.51
C VAL K 169 -6.06 -14.48 -55.26
N THR K 170 -4.99 -13.71 -55.38
CA THR K 170 -4.18 -13.36 -54.23
C THR K 170 -4.97 -12.42 -53.30
N ALA K 171 -4.86 -12.66 -52.00
CA ALA K 171 -5.62 -11.89 -51.03
C ALA K 171 -5.12 -10.45 -50.90
N THR K 172 -3.89 -10.17 -51.32
CA THR K 172 -3.31 -8.84 -51.20
C THR K 172 -3.08 -8.14 -52.53
N HIS K 173 -3.18 -8.84 -53.66
CA HIS K 173 -2.93 -8.20 -54.95
C HIS K 173 -4.09 -7.27 -55.32
N LYS K 174 -3.75 -6.21 -56.04
CA LYS K 174 -4.70 -5.17 -56.43
C LYS K 174 -4.65 -4.93 -57.93
N TYR K 175 -4.71 -6.01 -58.71
CA TYR K 175 -4.65 -5.88 -60.16
C TYR K 175 -6.02 -5.84 -60.82
N PHE K 176 -7.12 -5.87 -60.06
CA PHE K 176 -8.45 -5.91 -60.63
C PHE K 176 -9.28 -4.66 -60.38
N ASP K 177 -8.89 -3.81 -59.42
CA ASP K 177 -9.65 -2.59 -59.15
C ASP K 177 -9.45 -1.52 -60.22
N VAL K 178 -8.50 -1.73 -61.14
CA VAL K 178 -8.36 -0.85 -62.29
C VAL K 178 -9.58 -0.98 -63.21
N TRP K 179 -10.24 -2.14 -63.20
CA TRP K 179 -11.38 -2.40 -64.08
C TRP K 179 -12.57 -1.51 -63.75
N GLY K 180 -12.63 -0.92 -62.56
CA GLY K 180 -13.69 0.01 -62.22
C GLY K 180 -13.66 1.29 -63.02
N ASN K 181 -12.51 1.66 -63.58
CA ASN K 181 -12.42 2.81 -64.45
C ASN K 181 -12.96 2.56 -65.84
N ASP K 182 -13.10 1.29 -66.24
CA ASP K 182 -13.61 0.96 -67.56
C ASP K 182 -15.11 1.22 -67.61
N GLY K 183 -15.54 2.02 -68.59
CA GLY K 183 -16.95 2.36 -68.69
C GLY K 183 -17.82 1.18 -69.08
N ASN K 184 -17.32 0.33 -69.98
CA ASN K 184 -18.11 -0.79 -70.48
C ASN K 184 -18.35 -1.84 -69.38
N TYR K 185 -17.35 -2.06 -68.53
CA TYR K 185 -17.51 -2.99 -67.42
C TYR K 185 -18.59 -2.52 -66.46
N LEU K 186 -18.58 -1.22 -66.13
CA LEU K 186 -19.64 -0.65 -65.29
C LEU K 186 -20.99 -0.74 -65.98
N LYS K 187 -21.03 -0.56 -67.29
CA LYS K 187 -22.29 -0.64 -68.02
C LYS K 187 -22.88 -2.05 -67.99
N ILE K 188 -22.05 -3.07 -68.17
CA ILE K 188 -22.57 -4.43 -68.14
C ILE K 188 -22.96 -4.83 -66.71
N VAL K 189 -22.17 -4.43 -65.71
CA VAL K 189 -22.52 -4.80 -64.34
C VAL K 189 -23.81 -4.10 -63.90
N ALA K 190 -24.02 -2.87 -64.36
CA ALA K 190 -25.27 -2.22 -64.08
C ALA K 190 -26.42 -2.88 -64.86
N CYS K 191 -26.15 -3.36 -66.09
CA CYS K 191 -27.19 -4.04 -66.87
C CYS K 191 -27.64 -5.32 -66.17
N VAL K 192 -26.69 -6.14 -65.71
CA VAL K 192 -27.08 -7.41 -65.09
C VAL K 192 -27.74 -7.15 -63.74
N ASP K 193 -27.25 -6.17 -62.97
CA ASP K 193 -27.89 -5.88 -61.69
C ASP K 193 -29.31 -5.34 -61.88
N MET K 194 -29.50 -4.44 -62.84
CA MET K 194 -30.84 -3.91 -63.10
C MET K 194 -31.79 -4.99 -63.60
N PHE K 195 -31.31 -5.86 -64.49
CA PHE K 195 -32.18 -6.88 -65.05
C PHE K 195 -32.54 -7.95 -64.02
N TYR K 196 -31.57 -8.36 -63.18
CA TYR K 196 -31.80 -9.39 -62.19
C TYR K 196 -32.38 -8.87 -60.89
N ASN K 197 -32.47 -7.54 -60.72
CA ASN K 197 -33.29 -6.99 -59.65
C ASN K 197 -34.77 -7.08 -59.98
N HIS K 198 -35.12 -7.00 -61.26
CA HIS K 198 -36.52 -7.09 -61.66
C HIS K 198 -37.05 -8.51 -61.50
N PHE K 199 -36.22 -9.51 -61.78
CA PHE K 199 -36.61 -10.92 -61.72
C PHE K 199 -35.77 -11.60 -60.65
N LYS K 200 -36.25 -11.55 -59.40
CA LYS K 200 -35.57 -12.20 -58.30
C LYS K 200 -35.89 -13.68 -58.20
N LYS K 201 -36.87 -14.16 -58.95
CA LYS K 201 -37.26 -15.56 -58.92
C LYS K 201 -36.42 -16.43 -59.86
N SER K 202 -35.50 -15.84 -60.62
CA SER K 202 -34.65 -16.61 -61.49
C SER K 202 -33.63 -17.42 -60.69
N ILE K 203 -33.22 -18.55 -61.26
CA ILE K 203 -32.21 -19.39 -60.62
C ILE K 203 -30.85 -18.69 -60.64
N LYS K 204 -30.55 -17.98 -61.71
CA LYS K 204 -29.25 -17.35 -61.89
C LYS K 204 -29.11 -16.02 -61.18
N ALA K 205 -30.12 -15.60 -60.41
CA ALA K 205 -30.10 -14.32 -59.70
C ALA K 205 -29.06 -14.27 -58.59
N THR K 206 -28.37 -15.37 -58.32
CA THR K 206 -27.24 -15.42 -57.39
C THR K 206 -26.08 -14.52 -57.82
N PHE K 207 -26.02 -14.16 -59.11
CA PHE K 207 -24.97 -13.28 -59.62
C PHE K 207 -25.02 -11.87 -59.06
N ARG K 208 -26.12 -11.48 -58.41
CA ARG K 208 -26.26 -10.14 -57.85
C ARG K 208 -25.30 -9.87 -56.70
N TRP K 209 -24.65 -10.90 -56.15
CA TRP K 209 -23.51 -10.67 -55.27
C TRP K 209 -22.42 -9.93 -56.03
N GLY K 210 -21.95 -8.84 -55.46
CA GLY K 210 -20.95 -8.02 -56.10
C GLY K 210 -21.50 -6.86 -56.89
N THR K 211 -22.64 -7.06 -57.53
CA THR K 211 -23.27 -6.03 -58.34
C THR K 211 -24.20 -5.12 -57.55
N ILE K 212 -24.42 -5.40 -56.27
CA ILE K 212 -25.32 -4.57 -55.46
C ILE K 212 -24.73 -3.19 -55.23
N VAL K 213 -23.40 -3.07 -55.19
CA VAL K 213 -22.77 -1.78 -54.98
C VAL K 213 -22.91 -0.85 -56.17
N SER K 214 -23.37 -1.36 -57.31
CA SER K 214 -23.68 -0.51 -58.45
C SER K 214 -24.98 0.26 -58.25
N ARG K 215 -25.92 -0.30 -57.49
CA ARG K 215 -27.22 0.34 -57.29
C ARG K 215 -27.09 1.48 -56.30
N PHE K 216 -27.64 2.64 -56.68
CA PHE K 216 -27.65 3.86 -55.86
C PHE K 216 -26.24 4.29 -55.48
N LYS K 217 -25.29 4.10 -56.38
CA LYS K 217 -23.92 4.56 -56.15
C LYS K 217 -23.85 6.08 -56.22
N ASP K 218 -23.13 6.66 -55.25
CA ASP K 218 -23.00 8.12 -55.10
C ASP K 218 -24.35 8.81 -54.98
N CYS K 219 -25.26 8.19 -54.25
CA CYS K 219 -26.60 8.73 -54.01
C CYS K 219 -26.99 8.52 -52.55
N ALA K 220 -26.06 8.81 -51.63
CA ALA K 220 -26.26 8.49 -50.22
C ALA K 220 -27.23 9.44 -49.52
N ALA K 221 -27.48 10.64 -50.07
CA ALA K 221 -28.36 11.58 -49.41
C ALA K 221 -29.81 11.13 -49.43
N LEU K 222 -30.23 10.44 -50.49
CA LEU K 222 -31.58 9.88 -50.53
C LEU K 222 -31.77 8.81 -49.46
N ALA K 223 -30.75 7.98 -49.26
CA ALA K 223 -30.79 6.98 -48.20
C ALA K 223 -30.77 7.64 -46.83
N THR K 224 -30.05 8.76 -46.69
CA THR K 224 -30.07 9.51 -45.44
C THR K 224 -31.47 10.04 -45.13
N LEU K 225 -32.15 10.57 -46.15
CA LEU K 225 -33.52 11.06 -45.96
C LEU K 225 -34.47 9.93 -45.60
N GLY K 226 -34.33 8.78 -46.27
CA GLY K 226 -35.19 7.65 -45.94
C GLY K 226 -34.97 7.13 -44.54
N HIS K 227 -33.70 7.04 -44.11
CA HIS K 227 -33.38 6.60 -42.76
C HIS K 227 -33.93 7.57 -41.71
N VAL K 228 -33.79 8.88 -41.94
CA VAL K 228 -34.29 9.83 -40.95
C VAL K 228 -35.81 9.88 -40.96
N VAL K 229 -36.47 9.52 -42.07
CA VAL K 229 -37.93 9.42 -42.04
C VAL K 229 -38.36 8.20 -41.24
N LYS K 230 -37.70 7.06 -41.45
CA LYS K 230 -38.16 5.82 -40.81
C LYS K 230 -37.78 5.77 -39.33
N ILE K 231 -36.64 6.34 -38.95
CA ILE K 231 -36.14 6.19 -37.58
C ILE K 231 -36.83 7.08 -36.57
N THR K 232 -37.60 8.08 -37.02
CA THR K 232 -38.24 9.00 -36.10
C THR K 232 -39.74 8.77 -35.94
N GLY K 233 -40.37 8.10 -36.90
CA GLY K 233 -41.81 7.93 -36.86
C GLY K 233 -42.60 9.08 -37.44
N LEU K 234 -41.93 10.08 -38.01
CA LEU K 234 -42.60 11.21 -38.62
C LEU K 234 -42.90 10.93 -40.09
N THR K 235 -43.89 11.63 -40.61
CA THR K 235 -44.14 11.59 -42.04
C THR K 235 -43.09 12.42 -42.78
N ILE K 236 -43.04 12.24 -44.10
CA ILE K 236 -42.03 12.93 -44.90
C ILE K 236 -42.25 14.44 -44.90
N GLU K 237 -43.52 14.88 -44.87
CA GLU K 237 -43.82 16.30 -44.80
C GLU K 237 -43.35 16.91 -43.48
N GLU K 238 -43.48 16.17 -42.38
CA GLU K 238 -43.01 16.66 -41.09
C GLU K 238 -41.48 16.70 -41.03
N VAL K 239 -40.83 15.73 -41.68
CA VAL K 239 -39.37 15.72 -41.75
C VAL K 239 -38.88 16.94 -42.54
N PHE K 240 -39.54 17.25 -43.65
CA PHE K 240 -39.20 18.46 -44.39
C PHE K 240 -39.54 19.72 -43.59
N THR K 241 -40.60 19.66 -42.79
CA THR K 241 -41.02 20.80 -41.98
C THR K 241 -39.99 21.13 -40.90
N TRP K 242 -39.39 20.12 -40.27
CA TRP K 242 -38.51 20.33 -39.16
C TRP K 242 -37.09 20.76 -39.54
N VAL K 243 -36.87 21.25 -40.74
CA VAL K 243 -35.54 21.72 -41.16
C VAL K 243 -35.44 23.22 -40.92
N LEU K 244 -34.38 23.63 -40.20
CA LEU K 244 -34.27 25.00 -39.71
C LEU K 244 -32.99 25.70 -40.19
N GLN K 245 -32.45 25.31 -41.33
CA GLN K 245 -31.28 25.97 -41.90
C GLN K 245 -31.50 26.21 -43.38
N THR K 246 -30.99 27.35 -43.87
CA THR K 246 -31.22 27.70 -45.27
C THR K 246 -30.37 26.88 -46.24
N GLU K 247 -29.17 26.50 -45.83
CA GLU K 247 -28.33 25.66 -46.67
C GLU K 247 -28.93 24.28 -46.87
N VAL K 248 -29.39 23.66 -45.78
CA VAL K 248 -30.02 22.35 -45.84
C VAL K 248 -31.30 22.41 -46.67
N ALA K 249 -32.09 23.47 -46.49
CA ALA K 249 -33.32 23.63 -47.26
C ALA K 249 -33.03 23.80 -48.74
N ASP K 250 -31.98 24.56 -49.08
CA ASP K 250 -31.62 24.74 -50.48
C ASP K 250 -31.17 23.44 -51.11
N GLU K 251 -30.39 22.63 -50.38
CA GLU K 251 -29.99 21.32 -50.91
C GLU K 251 -31.17 20.38 -51.06
N LEU K 252 -32.15 20.44 -50.13
CA LEU K 252 -33.35 19.63 -50.29
C LEU K 252 -34.16 20.04 -51.51
N VAL K 253 -34.27 21.36 -51.75
CA VAL K 253 -34.98 21.85 -52.92
C VAL K 253 -34.28 21.41 -54.20
N LYS K 254 -32.95 21.50 -54.23
CA LYS K 254 -32.20 21.03 -55.40
C LYS K 254 -32.29 19.52 -55.56
N MET K 255 -32.47 18.79 -54.46
CA MET K 255 -32.60 17.34 -54.51
C MET K 255 -34.00 16.88 -54.88
N MET K 256 -35.00 17.75 -54.81
CA MET K 256 -36.38 17.41 -55.13
C MET K 256 -36.81 17.91 -56.49
N LYS K 257 -35.94 17.81 -57.49
CA LYS K 257 -36.33 18.12 -58.86
C LYS K 257 -37.41 17.14 -59.31
N PRO K 258 -38.53 17.62 -59.87
CA PRO K 258 -39.71 16.75 -60.09
C PRO K 258 -39.52 15.66 -61.13
N GLY K 259 -39.06 16.02 -62.32
CA GLY K 259 -39.05 15.06 -63.42
C GLY K 259 -37.84 14.15 -63.47
N GLN K 260 -37.55 13.47 -62.36
CA GLN K 260 -36.41 12.56 -62.28
C GLN K 260 -36.82 11.15 -61.91
N GLU K 261 -38.12 10.85 -61.88
CA GLU K 261 -38.74 9.59 -61.43
C GLU K 261 -38.05 9.01 -60.20
N ILE K 262 -38.15 9.77 -59.10
CA ILE K 262 -37.50 9.40 -57.86
C ILE K 262 -38.12 8.15 -57.25
N ASP K 263 -39.46 8.06 -57.33
CA ASP K 263 -40.22 7.07 -56.59
C ASP K 263 -40.29 5.70 -57.27
N LYS K 264 -39.86 5.59 -58.53
CA LYS K 264 -40.04 4.36 -59.29
C LYS K 264 -38.85 3.45 -59.08
N SER K 265 -39.10 2.26 -58.53
CA SER K 265 -38.03 1.31 -58.25
C SER K 265 -37.49 0.67 -59.52
N THR K 266 -38.34 0.49 -60.53
CA THR K 266 -37.93 -0.10 -61.80
C THR K 266 -37.68 1.04 -62.79
N SER K 267 -36.54 1.71 -62.64
CA SER K 267 -36.20 2.85 -63.46
C SER K 267 -34.68 2.97 -63.55
N TYR K 268 -34.24 3.95 -64.35
CA TYR K 268 -32.82 4.13 -64.63
C TYR K 268 -32.08 4.95 -63.59
N MET K 269 -32.79 5.60 -62.66
CA MET K 269 -32.13 6.53 -61.74
C MET K 269 -31.11 5.89 -60.80
N PRO K 270 -31.38 4.77 -60.09
CA PRO K 270 -30.34 4.25 -59.17
C PRO K 270 -29.07 3.80 -59.87
N TYR K 271 -29.14 3.47 -61.14
CA TYR K 271 -27.95 3.24 -61.95
C TYR K 271 -27.60 4.49 -62.76
N LEU K 272 -27.40 5.58 -62.02
CA LEU K 272 -27.09 6.86 -62.65
C LEU K 272 -25.67 6.90 -63.19
N ILE K 273 -24.72 6.39 -62.42
CA ILE K 273 -23.31 6.56 -62.73
C ILE K 273 -22.79 5.46 -63.66
N ASP K 274 -23.12 4.20 -63.35
CA ASP K 274 -22.54 3.09 -64.10
C ASP K 274 -23.17 2.96 -65.49
N MET K 275 -24.38 3.48 -65.68
CA MET K 275 -24.93 3.56 -67.02
C MET K 275 -24.32 4.68 -67.85
N GLY K 276 -23.55 5.56 -67.25
CA GLY K 276 -22.99 6.69 -67.97
C GLY K 276 -23.98 7.79 -68.26
N ILE K 277 -25.10 7.81 -67.54
CA ILE K 277 -26.10 8.85 -67.75
C ILE K 277 -25.59 10.20 -67.26
N SER K 278 -24.92 10.22 -66.11
CA SER K 278 -24.36 11.44 -65.56
C SER K 278 -23.00 11.13 -64.95
N ALA K 279 -22.15 12.16 -64.88
CA ALA K 279 -20.83 12.03 -64.28
C ALA K 279 -20.75 12.62 -62.87
N LYS K 280 -21.52 13.67 -62.61
CA LYS K 280 -21.60 14.30 -61.29
C LYS K 280 -23.03 14.14 -60.79
N SER K 281 -23.25 13.19 -59.89
CA SER K 281 -24.59 12.93 -59.39
C SER K 281 -25.01 14.04 -58.44
N PRO K 282 -26.23 14.57 -58.55
CA PRO K 282 -26.70 15.60 -57.62
C PRO K 282 -27.25 15.05 -56.30
N TYR K 283 -27.00 13.79 -55.97
CA TYR K 283 -27.58 13.17 -54.78
C TYR K 283 -26.53 12.65 -53.81
N SER K 284 -25.27 13.05 -53.95
CA SER K 284 -24.20 12.47 -53.16
C SER K 284 -23.95 13.30 -51.89
N THR K 285 -23.02 12.82 -51.07
CA THR K 285 -22.64 13.55 -49.86
C THR K 285 -21.74 14.74 -50.21
N ILE K 286 -20.89 14.58 -51.22
CA ILE K 286 -20.02 15.68 -51.65
C ILE K 286 -20.84 16.80 -52.26
N LYS K 287 -21.83 16.45 -53.09
CA LYS K 287 -22.70 17.47 -53.68
C LYS K 287 -23.62 18.08 -52.63
N ASN K 288 -24.02 17.30 -51.63
CA ASN K 288 -24.92 17.79 -50.57
C ASN K 288 -24.34 17.50 -49.19
N PRO K 289 -23.30 18.23 -48.77
CA PRO K 289 -22.87 18.16 -47.38
C PRO K 289 -23.75 19.05 -46.53
N SER K 290 -23.75 18.77 -45.22
CA SER K 290 -24.54 19.42 -44.17
C SER K 290 -26.03 19.10 -44.25
N PHE K 291 -26.49 18.40 -45.28
CA PHE K 291 -27.71 17.61 -45.18
C PHE K 291 -27.39 16.15 -44.84
N HIS K 292 -26.16 15.72 -45.07
CA HIS K 292 -25.69 14.45 -44.55
C HIS K 292 -25.24 14.55 -43.10
N PHE K 293 -25.05 15.75 -42.57
CA PHE K 293 -24.79 15.91 -41.13
C PHE K 293 -26.09 16.02 -40.36
N TRP K 294 -27.01 16.85 -40.84
CA TRP K 294 -28.40 16.76 -40.44
C TRP K 294 -28.95 15.39 -40.83
N GLY K 295 -29.97 14.93 -40.13
CA GLY K 295 -30.50 13.63 -40.47
C GLY K 295 -29.72 12.50 -39.86
N GLN K 296 -28.42 12.40 -40.19
CA GLN K 296 -27.58 11.41 -39.53
C GLN K 296 -27.35 11.76 -38.07
N LEU K 297 -27.13 13.04 -37.76
CA LEU K 297 -27.00 13.45 -36.37
C LEU K 297 -28.31 13.28 -35.62
N VAL K 298 -29.43 13.53 -36.29
CA VAL K 298 -30.74 13.34 -35.67
C VAL K 298 -30.99 11.88 -35.37
N ALA K 299 -30.66 11.00 -36.33
CA ALA K 299 -30.87 9.57 -36.13
C ALA K 299 -29.93 9.01 -35.08
N ALA K 300 -28.71 9.54 -34.98
CA ALA K 300 -27.79 9.12 -33.92
C ALA K 300 -28.27 9.59 -32.56
N LEU K 301 -28.88 10.77 -32.49
CA LEU K 301 -29.46 11.22 -31.24
C LEU K 301 -30.82 10.59 -30.95
N CYS K 302 -31.41 9.91 -31.92
CA CYS K 302 -32.59 9.07 -31.72
C CYS K 302 -32.22 7.61 -31.51
N ARG K 303 -30.97 7.34 -31.14
CA ARG K 303 -30.46 6.03 -30.76
C ARG K 303 -30.61 5.01 -31.89
N SER K 304 -29.93 5.30 -33.00
CA SER K 304 -29.78 4.37 -34.11
C SER K 304 -28.30 4.09 -34.32
N LYS K 305 -27.95 2.81 -34.47
CA LYS K 305 -26.55 2.42 -34.53
C LYS K 305 -25.93 2.58 -35.90
N ARG K 306 -26.75 2.74 -36.96
CA ARG K 306 -26.20 2.98 -38.28
C ARG K 306 -25.59 4.37 -38.38
N ALA K 307 -26.28 5.37 -37.83
CA ALA K 307 -25.86 6.76 -37.96
C ALA K 307 -24.67 7.12 -37.08
N LEU K 308 -24.25 6.24 -36.18
CA LEU K 308 -23.07 6.50 -35.37
C LEU K 308 -21.77 6.34 -36.16
N ASN K 309 -21.82 5.75 -37.35
CA ASN K 309 -20.64 5.54 -38.17
C ASN K 309 -20.59 6.47 -39.38
N ALA K 310 -21.59 7.32 -39.58
CA ALA K 310 -21.59 8.24 -40.71
C ALA K 310 -20.49 9.29 -40.54
N ARG K 311 -19.80 9.58 -41.62
CA ARG K 311 -18.69 10.52 -41.58
C ARG K 311 -19.20 11.96 -41.48
N GLN K 312 -18.58 12.73 -40.59
CA GLN K 312 -18.91 14.14 -40.48
C GLN K 312 -18.18 14.91 -41.57
N PRO K 313 -18.89 15.57 -42.48
CA PRO K 313 -18.21 16.35 -43.52
C PRO K 313 -17.51 17.56 -42.93
N ASP K 314 -16.41 17.94 -43.56
CA ASP K 314 -15.66 19.12 -43.16
C ASP K 314 -16.14 20.34 -43.94
N GLU K 315 -15.79 21.51 -43.41
CA GLU K 315 -16.10 22.81 -44.01
C GLU K 315 -17.63 22.99 -44.13
N ILE K 316 -18.32 22.79 -43.00
CA ILE K 316 -19.74 23.09 -42.86
C ILE K 316 -19.95 23.76 -41.52
N ASP K 317 -21.10 24.43 -41.39
CA ASP K 317 -21.48 25.12 -40.15
C ASP K 317 -22.03 24.11 -39.17
N SER K 318 -21.14 23.53 -38.37
CA SER K 318 -21.51 22.37 -37.55
C SER K 318 -22.30 22.75 -36.30
N MET K 319 -22.06 23.91 -35.70
CA MET K 319 -22.62 24.21 -34.39
C MET K 319 -24.12 24.49 -34.45
N SER K 320 -24.56 25.29 -35.44
CA SER K 320 -25.99 25.56 -35.58
C SER K 320 -26.76 24.31 -35.96
N ILE K 321 -26.16 23.47 -36.81
CA ILE K 321 -26.79 22.21 -37.21
C ILE K 321 -26.91 21.28 -36.02
N SER K 322 -25.88 21.25 -35.16
CA SER K 322 -25.96 20.44 -33.96
C SER K 322 -27.01 20.95 -32.99
N ASN K 323 -27.17 22.28 -32.90
CA ASN K 323 -28.22 22.86 -32.07
C ASN K 323 -29.60 22.47 -32.58
N ALA K 324 -29.81 22.54 -33.90
CA ALA K 324 -31.09 22.16 -34.48
C ALA K 324 -31.36 20.67 -34.31
N SER K 325 -30.33 19.83 -34.46
CA SER K 325 -30.49 18.39 -34.30
C SER K 325 -30.83 18.03 -32.86
N LEU K 326 -30.18 18.67 -31.88
CA LEU K 326 -30.50 18.43 -30.49
C LEU K 326 -31.92 18.89 -30.15
N LEU K 327 -32.33 20.03 -30.71
CA LEU K 327 -33.69 20.51 -30.47
C LEU K 327 -34.72 19.54 -31.02
N MET K 328 -34.53 19.07 -32.25
CA MET K 328 -35.49 18.16 -32.86
C MET K 328 -35.50 16.81 -32.16
N ALA K 329 -34.33 16.29 -31.76
CA ALA K 329 -34.29 15.02 -31.05
C ALA K 329 -34.94 15.11 -29.67
N TYR K 330 -34.71 16.21 -28.95
CA TYR K 330 -35.36 16.37 -27.65
C TYR K 330 -36.86 16.55 -27.79
N ALA K 331 -37.31 17.28 -28.83
CA ALA K 331 -38.74 17.44 -29.07
C ALA K 331 -39.39 16.12 -29.42
N LEU K 332 -38.71 15.28 -30.20
CA LEU K 332 -39.25 13.96 -30.53
C LEU K 332 -39.31 13.07 -29.30
N GLY K 333 -38.28 13.12 -28.45
CA GLY K 333 -38.25 12.27 -27.28
C GLY K 333 -39.14 12.70 -26.14
N SER K 334 -39.45 13.98 -26.05
CA SER K 334 -40.27 14.46 -24.95
C SER K 334 -41.73 14.09 -25.13
N SER K 335 -42.22 14.09 -26.37
CA SER K 335 -43.63 13.85 -26.68
C SER K 335 -43.74 12.66 -27.62
N PRO K 336 -43.92 11.45 -27.09
CA PRO K 336 -44.02 10.26 -27.96
C PRO K 336 -45.42 10.06 -28.53
N ASP K 337 -45.61 8.94 -29.24
CA ASP K 337 -46.87 8.62 -29.92
C ASP K 337 -47.56 7.51 -29.12
N ILE K 338 -48.41 7.91 -28.18
CA ILE K 338 -49.11 6.94 -27.35
C ILE K 338 -50.60 6.98 -27.62
N GLU K 339 -50.97 7.29 -28.86
CA GLU K 339 -52.37 7.34 -29.21
C GLU K 339 -52.98 5.95 -29.15
N GLN K 340 -54.12 5.81 -28.48
CA GLN K 340 -54.78 4.52 -28.39
C GLN K 340 -55.30 4.11 -29.76
N GLN K 341 -55.06 2.85 -30.13
CA GLN K 341 -55.38 2.35 -31.46
C GLN K 341 -56.54 1.38 -31.48
N PHE K 342 -56.50 0.32 -30.68
CA PHE K 342 -57.56 -0.68 -30.62
C PHE K 342 -58.44 -0.43 -29.41
N SER K 343 -59.71 -0.77 -29.53
CA SER K 343 -60.68 -0.58 -28.46
C SER K 343 -61.68 -1.72 -28.45
N THR K 344 -62.25 -1.98 -27.27
CA THR K 344 -63.31 -2.95 -27.11
C THR K 344 -64.63 -2.31 -26.71
N GLY K 345 -64.63 -1.52 -25.63
CA GLY K 345 -65.82 -0.81 -25.21
C GLY K 345 -65.53 0.54 -24.58
N ASN K 346 -64.34 1.09 -24.84
CA ASN K 346 -63.94 2.34 -24.23
C ASN K 346 -63.21 3.20 -25.23
N THR K 347 -63.14 4.50 -24.93
CA THR K 347 -62.58 5.50 -25.81
C THR K 347 -61.18 5.89 -25.35
N TYR K 348 -60.65 6.95 -25.95
CA TYR K 348 -59.26 7.37 -25.76
C TYR K 348 -59.10 8.10 -24.42
N ARG K 349 -57.95 8.77 -24.26
CA ARG K 349 -57.60 9.45 -23.01
C ARG K 349 -58.42 10.71 -22.75
N LYS K 350 -59.22 11.18 -23.74
CA LYS K 350 -60.10 12.35 -23.78
C LYS K 350 -59.48 13.58 -23.12
N PRO K 351 -58.50 14.23 -23.76
CA PRO K 351 -57.86 15.41 -23.16
C PRO K 351 -58.80 16.60 -23.17
N PRO K 352 -59.11 17.19 -21.99
CA PRO K 352 -60.06 18.29 -21.91
C PRO K 352 -59.44 19.67 -22.10
N LYS K 353 -58.61 19.81 -23.14
CA LYS K 353 -58.07 21.09 -23.61
C LYS K 353 -57.29 21.82 -22.51
N GLU K 354 -56.18 21.20 -22.10
CA GLU K 354 -55.30 21.78 -21.09
C GLU K 354 -54.68 23.08 -21.58
N ALA K 355 -53.83 22.99 -22.61
CA ALA K 355 -53.21 24.10 -23.32
C ALA K 355 -52.34 25.00 -22.43
N SER K 356 -52.00 24.56 -21.22
CA SER K 356 -51.20 25.37 -20.31
C SER K 356 -50.58 24.47 -19.26
N TYR K 357 -49.25 24.39 -19.23
CA TYR K 357 -48.54 23.59 -18.25
C TYR K 357 -47.17 24.20 -18.04
N LEU K 358 -46.97 24.85 -16.89
CA LEU K 358 -45.78 25.66 -16.63
C LEU K 358 -44.69 24.89 -15.90
N VAL K 359 -44.69 23.55 -15.97
CA VAL K 359 -43.60 22.78 -15.38
C VAL K 359 -42.31 23.02 -16.16
N SER K 360 -42.38 22.94 -17.49
CA SER K 360 -41.27 23.36 -18.35
C SER K 360 -41.77 24.06 -19.61
N GLU K 361 -43.06 24.42 -19.67
CA GLU K 361 -43.71 25.06 -20.81
C GLU K 361 -43.63 24.22 -22.10
N GLU K 362 -43.41 22.91 -21.96
CA GLU K 362 -43.25 22.04 -23.12
C GLU K 362 -44.59 21.72 -23.75
N PRO K 363 -44.69 21.77 -25.08
CA PRO K 363 -45.93 21.34 -25.74
C PRO K 363 -46.12 19.84 -25.69
N LYS K 364 -47.31 19.37 -26.06
CA LYS K 364 -47.59 17.93 -25.97
C LYS K 364 -47.68 17.24 -27.32
N ASN K 365 -47.10 17.84 -28.36
CA ASN K 365 -47.10 17.26 -29.69
C ASN K 365 -45.73 17.44 -30.29
N ARG K 366 -45.62 17.18 -31.61
CA ARG K 366 -44.37 17.31 -32.33
C ARG K 366 -44.44 18.40 -33.39
N SER K 367 -45.26 19.42 -33.16
CA SER K 367 -45.35 20.55 -34.08
C SER K 367 -44.17 21.47 -33.88
N VAL K 368 -43.63 21.99 -34.98
CA VAL K 368 -42.35 22.71 -34.91
C VAL K 368 -42.55 24.13 -34.40
N VAL K 369 -43.75 24.72 -34.61
CA VAL K 369 -43.95 26.12 -34.26
C VAL K 369 -44.00 26.31 -32.74
N GLU K 370 -44.70 25.42 -32.03
CA GLU K 370 -44.73 25.49 -30.58
C GLU K 370 -43.37 25.22 -29.97
N TRP K 371 -42.62 24.28 -30.56
CA TRP K 371 -41.30 23.95 -30.04
C TRP K 371 -40.30 25.07 -30.30
N ILE K 372 -40.38 25.74 -31.45
CA ILE K 372 -39.46 26.84 -31.72
C ILE K 372 -39.82 28.06 -30.87
N ALA K 373 -41.11 28.24 -30.55
CA ALA K 373 -41.49 29.27 -29.59
C ALA K 373 -40.92 28.98 -28.21
N TRP K 374 -41.03 27.72 -27.77
CA TRP K 374 -40.49 27.32 -26.47
C TRP K 374 -38.97 27.43 -26.44
N TYR K 375 -38.30 27.16 -27.55
CA TYR K 375 -36.84 27.26 -27.60
C TYR K 375 -36.39 28.72 -27.60
N SER K 376 -37.07 29.57 -28.35
CA SER K 376 -36.76 31.00 -28.34
C SER K 376 -37.09 31.65 -27.02
N ASP K 377 -38.01 31.08 -26.24
CA ASP K 377 -38.28 31.59 -24.91
C ASP K 377 -37.08 31.41 -23.97
N VAL K 378 -36.21 30.44 -24.25
CA VAL K 378 -35.09 30.16 -23.36
C VAL K 378 -33.80 30.59 -24.10
N ASP K 379 -33.94 31.63 -24.92
CA ASP K 379 -32.81 32.34 -25.53
C ASP K 379 -31.97 31.45 -26.46
N ASN K 380 -32.61 30.44 -27.05
CA ASN K 380 -31.99 29.55 -28.04
C ASN K 380 -30.74 28.87 -27.51
N LYS K 381 -30.80 28.43 -26.25
CA LYS K 381 -29.69 27.70 -25.64
C LYS K 381 -30.16 26.34 -25.17
N PRO K 382 -29.29 25.33 -25.18
CA PRO K 382 -29.70 24.00 -24.71
C PRO K 382 -29.95 24.00 -23.20
N THR K 383 -31.18 23.64 -22.84
CA THR K 383 -31.61 23.56 -21.45
C THR K 383 -30.87 22.41 -20.76
N ASP K 384 -30.81 22.46 -19.42
CA ASP K 384 -30.09 21.45 -18.65
C ASP K 384 -30.65 20.04 -18.87
N ASP K 385 -31.97 19.94 -19.09
CA ASP K 385 -32.55 18.64 -19.43
C ASP K 385 -32.08 18.16 -20.80
N MET K 386 -31.93 19.09 -21.76
CA MET K 386 -31.42 18.73 -23.08
C MET K 386 -29.98 18.23 -23.00
N LEU K 387 -29.14 18.90 -22.21
CA LEU K 387 -27.77 18.47 -22.05
C LEU K 387 -27.68 17.15 -21.30
N MET K 388 -28.58 16.93 -20.33
CA MET K 388 -28.61 15.65 -19.63
C MET K 388 -29.00 14.51 -20.58
N MET K 389 -30.00 14.75 -21.44
CA MET K 389 -30.40 13.74 -22.41
C MET K 389 -29.29 13.47 -23.42
N ALA K 390 -28.58 14.52 -23.85
CA ALA K 390 -27.48 14.35 -24.78
C ALA K 390 -26.33 13.58 -24.14
N LYS K 391 -26.04 13.84 -22.87
CA LYS K 391 -25.00 13.11 -22.16
C LYS K 391 -25.39 11.65 -21.97
N ARG K 392 -26.67 11.39 -21.69
CA ARG K 392 -27.15 10.02 -21.55
C ARG K 392 -27.04 9.26 -22.88
N VAL K 393 -27.35 9.91 -23.99
CA VAL K 393 -27.20 9.28 -25.30
C VAL K 393 -25.73 9.05 -25.62
N ALA K 394 -24.87 10.04 -25.32
CA ALA K 394 -23.45 9.93 -25.62
C ALA K 394 -22.73 8.91 -24.74
N GLY K 395 -23.32 8.54 -23.60
CA GLY K 395 -22.70 7.52 -22.78
C GLY K 395 -22.84 6.10 -23.31
N THR K 396 -23.66 5.90 -24.34
CA THR K 396 -23.88 4.58 -24.91
C THR K 396 -23.02 4.31 -26.14
N ILE K 397 -22.05 5.17 -26.43
CA ILE K 397 -21.13 4.97 -27.54
C ILE K 397 -19.85 4.37 -26.98
N SER K 398 -19.51 3.16 -27.42
CA SER K 398 -18.37 2.46 -26.85
C SER K 398 -17.06 2.95 -27.46
N GLY K 399 -16.88 2.70 -28.77
CA GLY K 399 -15.71 3.19 -29.46
C GLY K 399 -16.07 3.86 -30.77
N PRO K 400 -15.80 5.15 -30.87
CA PRO K 400 -16.07 5.88 -32.11
C PRO K 400 -14.88 5.89 -33.05
N ARG K 401 -15.17 6.19 -34.31
CA ARG K 401 -14.13 6.29 -35.33
C ARG K 401 -13.54 7.69 -35.30
N ASP K 402 -12.73 8.02 -36.31
CA ASP K 402 -11.97 9.27 -36.26
C ASP K 402 -12.83 10.48 -36.62
N ASN K 403 -13.54 10.43 -37.74
CA ASN K 403 -14.34 11.54 -38.22
C ASN K 403 -15.80 11.15 -38.34
N SER K 404 -16.32 10.44 -37.35
CA SER K 404 -17.68 9.93 -37.38
C SER K 404 -18.62 10.87 -36.62
N VAL K 405 -19.92 10.59 -36.77
CA VAL K 405 -20.94 11.32 -36.02
C VAL K 405 -20.87 10.97 -34.54
N GLY K 406 -20.57 9.70 -34.23
CA GLY K 406 -20.47 9.30 -32.83
C GLY K 406 -19.32 9.96 -32.10
N LYS K 407 -18.20 10.18 -32.79
CA LYS K 407 -17.10 10.93 -32.20
C LYS K 407 -17.49 12.37 -31.90
N TRP K 408 -18.24 12.99 -32.82
CA TRP K 408 -18.75 14.34 -32.59
C TRP K 408 -19.68 14.38 -31.40
N ILE K 409 -20.56 13.38 -31.26
CA ILE K 409 -21.50 13.35 -30.15
C ILE K 409 -20.77 13.16 -28.83
N LYS K 410 -19.80 12.24 -28.80
CA LYS K 410 -19.06 11.97 -27.57
C LYS K 410 -18.21 13.16 -27.16
N GLN K 411 -17.59 13.85 -28.13
CA GLN K 411 -16.76 15.00 -27.80
C GLN K 411 -17.59 16.20 -27.37
N THR K 412 -18.65 16.50 -28.11
CA THR K 412 -19.37 17.76 -27.90
C THR K 412 -20.24 17.71 -26.65
N TYR K 413 -20.98 16.63 -26.46
CA TYR K 413 -21.97 16.54 -25.39
C TYR K 413 -21.54 15.58 -24.28
N GLY K 414 -20.26 15.58 -23.95
CA GLY K 414 -19.75 14.76 -22.87
C GLY K 414 -19.59 13.30 -23.24
#